data_1ZPU
#
_entry.id   1ZPU
#
_cell.length_a   168.534
_cell.length_b   168.534
_cell.length_c   174.605
_cell.angle_alpha   90.00
_cell.angle_beta   90.00
_cell.angle_gamma   120.00
#
_symmetry.space_group_name_H-M   'P 32'
#
loop_
_entity.id
_entity.type
_entity.pdbx_description
1 polymer 'Iron transport multicopper oxidase FET3'
2 branched alpha-D-mannopyranose-(1-3)-[alpha-D-mannopyranose-(1-6)]beta-D-mannopyranose-(1-4)-2-acetamido-2-deoxy-beta-D-glucopyranose-(1-4)-2-acetamido-2-deoxy-beta-D-glucopyranose
3 branched alpha-D-mannopyranose-(1-3)-alpha-D-mannopyranose-(1-6)-[alpha-D-mannopyranose-(1-3)]beta-D-mannopyranose-(1-4)-2-acetamido-2-deoxy-beta-D-glucopyranose-(1-4)-2-acetamido-2-deoxy-beta-D-glucopyranose
4 branched 2-acetamido-2-deoxy-beta-D-glucopyranose-(1-4)-2-acetamido-2-deoxy-beta-D-glucopyranose
5 branched beta-D-mannopyranose-(1-4)-2-acetamido-2-deoxy-beta-D-glucopyranose-(1-4)-2-acetamido-2-deoxy-beta-D-glucopyranose
6 branched alpha-D-mannopyranose-(1-3)-beta-D-mannopyranose-(1-4)-2-acetamido-2-deoxy-beta-D-glucopyranose-(1-4)-2-acetamido-2-deoxy-beta-D-glucopyranose
7 branched alpha-D-mannopyranose-(1-3)-[alpha-D-mannopyranose-(1-6)]alpha-D-mannopyranose-(1-6)-[alpha-D-mannopyranose-(1-3)]beta-D-mannopyranose-(1-4)-2-acetamido-2-deoxy-beta-D-glucopyranose-(1-4)-2-acetamido-2-deoxy-beta-D-glucopyranose
8 non-polymer 2-acetamido-2-deoxy-beta-D-glucopyranose
9 non-polymer 'COPPER (I) ION'
#
_entity_poly.entity_id   1
_entity_poly.type   'polypeptide(L)'
_entity_poly.pdbx_seq_one_letter_code
;ETHTFNWTTGWDYRNVDGLKSRPVITCNGQFPWPDITVNKGDRVQIYLTNGMNNTNTSMHFHGLFQNGTASMDGVPFLTQ
CPIAPGSTMLYNFTVDYNVGTYWYHSHTDGQYEDGMKGLFIIKDDSFPYDYDEELSLSLSEWYHDLVTDLTKSFMSVYNP
TGAEPIPQNLIVNNTMNLTWEVQPDTTYLLRIVNVGGFVSQYFWIEDHEMTVVEIDGITTEKNVTDMLYITVAQRYTVLV
HTKNDTDKNFAIMQKFDDTMLDVIPSDLQLNATSYMVYNKTAALPTQNYVDSIDNFLDDFYLQPYEKEAIYGEPDHVITV
DVVMDNLKNGVNYAFFNNITYTAPKVPTLMTVLSSGDQANNSEIYGSNTHTFILEKDEIVEIVLNNQDTGTHPFHLHGHA
FQTIQRDRTYDDALGEVPHSFDPDNHPAFPEYPMRRDTLYVRPQSNFVIRFKADNPGVWFFHCHIEWHLLQGLGLVLVED
PFGIQDAHSQQLSENHLEVCQSCSVATEGNAAANTLDLTDLTGENVQHAFIPTG
;
_entity_poly.pdbx_strand_id   A,B,C,D,E,F
#
# COMPACT_ATOMS: atom_id res chain seq x y z
N GLU A 1 -36.51 4.34 -44.25
CA GLU A 1 -35.67 4.60 -43.05
C GLU A 1 -34.21 4.74 -43.45
N THR A 2 -33.52 5.69 -42.83
CA THR A 2 -32.11 5.92 -43.13
C THR A 2 -31.21 5.42 -42.00
N HIS A 3 -30.27 4.56 -42.38
CA HIS A 3 -29.25 4.07 -41.47
C HIS A 3 -27.92 4.72 -41.81
N THR A 4 -27.39 5.47 -40.86
CA THR A 4 -26.13 6.17 -41.06
C THR A 4 -25.04 5.55 -40.18
N PHE A 5 -23.92 5.22 -40.81
CA PHE A 5 -22.78 4.63 -40.12
C PHE A 5 -21.55 5.50 -40.26
N ASN A 6 -20.77 5.60 -39.19
CA ASN A 6 -19.47 6.22 -39.29
C ASN A 6 -18.37 5.22 -38.97
N TRP A 7 -17.70 4.74 -40.02
CA TRP A 7 -16.66 3.72 -39.88
C TRP A 7 -15.29 4.17 -40.32
N THR A 8 -14.30 3.89 -39.48
CA THR A 8 -12.91 4.23 -39.75
C THR A 8 -12.03 2.97 -39.74
N THR A 9 -11.31 2.77 -40.85
CA THR A 9 -10.38 1.66 -40.98
C THR A 9 -9.19 1.85 -40.08
N GLY A 10 -8.63 0.73 -39.62
CA GLY A 10 -7.44 0.74 -38.79
C GLY A 10 -6.80 -0.62 -38.71
N TRP A 11 -5.65 -0.69 -38.04
CA TRP A 11 -4.95 -1.95 -37.83
C TRP A 11 -4.83 -2.26 -36.35
N ASP A 12 -5.14 -3.49 -35.97
CA ASP A 12 -4.93 -3.96 -34.61
C ASP A 12 -4.63 -5.44 -34.63
N TYR A 13 -3.94 -5.91 -33.60
CA TYR A 13 -3.67 -7.33 -33.44
C TYR A 13 -4.90 -8.11 -32.97
N ARG A 14 -5.21 -9.21 -33.66
CA ARG A 14 -6.15 -10.20 -33.16
C ARG A 14 -5.56 -11.59 -33.42
N ASN A 15 -6.01 -12.56 -32.63
CA ASN A 15 -5.68 -13.93 -32.92
C ASN A 15 -6.95 -14.63 -33.36
N VAL A 16 -7.28 -14.48 -34.64
CA VAL A 16 -8.52 -14.96 -35.20
C VAL A 16 -8.55 -16.49 -35.24
N ASP A 17 -7.46 -17.02 -35.76
CA ASP A 17 -7.17 -18.43 -35.91
C ASP A 17 -7.29 -19.23 -34.63
N GLY A 18 -6.71 -18.66 -33.57
CA GLY A 18 -6.39 -19.42 -32.40
C GLY A 18 -4.89 -19.68 -32.34
N LEU A 19 -4.18 -19.42 -33.44
CA LEU A 19 -2.75 -19.73 -33.46
C LEU A 19 -1.73 -18.68 -33.95
N LYS A 20 -2.16 -17.44 -34.10
CA LYS A 20 -1.26 -16.37 -34.51
C LYS A 20 -1.86 -15.01 -34.21
N SER A 21 -1.26 -14.28 -33.27
CA SER A 21 -1.64 -12.89 -33.11
C SER A 21 -1.03 -12.10 -34.26
N ARG A 22 -1.86 -11.31 -34.91
CA ARG A 22 -1.59 -10.88 -36.25
C ARG A 22 -2.44 -9.63 -36.49
N PRO A 23 -1.90 -8.62 -37.18
CA PRO A 23 -2.71 -7.43 -37.42
C PRO A 23 -3.87 -7.71 -38.37
N VAL A 24 -5.05 -7.21 -38.01
CA VAL A 24 -6.23 -7.30 -38.85
C VAL A 24 -6.80 -5.90 -39.05
N ILE A 25 -7.64 -5.73 -40.09
CA ILE A 25 -8.28 -4.43 -40.35
C ILE A 25 -9.52 -4.20 -39.49
N THR A 26 -9.45 -3.20 -38.62
CA THR A 26 -10.52 -2.92 -37.68
C THR A 26 -11.50 -1.88 -38.19
N CYS A 27 -12.70 -1.88 -37.63
CA CYS A 27 -13.69 -0.84 -37.85
C CYS A 27 -13.88 -0.08 -36.54
N ASN A 28 -13.49 1.20 -36.51
CA ASN A 28 -13.50 2.01 -35.27
C ASN A 28 -12.82 1.31 -34.10
N GLY A 29 -11.70 0.65 -34.37
CA GLY A 29 -10.99 -0.12 -33.36
C GLY A 29 -11.57 -1.49 -33.04
N GLN A 30 -12.66 -1.89 -33.69
CA GLN A 30 -13.34 -3.15 -33.36
C GLN A 30 -13.17 -4.21 -34.44
N PHE A 31 -13.15 -5.47 -34.01
CA PHE A 31 -13.12 -6.59 -34.91
C PHE A 31 -13.94 -7.69 -34.31
N PRO A 32 -14.75 -8.39 -35.13
CA PRO A 32 -14.91 -8.22 -36.59
C PRO A 32 -15.73 -7.00 -36.98
N TRP A 33 -15.75 -6.66 -38.28
CA TRP A 33 -16.60 -5.60 -38.80
C TRP A 33 -18.09 -5.89 -38.57
N PRO A 34 -18.93 -4.85 -38.48
CA PRO A 34 -20.34 -5.04 -38.15
C PRO A 34 -21.13 -5.68 -39.29
N ASP A 35 -22.32 -6.20 -38.98
CA ASP A 35 -23.26 -6.59 -40.02
C ASP A 35 -24.39 -5.59 -40.13
N ILE A 36 -24.80 -5.29 -41.36
CA ILE A 36 -25.93 -4.38 -41.59
C ILE A 36 -27.20 -5.17 -41.88
N THR A 37 -28.29 -4.77 -41.23
CA THR A 37 -29.60 -5.34 -41.53
C THR A 37 -30.57 -4.20 -41.79
N VAL A 38 -31.13 -4.17 -43.01
CA VAL A 38 -32.10 -3.14 -43.38
C VAL A 38 -33.37 -3.75 -43.97
N ASN A 39 -34.39 -2.92 -44.17
CA ASN A 39 -35.62 -3.32 -44.84
C ASN A 39 -35.63 -2.89 -46.30
N LYS A 40 -36.36 -3.64 -47.13
CA LYS A 40 -36.55 -3.29 -48.53
C LYS A 40 -36.84 -1.80 -48.65
N GLY A 41 -36.09 -1.14 -49.52
CA GLY A 41 -36.30 0.28 -49.79
C GLY A 41 -35.74 1.26 -48.78
N ASP A 42 -34.98 0.78 -47.80
CA ASP A 42 -34.28 1.67 -46.87
C ASP A 42 -33.08 2.37 -47.52
N ARG A 43 -32.67 3.49 -46.92
CA ARG A 43 -31.48 4.21 -47.35
C ARG A 43 -30.32 3.86 -46.42
N VAL A 44 -29.17 3.56 -47.01
CA VAL A 44 -27.96 3.29 -46.25
C VAL A 44 -26.93 4.36 -46.56
N GLN A 45 -26.46 5.02 -45.51
CA GLN A 45 -25.43 6.07 -45.63
C GLN A 45 -24.20 5.74 -44.78
N ILE A 46 -23.15 5.25 -45.43
CA ILE A 46 -21.90 4.92 -44.74
C ILE A 46 -20.81 5.95 -45.01
N TYR A 47 -20.34 6.60 -43.94
CA TYR A 47 -19.16 7.44 -44.01
C TYR A 47 -17.95 6.58 -43.75
N LEU A 48 -17.24 6.20 -44.80
CA LEU A 48 -16.02 5.41 -44.63
C LEU A 48 -14.82 6.36 -44.58
N THR A 49 -14.02 6.23 -43.54
CA THR A 49 -12.81 7.02 -43.41
C THR A 49 -11.60 6.12 -43.44
N ASN A 50 -10.69 6.41 -44.35
CA ASN A 50 -9.42 5.72 -44.42
C ASN A 50 -8.48 6.20 -43.32
N GLY A 51 -8.34 5.37 -42.27
CA GLY A 51 -7.44 5.69 -41.16
C GLY A 51 -6.16 4.88 -41.21
N MET A 52 -5.94 4.19 -42.32
CA MET A 52 -4.73 3.39 -42.53
C MET A 52 -3.63 4.29 -43.05
N ASN A 53 -2.39 4.00 -42.68
CA ASN A 53 -1.30 4.96 -42.86
C ASN A 53 -0.76 5.12 -44.29
N ASN A 54 -0.98 4.09 -45.11
CA ASN A 54 -0.19 3.94 -46.33
C ASN A 54 -0.95 3.26 -47.49
N THR A 55 -2.12 2.66 -47.21
CA THR A 55 -2.92 2.05 -48.26
C THR A 55 -4.08 2.96 -48.69
N ASN A 56 -4.61 2.73 -49.89
CA ASN A 56 -5.93 3.25 -50.26
C ASN A 56 -7.03 2.31 -49.71
N THR A 57 -8.30 2.73 -49.77
CA THR A 57 -9.43 1.84 -49.45
C THR A 57 -10.61 2.04 -50.39
N SER A 58 -11.58 1.13 -50.29
CA SER A 58 -12.86 1.27 -50.96
C SER A 58 -13.77 0.29 -50.27
N MET A 59 -15.07 0.37 -50.55
CA MET A 59 -16.03 -0.60 -50.03
C MET A 59 -17.05 -0.88 -51.09
N HIS A 60 -17.25 -2.16 -51.36
CA HIS A 60 -18.20 -2.62 -52.34
C HIS A 60 -19.28 -3.42 -51.64
N PHE A 61 -20.53 -3.22 -52.05
CA PHE A 61 -21.65 -3.95 -51.47
C PHE A 61 -22.14 -5.02 -52.44
N HIS A 62 -21.69 -6.25 -52.17
CA HIS A 62 -21.76 -7.34 -53.11
C HIS A 62 -23.18 -7.77 -53.38
N GLY A 63 -23.61 -7.63 -54.62
CA GLY A 63 -24.89 -8.18 -55.05
C GLY A 63 -25.93 -7.10 -55.26
N LEU A 64 -25.73 -5.96 -54.61
CA LEU A 64 -26.64 -4.84 -54.72
C LEU A 64 -26.55 -4.25 -56.13
N PHE A 65 -27.70 -3.95 -56.71
CA PHE A 65 -27.76 -3.57 -58.12
C PHE A 65 -27.37 -2.13 -58.39
N GLN A 66 -27.38 -1.30 -57.34
CA GLN A 66 -27.00 0.10 -57.41
C GLN A 66 -27.68 0.83 -58.58
N ASN A 67 -28.94 0.47 -58.81
CA ASN A 67 -29.74 0.98 -59.93
C ASN A 67 -29.89 2.49 -59.81
N GLY A 68 -29.31 3.22 -60.76
CA GLY A 68 -29.37 4.68 -60.76
C GLY A 68 -28.29 5.36 -59.93
N THR A 69 -27.48 4.58 -59.23
CA THR A 69 -26.43 5.11 -58.37
C THR A 69 -25.11 4.34 -58.51
N ALA A 70 -24.67 4.15 -59.76
CA ALA A 70 -23.40 3.45 -60.09
C ALA A 70 -22.20 3.95 -59.30
N SER A 71 -22.16 5.24 -59.06
CA SER A 71 -21.13 5.89 -58.26
C SER A 71 -20.89 5.20 -56.90
N MET A 72 -21.86 4.42 -56.45
CA MET A 72 -21.81 3.88 -55.09
C MET A 72 -21.39 2.42 -55.04
N ASP A 73 -21.03 1.86 -56.20
CA ASP A 73 -20.68 0.44 -56.29
C ASP A 73 -19.37 0.08 -55.59
N GLY A 74 -18.48 1.07 -55.46
CA GLY A 74 -17.26 0.92 -54.68
C GLY A 74 -16.11 0.18 -55.34
N VAL A 75 -15.98 0.29 -56.65
CA VAL A 75 -14.85 -0.31 -57.35
C VAL A 75 -13.97 0.81 -57.87
N PRO A 76 -12.78 0.97 -57.27
CA PRO A 76 -11.81 1.97 -57.73
C PRO A 76 -11.47 1.79 -59.22
N PHE A 77 -11.38 2.94 -59.91
CA PHE A 77 -11.14 3.05 -61.36
C PHE A 77 -12.20 2.46 -62.28
N LEU A 78 -13.33 2.07 -61.69
CA LEU A 78 -14.55 1.75 -62.42
C LEU A 78 -15.59 2.79 -62.02
N THR A 79 -15.75 2.93 -60.71
CA THR A 79 -16.92 3.53 -60.12
C THR A 79 -16.56 4.76 -59.30
N GLN A 80 -15.30 4.81 -58.87
CA GLN A 80 -14.80 5.84 -57.99
C GLN A 80 -13.29 5.83 -58.11
N CYS A 81 -12.63 6.86 -57.60
CA CYS A 81 -11.19 6.77 -57.41
C CYS A 81 -10.95 6.27 -55.98
N PRO A 82 -9.74 5.75 -55.67
CA PRO A 82 -9.48 5.14 -54.36
C PRO A 82 -9.54 6.14 -53.21
N ILE A 83 -9.92 5.66 -52.03
CA ILE A 83 -9.95 6.52 -50.85
C ILE A 83 -8.57 6.63 -50.23
N ALA A 84 -7.99 7.83 -50.31
CA ALA A 84 -6.66 8.11 -49.77
C ALA A 84 -6.67 8.18 -48.25
N PRO A 85 -5.54 7.85 -47.60
CA PRO A 85 -5.41 8.03 -46.15
C PRO A 85 -5.85 9.41 -45.70
N GLY A 86 -6.73 9.45 -44.70
CA GLY A 86 -7.27 10.70 -44.17
C GLY A 86 -8.62 11.08 -44.73
N SER A 87 -8.92 10.59 -45.93
CA SER A 87 -10.15 10.96 -46.64
C SER A 87 -11.38 10.16 -46.20
N THR A 88 -12.55 10.73 -46.46
CA THR A 88 -13.82 10.13 -46.07
C THR A 88 -14.74 10.08 -47.28
N MET A 89 -15.13 8.89 -47.69
CA MET A 89 -16.13 8.76 -48.74
C MET A 89 -17.50 8.41 -48.17
N LEU A 90 -18.53 9.07 -48.68
CA LEU A 90 -19.89 8.77 -48.29
C LEU A 90 -20.54 7.87 -49.31
N TYR A 91 -20.92 6.67 -48.88
CA TYR A 91 -21.69 5.75 -49.68
C TYR A 91 -23.15 5.94 -49.34
N ASN A 92 -23.93 6.43 -50.29
CA ASN A 92 -25.29 6.86 -50.05
C ASN A 92 -26.17 6.25 -51.12
N PHE A 93 -26.94 5.24 -50.74
CA PHE A 93 -27.75 4.48 -51.70
C PHE A 93 -28.99 3.88 -51.07
N THR A 94 -29.98 3.61 -51.90
CA THR A 94 -31.20 2.95 -51.46
C THR A 94 -31.13 1.49 -51.87
N VAL A 95 -32.11 0.72 -51.41
CA VAL A 95 -32.11 -0.71 -51.64
C VAL A 95 -33.48 -1.16 -52.16
N ASP A 96 -33.83 -0.67 -53.35
CA ASP A 96 -35.16 -0.87 -53.91
C ASP A 96 -35.30 -2.15 -54.72
N TYR A 97 -34.17 -2.74 -55.11
CA TYR A 97 -34.20 -3.83 -56.09
C TYR A 97 -33.59 -5.12 -55.59
N ASN A 98 -33.16 -5.12 -54.33
CA ASN A 98 -32.57 -6.32 -53.71
C ASN A 98 -33.24 -6.76 -52.42
N VAL A 99 -33.33 -8.08 -52.26
CA VAL A 99 -33.82 -8.68 -51.04
C VAL A 99 -32.92 -9.87 -50.71
N GLY A 100 -32.70 -10.12 -49.42
CA GLY A 100 -32.04 -11.35 -49.01
C GLY A 100 -30.66 -11.16 -48.46
N THR A 101 -29.79 -12.12 -48.76
CA THR A 101 -28.48 -12.19 -48.13
C THR A 101 -27.36 -11.62 -48.99
N TYR A 102 -26.71 -10.57 -48.50
CA TYR A 102 -25.58 -9.97 -49.20
C TYR A 102 -24.43 -9.76 -48.25
N TRP A 103 -23.33 -9.23 -48.76
CA TRP A 103 -22.21 -8.81 -47.92
C TRP A 103 -21.46 -7.63 -48.52
N TYR A 104 -20.64 -7.01 -47.70
CA TYR A 104 -19.81 -5.92 -48.15
C TYR A 104 -18.36 -6.25 -47.88
N HIS A 105 -17.49 -5.82 -48.78
CA HIS A 105 -16.06 -6.02 -48.60
C HIS A 105 -15.29 -4.89 -49.26
N SER A 106 -14.07 -4.66 -48.79
CA SER A 106 -13.15 -3.75 -49.46
C SER A 106 -12.91 -4.24 -50.87
N HIS A 107 -12.82 -3.33 -51.83
CA HIS A 107 -12.49 -3.73 -53.20
C HIS A 107 -11.10 -3.26 -53.63
N THR A 108 -10.23 -2.91 -52.65
CA THR A 108 -8.88 -2.54 -52.96
C THR A 108 -8.05 -3.82 -53.15
N ASP A 109 -6.77 -3.83 -52.74
CA ASP A 109 -5.83 -4.89 -53.17
C ASP A 109 -6.28 -6.27 -52.66
N GLY A 110 -5.76 -6.70 -51.51
CA GLY A 110 -6.22 -7.94 -50.92
C GLY A 110 -6.93 -7.62 -49.62
N GLN A 111 -6.98 -6.33 -49.36
CA GLN A 111 -7.62 -5.75 -48.18
C GLN A 111 -8.71 -6.63 -47.52
N TYR A 112 -9.74 -7.09 -48.23
CA TYR A 112 -10.80 -7.81 -47.49
C TYR A 112 -10.38 -9.13 -46.81
N GLU A 113 -9.42 -9.85 -47.39
CA GLU A 113 -8.83 -11.00 -46.68
C GLU A 113 -8.26 -10.60 -45.33
N ASP A 114 -7.78 -9.37 -45.20
CA ASP A 114 -7.21 -8.93 -43.95
C ASP A 114 -8.26 -8.40 -42.98
N GLY A 115 -9.54 -8.71 -43.24
CA GLY A 115 -10.59 -8.53 -42.25
C GLY A 115 -11.72 -7.56 -42.58
N MET A 116 -11.55 -6.75 -43.62
CA MET A 116 -12.52 -5.69 -43.95
C MET A 116 -13.70 -6.24 -44.76
N LYS A 117 -14.65 -6.84 -44.06
CA LYS A 117 -15.76 -7.54 -44.68
C LYS A 117 -16.82 -7.86 -43.62
N GLY A 118 -18.07 -7.93 -44.04
CA GLY A 118 -19.20 -8.05 -43.15
C GLY A 118 -20.46 -8.37 -43.94
N LEU A 119 -21.50 -8.82 -43.25
CA LEU A 119 -22.75 -9.20 -43.89
C LEU A 119 -23.72 -8.03 -44.07
N PHE A 120 -24.51 -8.11 -45.13
CA PHE A 120 -25.51 -7.10 -45.45
C PHE A 120 -26.82 -7.83 -45.72
N ILE A 121 -27.75 -7.76 -44.78
CA ILE A 121 -29.02 -8.48 -44.90
C ILE A 121 -30.16 -7.53 -45.17
N ILE A 122 -30.93 -7.85 -46.20
CA ILE A 122 -32.16 -7.12 -46.49
C ILE A 122 -33.36 -8.02 -46.30
N LYS A 123 -34.26 -7.64 -45.40
CA LYS A 123 -35.47 -8.45 -45.18
C LYS A 123 -36.61 -8.03 -46.10
N ASP A 124 -37.46 -8.99 -46.45
CA ASP A 124 -38.74 -8.67 -47.10
C ASP A 124 -39.91 -9.39 -46.46
N ASP A 125 -41.04 -8.70 -46.42
CA ASP A 125 -42.26 -9.23 -45.84
C ASP A 125 -42.86 -10.42 -46.61
N SER A 126 -42.43 -10.61 -47.85
CA SER A 126 -43.02 -11.65 -48.71
C SER A 126 -42.06 -12.83 -48.96
N PHE A 127 -41.27 -13.18 -47.94
CA PHE A 127 -40.45 -14.39 -48.01
C PHE A 127 -41.38 -15.58 -47.83
N PRO A 128 -41.35 -16.55 -48.78
CA PRO A 128 -42.38 -17.60 -48.86
C PRO A 128 -42.37 -18.63 -47.73
N TYR A 129 -41.25 -18.82 -47.04
CA TYR A 129 -41.14 -19.92 -46.09
C TYR A 129 -41.12 -19.47 -44.62
N ASP A 130 -41.60 -20.37 -43.77
CA ASP A 130 -41.68 -20.14 -42.32
C ASP A 130 -40.43 -20.63 -41.64
N TYR A 131 -40.02 -19.90 -40.60
CA TYR A 131 -38.93 -20.29 -39.73
C TYR A 131 -39.09 -19.64 -38.36
N ASP A 132 -38.50 -20.26 -37.34
CA ASP A 132 -38.65 -19.82 -35.96
C ASP A 132 -37.55 -18.86 -35.55
N GLU A 133 -36.32 -19.15 -35.98
CA GLU A 133 -35.15 -18.36 -35.64
C GLU A 133 -34.29 -18.21 -36.87
N GLU A 134 -33.35 -17.28 -36.81
CA GLU A 134 -32.45 -17.04 -37.93
C GLU A 134 -31.05 -16.58 -37.49
N LEU A 135 -30.04 -16.97 -38.26
CA LEU A 135 -28.64 -16.59 -38.03
C LEU A 135 -27.84 -16.72 -39.32
N SER A 136 -26.57 -16.34 -39.27
CA SER A 136 -25.68 -16.56 -40.40
C SER A 136 -24.39 -17.22 -39.94
N LEU A 137 -23.68 -17.82 -40.88
CA LEU A 137 -22.34 -18.28 -40.64
C LEU A 137 -21.48 -17.73 -41.77
N SER A 138 -20.40 -17.05 -41.41
CA SER A 138 -19.46 -16.53 -42.40
C SER A 138 -18.27 -17.45 -42.49
N LEU A 139 -18.26 -18.31 -43.49
CA LEU A 139 -17.12 -19.18 -43.76
C LEU A 139 -16.02 -18.40 -44.48
N SER A 140 -14.77 -18.71 -44.16
CA SER A 140 -13.62 -18.08 -44.80
C SER A 140 -12.38 -18.92 -44.61
N GLU A 141 -11.32 -18.65 -45.38
CA GLU A 141 -9.98 -19.17 -45.02
C GLU A 141 -9.23 -18.07 -44.29
N TRP A 142 -8.13 -18.42 -43.62
CA TRP A 142 -7.35 -17.46 -42.89
C TRP A 142 -5.83 -17.60 -43.15
N TYR A 143 -5.16 -16.47 -43.39
CA TYR A 143 -3.71 -16.43 -43.60
C TYR A 143 -3.05 -15.86 -42.38
N HIS A 144 -1.80 -16.24 -42.15
CA HIS A 144 -1.01 -15.74 -41.05
C HIS A 144 -0.18 -14.53 -41.41
N ASP A 145 -0.04 -14.28 -42.70
CA ASP A 145 0.63 -13.10 -43.18
C ASP A 145 -0.37 -12.21 -43.88
N LEU A 146 -0.16 -10.90 -43.79
CA LEU A 146 -0.99 -9.91 -44.47
C LEU A 146 -0.84 -10.05 -45.98
N VAL A 147 -1.89 -9.64 -46.69
CA VAL A 147 -1.89 -9.75 -48.14
C VAL A 147 -0.77 -8.93 -48.77
N THR A 148 -0.53 -7.74 -48.26
CA THR A 148 0.56 -6.90 -48.73
C THR A 148 1.89 -7.66 -48.83
N ASP A 149 2.20 -8.45 -47.79
CA ASP A 149 3.42 -9.25 -47.73
C ASP A 149 3.44 -10.46 -48.68
N LEU A 150 2.31 -11.16 -48.75
CA LEU A 150 2.19 -12.30 -49.65
C LEU A 150 2.31 -11.88 -51.11
N THR A 151 1.72 -10.73 -51.46
CA THR A 151 1.75 -10.20 -52.81
C THR A 151 3.18 -10.04 -53.35
N LYS A 152 4.12 -9.74 -52.47
CA LYS A 152 5.51 -9.51 -52.86
C LYS A 152 6.11 -10.75 -53.49
N SER A 153 5.78 -11.91 -52.91
CA SER A 153 6.26 -13.17 -53.46
C SER A 153 5.23 -13.87 -54.36
N PHE A 154 3.99 -13.40 -54.37
CA PHE A 154 2.99 -13.95 -55.29
C PHE A 154 3.18 -13.44 -56.71
N MET A 155 3.26 -12.13 -56.85
CA MET A 155 3.48 -11.48 -58.13
C MET A 155 4.99 -11.26 -58.26
N SER A 156 5.70 -12.31 -58.61
CA SER A 156 7.15 -12.35 -58.48
C SER A 156 7.75 -13.22 -59.55
N VAL A 157 8.99 -12.92 -59.94
CA VAL A 157 9.74 -13.77 -60.87
C VAL A 157 10.10 -15.12 -60.25
N TYR A 158 10.08 -15.21 -58.93
CA TYR A 158 10.34 -16.48 -58.27
C TYR A 158 9.05 -17.28 -58.08
N ASN A 159 8.00 -16.86 -58.76
CA ASN A 159 6.74 -17.57 -58.81
C ASN A 159 6.20 -17.64 -60.24
N PRO A 160 6.90 -18.36 -61.13
CA PRO A 160 6.54 -18.40 -62.56
C PRO A 160 5.24 -19.18 -62.83
N THR A 161 4.86 -20.07 -61.92
CA THR A 161 3.68 -20.90 -62.07
C THR A 161 2.43 -20.11 -61.81
N GLY A 162 2.56 -18.97 -61.15
CA GLY A 162 1.40 -18.20 -60.69
C GLY A 162 0.71 -18.86 -59.52
N ALA A 163 1.41 -19.76 -58.84
CA ALA A 163 0.89 -20.46 -57.66
C ALA A 163 0.38 -19.46 -56.63
N GLU A 164 -0.88 -19.61 -56.27
CA GLU A 164 -1.53 -18.79 -55.26
C GLU A 164 -1.09 -19.22 -53.88
N PRO A 165 -0.83 -18.25 -52.98
CA PRO A 165 -0.40 -18.55 -51.60
C PRO A 165 -1.40 -19.39 -50.81
N ILE A 166 -0.88 -20.34 -50.06
CA ILE A 166 -1.71 -21.31 -49.35
C ILE A 166 -2.07 -20.80 -47.95
N PRO A 167 -3.38 -20.80 -47.61
CA PRO A 167 -3.89 -20.31 -46.33
C PRO A 167 -3.56 -21.26 -45.19
N GLN A 168 -3.72 -20.82 -43.94
CA GLN A 168 -3.28 -21.63 -42.81
C GLN A 168 -4.40 -22.39 -42.14
N ASN A 169 -5.63 -21.91 -42.29
CA ASN A 169 -6.80 -22.52 -41.67
C ASN A 169 -8.11 -22.05 -42.26
N LEU A 170 -9.14 -22.87 -42.10
CA LEU A 170 -10.51 -22.44 -42.31
C LEU A 170 -11.08 -21.81 -41.04
N ILE A 171 -11.86 -20.74 -41.20
CA ILE A 171 -12.52 -20.10 -40.08
C ILE A 171 -14.03 -19.91 -40.32
N VAL A 172 -14.78 -19.81 -39.22
CA VAL A 172 -16.22 -19.47 -39.23
C VAL A 172 -16.44 -18.33 -38.25
N ASN A 173 -17.24 -17.34 -38.65
CA ASN A 173 -17.50 -16.15 -37.80
C ASN A 173 -16.24 -15.65 -37.13
N ASN A 174 -15.13 -15.67 -37.87
CA ASN A 174 -13.85 -15.17 -37.40
C ASN A 174 -13.29 -15.87 -36.16
N THR A 175 -13.59 -17.15 -36.00
CA THR A 175 -12.80 -18.07 -35.13
C THR A 175 -12.75 -19.45 -35.72
N MET A 176 -12.29 -20.38 -34.90
CA MET A 176 -12.35 -21.78 -35.19
C MET A 176 -13.15 -22.47 -34.09
N ASN A 177 -13.54 -23.71 -34.33
CA ASN A 177 -14.29 -24.52 -33.36
C ASN A 177 -15.36 -23.72 -32.59
N LEU A 178 -16.32 -23.22 -33.38
CA LEU A 178 -17.41 -22.39 -32.94
C LEU A 178 -18.57 -23.19 -32.39
N THR A 179 -19.25 -22.59 -31.43
CA THR A 179 -20.43 -23.16 -30.81
C THR A 179 -21.72 -22.52 -31.33
N TRP A 180 -22.67 -23.37 -31.73
CA TRP A 180 -24.01 -22.93 -32.08
C TRP A 180 -25.00 -23.66 -31.19
N GLU A 181 -25.55 -22.92 -30.23
CA GLU A 181 -26.52 -23.46 -29.26
C GLU A 181 -27.91 -23.49 -29.86
N VAL A 182 -28.52 -24.67 -29.95
CA VAL A 182 -29.82 -24.77 -30.59
C VAL A 182 -30.91 -25.18 -29.63
N GLN A 183 -32.16 -25.00 -30.03
CA GLN A 183 -33.33 -25.50 -29.29
C GLN A 183 -33.93 -26.68 -30.05
N PRO A 184 -34.47 -27.67 -29.33
CA PRO A 184 -35.06 -28.82 -30.01
C PRO A 184 -36.28 -28.44 -30.85
N ASP A 185 -36.55 -29.23 -31.90
CA ASP A 185 -37.76 -29.05 -32.72
C ASP A 185 -37.96 -27.60 -33.15
N THR A 186 -36.96 -27.04 -33.80
CA THR A 186 -37.01 -25.65 -34.22
C THR A 186 -36.46 -25.53 -35.64
N THR A 187 -37.14 -24.72 -36.44
CA THR A 187 -36.67 -24.45 -37.79
C THR A 187 -35.84 -23.18 -37.76
N TYR A 188 -34.58 -23.30 -38.15
CA TYR A 188 -33.66 -22.18 -38.23
C TYR A 188 -33.44 -21.77 -39.67
N LEU A 189 -33.49 -20.46 -39.93
CA LEU A 189 -33.01 -19.93 -41.20
C LEU A 189 -31.51 -19.65 -41.06
N LEU A 190 -30.71 -20.42 -41.80
CA LEU A 190 -29.28 -20.36 -41.68
C LEU A 190 -28.71 -19.75 -42.97
N ARG A 191 -28.13 -18.56 -42.86
CA ARG A 191 -27.47 -17.91 -43.99
C ARG A 191 -26.01 -18.29 -44.03
N ILE A 192 -25.65 -19.11 -45.00
CA ILE A 192 -24.25 -19.53 -45.12
C ILE A 192 -23.58 -18.68 -46.19
N VAL A 193 -22.57 -17.90 -45.79
CA VAL A 193 -21.89 -17.01 -46.71
C VAL A 193 -20.41 -17.35 -46.76
N ASN A 194 -19.88 -17.56 -47.96
CA ASN A 194 -18.42 -17.67 -48.06
C ASN A 194 -17.74 -16.30 -48.31
N VAL A 195 -17.26 -15.68 -47.24
CA VAL A 195 -16.62 -14.35 -47.33
C VAL A 195 -15.10 -14.48 -47.48
N GLY A 196 -14.67 -15.62 -48.01
CA GLY A 196 -13.24 -15.87 -48.18
C GLY A 196 -12.68 -15.15 -49.39
N GLY A 197 -11.37 -15.20 -49.53
CA GLY A 197 -10.69 -14.51 -50.62
C GLY A 197 -10.21 -15.48 -51.68
N PHE A 198 -10.23 -16.76 -51.38
CA PHE A 198 -9.60 -17.73 -52.26
C PHE A 198 -10.43 -19.00 -52.39
N VAL A 199 -10.44 -19.77 -51.34
CA VAL A 199 -10.76 -21.19 -51.42
C VAL A 199 -12.28 -21.54 -51.33
N SER A 200 -12.76 -22.36 -52.24
CA SER A 200 -14.14 -22.91 -52.11
C SER A 200 -14.24 -23.84 -50.90
N GLN A 201 -15.43 -23.97 -50.32
CA GLN A 201 -15.56 -24.87 -49.19
C GLN A 201 -16.73 -25.79 -49.34
N TYR A 202 -16.58 -27.02 -48.85
CA TYR A 202 -17.73 -27.89 -48.69
C TYR A 202 -18.27 -27.65 -47.31
N PHE A 203 -19.59 -27.66 -47.18
CA PHE A 203 -20.22 -27.42 -45.91
C PHE A 203 -21.31 -28.43 -45.65
N TRP A 204 -21.34 -28.97 -44.43
CA TRP A 204 -22.42 -29.85 -44.02
C TRP A 204 -22.55 -29.98 -42.50
N ILE A 205 -23.72 -30.45 -42.07
CA ILE A 205 -24.04 -30.64 -40.67
C ILE A 205 -24.33 -32.12 -40.44
N GLU A 206 -23.55 -32.75 -39.56
CA GLU A 206 -23.76 -34.14 -39.18
C GLU A 206 -25.22 -34.42 -38.86
N ASP A 207 -25.77 -35.44 -39.53
CA ASP A 207 -27.15 -35.92 -39.33
C ASP A 207 -28.26 -34.89 -39.47
N HIS A 208 -28.00 -33.79 -40.18
CA HIS A 208 -29.04 -32.79 -40.44
C HIS A 208 -29.07 -32.46 -41.91
N GLU A 209 -30.24 -32.62 -42.52
CA GLU A 209 -30.43 -32.17 -43.90
C GLU A 209 -30.56 -30.66 -43.96
N MET A 210 -30.28 -30.11 -45.15
CA MET A 210 -30.39 -28.67 -45.39
C MET A 210 -31.31 -28.39 -46.56
N THR A 211 -32.26 -27.49 -46.35
CA THR A 211 -33.22 -27.12 -47.39
C THR A 211 -32.87 -25.76 -47.96
N VAL A 212 -32.34 -25.77 -49.18
CA VAL A 212 -31.88 -24.53 -49.79
C VAL A 212 -33.09 -23.71 -50.21
N VAL A 213 -33.14 -22.47 -49.71
CA VAL A 213 -34.27 -21.58 -50.01
C VAL A 213 -33.87 -20.25 -50.66
N GLU A 214 -32.58 -20.00 -50.78
CA GLU A 214 -32.09 -18.80 -51.44
C GLU A 214 -30.63 -18.97 -51.86
N ILE A 215 -30.30 -18.49 -53.06
CA ILE A 215 -28.89 -18.29 -53.42
C ILE A 215 -28.67 -16.87 -53.93
N ASP A 216 -27.59 -16.25 -53.48
CA ASP A 216 -27.20 -14.89 -53.92
C ASP A 216 -28.38 -13.92 -54.00
N GLY A 217 -29.21 -13.86 -52.96
CA GLY A 217 -30.36 -12.94 -52.97
C GLY A 217 -31.59 -13.39 -53.75
N ILE A 218 -31.49 -14.50 -54.48
CA ILE A 218 -32.59 -15.05 -55.29
C ILE A 218 -33.30 -16.20 -54.56
N THR A 219 -34.53 -15.97 -54.10
CA THR A 219 -35.31 -17.03 -53.44
C THR A 219 -35.56 -18.22 -54.37
N THR A 220 -35.39 -19.41 -53.82
CA THR A 220 -35.49 -20.62 -54.61
C THR A 220 -36.62 -21.54 -54.12
N GLU A 221 -37.03 -22.50 -54.95
CA GLU A 221 -37.89 -23.60 -54.50
C GLU A 221 -37.04 -24.49 -53.61
N LYS A 222 -37.67 -25.02 -52.57
CA LYS A 222 -36.99 -25.90 -51.60
C LYS A 222 -36.20 -27.02 -52.30
N ASN A 223 -34.89 -27.07 -52.07
CA ASN A 223 -34.10 -28.24 -52.50
C ASN A 223 -33.29 -28.80 -51.33
N VAL A 224 -33.58 -30.06 -50.98
CA VAL A 224 -32.94 -30.73 -49.86
C VAL A 224 -31.59 -31.35 -50.26
N THR A 225 -30.56 -31.12 -49.45
CA THR A 225 -29.23 -31.73 -49.63
C THR A 225 -28.58 -32.10 -48.31
N ASP A 226 -27.52 -32.88 -48.40
CA ASP A 226 -26.68 -33.18 -47.27
C ASP A 226 -25.45 -32.31 -47.29
N MET A 227 -25.11 -31.75 -48.45
CA MET A 227 -23.84 -31.04 -48.60
C MET A 227 -23.88 -29.87 -49.61
N LEU A 228 -23.20 -28.78 -49.27
CA LEU A 228 -23.07 -27.65 -50.22
C LEU A 228 -21.63 -27.45 -50.66
N TYR A 229 -21.45 -27.04 -51.91
CA TYR A 229 -20.16 -26.52 -52.36
C TYR A 229 -20.33 -25.00 -52.53
N ILE A 230 -19.68 -24.22 -51.67
CA ILE A 230 -19.83 -22.77 -51.69
C ILE A 230 -18.50 -22.12 -52.08
N THR A 231 -18.48 -21.42 -53.23
CA THR A 231 -17.28 -20.69 -53.66
C THR A 231 -17.24 -19.39 -52.88
N VAL A 232 -16.12 -18.66 -52.98
CA VAL A 232 -16.06 -17.37 -52.28
C VAL A 232 -17.09 -16.46 -52.89
N ALA A 233 -17.68 -15.60 -52.07
CA ALA A 233 -18.62 -14.58 -52.51
C ALA A 233 -20.05 -15.07 -52.68
N GLN A 234 -20.26 -16.37 -52.77
CA GLN A 234 -21.64 -16.83 -52.89
C GLN A 234 -22.34 -17.07 -51.55
N ARG A 235 -23.66 -17.02 -51.56
CA ARG A 235 -24.47 -17.20 -50.38
C ARG A 235 -25.49 -18.30 -50.64
N TYR A 236 -25.54 -19.28 -49.75
CA TYR A 236 -26.67 -20.20 -49.73
C TYR A 236 -27.39 -19.95 -48.44
N THR A 237 -28.68 -19.63 -48.53
CA THR A 237 -29.56 -19.58 -47.36
C THR A 237 -30.36 -20.87 -47.27
N VAL A 238 -30.42 -21.43 -46.08
CA VAL A 238 -30.79 -22.81 -45.89
C VAL A 238 -31.68 -22.92 -44.65
N LEU A 239 -32.75 -23.70 -44.77
CA LEU A 239 -33.58 -24.06 -43.63
C LEU A 239 -33.00 -25.32 -42.99
N VAL A 240 -32.94 -25.33 -41.66
CA VAL A 240 -32.48 -26.49 -40.89
C VAL A 240 -33.46 -26.71 -39.76
N HIS A 241 -34.02 -27.92 -39.69
CA HIS A 241 -34.94 -28.23 -38.61
C HIS A 241 -34.27 -29.18 -37.61
N THR A 242 -34.27 -28.75 -36.35
CA THR A 242 -33.57 -29.46 -35.28
C THR A 242 -34.39 -30.64 -34.76
N LYS A 243 -33.70 -31.61 -34.17
CA LYS A 243 -34.26 -32.86 -33.67
C LYS A 243 -34.97 -32.68 -32.35
N ASN A 244 -35.73 -33.71 -31.93
CA ASN A 244 -36.46 -33.66 -30.68
C ASN A 244 -35.62 -33.95 -29.44
N ASP A 245 -34.49 -34.64 -29.64
CA ASP A 245 -33.60 -34.99 -28.53
C ASP A 245 -32.56 -33.92 -28.18
N THR A 246 -32.51 -33.58 -26.90
CA THR A 246 -31.46 -32.72 -26.36
C THR A 246 -30.33 -33.59 -25.82
N ASP A 247 -30.23 -34.82 -26.32
CA ASP A 247 -29.29 -35.77 -25.76
C ASP A 247 -27.88 -35.72 -26.37
N LYS A 248 -27.78 -35.41 -27.65
CA LYS A 248 -26.50 -35.47 -28.37
C LYS A 248 -26.13 -34.15 -29.04
N ASN A 249 -24.82 -33.91 -29.20
CA ASN A 249 -24.36 -32.78 -30.00
C ASN A 249 -23.81 -33.21 -31.36
N PHE A 250 -23.88 -32.30 -32.33
CA PHE A 250 -23.57 -32.63 -33.71
C PHE A 250 -22.50 -31.72 -34.30
N ALA A 251 -21.73 -32.25 -35.23
CA ALA A 251 -20.63 -31.53 -35.83
C ALA A 251 -21.10 -30.66 -36.99
N ILE A 252 -20.72 -29.38 -36.97
CA ILE A 252 -20.85 -28.48 -38.12
C ILE A 252 -19.51 -28.53 -38.82
N MET A 253 -19.52 -28.93 -40.09
CA MET A 253 -18.30 -29.30 -40.79
C MET A 253 -18.02 -28.41 -41.99
N GLN A 254 -16.82 -27.88 -42.06
CA GLN A 254 -16.35 -27.18 -43.27
C GLN A 254 -15.03 -27.79 -43.78
N LYS A 255 -14.91 -27.90 -45.10
CA LYS A 255 -13.76 -28.60 -45.70
C LYS A 255 -13.19 -27.80 -46.86
N PHE A 256 -11.87 -27.72 -46.94
CA PHE A 256 -11.17 -27.08 -48.06
C PHE A 256 -11.52 -27.81 -49.37
N ASP A 257 -11.61 -27.06 -50.46
CA ASP A 257 -11.50 -27.65 -51.79
C ASP A 257 -10.01 -27.63 -52.17
N ASP A 258 -9.29 -28.68 -51.81
CA ASP A 258 -7.84 -28.65 -51.87
C ASP A 258 -7.33 -28.73 -53.32
N THR A 259 -8.25 -29.06 -54.21
CA THR A 259 -8.06 -28.97 -55.64
C THR A 259 -7.48 -27.62 -56.06
N MET A 260 -7.91 -26.56 -55.37
CA MET A 260 -7.53 -25.20 -55.73
C MET A 260 -6.17 -24.85 -55.19
N LEU A 261 -5.67 -25.67 -54.28
CA LEU A 261 -4.38 -25.43 -53.63
C LEU A 261 -3.25 -25.94 -54.50
N ASP A 262 -2.20 -25.14 -54.65
CA ASP A 262 -1.08 -25.55 -55.49
C ASP A 262 -0.45 -26.81 -54.94
N VAL A 263 -0.12 -26.80 -53.65
CA VAL A 263 0.38 -27.97 -52.93
C VAL A 263 -0.35 -28.05 -51.60
N ILE A 264 -0.44 -29.22 -51.01
CA ILE A 264 -1.07 -29.35 -49.71
C ILE A 264 0.03 -29.52 -48.65
N PRO A 265 0.27 -28.50 -47.81
CA PRO A 265 1.24 -28.66 -46.72
C PRO A 265 0.76 -29.73 -45.77
N SER A 266 1.68 -30.57 -45.31
CA SER A 266 1.33 -31.80 -44.58
C SER A 266 0.65 -31.55 -43.21
N ASP A 267 0.76 -30.34 -42.69
CA ASP A 267 0.19 -30.02 -41.37
C ASP A 267 -1.12 -29.24 -41.46
N LEU A 268 -1.48 -28.82 -42.67
CA LEU A 268 -2.72 -28.04 -42.89
C LEU A 268 -3.96 -28.86 -42.58
N GLN A 269 -4.72 -28.40 -41.59
CA GLN A 269 -6.02 -28.99 -41.28
C GLN A 269 -6.97 -28.72 -42.44
N LEU A 270 -7.18 -29.73 -43.27
CA LEU A 270 -8.02 -29.56 -44.45
C LEU A 270 -9.49 -29.46 -44.07
N ASN A 271 -9.87 -30.15 -43.00
CA ASN A 271 -11.25 -30.08 -42.56
C ASN A 271 -11.42 -29.64 -41.11
N ALA A 272 -12.35 -28.73 -40.87
CA ALA A 272 -12.51 -28.09 -39.57
C ALA A 272 -13.88 -28.40 -38.95
N THR A 273 -13.89 -28.66 -37.66
CA THR A 273 -15.12 -29.03 -36.94
C THR A 273 -15.59 -27.92 -36.02
N SER A 274 -16.87 -27.57 -36.14
CA SER A 274 -17.56 -26.72 -35.18
C SER A 274 -18.72 -27.48 -34.55
N TYR A 275 -19.44 -26.85 -33.62
CA TYR A 275 -20.36 -27.58 -32.78
C TYR A 275 -21.79 -27.08 -32.79
N MET A 276 -22.68 -27.94 -33.27
CA MET A 276 -24.11 -27.75 -33.04
C MET A 276 -24.47 -28.37 -31.69
N VAL A 277 -24.74 -27.51 -30.71
CA VAL A 277 -24.90 -27.91 -29.32
C VAL A 277 -26.35 -27.93 -28.87
N TYR A 278 -26.89 -29.12 -28.65
CA TYR A 278 -28.22 -29.28 -28.10
C TYR A 278 -28.10 -29.33 -26.59
N ASN A 279 -27.00 -29.88 -26.11
CA ASN A 279 -26.78 -30.08 -24.68
C ASN A 279 -25.43 -29.50 -24.25
N LYS A 280 -25.48 -28.46 -23.42
CA LYS A 280 -24.30 -27.69 -23.06
C LYS A 280 -23.31 -28.48 -22.24
N THR A 281 -23.74 -29.65 -21.79
CA THR A 281 -23.04 -30.38 -20.78
C THR A 281 -22.51 -31.70 -21.36
N ALA A 282 -23.05 -32.07 -22.53
CA ALA A 282 -22.67 -33.31 -23.20
C ALA A 282 -21.32 -33.20 -23.92
N ALA A 283 -20.87 -34.32 -24.48
CA ALA A 283 -19.61 -34.41 -25.19
C ALA A 283 -19.63 -33.52 -26.42
N LEU A 284 -18.57 -32.73 -26.59
CA LEU A 284 -18.37 -31.94 -27.80
C LEU A 284 -18.16 -32.86 -28.97
N PRO A 285 -18.85 -32.62 -30.08
CA PRO A 285 -18.75 -33.51 -31.24
C PRO A 285 -17.34 -33.62 -31.82
N THR A 286 -16.98 -34.84 -32.20
CA THR A 286 -15.77 -35.11 -32.98
C THR A 286 -16.04 -34.80 -34.45
N GLN A 287 -15.02 -34.88 -35.30
CA GLN A 287 -15.19 -34.67 -36.73
C GLN A 287 -16.17 -35.66 -37.32
N ASN A 288 -17.05 -35.18 -38.19
CA ASN A 288 -17.93 -36.05 -38.94
C ASN A 288 -17.31 -36.46 -40.27
N TYR A 289 -16.94 -37.72 -40.35
CA TYR A 289 -16.36 -38.28 -41.56
C TYR A 289 -17.41 -38.47 -42.61
N VAL A 290 -17.11 -38.07 -43.83
CA VAL A 290 -18.08 -38.17 -44.89
C VAL A 290 -17.50 -39.10 -45.96
N ASP A 291 -18.38 -39.87 -46.58
CA ASP A 291 -17.98 -40.93 -47.50
C ASP A 291 -17.59 -40.41 -48.89
N SER A 292 -18.14 -39.26 -49.28
CA SER A 292 -17.84 -38.64 -50.57
C SER A 292 -18.08 -37.14 -50.57
N ILE A 293 -17.23 -36.41 -51.29
CA ILE A 293 -17.41 -34.97 -51.45
C ILE A 293 -17.84 -34.67 -52.88
N ASP A 294 -18.47 -35.67 -53.52
CA ASP A 294 -18.88 -35.56 -54.92
C ASP A 294 -20.39 -35.40 -55.08
N ASN A 295 -21.14 -35.43 -53.97
CA ASN A 295 -22.59 -35.40 -54.06
C ASN A 295 -23.24 -34.14 -53.50
N PHE A 296 -22.46 -33.07 -53.43
CA PHE A 296 -22.99 -31.77 -53.05
C PHE A 296 -24.01 -31.30 -54.09
N LEU A 297 -24.92 -30.42 -53.67
CA LEU A 297 -25.89 -29.81 -54.58
C LEU A 297 -25.24 -29.03 -55.74
N ASP A 298 -25.67 -29.35 -56.96
CA ASP A 298 -25.28 -28.55 -58.12
C ASP A 298 -26.30 -27.42 -58.29
N ASP A 299 -25.88 -26.22 -57.94
CA ASP A 299 -26.74 -25.06 -57.93
C ASP A 299 -27.32 -24.72 -59.29
N PHE A 300 -26.77 -25.30 -60.36
CA PHE A 300 -27.30 -25.11 -61.71
C PHE A 300 -28.78 -25.53 -61.83
N TYR A 301 -29.20 -26.52 -61.04
CA TYR A 301 -30.55 -27.06 -61.13
C TYR A 301 -31.53 -26.42 -60.14
N LEU A 302 -31.06 -25.46 -59.36
CA LEU A 302 -31.93 -24.68 -58.47
C LEU A 302 -33.02 -23.93 -59.26
N GLN A 303 -34.18 -23.74 -58.65
CA GLN A 303 -35.33 -23.15 -59.35
C GLN A 303 -35.82 -21.90 -58.62
N PRO A 304 -35.55 -20.72 -59.18
CA PRO A 304 -36.04 -19.44 -58.66
C PRO A 304 -37.51 -19.48 -58.30
N TYR A 305 -37.87 -18.89 -57.16
CA TYR A 305 -39.26 -18.79 -56.75
C TYR A 305 -40.06 -17.92 -57.71
N GLU A 306 -39.47 -16.79 -58.10
CA GLU A 306 -40.01 -16.00 -59.21
C GLU A 306 -39.41 -16.47 -60.52
N LYS A 307 -40.19 -17.29 -61.24
CA LYS A 307 -39.76 -17.84 -62.51
C LYS A 307 -39.59 -16.76 -63.56
N GLU A 308 -38.47 -16.83 -64.27
CA GLU A 308 -38.29 -16.00 -65.45
C GLU A 308 -37.81 -16.90 -66.58
N ALA A 309 -38.52 -16.89 -67.70
CA ALA A 309 -38.13 -17.69 -68.85
C ALA A 309 -36.76 -17.27 -69.38
N ILE A 310 -36.02 -18.24 -69.91
CA ILE A 310 -34.72 -17.95 -70.54
C ILE A 310 -34.85 -16.81 -71.56
N TYR A 311 -33.92 -15.87 -71.53
CA TYR A 311 -33.98 -14.73 -72.44
C TYR A 311 -33.80 -15.20 -73.86
N GLY A 312 -34.44 -14.49 -74.80
CA GLY A 312 -34.35 -14.81 -76.23
C GLY A 312 -32.96 -14.63 -76.77
N GLU A 313 -32.81 -14.85 -78.08
CA GLU A 313 -31.49 -14.78 -78.69
C GLU A 313 -30.72 -13.51 -78.33
N PRO A 314 -29.44 -13.66 -77.96
CA PRO A 314 -28.60 -12.55 -77.47
C PRO A 314 -28.32 -11.52 -78.55
N ASP A 315 -28.45 -10.25 -78.19
CA ASP A 315 -28.11 -9.14 -79.08
C ASP A 315 -26.61 -8.89 -79.10
N HIS A 316 -25.95 -9.30 -78.03
CA HIS A 316 -24.56 -9.01 -77.82
C HIS A 316 -23.92 -10.24 -77.18
N VAL A 317 -22.98 -10.87 -77.88
CA VAL A 317 -22.24 -12.01 -77.32
C VAL A 317 -20.80 -11.63 -77.02
N ILE A 318 -20.42 -11.80 -75.75
CA ILE A 318 -19.04 -11.61 -75.32
C ILE A 318 -18.41 -12.99 -75.07
N THR A 319 -17.40 -13.36 -75.86
CA THR A 319 -16.69 -14.62 -75.66
C THR A 319 -15.30 -14.37 -75.11
N VAL A 320 -15.02 -14.89 -73.93
CA VAL A 320 -13.72 -14.72 -73.32
C VAL A 320 -13.08 -16.05 -72.93
N ASP A 321 -11.81 -16.19 -73.25
CA ASP A 321 -11.02 -17.34 -72.81
C ASP A 321 -10.19 -16.95 -71.61
N VAL A 322 -10.16 -17.83 -70.60
CA VAL A 322 -9.44 -17.57 -69.36
C VAL A 322 -8.17 -18.41 -69.32
N VAL A 323 -7.03 -17.74 -69.21
CA VAL A 323 -5.75 -18.41 -69.09
C VAL A 323 -4.77 -17.62 -68.21
N MET A 324 -3.84 -18.34 -67.59
CA MET A 324 -2.72 -17.72 -66.89
C MET A 324 -1.50 -17.79 -67.81
N ASP A 325 -0.72 -16.72 -67.86
CA ASP A 325 0.53 -16.71 -68.64
C ASP A 325 1.56 -15.69 -68.16
N ASN A 326 2.82 -15.94 -68.49
CA ASN A 326 3.93 -15.06 -68.11
C ASN A 326 4.16 -13.92 -69.11
N LEU A 327 4.44 -12.73 -68.58
CA LEU A 327 4.78 -11.58 -69.42
C LEU A 327 6.29 -11.22 -69.38
N LYS A 328 6.66 -10.19 -70.12
CA LYS A 328 8.05 -9.72 -70.27
C LYS A 328 8.78 -9.51 -68.94
N ASN A 329 8.05 -9.07 -67.91
CA ASN A 329 8.67 -8.84 -66.61
C ASN A 329 8.83 -10.13 -65.79
N GLY A 330 8.45 -11.26 -66.38
CA GLY A 330 8.66 -12.57 -65.79
C GLY A 330 7.61 -13.03 -64.80
N VAL A 331 6.67 -12.14 -64.46
CA VAL A 331 5.61 -12.51 -63.52
C VAL A 331 4.40 -13.09 -64.25
N ASN A 332 3.61 -13.86 -63.51
CA ASN A 332 2.47 -14.56 -64.07
C ASN A 332 1.14 -13.80 -63.91
N TYR A 333 0.53 -13.45 -65.04
CA TYR A 333 -0.73 -12.70 -65.06
C TYR A 333 -1.92 -13.57 -65.47
N ALA A 334 -3.12 -13.06 -65.24
CA ALA A 334 -4.35 -13.72 -65.68
C ALA A 334 -4.99 -12.94 -66.83
N PHE A 335 -5.55 -13.67 -67.78
CA PHE A 335 -6.04 -13.06 -69.02
C PHE A 335 -7.49 -13.40 -69.36
N PHE A 336 -8.24 -12.38 -69.77
CA PHE A 336 -9.46 -12.59 -70.53
C PHE A 336 -9.05 -12.37 -71.99
N ASN A 337 -9.21 -13.40 -72.81
CA ASN A 337 -8.61 -13.43 -74.15
C ASN A 337 -7.13 -13.06 -74.06
N ASN A 338 -6.74 -11.95 -74.68
CA ASN A 338 -5.33 -11.54 -74.64
C ASN A 338 -5.07 -10.32 -73.76
N ILE A 339 -5.98 -10.05 -72.82
CA ILE A 339 -5.92 -8.84 -71.98
C ILE A 339 -5.91 -9.16 -70.48
N THR A 340 -4.94 -8.59 -69.77
CA THR A 340 -4.94 -8.52 -68.31
C THR A 340 -5.50 -7.15 -67.97
N TYR A 341 -6.47 -7.10 -67.07
CA TYR A 341 -7.02 -5.81 -66.68
C TYR A 341 -5.94 -4.90 -66.11
N THR A 342 -5.81 -3.73 -66.71
CA THR A 342 -4.87 -2.74 -66.24
C THR A 342 -5.63 -1.43 -66.03
N ALA A 343 -5.76 -1.04 -64.77
CA ALA A 343 -6.48 0.17 -64.36
C ALA A 343 -6.08 1.42 -65.15
N PRO A 344 -7.08 2.22 -65.56
CA PRO A 344 -6.85 3.44 -66.32
C PRO A 344 -6.47 4.64 -65.43
N LYS A 345 -6.08 5.74 -66.08
CA LYS A 345 -5.69 6.97 -65.37
C LYS A 345 -6.88 7.74 -64.82
N VAL A 346 -8.06 7.47 -65.36
CA VAL A 346 -9.31 8.11 -64.94
C VAL A 346 -10.38 7.02 -64.84
N PRO A 347 -11.11 6.97 -63.71
CA PRO A 347 -12.15 5.97 -63.45
C PRO A 347 -13.14 5.90 -64.61
N THR A 348 -13.56 4.69 -64.98
CA THR A 348 -14.48 4.50 -66.11
C THR A 348 -15.67 5.45 -66.06
N LEU A 349 -16.40 5.42 -64.94
CA LEU A 349 -17.58 6.26 -64.76
C LEU A 349 -17.29 7.76 -64.94
N MET A 350 -16.17 8.22 -64.41
CA MET A 350 -15.77 9.60 -64.52
C MET A 350 -15.60 10.05 -65.97
N THR A 351 -15.18 9.14 -66.85
CA THR A 351 -15.02 9.51 -68.26
C THR A 351 -16.36 9.50 -68.98
N VAL A 352 -17.23 8.52 -68.69
CA VAL A 352 -18.59 8.54 -69.25
C VAL A 352 -19.37 9.81 -68.86
N LEU A 353 -19.17 10.27 -67.64
CA LEU A 353 -19.85 11.47 -67.16
C LEU A 353 -19.26 12.78 -67.67
N SER A 354 -18.20 12.71 -68.47
CA SER A 354 -17.61 13.93 -69.03
C SER A 354 -17.16 13.82 -70.48
N SER A 355 -17.61 12.77 -71.16
CA SER A 355 -17.30 12.55 -72.57
C SER A 355 -18.43 13.03 -73.47
N GLY A 356 -19.56 13.39 -72.86
CA GLY A 356 -20.74 13.85 -73.60
C GLY A 356 -21.27 12.81 -74.57
N ASP A 357 -21.25 13.15 -75.85
CA ASP A 357 -21.85 12.30 -76.88
C ASP A 357 -20.89 11.24 -77.42
N GLN A 358 -19.67 11.23 -76.90
CA GLN A 358 -18.64 10.28 -77.35
C GLN A 358 -18.58 9.03 -76.45
N ALA A 359 -19.52 8.95 -75.52
CA ALA A 359 -19.58 7.86 -74.56
C ALA A 359 -19.91 6.51 -75.19
N ASN A 360 -20.42 6.52 -76.42
CA ASN A 360 -20.77 5.29 -77.13
C ASN A 360 -19.59 4.68 -77.88
N ASN A 361 -18.53 5.46 -78.03
CA ASN A 361 -17.31 5.01 -78.69
C ASN A 361 -16.40 4.27 -77.70
N SER A 362 -16.23 2.97 -77.92
CA SER A 362 -15.50 2.10 -77.00
C SER A 362 -14.02 2.48 -76.83
N GLU A 363 -13.48 3.11 -77.86
CA GLU A 363 -12.07 3.48 -77.94
C GLU A 363 -11.61 4.34 -76.76
N ILE A 364 -12.49 5.23 -76.30
CA ILE A 364 -12.13 6.24 -75.29
C ILE A 364 -11.94 5.68 -73.90
N TYR A 365 -12.39 4.45 -73.68
CA TYR A 365 -12.28 3.84 -72.37
C TYR A 365 -10.98 3.06 -72.21
N GLY A 366 -10.21 2.95 -73.29
CA GLY A 366 -8.90 2.31 -73.25
C GLY A 366 -8.84 0.96 -73.92
N SER A 367 -7.63 0.54 -74.28
CA SER A 367 -7.39 -0.73 -74.94
C SER A 367 -7.02 -1.84 -73.97
N ASN A 368 -6.47 -1.46 -72.82
CA ASN A 368 -5.95 -2.43 -71.85
C ASN A 368 -6.84 -2.53 -70.62
N THR A 369 -8.11 -2.23 -70.85
CA THR A 369 -9.05 -2.03 -69.78
C THR A 369 -10.16 -3.08 -69.92
N HIS A 370 -10.18 -3.71 -71.08
CA HIS A 370 -11.20 -4.67 -71.51
C HIS A 370 -12.63 -4.19 -71.29
N THR A 371 -12.96 -3.07 -71.93
CA THR A 371 -14.28 -2.47 -71.78
C THR A 371 -15.20 -2.83 -72.93
N PHE A 372 -16.43 -3.21 -72.59
CA PHE A 372 -17.48 -3.44 -73.58
C PHE A 372 -18.62 -2.47 -73.33
N ILE A 373 -19.25 -2.01 -74.40
CA ILE A 373 -20.42 -1.15 -74.27
C ILE A 373 -21.69 -1.93 -74.57
N LEU A 374 -22.65 -1.84 -73.65
CA LEU A 374 -23.92 -2.55 -73.80
C LEU A 374 -25.03 -1.58 -74.17
N GLU A 375 -25.91 -1.98 -75.09
CA GLU A 375 -26.98 -1.12 -75.61
C GLU A 375 -28.24 -1.09 -74.75
N LYS A 376 -29.01 -0.02 -74.94
CA LYS A 376 -30.17 0.34 -74.08
C LYS A 376 -30.87 -0.79 -73.33
N ASP A 377 -31.43 -1.77 -74.03
CA ASP A 377 -32.10 -2.87 -73.33
C ASP A 377 -31.70 -4.25 -73.83
N GLU A 378 -30.54 -4.33 -74.47
CA GLU A 378 -30.16 -5.53 -75.19
C GLU A 378 -29.96 -6.73 -74.29
N ILE A 379 -30.17 -7.91 -74.86
CA ILE A 379 -29.88 -9.14 -74.16
C ILE A 379 -28.41 -9.51 -74.38
N VAL A 380 -27.65 -9.57 -73.29
CA VAL A 380 -26.21 -9.84 -73.33
C VAL A 380 -25.91 -11.27 -72.90
N GLU A 381 -25.01 -11.92 -73.61
CA GLU A 381 -24.56 -13.26 -73.28
C GLU A 381 -23.04 -13.26 -73.12
N ILE A 382 -22.59 -13.76 -71.98
CA ILE A 382 -21.16 -13.94 -71.71
C ILE A 382 -20.82 -15.41 -71.87
N VAL A 383 -19.92 -15.71 -72.79
CA VAL A 383 -19.39 -17.04 -72.96
C VAL A 383 -18.00 -17.08 -72.37
N LEU A 384 -17.80 -17.91 -71.37
CA LEU A 384 -16.53 -18.01 -70.71
C LEU A 384 -15.95 -19.40 -70.91
N ASN A 385 -14.76 -19.45 -71.53
CA ASN A 385 -14.04 -20.69 -71.78
C ASN A 385 -12.77 -20.80 -70.93
N ASN A 386 -12.80 -21.65 -69.90
CA ASN A 386 -11.63 -21.88 -69.06
C ASN A 386 -10.55 -22.69 -69.75
N GLN A 387 -9.41 -22.06 -69.99
CA GLN A 387 -8.27 -22.73 -70.59
C GLN A 387 -7.28 -23.13 -69.49
N ASP A 388 -7.62 -22.75 -68.26
CA ASP A 388 -6.83 -23.02 -67.06
C ASP A 388 -7.35 -24.27 -66.33
N THR A 389 -6.50 -25.00 -65.63
CA THR A 389 -6.92 -26.26 -65.01
C THR A 389 -7.56 -26.09 -63.64
N GLY A 390 -7.89 -24.85 -63.26
CA GLY A 390 -8.50 -24.61 -61.95
C GLY A 390 -9.98 -24.22 -61.99
N THR A 391 -10.60 -24.15 -60.82
CA THR A 391 -11.97 -23.64 -60.67
C THR A 391 -11.91 -22.16 -60.38
N HIS A 392 -12.80 -21.38 -61.01
CA HIS A 392 -12.89 -19.96 -60.73
C HIS A 392 -14.32 -19.55 -60.53
N PRO A 393 -14.59 -18.80 -59.45
CA PRO A 393 -15.91 -18.23 -59.28
C PRO A 393 -15.95 -16.80 -59.86
N PHE A 394 -16.63 -16.63 -60.98
CA PHE A 394 -16.76 -15.33 -61.58
C PHE A 394 -18.00 -14.64 -61.07
N HIS A 395 -17.88 -13.34 -60.86
CA HIS A 395 -18.95 -12.55 -60.31
C HIS A 395 -19.20 -11.33 -61.20
N LEU A 396 -20.48 -10.96 -61.31
CA LEU A 396 -20.92 -9.86 -62.14
C LEU A 396 -21.59 -8.79 -61.32
N HIS A 397 -21.05 -7.57 -61.35
CA HIS A 397 -21.66 -6.44 -60.65
C HIS A 397 -22.94 -5.99 -61.34
N GLY A 398 -23.88 -5.44 -60.59
CA GLY A 398 -25.08 -4.81 -61.14
C GLY A 398 -26.21 -5.71 -61.60
N HIS A 399 -26.00 -7.02 -61.62
CA HIS A 399 -27.00 -7.97 -62.11
C HIS A 399 -26.97 -9.31 -61.40
N ALA A 400 -28.11 -9.98 -61.38
CA ALA A 400 -28.15 -11.42 -61.17
C ALA A 400 -28.42 -12.03 -62.55
N PHE A 401 -27.51 -12.87 -63.03
CA PHE A 401 -27.62 -13.41 -64.38
C PHE A 401 -28.31 -14.77 -64.44
N GLN A 402 -28.76 -15.15 -65.63
CA GLN A 402 -29.29 -16.49 -65.87
C GLN A 402 -28.15 -17.43 -66.25
N THR A 403 -28.03 -18.54 -65.53
CA THR A 403 -27.03 -19.56 -65.85
C THR A 403 -27.66 -20.56 -66.78
N ILE A 404 -27.27 -20.52 -68.05
CA ILE A 404 -27.91 -21.38 -69.05
C ILE A 404 -27.06 -22.60 -69.46
N GLN A 405 -25.75 -22.51 -69.29
CA GLN A 405 -24.84 -23.67 -69.40
C GLN A 405 -23.65 -23.53 -68.46
N ARG A 406 -23.30 -24.63 -67.82
CA ARG A 406 -22.07 -24.73 -67.05
C ARG A 406 -21.54 -26.14 -67.14
N ASP A 407 -20.63 -26.36 -68.09
CA ASP A 407 -20.20 -27.71 -68.48
C ASP A 407 -19.44 -28.44 -67.34
N ARG A 408 -19.29 -29.75 -67.50
CA ARG A 408 -18.65 -30.65 -66.52
C ARG A 408 -17.15 -30.37 -66.38
N THR A 409 -16.53 -30.98 -65.36
CA THR A 409 -15.08 -30.90 -65.21
C THR A 409 -14.38 -31.68 -66.30
N TYR A 410 -13.37 -31.06 -66.90
CA TYR A 410 -12.46 -31.75 -67.82
C TYR A 410 -11.10 -31.92 -67.14
N ASP A 411 -10.90 -33.10 -66.56
CA ASP A 411 -9.78 -33.38 -65.66
C ASP A 411 -8.50 -33.67 -66.41
N ASP A 412 -7.51 -32.79 -66.24
CA ASP A 412 -6.28 -32.92 -67.02
C ASP A 412 -5.40 -34.04 -66.49
N ALA A 413 -5.64 -34.43 -65.25
CA ALA A 413 -4.98 -35.60 -64.64
C ALA A 413 -5.41 -36.89 -65.32
N LEU A 414 -6.63 -36.92 -65.87
CA LEU A 414 -7.10 -38.05 -66.68
C LEU A 414 -6.74 -37.85 -68.16
N GLY A 415 -6.07 -36.75 -68.47
CA GLY A 415 -5.57 -36.50 -69.82
C GLY A 415 -6.48 -35.66 -70.69
N GLU A 416 -7.53 -35.09 -70.10
CA GLU A 416 -8.51 -34.32 -70.87
C GLU A 416 -8.03 -32.90 -71.10
N VAL A 417 -8.41 -32.37 -72.26
CA VAL A 417 -8.07 -31.00 -72.67
C VAL A 417 -9.27 -30.06 -72.45
N PRO A 418 -9.03 -28.73 -72.52
CA PRO A 418 -10.10 -27.73 -72.42
C PRO A 418 -11.12 -27.81 -73.56
N HIS A 419 -12.39 -27.60 -73.23
CA HIS A 419 -13.47 -27.55 -74.22
C HIS A 419 -14.24 -26.25 -74.12
N SER A 420 -14.37 -25.56 -75.25
CA SER A 420 -15.11 -24.32 -75.32
C SER A 420 -16.60 -24.57 -75.51
N PHE A 421 -17.42 -23.57 -75.21
CA PHE A 421 -18.82 -23.60 -75.58
C PHE A 421 -18.90 -23.54 -77.08
N ASP A 422 -19.73 -24.40 -77.67
CA ASP A 422 -19.98 -24.35 -79.09
C ASP A 422 -21.46 -24.02 -79.34
N PRO A 423 -21.73 -22.84 -79.96
CA PRO A 423 -23.10 -22.43 -80.24
C PRO A 423 -23.80 -23.42 -81.16
N ASP A 424 -23.02 -24.18 -81.92
CA ASP A 424 -23.57 -25.15 -82.85
C ASP A 424 -23.80 -26.51 -82.18
N ASN A 425 -23.16 -26.72 -81.04
CA ASN A 425 -23.12 -28.04 -80.42
C ASN A 425 -23.13 -27.96 -78.90
N HIS A 426 -24.31 -28.08 -78.30
CA HIS A 426 -24.46 -27.96 -76.84
C HIS A 426 -25.77 -28.60 -76.39
N PRO A 427 -25.82 -29.07 -75.13
CA PRO A 427 -27.09 -29.56 -74.58
C PRO A 427 -28.18 -28.47 -74.63
N ALA A 428 -29.44 -28.87 -74.69
CA ALA A 428 -30.54 -27.90 -74.62
C ALA A 428 -30.45 -27.09 -73.31
N PHE A 429 -30.53 -25.77 -73.42
CA PHE A 429 -30.56 -24.89 -72.25
C PHE A 429 -31.85 -25.10 -71.45
N PRO A 430 -31.83 -24.76 -70.13
CA PRO A 430 -33.06 -24.83 -69.33
C PRO A 430 -34.11 -23.82 -69.79
N GLU A 431 -35.38 -24.15 -69.60
CA GLU A 431 -36.49 -23.24 -69.90
C GLU A 431 -36.57 -22.09 -68.90
N TYR A 432 -36.33 -22.40 -67.63
CA TYR A 432 -36.35 -21.43 -66.55
C TYR A 432 -35.03 -21.48 -65.77
N PRO A 433 -33.99 -20.78 -66.27
CA PRO A 433 -32.64 -20.92 -65.75
C PRO A 433 -32.52 -20.42 -64.33
N MET A 434 -31.55 -20.98 -63.62
CA MET A 434 -31.17 -20.50 -62.30
C MET A 434 -30.61 -19.08 -62.46
N ARG A 435 -30.68 -18.30 -61.38
CA ARG A 435 -30.14 -16.95 -61.36
C ARG A 435 -29.30 -16.71 -60.10
N ARG A 436 -28.14 -16.06 -60.28
CA ARG A 436 -27.30 -15.65 -59.16
C ARG A 436 -26.28 -14.62 -59.62
N ASP A 437 -25.39 -14.18 -58.72
CA ASP A 437 -24.40 -13.18 -59.07
C ASP A 437 -22.98 -13.72 -59.12
N THR A 438 -22.79 -14.96 -58.69
CA THR A 438 -21.47 -15.54 -58.63
C THR A 438 -21.58 -17.01 -58.98
N LEU A 439 -20.75 -17.44 -59.93
CA LEU A 439 -20.84 -18.75 -60.56
C LEU A 439 -19.46 -19.24 -60.89
N TYR A 440 -19.18 -20.52 -60.62
CA TYR A 440 -17.89 -21.11 -60.95
C TYR A 440 -17.88 -21.84 -62.30
N VAL A 441 -16.79 -21.69 -63.04
CA VAL A 441 -16.43 -22.63 -64.10
C VAL A 441 -15.65 -23.77 -63.51
N ARG A 442 -15.89 -24.97 -64.02
CA ARG A 442 -15.12 -26.13 -63.61
C ARG A 442 -13.77 -26.12 -64.35
N PRO A 443 -12.80 -26.88 -63.82
CA PRO A 443 -11.50 -27.01 -64.50
C PRO A 443 -11.61 -27.30 -65.99
N GLN A 444 -10.95 -26.45 -66.79
CA GLN A 444 -10.85 -26.62 -68.23
C GLN A 444 -12.20 -26.68 -68.94
N SER A 445 -13.23 -26.10 -68.31
CA SER A 445 -14.58 -26.18 -68.83
C SER A 445 -15.11 -24.83 -69.33
N ASN A 446 -16.43 -24.69 -69.35
CA ASN A 446 -17.05 -23.48 -69.87
C ASN A 446 -18.37 -23.18 -69.19
N PHE A 447 -18.81 -21.94 -69.30
CA PHE A 447 -20.17 -21.59 -68.94
C PHE A 447 -20.73 -20.50 -69.82
N VAL A 448 -22.06 -20.37 -69.81
CA VAL A 448 -22.75 -19.34 -70.56
C VAL A 448 -23.82 -18.73 -69.67
N ILE A 449 -23.76 -17.41 -69.54
CA ILE A 449 -24.73 -16.67 -68.76
C ILE A 449 -25.38 -15.61 -69.63
N ARG A 450 -26.62 -15.28 -69.30
CA ARG A 450 -27.37 -14.25 -70.00
C ARG A 450 -28.07 -13.30 -69.04
N PHE A 451 -28.13 -12.03 -69.42
CA PHE A 451 -28.84 -11.01 -68.66
C PHE A 451 -29.26 -9.86 -69.57
N LYS A 452 -30.26 -9.10 -69.14
CA LYS A 452 -30.74 -7.92 -69.87
C LYS A 452 -30.00 -6.67 -69.41
N ALA A 453 -29.53 -5.86 -70.34
CA ALA A 453 -28.92 -4.59 -69.98
C ALA A 453 -30.00 -3.56 -69.65
N ASP A 454 -30.56 -3.68 -68.45
CA ASP A 454 -31.63 -2.80 -68.01
C ASP A 454 -31.20 -2.00 -66.79
N ASN A 455 -29.90 -1.93 -66.56
CA ASN A 455 -29.37 -1.26 -65.39
C ASN A 455 -28.18 -0.39 -65.74
N PRO A 456 -28.44 0.80 -66.33
CA PRO A 456 -27.36 1.71 -66.71
C PRO A 456 -26.30 1.81 -65.60
N GLY A 457 -25.05 1.57 -65.96
CA GLY A 457 -23.95 1.62 -65.01
C GLY A 457 -22.63 1.11 -65.56
N VAL A 458 -21.64 1.04 -64.70
CA VAL A 458 -20.32 0.55 -65.07
C VAL A 458 -20.09 -0.64 -64.18
N TRP A 459 -19.99 -1.83 -64.77
CA TRP A 459 -20.01 -3.06 -64.00
C TRP A 459 -18.79 -3.97 -64.23
N PHE A 460 -18.15 -4.38 -63.15
CA PHE A 460 -16.97 -5.22 -63.18
C PHE A 460 -17.39 -6.69 -63.35
N PHE A 461 -16.77 -7.37 -64.30
CA PHE A 461 -16.93 -8.82 -64.41
C PHE A 461 -15.58 -9.50 -64.21
N HIS A 462 -15.44 -10.23 -63.11
CA HIS A 462 -14.14 -10.78 -62.74
C HIS A 462 -14.24 -12.03 -61.90
N CYS A 463 -13.10 -12.70 -61.76
CA CYS A 463 -12.94 -13.77 -60.81
C CYS A 463 -12.84 -13.19 -59.39
N HIS A 464 -13.56 -13.79 -58.47
CA HIS A 464 -13.61 -13.30 -57.10
C HIS A 464 -12.50 -13.88 -56.21
N ILE A 465 -11.59 -14.66 -56.80
CA ILE A 465 -10.43 -15.10 -56.06
C ILE A 465 -9.47 -13.94 -56.08
N GLU A 466 -9.21 -13.39 -54.90
CA GLU A 466 -8.45 -12.17 -54.77
C GLU A 466 -7.11 -12.19 -55.50
N TRP A 467 -6.43 -13.33 -55.45
CA TRP A 467 -5.16 -13.49 -56.13
C TRP A 467 -5.31 -13.35 -57.64
N HIS A 468 -6.39 -13.89 -58.19
CA HIS A 468 -6.60 -13.85 -59.62
C HIS A 468 -7.02 -12.45 -60.11
N LEU A 469 -7.77 -11.74 -59.26
CA LEU A 469 -8.11 -10.36 -59.53
C LEU A 469 -6.85 -9.50 -59.52
N LEU A 470 -5.93 -9.79 -58.60
CA LEU A 470 -4.61 -9.15 -58.58
C LEU A 470 -3.82 -9.44 -59.84
N GLN A 471 -4.00 -10.64 -60.38
CA GLN A 471 -3.38 -11.04 -61.63
C GLN A 471 -4.08 -10.41 -62.84
N GLY A 472 -5.16 -9.67 -62.59
CA GLY A 472 -5.91 -8.96 -63.64
C GLY A 472 -7.04 -9.70 -64.38
N LEU A 473 -7.67 -10.68 -63.73
CA LEU A 473 -8.74 -11.45 -64.37
C LEU A 473 -10.05 -10.71 -64.26
N GLY A 474 -10.19 -9.64 -65.04
CA GLY A 474 -11.41 -8.83 -65.01
C GLY A 474 -11.64 -8.03 -66.26
N LEU A 475 -12.90 -7.69 -66.50
CA LEU A 475 -13.28 -6.86 -67.64
C LEU A 475 -14.41 -5.92 -67.25
N VAL A 476 -14.59 -4.85 -68.01
CA VAL A 476 -15.51 -3.78 -67.63
C VAL A 476 -16.69 -3.65 -68.60
N LEU A 477 -17.89 -3.67 -68.05
CA LEU A 477 -19.11 -3.49 -68.83
C LEU A 477 -19.71 -2.11 -68.62
N VAL A 478 -19.87 -1.35 -69.70
CA VAL A 478 -20.51 -0.05 -69.62
C VAL A 478 -21.90 -0.18 -70.22
N GLU A 479 -22.92 -0.16 -69.36
CA GLU A 479 -24.30 -0.31 -69.76
C GLU A 479 -24.91 1.04 -70.16
N ASP A 480 -25.52 1.10 -71.34
CA ASP A 480 -25.85 2.36 -72.03
C ASP A 480 -25.39 3.63 -71.32
N PRO A 481 -24.17 4.09 -71.64
CA PRO A 481 -23.58 5.29 -71.07
C PRO A 481 -24.50 6.50 -71.21
N PHE A 482 -25.35 6.52 -72.23
CA PHE A 482 -26.30 7.62 -72.38
C PHE A 482 -27.39 7.57 -71.32
N GLY A 483 -27.83 6.37 -70.97
CA GLY A 483 -28.75 6.17 -69.84
C GLY A 483 -28.15 6.67 -68.53
N ILE A 484 -26.86 6.43 -68.35
CA ILE A 484 -26.11 6.90 -67.18
C ILE A 484 -26.12 8.44 -67.14
N GLN A 485 -25.78 9.07 -68.26
CA GLN A 485 -25.70 10.53 -68.33
C GLN A 485 -27.05 11.19 -68.08
N ASP A 486 -28.10 10.56 -68.61
CA ASP A 486 -29.45 11.16 -68.58
C ASP A 486 -30.08 11.14 -67.19
N ALA A 487 -29.74 10.14 -66.38
CA ALA A 487 -30.26 10.06 -65.02
C ALA A 487 -29.54 11.05 -64.11
N HIS A 488 -30.33 11.84 -63.39
CA HIS A 488 -29.82 12.84 -62.46
C HIS A 488 -29.16 12.20 -61.25
N SER A 489 -29.82 11.19 -60.68
CA SER A 489 -29.31 10.43 -59.53
C SER A 489 -27.89 9.89 -59.71
N GLN A 490 -27.41 9.92 -60.95
CA GLN A 490 -26.16 9.30 -61.33
C GLN A 490 -24.99 10.28 -61.24
N GLN A 491 -25.28 11.58 -61.23
CA GLN A 491 -24.25 12.61 -61.18
C GLN A 491 -23.43 12.52 -59.90
N LEU A 492 -22.12 12.75 -59.99
CA LEU A 492 -21.20 12.61 -58.87
C LEU A 492 -21.42 13.71 -57.84
N SER A 493 -21.44 13.30 -56.57
CA SER A 493 -21.60 14.20 -55.43
C SER A 493 -20.33 15.01 -55.15
N GLU A 494 -20.47 16.08 -54.39
CA GLU A 494 -19.32 16.88 -53.96
C GLU A 494 -18.32 15.99 -53.20
N ASN A 495 -18.83 15.19 -52.27
CA ASN A 495 -17.98 14.29 -51.50
C ASN A 495 -17.07 13.41 -52.35
N HIS A 496 -17.63 12.77 -53.39
CA HIS A 496 -16.86 11.90 -54.28
C HIS A 496 -15.75 12.65 -55.04
N LEU A 497 -16.09 13.81 -55.58
CA LEU A 497 -15.10 14.67 -56.24
C LEU A 497 -14.00 15.06 -55.23
N GLU A 498 -14.42 15.33 -54.00
CA GLU A 498 -13.52 15.65 -52.90
C GLU A 498 -12.52 14.50 -52.64
N VAL A 499 -13.02 13.26 -52.66
CA VAL A 499 -12.18 12.05 -52.53
C VAL A 499 -11.11 12.02 -53.63
N CYS A 500 -11.53 12.26 -54.86
CA CYS A 500 -10.64 12.27 -56.02
C CYS A 500 -9.53 13.31 -55.95
N GLN A 501 -9.88 14.57 -55.66
CA GLN A 501 -8.88 15.64 -55.53
C GLN A 501 -7.89 15.31 -54.42
N SER A 502 -8.40 14.79 -53.31
CA SER A 502 -7.61 14.46 -52.15
C SER A 502 -6.65 13.31 -52.47
N CYS A 503 -7.01 12.54 -53.50
CA CYS A 503 -6.26 11.37 -53.96
C CYS A 503 -5.33 11.73 -55.12
N SER A 504 -5.45 12.97 -55.60
CA SER A 504 -4.83 13.43 -56.85
C SER A 504 -5.07 12.48 -58.05
N VAL A 505 -6.35 12.15 -58.26
CA VAL A 505 -6.81 11.36 -59.41
C VAL A 505 -7.81 12.22 -60.19
N ALA A 506 -7.61 12.33 -61.50
CA ALA A 506 -8.43 13.21 -62.31
C ALA A 506 -9.86 12.68 -62.53
N THR A 507 -10.76 13.60 -62.87
CA THR A 507 -12.06 13.27 -63.47
C THR A 507 -12.16 13.88 -64.88
N GLU A 508 -11.43 13.29 -65.82
CA GLU A 508 -11.33 13.83 -67.18
C GLU A 508 -11.93 12.90 -68.22
N GLY A 509 -11.12 12.33 -69.12
CA GLY A 509 -11.63 11.43 -70.16
C GLY A 509 -10.62 10.38 -70.57
N ASN A 510 -10.19 9.58 -69.60
CA ASN A 510 -9.07 8.66 -69.72
C ASN A 510 -7.78 9.30 -70.26
N ALA A 511 -6.82 9.45 -69.35
CA ALA A 511 -5.60 10.21 -69.57
C ALA A 511 -5.96 11.62 -70.01
N ALA A 512 -6.00 11.85 -71.33
CA ALA A 512 -6.03 13.20 -71.94
C ALA A 512 -7.10 14.16 -71.41
N ALA A 513 -6.74 15.44 -71.38
CA ALA A 513 -7.51 16.50 -70.72
C ALA A 513 -8.74 16.94 -71.52
N ASN A 514 -9.73 16.06 -71.62
CA ASN A 514 -10.98 16.37 -72.37
C ASN A 514 -10.68 17.07 -73.71
N THR A 515 -9.60 16.69 -74.38
CA THR A 515 -9.08 17.51 -75.47
C THR A 515 -9.20 16.86 -76.86
N LEU A 516 -8.78 15.60 -77.00
CA LEU A 516 -8.94 14.89 -78.28
C LEU A 516 -9.65 13.56 -78.03
N ASP A 517 -9.70 13.16 -76.77
CA ASP A 517 -10.38 11.92 -76.35
C ASP A 517 -9.82 10.63 -76.98
N LEU A 518 -8.84 10.78 -77.89
CA LEU A 518 -8.10 9.63 -78.40
C LEU A 518 -6.70 9.55 -77.76
N THR A 519 -6.44 8.38 -77.15
CA THR A 519 -5.53 8.18 -76.01
C THR A 519 -4.02 8.08 -76.27
N ASP A 520 -3.26 7.95 -75.18
CA ASP A 520 -1.83 7.61 -75.15
C ASP A 520 -1.59 6.94 -73.79
N LEU A 521 -2.21 5.78 -73.60
CA LEU A 521 -2.64 5.24 -72.29
C LEU A 521 -1.64 4.66 -71.28
N THR A 522 -2.06 3.57 -70.65
CA THR A 522 -1.35 2.85 -69.59
C THR A 522 -1.56 1.33 -69.82
N GLY A 523 -0.54 0.68 -70.41
CA GLY A 523 -0.67 -0.69 -70.91
C GLY A 523 -0.15 -1.81 -70.01
N GLU A 524 -0.44 -3.05 -70.41
CA GLU A 524 0.15 -4.23 -69.80
C GLU A 524 1.56 -4.46 -70.36
N ASN A 525 2.39 -5.19 -69.61
CA ASN A 525 3.72 -5.57 -70.06
C ASN A 525 3.59 -6.40 -71.36
N VAL A 526 4.53 -6.25 -72.28
CA VAL A 526 4.37 -6.90 -73.58
C VAL A 526 4.51 -8.42 -73.56
N GLN A 527 4.13 -9.05 -74.68
CA GLN A 527 3.97 -10.50 -74.71
C GLN A 527 5.31 -11.24 -74.83
N HIS A 528 5.25 -12.57 -74.69
CA HIS A 528 6.44 -13.37 -74.46
C HIS A 528 7.18 -13.87 -75.70
N ALA A 529 6.70 -13.52 -76.90
CA ALA A 529 7.34 -13.96 -78.17
C ALA A 529 8.67 -13.27 -78.45
N GLU B 1 -13.15 -44.82 -28.77
CA GLU B 1 -13.90 -43.55 -29.00
C GLU B 1 -13.57 -42.54 -27.91
N THR B 2 -13.40 -41.29 -28.32
CA THR B 2 -13.01 -40.25 -27.38
C THR B 2 -14.19 -39.31 -27.09
N HIS B 3 -14.46 -39.13 -25.81
CA HIS B 3 -15.50 -38.25 -25.33
C HIS B 3 -14.83 -37.03 -24.71
N THR B 4 -15.06 -35.86 -25.28
CA THR B 4 -14.44 -34.63 -24.77
C THR B 4 -15.50 -33.70 -24.22
N PHE B 5 -15.26 -33.21 -23.01
CA PHE B 5 -16.22 -32.39 -22.29
C PHE B 5 -15.55 -31.10 -21.92
N ASN B 6 -16.30 -30.00 -22.01
CA ASN B 6 -15.83 -28.75 -21.45
C ASN B 6 -16.74 -28.27 -20.33
N TRP B 7 -16.27 -28.44 -19.10
CA TRP B 7 -17.07 -28.13 -17.93
C TRP B 7 -16.48 -26.99 -17.08
N THR B 8 -17.31 -26.01 -16.74
CA THR B 8 -16.87 -24.89 -15.90
C THR B 8 -17.71 -24.78 -14.64
N THR B 9 -17.04 -24.82 -13.51
CA THR B 9 -17.68 -24.68 -12.21
C THR B 9 -18.25 -23.27 -12.01
N GLY B 10 -19.33 -23.20 -11.25
CA GLY B 10 -19.95 -21.95 -10.90
C GLY B 10 -20.91 -22.09 -9.74
N TRP B 11 -21.50 -20.98 -9.34
CA TRP B 11 -22.47 -20.95 -8.25
C TRP B 11 -23.79 -20.40 -8.78
N ASP B 12 -24.88 -21.08 -8.44
CA ASP B 12 -26.22 -20.61 -8.78
C ASP B 12 -27.17 -21.07 -7.70
N TYR B 13 -28.25 -20.31 -7.49
CA TYR B 13 -29.30 -20.74 -6.58
C TYR B 13 -30.16 -21.84 -7.17
N ARG B 14 -30.38 -22.90 -6.39
CA ARG B 14 -31.41 -23.89 -6.67
C ARG B 14 -32.13 -24.25 -5.39
N ASN B 15 -33.36 -24.74 -5.53
CA ASN B 15 -34.05 -25.29 -4.38
C ASN B 15 -34.17 -26.80 -4.55
N VAL B 16 -33.08 -27.49 -4.19
CA VAL B 16 -32.96 -28.92 -4.39
C VAL B 16 -33.96 -29.66 -3.53
N ASP B 17 -33.89 -29.33 -2.25
CA ASP B 17 -34.71 -29.83 -1.17
C ASP B 17 -36.20 -29.77 -1.44
N GLY B 18 -36.62 -28.60 -1.93
CA GLY B 18 -38.01 -28.24 -1.92
C GLY B 18 -38.27 -27.21 -0.85
N LEU B 19 -37.29 -26.95 0.01
CA LEU B 19 -37.52 -25.97 1.08
C LEU B 19 -36.44 -24.96 1.43
N LYS B 20 -35.44 -24.80 0.56
CA LYS B 20 -34.52 -23.66 0.66
C LYS B 20 -33.81 -23.37 -0.64
N SER B 21 -34.06 -22.20 -1.18
CA SER B 21 -33.25 -21.71 -2.28
C SER B 21 -31.88 -21.38 -1.72
N ARG B 22 -30.86 -21.90 -2.38
CA ARG B 22 -29.56 -22.03 -1.79
C ARG B 22 -28.55 -22.17 -2.92
N PRO B 23 -27.36 -21.55 -2.79
CA PRO B 23 -26.38 -21.69 -3.88
C PRO B 23 -25.83 -23.11 -3.98
N VAL B 24 -25.78 -23.62 -5.21
CA VAL B 24 -25.18 -24.91 -5.48
C VAL B 24 -24.10 -24.76 -6.56
N ILE B 25 -23.21 -25.74 -6.65
CA ILE B 25 -22.17 -25.74 -7.66
C ILE B 25 -22.68 -26.23 -9.02
N THR B 26 -22.62 -25.35 -10.01
CA THR B 26 -23.12 -25.66 -11.34
C THR B 26 -22.04 -26.12 -12.30
N CYS B 27 -22.46 -26.77 -13.37
CA CYS B 27 -21.59 -27.12 -14.48
C CYS B 27 -22.09 -26.38 -15.70
N ASN B 28 -21.30 -25.42 -16.20
CA ASN B 28 -21.71 -24.56 -17.31
C ASN B 28 -23.05 -23.89 -17.04
N GLY B 29 -23.27 -23.49 -15.78
CA GLY B 29 -24.53 -22.88 -15.38
C GLY B 29 -25.69 -23.85 -15.15
N GLN B 30 -25.43 -25.14 -15.30
CA GLN B 30 -26.47 -26.16 -15.26
C GLN B 30 -26.42 -26.96 -13.97
N PHE B 31 -27.59 -27.38 -13.48
CA PHE B 31 -27.67 -28.27 -12.33
C PHE B 31 -28.83 -29.22 -12.50
N PRO B 32 -28.64 -30.51 -12.19
CA PRO B 32 -27.43 -31.14 -11.63
C PRO B 32 -26.34 -31.39 -12.66
N TRP B 33 -25.15 -31.77 -12.20
CA TRP B 33 -24.04 -32.14 -13.09
C TRP B 33 -24.38 -33.29 -14.02
N PRO B 34 -23.80 -33.32 -15.23
CA PRO B 34 -24.08 -34.41 -16.19
C PRO B 34 -23.64 -35.79 -15.73
N ASP B 35 -24.20 -36.82 -16.33
CA ASP B 35 -23.69 -38.18 -16.17
C ASP B 35 -22.96 -38.62 -17.42
N ILE B 36 -21.84 -39.31 -17.23
CA ILE B 36 -21.08 -39.80 -18.37
C ILE B 36 -21.35 -41.29 -18.57
N THR B 37 -21.57 -41.67 -19.82
CA THR B 37 -21.69 -43.08 -20.18
C THR B 37 -20.72 -43.35 -21.30
N VAL B 38 -19.79 -44.29 -21.06
CA VAL B 38 -18.82 -44.69 -22.06
C VAL B 38 -18.76 -46.20 -22.20
N ASN B 39 -18.06 -46.68 -23.23
CA ASN B 39 -17.79 -48.10 -23.42
C ASN B 39 -16.42 -48.51 -22.94
N LYS B 40 -16.30 -49.78 -22.57
CA LYS B 40 -15.03 -50.37 -22.18
C LYS B 40 -13.93 -49.91 -23.15
N GLY B 41 -12.87 -49.34 -22.60
CA GLY B 41 -11.72 -48.93 -23.40
C GLY B 41 -11.81 -47.59 -24.12
N ASP B 42 -12.88 -46.83 -23.87
CA ASP B 42 -13.00 -45.48 -24.42
C ASP B 42 -12.06 -44.50 -23.74
N ARG B 43 -11.77 -43.39 -24.42
CA ARG B 43 -10.97 -42.32 -23.84
C ARG B 43 -11.89 -41.20 -23.38
N VAL B 44 -11.67 -40.72 -22.17
CA VAL B 44 -12.45 -39.62 -21.63
C VAL B 44 -11.52 -38.43 -21.44
N GLN B 45 -11.85 -37.30 -22.09
CA GLN B 45 -11.10 -36.06 -21.93
C GLN B 45 -11.98 -34.93 -21.39
N ILE B 46 -11.82 -34.62 -20.10
CA ILE B 46 -12.57 -33.54 -19.45
C ILE B 46 -11.70 -32.31 -19.24
N TYR B 47 -12.09 -31.21 -19.86
CA TYR B 47 -11.49 -29.92 -19.61
C TYR B 47 -12.26 -29.27 -18.46
N LEU B 48 -11.72 -29.33 -17.24
CA LEU B 48 -12.38 -28.71 -16.10
C LEU B 48 -11.79 -27.32 -15.86
N THR B 49 -12.68 -26.32 -15.84
CA THR B 49 -12.25 -24.95 -15.60
C THR B 49 -12.85 -24.47 -14.29
N ASN B 50 -11.98 -23.99 -13.41
CA ASN B 50 -12.45 -23.41 -12.17
C ASN B 50 -12.94 -21.99 -12.39
N GLY B 51 -14.26 -21.83 -12.35
CA GLY B 51 -14.89 -20.51 -12.51
C GLY B 51 -15.44 -19.98 -11.20
N MET B 52 -15.04 -20.59 -10.09
CA MET B 52 -15.44 -20.12 -8.76
C MET B 52 -14.43 -19.08 -8.30
N ASN B 53 -14.91 -18.08 -7.56
CA ASN B 53 -14.10 -16.85 -7.34
C ASN B 53 -12.99 -16.98 -6.30
N ASN B 54 -13.07 -18.00 -5.43
CA ASN B 54 -12.21 -18.02 -4.24
C ASN B 54 -11.82 -19.42 -3.72
N THR B 55 -12.42 -20.46 -4.29
CA THR B 55 -12.05 -21.83 -3.94
C THR B 55 -11.10 -22.43 -4.97
N ASN B 56 -10.40 -23.49 -4.56
CA ASN B 56 -9.74 -24.37 -5.51
C ASN B 56 -10.76 -25.43 -5.97
N THR B 57 -10.44 -26.20 -7.01
CA THR B 57 -11.19 -27.45 -7.30
C THR B 57 -10.32 -28.63 -7.70
N SER B 58 -10.99 -29.76 -7.84
CA SER B 58 -10.41 -30.94 -8.42
C SER B 58 -11.56 -31.86 -8.82
N MET B 59 -11.26 -32.90 -9.57
CA MET B 59 -12.27 -33.89 -9.87
C MET B 59 -11.65 -35.26 -9.80
N HIS B 60 -12.29 -36.14 -9.03
CA HIS B 60 -11.84 -37.52 -8.91
C HIS B 60 -12.90 -38.44 -9.46
N PHE B 61 -12.46 -39.46 -10.18
CA PHE B 61 -13.37 -40.43 -10.77
C PHE B 61 -13.33 -41.70 -9.95
N HIS B 62 -14.34 -41.85 -9.11
CA HIS B 62 -14.35 -42.84 -8.04
C HIS B 62 -14.41 -44.23 -8.60
N GLY B 63 -13.39 -45.02 -8.29
CA GLY B 63 -13.43 -46.44 -8.58
C GLY B 63 -12.57 -46.82 -9.77
N LEU B 64 -12.32 -45.85 -10.63
CA LEU B 64 -11.48 -46.07 -11.80
C LEU B 64 -10.03 -46.31 -11.36
N PHE B 65 -9.38 -47.26 -12.01
CA PHE B 65 -8.08 -47.71 -11.52
C PHE B 65 -6.93 -46.81 -11.95
N GLN B 66 -7.18 -45.99 -12.96
CA GLN B 66 -6.19 -45.03 -13.48
C GLN B 66 -4.82 -45.71 -13.74
N ASN B 67 -4.88 -46.93 -14.26
CA ASN B 67 -3.71 -47.76 -14.48
C ASN B 67 -2.78 -47.10 -15.49
N GLY B 68 -1.59 -46.71 -15.06
CA GLY B 68 -0.62 -46.05 -15.91
C GLY B 68 -0.80 -44.54 -16.04
N THR B 69 -1.85 -44.01 -15.42
CA THR B 69 -2.16 -42.56 -15.51
C THR B 69 -2.56 -41.99 -14.16
N ALA B 70 -1.73 -42.23 -13.15
CA ALA B 70 -1.98 -41.77 -11.78
C ALA B 70 -2.24 -40.27 -11.66
N SER B 71 -1.60 -39.49 -12.53
CA SER B 71 -1.79 -38.04 -12.54
C SER B 71 -3.25 -37.62 -12.79
N MET B 72 -4.09 -38.57 -13.19
CA MET B 72 -5.47 -38.26 -13.54
C MET B 72 -6.49 -38.63 -12.44
N ASP B 73 -5.99 -39.10 -11.29
CA ASP B 73 -6.86 -39.55 -10.19
C ASP B 73 -7.60 -38.42 -9.50
N GLY B 74 -7.06 -37.21 -9.60
CA GLY B 74 -7.75 -36.01 -9.14
C GLY B 74 -7.77 -35.75 -7.65
N VAL B 75 -6.73 -36.17 -6.95
CA VAL B 75 -6.60 -35.86 -5.53
C VAL B 75 -5.49 -34.81 -5.34
N PRO B 76 -5.86 -33.58 -4.95
CA PRO B 76 -4.87 -32.57 -4.62
C PRO B 76 -3.87 -33.05 -3.58
N PHE B 77 -2.59 -32.74 -3.86
CA PHE B 77 -1.45 -33.10 -3.00
C PHE B 77 -1.14 -34.59 -2.88
N LEU B 78 -1.85 -35.43 -3.64
CA LEU B 78 -1.38 -36.78 -3.90
C LEU B 78 -1.03 -36.89 -5.38
N THR B 79 -1.95 -36.42 -6.22
CA THR B 79 -1.95 -36.74 -7.63
C THR B 79 -1.76 -35.53 -8.54
N GLN B 80 -2.03 -34.36 -7.97
CA GLN B 80 -2.05 -33.11 -8.69
C GLN B 80 -2.01 -32.01 -7.66
N CYS B 81 -1.74 -30.80 -8.10
CA CYS B 81 -1.93 -29.66 -7.22
C CYS B 81 -3.33 -29.11 -7.51
N PRO B 82 -3.91 -28.31 -6.59
CA PRO B 82 -5.31 -27.87 -6.75
C PRO B 82 -5.51 -26.95 -7.95
N ILE B 83 -6.72 -26.96 -8.48
CA ILE B 83 -7.07 -26.14 -9.63
C ILE B 83 -7.46 -24.74 -9.14
N ALA B 84 -6.61 -23.76 -9.43
CA ALA B 84 -6.82 -22.38 -9.01
C ALA B 84 -7.91 -21.71 -9.84
N PRO B 85 -8.62 -20.74 -9.25
CA PRO B 85 -9.59 -19.91 -9.99
C PRO B 85 -9.02 -19.37 -11.32
N GLY B 86 -9.72 -19.65 -12.41
CA GLY B 86 -9.30 -19.22 -13.74
C GLY B 86 -8.60 -20.29 -14.54
N SER B 87 -8.02 -21.28 -13.85
CA SER B 87 -7.26 -22.35 -14.49
C SER B 87 -8.12 -23.48 -15.05
N THR B 88 -7.56 -24.20 -16.01
CA THR B 88 -8.21 -25.34 -16.66
C THR B 88 -7.32 -26.57 -16.57
N MET B 89 -7.82 -27.62 -15.94
CA MET B 89 -7.12 -28.91 -15.94
C MET B 89 -7.77 -29.86 -16.93
N LEU B 90 -6.92 -30.53 -17.72
CA LEU B 90 -7.37 -31.59 -18.62
C LEU B 90 -7.22 -32.96 -17.96
N TYR B 91 -8.34 -33.63 -17.74
CA TYR B 91 -8.33 -35.02 -17.30
C TYR B 91 -8.47 -35.92 -18.51
N ASN B 92 -7.42 -36.70 -18.77
CA ASN B 92 -7.23 -37.40 -20.03
C ASN B 92 -6.86 -38.84 -19.71
N PHE B 93 -7.83 -39.74 -19.77
CA PHE B 93 -7.61 -41.13 -19.36
C PHE B 93 -8.47 -42.12 -20.13
N THR B 94 -7.99 -43.37 -20.18
CA THR B 94 -8.71 -44.47 -20.82
C THR B 94 -9.40 -45.26 -19.72
N VAL B 95 -10.28 -46.18 -20.12
CA VAL B 95 -11.02 -46.97 -19.17
C VAL B 95 -10.89 -48.45 -19.59
N ASP B 96 -9.67 -48.97 -19.48
CA ASP B 96 -9.36 -50.33 -19.93
C ASP B 96 -9.63 -51.40 -18.87
N TYR B 97 -9.72 -51.01 -17.61
CA TYR B 97 -9.72 -51.97 -16.51
C TYR B 97 -10.98 -51.92 -15.65
N ASN B 98 -11.94 -51.07 -16.02
CA ASN B 98 -13.16 -50.90 -15.26
C ASN B 98 -14.40 -51.08 -16.10
N VAL B 99 -15.40 -51.71 -15.49
CA VAL B 99 -16.72 -51.89 -16.08
C VAL B 99 -17.76 -51.68 -14.99
N GLY B 100 -18.93 -51.14 -15.36
CA GLY B 100 -20.03 -51.00 -14.43
C GLY B 100 -20.33 -49.60 -13.94
N THR B 101 -20.77 -49.51 -12.69
CA THR B 101 -21.28 -48.26 -12.10
C THR B 101 -20.23 -47.52 -11.28
N TYR B 102 -19.92 -46.31 -11.71
CA TYR B 102 -18.98 -45.45 -10.99
C TYR B 102 -19.56 -44.04 -10.88
N TRP B 103 -18.86 -43.18 -10.18
CA TRP B 103 -19.26 -41.77 -10.16
C TRP B 103 -18.05 -40.85 -10.08
N TYR B 104 -18.25 -39.57 -10.35
CA TYR B 104 -17.19 -38.63 -10.18
C TYR B 104 -17.63 -37.56 -9.20
N HIS B 105 -16.67 -37.03 -8.45
CA HIS B 105 -16.93 -35.93 -7.54
C HIS B 105 -15.69 -35.06 -7.35
N SER B 106 -15.92 -33.83 -6.89
CA SER B 106 -14.82 -32.96 -6.50
C SER B 106 -14.09 -33.60 -5.34
N HIS B 107 -12.77 -33.45 -5.30
CA HIS B 107 -12.01 -33.96 -4.16
C HIS B 107 -11.35 -32.83 -3.37
N THR B 108 -11.84 -31.59 -3.53
CA THR B 108 -11.39 -30.52 -2.67
C THR B 108 -12.17 -30.59 -1.34
N ASP B 109 -12.50 -29.49 -0.70
CA ASP B 109 -12.84 -29.52 0.73
C ASP B 109 -14.15 -30.27 1.01
N GLY B 110 -15.28 -29.57 0.98
CA GLY B 110 -16.58 -30.23 1.12
C GLY B 110 -17.30 -30.08 -0.19
N GLN B 111 -16.63 -29.39 -1.12
CA GLN B 111 -17.14 -29.09 -2.44
C GLN B 111 -18.20 -30.09 -3.01
N TYR B 112 -17.96 -31.39 -2.99
CA TYR B 112 -18.94 -32.27 -3.65
C TYR B 112 -20.36 -32.31 -3.01
N GLU B 113 -20.43 -32.20 -1.67
CA GLU B 113 -21.71 -31.99 -0.98
C GLU B 113 -22.51 -30.82 -1.54
N ASP B 114 -21.82 -29.78 -2.01
CA ASP B 114 -22.48 -28.61 -2.54
C ASP B 114 -22.81 -28.76 -4.04
N GLY B 115 -22.80 -29.99 -4.53
CA GLY B 115 -23.42 -30.29 -5.82
C GLY B 115 -22.53 -30.86 -6.93
N MET B 116 -21.22 -30.74 -6.77
CA MET B 116 -20.26 -31.13 -7.81
C MET B 116 -19.97 -32.62 -7.79
N LYS B 117 -20.92 -33.37 -8.37
CA LYS B 117 -20.87 -34.83 -8.39
C LYS B 117 -21.83 -35.33 -9.47
N GLY B 118 -21.52 -36.48 -10.05
CA GLY B 118 -22.29 -37.05 -11.15
C GLY B 118 -21.92 -38.50 -11.37
N LEU B 119 -22.74 -39.24 -12.12
CA LEU B 119 -22.51 -40.65 -12.37
C LEU B 119 -21.59 -40.92 -13.55
N PHE B 120 -20.82 -42.01 -13.46
CA PHE B 120 -19.91 -42.44 -14.51
C PHE B 120 -20.23 -43.92 -14.81
N ILE B 121 -20.90 -44.19 -15.93
CA ILE B 121 -21.25 -45.57 -16.25
C ILE B 121 -20.40 -46.11 -17.39
N ILE B 122 -19.81 -47.27 -17.17
CA ILE B 122 -19.10 -47.97 -18.24
C ILE B 122 -19.85 -49.27 -18.57
N LYS B 123 -20.24 -49.39 -19.83
CA LYS B 123 -20.94 -50.59 -20.29
C LYS B 123 -19.98 -51.67 -20.77
N ASP B 124 -20.32 -52.93 -20.51
CA ASP B 124 -19.63 -54.06 -21.17
C ASP B 124 -20.58 -55.05 -21.86
N ASP B 125 -20.13 -55.53 -23.02
CA ASP B 125 -20.85 -56.53 -23.82
C ASP B 125 -21.09 -57.86 -23.11
N SER B 126 -20.28 -58.18 -22.11
CA SER B 126 -20.37 -59.47 -21.43
C SER B 126 -20.92 -59.38 -20.01
N PHE B 127 -21.89 -58.48 -19.79
CA PHE B 127 -22.68 -58.50 -18.57
C PHE B 127 -23.62 -59.71 -18.59
N PRO B 128 -23.53 -60.58 -17.58
CA PRO B 128 -24.16 -61.90 -17.60
C PRO B 128 -25.69 -61.93 -17.54
N TYR B 129 -26.32 -60.88 -17.02
CA TYR B 129 -27.78 -60.88 -16.80
C TYR B 129 -28.60 -60.07 -17.80
N ASP B 130 -29.82 -60.54 -18.03
CA ASP B 130 -30.74 -59.88 -18.95
C ASP B 130 -31.62 -58.87 -18.23
N TYR B 131 -31.92 -57.78 -18.94
CA TYR B 131 -32.86 -56.77 -18.46
C TYR B 131 -33.47 -56.03 -19.64
N ASP B 132 -34.64 -55.45 -19.42
CA ASP B 132 -35.37 -54.77 -20.49
C ASP B 132 -35.06 -53.28 -20.53
N GLU B 133 -34.90 -52.66 -19.37
CA GLU B 133 -34.71 -51.22 -19.22
C GLU B 133 -33.70 -50.99 -18.12
N GLU B 134 -33.13 -49.79 -18.09
CA GLU B 134 -32.12 -49.44 -17.09
C GLU B 134 -32.20 -47.97 -16.66
N LEU B 135 -31.91 -47.71 -15.38
CA LEU B 135 -31.83 -46.35 -14.85
C LEU B 135 -30.94 -46.34 -13.60
N SER B 136 -30.71 -45.16 -13.05
CA SER B 136 -29.99 -45.02 -11.79
C SER B 136 -30.78 -44.16 -10.80
N LEU B 137 -30.49 -44.34 -9.51
CA LEU B 137 -30.96 -43.43 -8.49
C LEU B 137 -29.75 -42.93 -7.72
N SER B 138 -29.61 -41.62 -7.58
CA SER B 138 -28.53 -41.05 -6.78
C SER B 138 -29.09 -40.62 -5.45
N LEU B 139 -28.90 -41.46 -4.43
CA LEU B 139 -29.24 -41.11 -3.07
C LEU B 139 -28.19 -40.16 -2.48
N SER B 140 -28.64 -39.25 -1.62
CA SER B 140 -27.76 -38.28 -0.97
C SER B 140 -28.48 -37.67 0.21
N GLU B 141 -27.75 -37.04 1.13
CA GLU B 141 -28.38 -36.15 2.08
C GLU B 141 -28.19 -34.70 1.60
N TRP B 142 -28.91 -33.76 2.19
CA TRP B 142 -28.82 -32.40 1.74
C TRP B 142 -28.76 -31.40 2.90
N TYR B 143 -27.81 -30.48 2.84
CA TYR B 143 -27.68 -29.42 3.84
C TYR B 143 -28.25 -28.12 3.32
N HIS B 144 -28.68 -27.26 4.24
CA HIS B 144 -29.19 -25.94 3.87
C HIS B 144 -28.12 -24.87 3.89
N ASP B 145 -26.98 -25.19 4.46
CA ASP B 145 -25.85 -24.27 4.42
C ASP B 145 -24.71 -24.91 3.66
N LEU B 146 -23.93 -24.06 3.01
CA LEU B 146 -22.76 -24.48 2.25
C LEU B 146 -21.71 -25.09 3.18
N VAL B 147 -20.92 -26.03 2.65
CA VAL B 147 -19.86 -26.65 3.41
C VAL B 147 -18.93 -25.60 4.06
N THR B 148 -18.47 -24.64 3.25
CA THR B 148 -17.59 -23.56 3.71
C THR B 148 -18.04 -22.97 5.04
N ASP B 149 -19.34 -22.68 5.15
CA ASP B 149 -19.92 -22.14 6.37
C ASP B 149 -19.97 -23.13 7.54
N LEU B 150 -20.38 -24.38 7.27
CA LEU B 150 -20.46 -25.38 8.33
C LEU B 150 -19.08 -25.67 8.93
N THR B 151 -18.07 -25.71 8.08
CA THR B 151 -16.70 -26.02 8.47
C THR B 151 -16.17 -25.07 9.54
N LYS B 152 -16.62 -23.82 9.49
CA LYS B 152 -16.22 -22.82 10.47
C LYS B 152 -16.59 -23.22 11.90
N SER B 153 -17.76 -23.83 12.05
CA SER B 153 -18.22 -24.29 13.36
C SER B 153 -18.00 -25.78 13.57
N PHE B 154 -17.66 -26.51 12.51
CA PHE B 154 -17.34 -27.94 12.66
C PHE B 154 -15.93 -28.15 13.20
N MET B 155 -14.95 -27.50 12.57
CA MET B 155 -13.58 -27.56 13.03
C MET B 155 -13.34 -26.36 13.92
N SER B 156 -13.84 -26.44 15.16
CA SER B 156 -13.90 -25.28 16.06
C SER B 156 -13.69 -25.69 17.50
N VAL B 157 -13.22 -24.76 18.32
CA VAL B 157 -13.08 -25.04 19.75
C VAL B 157 -14.44 -25.15 20.43
N TYR B 158 -15.48 -24.66 19.77
CA TYR B 158 -16.83 -24.75 20.32
C TYR B 158 -17.49 -26.05 19.85
N ASN B 159 -16.67 -26.95 19.32
CA ASN B 159 -17.11 -28.28 18.93
C ASN B 159 -16.09 -29.34 19.37
N PRO B 160 -15.91 -29.51 20.69
CA PRO B 160 -14.87 -30.38 21.25
C PRO B 160 -15.13 -31.85 20.98
N THR B 161 -16.40 -32.21 20.79
CA THR B 161 -16.79 -33.59 20.57
C THR B 161 -16.48 -34.06 19.16
N GLY B 162 -16.25 -33.11 18.25
CA GLY B 162 -16.07 -33.43 16.83
C GLY B 162 -17.38 -33.81 16.16
N ALA B 163 -18.49 -33.39 16.77
CA ALA B 163 -19.81 -33.67 16.25
C ALA B 163 -19.94 -33.13 14.84
N GLU B 164 -20.28 -34.02 13.91
CA GLU B 164 -20.47 -33.67 12.51
C GLU B 164 -21.83 -33.01 12.30
N PRO B 165 -21.88 -31.96 11.48
CA PRO B 165 -23.12 -31.22 11.26
C PRO B 165 -24.24 -32.05 10.67
N ILE B 166 -25.44 -31.83 11.17
CA ILE B 166 -26.60 -32.63 10.81
C ILE B 166 -27.26 -32.06 9.56
N PRO B 167 -27.51 -32.94 8.55
CA PRO B 167 -28.19 -32.50 7.33
C PRO B 167 -29.68 -32.23 7.53
N GLN B 168 -30.32 -31.62 6.54
CA GLN B 168 -31.71 -31.23 6.67
C GLN B 168 -32.71 -32.22 6.07
N ASN B 169 -32.28 -32.98 5.06
CA ASN B 169 -33.15 -33.94 4.37
C ASN B 169 -32.38 -34.97 3.56
N LEU B 170 -33.03 -36.09 3.28
CA LEU B 170 -32.54 -37.03 2.27
C LEU B 170 -33.11 -36.68 0.90
N ILE B 171 -32.29 -36.84 -0.13
CA ILE B 171 -32.70 -36.55 -1.49
C ILE B 171 -32.39 -37.70 -2.46
N VAL B 172 -33.12 -37.74 -3.58
CA VAL B 172 -32.85 -38.66 -4.70
C VAL B 172 -32.82 -37.87 -5.98
N ASN B 173 -31.84 -38.18 -6.83
CA ASN B 173 -31.72 -37.48 -8.12
C ASN B 173 -31.93 -35.98 -7.95
N ASN B 174 -31.42 -35.44 -6.85
CA ASN B 174 -31.44 -34.02 -6.52
C ASN B 174 -32.81 -33.38 -6.40
N THR B 175 -33.75 -34.16 -5.89
CA THR B 175 -35.02 -33.63 -5.35
C THR B 175 -35.51 -34.53 -4.24
N MET B 176 -36.75 -34.29 -3.86
CA MET B 176 -37.49 -35.12 -2.93
C MET B 176 -38.77 -35.59 -3.59
N ASN B 177 -39.38 -36.60 -2.99
CA ASN B 177 -40.62 -37.22 -3.51
C ASN B 177 -40.66 -37.32 -5.04
N LEU B 178 -39.78 -38.17 -5.56
CA LEU B 178 -39.54 -38.35 -6.97
C LEU B 178 -40.48 -39.40 -7.55
N THR B 179 -40.79 -39.23 -8.82
CA THR B 179 -41.62 -40.19 -9.56
C THR B 179 -40.79 -41.10 -10.47
N TRP B 180 -41.04 -42.40 -10.39
CA TRP B 180 -40.47 -43.37 -11.29
C TRP B 180 -41.61 -44.11 -11.97
N GLU B 181 -41.87 -43.77 -13.23
CA GLU B 181 -42.97 -44.39 -14.00
C GLU B 181 -42.51 -45.69 -14.63
N VAL B 182 -43.18 -46.77 -14.28
CA VAL B 182 -42.75 -48.09 -14.70
C VAL B 182 -43.75 -48.76 -15.62
N GLN B 183 -43.30 -49.77 -16.36
CA GLN B 183 -44.19 -50.58 -17.19
C GLN B 183 -44.36 -51.96 -16.54
N PRO B 184 -45.57 -52.54 -16.67
CA PRO B 184 -45.77 -53.84 -16.02
C PRO B 184 -44.92 -54.96 -16.61
N ASP B 185 -44.63 -55.97 -15.80
CA ASP B 185 -43.89 -57.16 -16.25
C ASP B 185 -42.62 -56.81 -17.02
N THR B 186 -41.78 -56.02 -16.36
CA THR B 186 -40.56 -55.52 -16.95
C THR B 186 -39.42 -55.65 -15.94
N THR B 187 -38.27 -56.14 -16.41
CA THR B 187 -37.07 -56.23 -15.61
C THR B 187 -36.27 -54.95 -15.84
N TYR B 188 -36.08 -54.20 -14.75
CA TYR B 188 -35.29 -52.97 -14.73
C TYR B 188 -33.93 -53.20 -14.10
N LEU B 189 -32.86 -52.71 -14.74
CA LEU B 189 -31.55 -52.61 -14.10
C LEU B 189 -31.49 -51.29 -13.36
N LEU B 190 -31.46 -51.36 -12.04
CA LEU B 190 -31.49 -50.18 -11.21
C LEU B 190 -30.12 -49.96 -10.55
N ARG B 191 -29.44 -48.89 -10.96
CA ARG B 191 -28.15 -48.54 -10.35
C ARG B 191 -28.35 -47.60 -9.17
N ILE B 192 -28.18 -48.12 -7.96
CA ILE B 192 -28.38 -47.32 -6.76
C ILE B 192 -27.03 -46.84 -6.25
N VAL B 193 -26.85 -45.52 -6.21
CA VAL B 193 -25.56 -44.93 -5.83
C VAL B 193 -25.74 -43.95 -4.70
N ASN B 194 -25.01 -44.14 -3.61
CA ASN B 194 -25.02 -43.11 -2.54
C ASN B 194 -23.94 -42.04 -2.79
N VAL B 195 -24.36 -40.93 -3.39
CA VAL B 195 -23.44 -39.85 -3.73
C VAL B 195 -23.41 -38.82 -2.59
N GLY B 196 -23.76 -39.28 -1.40
CA GLY B 196 -23.80 -38.42 -0.24
C GLY B 196 -22.43 -38.15 0.30
N GLY B 197 -22.36 -37.23 1.26
CA GLY B 197 -21.08 -36.81 1.82
C GLY B 197 -20.92 -37.28 3.24
N PHE B 198 -22.01 -37.75 3.83
CA PHE B 198 -21.98 -38.13 5.25
C PHE B 198 -22.72 -39.43 5.50
N VAL B 199 -24.05 -39.38 5.46
CA VAL B 199 -24.86 -40.38 6.12
C VAL B 199 -25.15 -41.66 5.28
N SER B 200 -25.02 -42.84 5.87
CA SER B 200 -25.48 -44.09 5.22
C SER B 200 -26.99 -44.11 5.07
N GLN B 201 -27.50 -44.82 4.09
CA GLN B 201 -28.95 -44.92 3.94
C GLN B 201 -29.43 -46.36 3.80
N TYR B 202 -30.62 -46.61 4.34
CA TYR B 202 -31.29 -47.87 4.06
C TYR B 202 -32.18 -47.58 2.86
N PHE B 203 -32.29 -48.55 1.97
CA PHE B 203 -33.10 -48.36 0.77
C PHE B 203 -33.93 -49.60 0.49
N TRP B 204 -35.20 -49.40 0.20
CA TRP B 204 -36.08 -50.50 -0.22
C TRP B 204 -37.29 -50.02 -1.03
N ILE B 205 -37.93 -50.96 -1.72
CA ILE B 205 -39.13 -50.67 -2.49
C ILE B 205 -40.24 -51.53 -1.96
N GLU B 206 -41.32 -50.89 -1.55
CA GLU B 206 -42.53 -51.57 -1.07
C GLU B 206 -42.91 -52.72 -2.00
N ASP B 207 -43.06 -53.92 -1.42
CA ASP B 207 -43.55 -55.10 -2.12
C ASP B 207 -42.76 -55.52 -3.37
N HIS B 208 -41.51 -55.06 -3.49
CA HIS B 208 -40.67 -55.48 -4.59
C HIS B 208 -39.34 -55.97 -4.04
N GLU B 209 -38.93 -57.18 -4.43
CA GLU B 209 -37.64 -57.72 -4.05
C GLU B 209 -36.57 -57.13 -4.96
N MET B 210 -35.32 -57.13 -4.48
CA MET B 210 -34.18 -56.62 -5.25
C MET B 210 -33.10 -57.68 -5.43
N THR B 211 -32.70 -57.91 -6.67
CA THR B 211 -31.68 -58.89 -6.97
C THR B 211 -30.36 -58.17 -7.21
N VAL B 212 -29.43 -58.31 -6.27
CA VAL B 212 -28.15 -57.60 -6.36
C VAL B 212 -27.30 -58.31 -7.41
N VAL B 213 -26.77 -57.51 -8.34
CA VAL B 213 -26.01 -58.05 -9.46
C VAL B 213 -24.65 -57.37 -9.65
N GLU B 214 -24.39 -56.33 -8.88
CA GLU B 214 -23.10 -55.64 -8.95
C GLU B 214 -22.93 -54.82 -7.69
N ILE B 215 -21.71 -54.81 -7.15
CA ILE B 215 -21.29 -53.78 -6.19
C ILE B 215 -19.97 -53.12 -6.59
N ASP B 216 -19.89 -51.82 -6.45
CA ASP B 216 -18.68 -51.02 -6.78
C ASP B 216 -17.96 -51.46 -8.07
N GLY B 217 -18.71 -51.63 -9.17
CA GLY B 217 -18.10 -52.10 -10.42
C GLY B 217 -17.82 -53.59 -10.55
N ILE B 218 -18.02 -54.34 -9.47
CA ILE B 218 -17.75 -55.78 -9.46
C ILE B 218 -19.05 -56.59 -9.62
N THR B 219 -19.23 -57.23 -10.78
CA THR B 219 -20.42 -58.08 -10.99
C THR B 219 -20.49 -59.23 -9.98
N THR B 220 -21.68 -59.43 -9.43
CA THR B 220 -21.91 -60.47 -8.45
C THR B 220 -22.88 -61.55 -8.93
N GLU B 221 -22.88 -62.70 -8.24
CA GLU B 221 -23.93 -63.71 -8.42
C GLU B 221 -25.17 -63.16 -7.76
N LYS B 222 -26.33 -63.40 -8.39
CA LYS B 222 -27.61 -62.88 -7.92
C LYS B 222 -27.85 -63.13 -6.44
N ASN B 223 -28.13 -62.08 -5.68
CA ASN B 223 -28.53 -62.21 -4.29
C ASN B 223 -29.78 -61.36 -4.04
N VAL B 224 -30.87 -62.04 -3.69
CA VAL B 224 -32.14 -61.37 -3.45
C VAL B 224 -32.27 -60.84 -2.02
N THR B 225 -32.66 -59.58 -1.89
CA THR B 225 -33.07 -59.00 -0.60
C THR B 225 -34.30 -58.12 -0.68
N ASP B 226 -34.74 -57.69 0.49
CA ASP B 226 -35.80 -56.74 0.63
C ASP B 226 -35.20 -55.35 0.94
N MET B 227 -33.96 -55.31 1.41
CA MET B 227 -33.39 -54.06 1.88
C MET B 227 -31.87 -53.96 1.71
N LEU B 228 -31.39 -52.77 1.38
CA LEU B 228 -29.96 -52.50 1.26
C LEU B 228 -29.51 -51.50 2.30
N TYR B 229 -28.29 -51.65 2.78
CA TYR B 229 -27.63 -50.61 3.56
C TYR B 229 -26.49 -50.06 2.69
N ILE B 230 -26.61 -48.80 2.27
CA ILE B 230 -25.67 -48.23 1.32
C ILE B 230 -24.95 -47.06 1.97
N THR B 231 -23.63 -47.19 2.18
CA THR B 231 -22.84 -46.08 2.73
C THR B 231 -22.56 -45.09 1.63
N VAL B 232 -22.04 -43.91 1.97
CA VAL B 232 -21.64 -42.95 0.94
C VAL B 232 -20.58 -43.58 0.02
N ALA B 233 -20.67 -43.27 -1.26
CA ALA B 233 -19.68 -43.67 -2.26
C ALA B 233 -19.84 -45.10 -2.76
N GLN B 234 -20.64 -45.93 -2.09
CA GLN B 234 -20.82 -47.24 -2.66
C GLN B 234 -21.96 -47.31 -3.67
N ARG B 235 -21.89 -48.33 -4.53
CA ARG B 235 -22.90 -48.56 -5.57
C ARG B 235 -23.42 -49.98 -5.46
N TYR B 236 -24.74 -50.13 -5.35
CA TYR B 236 -25.39 -51.43 -5.54
C TYR B 236 -26.19 -51.34 -6.83
N THR B 237 -25.93 -52.25 -7.75
CA THR B 237 -26.73 -52.38 -8.97
C THR B 237 -27.63 -53.58 -8.78
N VAL B 238 -28.90 -53.39 -9.09
CA VAL B 238 -29.95 -54.27 -8.65
C VAL B 238 -30.94 -54.49 -9.78
N LEU B 239 -31.36 -55.76 -9.95
CA LEU B 239 -32.47 -56.09 -10.85
C LEU B 239 -33.79 -55.98 -10.10
N VAL B 240 -34.78 -55.38 -10.76
CA VAL B 240 -36.13 -55.26 -10.20
C VAL B 240 -37.13 -55.66 -11.26
N HIS B 241 -37.95 -56.66 -10.97
CA HIS B 241 -38.95 -57.07 -11.92
C HIS B 241 -40.32 -56.57 -11.47
N THR B 242 -40.99 -55.82 -12.34
CA THR B 242 -42.28 -55.21 -12.03
C THR B 242 -43.44 -56.20 -12.15
N LYS B 243 -44.52 -55.92 -11.43
CA LYS B 243 -45.68 -56.81 -11.37
C LYS B 243 -46.61 -56.67 -12.58
N ASN B 244 -47.58 -57.58 -12.67
CA ASN B 244 -48.52 -57.61 -13.79
C ASN B 244 -49.61 -56.56 -13.74
N ASP B 245 -49.91 -56.06 -12.54
CA ASP B 245 -50.99 -55.11 -12.33
C ASP B 245 -50.57 -53.66 -12.44
N THR B 246 -51.27 -52.90 -13.28
CA THR B 246 -51.11 -51.45 -13.37
C THR B 246 -52.14 -50.79 -12.44
N ASP B 247 -52.56 -51.51 -11.40
CA ASP B 247 -53.63 -51.04 -10.52
C ASP B 247 -53.15 -50.17 -9.36
N LYS B 248 -51.97 -50.47 -8.83
CA LYS B 248 -51.52 -49.86 -7.59
C LYS B 248 -50.15 -49.20 -7.75
N ASN B 249 -49.89 -48.16 -6.96
CA ASN B 249 -48.58 -47.52 -6.91
C ASN B 249 -47.82 -47.88 -5.64
N PHE B 250 -46.49 -47.87 -5.72
CA PHE B 250 -45.65 -48.37 -4.64
C PHE B 250 -44.60 -47.38 -4.18
N ALA B 251 -44.26 -47.45 -2.91
CA ALA B 251 -43.35 -46.49 -2.32
C ALA B 251 -41.89 -46.94 -2.49
N ILE B 252 -41.06 -46.02 -2.99
CA ILE B 252 -39.61 -46.14 -3.00
C ILE B 252 -39.14 -45.44 -1.75
N MET B 253 -38.51 -46.19 -0.85
CA MET B 253 -38.18 -45.67 0.47
C MET B 253 -36.69 -45.55 0.74
N GLN B 254 -36.29 -44.39 1.26
CA GLN B 254 -34.94 -44.18 1.76
C GLN B 254 -34.98 -43.66 3.21
N LYS B 255 -34.06 -44.16 4.03
CA LYS B 255 -34.05 -43.83 5.46
C LYS B 255 -32.65 -43.54 5.95
N PHE B 256 -32.52 -42.53 6.82
CA PHE B 256 -31.25 -42.18 7.46
C PHE B 256 -30.77 -43.33 8.32
N ASP B 257 -29.47 -43.53 8.39
CA ASP B 257 -28.88 -44.28 9.51
C ASP B 257 -28.60 -43.27 10.62
N ASP B 258 -29.60 -43.05 11.47
CA ASP B 258 -29.55 -41.97 12.45
C ASP B 258 -28.49 -42.21 13.52
N THR B 259 -27.99 -43.43 13.56
CA THR B 259 -26.89 -43.83 14.43
C THR B 259 -25.70 -42.92 14.23
N MET B 260 -25.50 -42.49 12.99
CA MET B 260 -24.35 -41.69 12.61
C MET B 260 -24.52 -40.23 13.03
N LEU B 261 -25.75 -39.82 13.32
CA LEU B 261 -26.07 -38.45 13.68
C LEU B 261 -25.77 -38.22 15.14
N ASP B 262 -25.13 -37.09 15.45
CA ASP B 262 -24.77 -36.77 16.82
C ASP B 262 -26.03 -36.67 17.68
N VAL B 263 -26.98 -35.85 17.23
CA VAL B 263 -28.31 -35.77 17.83
C VAL B 263 -29.34 -35.79 16.71
N ILE B 264 -30.57 -36.17 17.05
CA ILE B 264 -31.65 -36.19 16.07
C ILE B 264 -32.59 -35.00 16.32
N PRO B 265 -32.50 -33.97 15.47
CA PRO B 265 -33.44 -32.85 15.63
C PRO B 265 -34.88 -33.34 15.45
N SER B 266 -35.79 -32.83 16.27
CA SER B 266 -37.12 -33.43 16.34
C SER B 266 -37.99 -33.23 15.10
N ASP B 267 -37.57 -32.33 14.21
CA ASP B 267 -38.34 -32.05 13.00
C ASP B 267 -37.77 -32.71 11.76
N LEU B 268 -36.58 -33.31 11.89
CA LEU B 268 -35.91 -33.93 10.75
C LEU B 268 -36.67 -35.17 10.27
N GLN B 269 -37.12 -35.13 9.02
CA GLN B 269 -37.71 -36.30 8.39
C GLN B 269 -36.65 -37.39 8.20
N LEU B 270 -36.70 -38.40 9.07
CA LEU B 270 -35.70 -39.47 9.06
C LEU B 270 -35.87 -40.35 7.85
N ASN B 271 -37.11 -40.54 7.44
CA ASN B 271 -37.38 -41.36 6.27
C ASN B 271 -38.15 -40.63 5.20
N ALA B 272 -37.74 -40.85 3.95
CA ALA B 272 -38.26 -40.14 2.79
C ALA B 272 -38.93 -41.09 1.81
N THR B 273 -40.08 -40.67 1.27
CA THR B 273 -40.89 -41.48 0.38
C THR B 273 -40.88 -40.92 -1.04
N SER B 274 -40.55 -41.79 -1.99
CA SER B 274 -40.71 -41.50 -3.41
C SER B 274 -41.68 -42.51 -4.03
N TYR B 275 -41.95 -42.37 -5.32
CA TYR B 275 -43.06 -43.10 -5.89
C TYR B 275 -42.71 -43.95 -7.11
N MET B 276 -42.95 -45.25 -6.98
CA MET B 276 -42.92 -46.15 -8.10
C MET B 276 -44.34 -46.17 -8.66
N VAL B 277 -44.51 -45.55 -9.83
CA VAL B 277 -45.83 -45.32 -10.39
C VAL B 277 -46.15 -46.27 -11.56
N TYR B 278 -47.10 -47.17 -11.32
CA TYR B 278 -47.65 -48.05 -12.35
C TYR B 278 -48.80 -47.33 -13.05
N ASN B 279 -49.55 -46.56 -12.28
CA ASN B 279 -50.75 -45.88 -12.77
C ASN B 279 -50.66 -44.40 -12.46
N LYS B 280 -50.56 -43.59 -13.51
CA LYS B 280 -50.37 -42.14 -13.37
C LYS B 280 -51.55 -41.45 -12.68
N THR B 281 -52.70 -42.11 -12.66
CA THR B 281 -53.92 -41.50 -12.14
C THR B 281 -54.32 -42.02 -10.76
N ALA B 282 -53.71 -43.12 -10.33
CA ALA B 282 -54.03 -43.70 -9.03
C ALA B 282 -53.44 -42.90 -7.87
N ALA B 283 -53.69 -43.36 -6.65
CA ALA B 283 -53.24 -42.67 -5.44
C ALA B 283 -51.73 -42.77 -5.30
N LEU B 284 -51.08 -41.64 -5.04
CA LEU B 284 -49.64 -41.62 -4.75
C LEU B 284 -49.41 -42.41 -3.47
N PRO B 285 -48.37 -43.27 -3.46
CA PRO B 285 -48.14 -44.11 -2.30
C PRO B 285 -47.78 -43.32 -1.04
N THR B 286 -48.30 -43.78 0.08
CA THR B 286 -47.92 -43.31 1.41
C THR B 286 -46.64 -44.02 1.84
N GLN B 287 -46.03 -43.58 2.93
CA GLN B 287 -44.81 -44.19 3.45
C GLN B 287 -45.00 -45.68 3.71
N ASN B 288 -44.01 -46.48 3.30
CA ASN B 288 -44.01 -47.89 3.62
C ASN B 288 -43.28 -48.16 4.92
N TYR B 289 -44.06 -48.53 5.94
CA TYR B 289 -43.52 -48.85 7.25
C TYR B 289 -42.88 -50.20 7.22
N VAL B 290 -41.68 -50.28 7.78
CA VAL B 290 -40.96 -51.52 7.79
C VAL B 290 -40.75 -51.96 9.23
N ASP B 291 -40.79 -53.28 9.41
CA ASP B 291 -40.79 -53.88 10.72
C ASP B 291 -39.41 -53.90 11.41
N SER B 292 -38.36 -53.95 10.60
CA SER B 292 -36.99 -53.98 11.11
C SER B 292 -35.99 -53.42 10.10
N ILE B 293 -34.97 -52.72 10.59
CA ILE B 293 -33.93 -52.22 9.72
C ILE B 293 -32.62 -52.99 9.97
N ASP B 294 -32.78 -54.21 10.47
CA ASP B 294 -31.64 -55.03 10.88
C ASP B 294 -31.42 -56.21 9.93
N ASN B 295 -32.23 -56.30 8.89
CA ASN B 295 -32.18 -57.45 7.99
C ASN B 295 -31.74 -57.16 6.58
N PHE B 296 -31.11 -56.00 6.40
CA PHE B 296 -30.54 -55.61 5.12
C PHE B 296 -29.41 -56.58 4.74
N LEU B 297 -29.12 -56.66 3.45
CA LEU B 297 -28.05 -57.50 2.93
C LEU B 297 -26.69 -57.13 3.51
N ASP B 298 -25.99 -58.12 4.06
CA ASP B 298 -24.58 -57.94 4.45
C ASP B 298 -23.70 -58.25 3.24
N ASP B 299 -23.18 -57.20 2.63
CA ASP B 299 -22.42 -57.28 1.38
C ASP B 299 -21.15 -58.13 1.49
N PHE B 300 -20.73 -58.43 2.72
CA PHE B 300 -19.59 -59.31 2.96
C PHE B 300 -19.78 -60.71 2.35
N TYR B 301 -21.02 -61.16 2.22
CA TYR B 301 -21.30 -62.49 1.71
C TYR B 301 -21.64 -62.52 0.23
N LEU B 302 -21.55 -61.37 -0.43
CA LEU B 302 -21.72 -61.31 -1.88
C LEU B 302 -20.61 -62.08 -2.60
N GLN B 303 -20.95 -62.65 -3.75
CA GLN B 303 -20.02 -63.56 -4.44
C GLN B 303 -19.74 -63.07 -5.85
N PRO B 304 -18.53 -62.51 -6.07
CA PRO B 304 -18.07 -62.02 -7.38
C PRO B 304 -18.32 -63.02 -8.50
N TYR B 305 -18.79 -62.54 -9.65
CA TYR B 305 -19.04 -63.40 -10.81
C TYR B 305 -17.74 -63.94 -11.35
N GLU B 306 -16.70 -63.10 -11.39
CA GLU B 306 -15.32 -63.51 -11.66
C GLU B 306 -14.68 -63.91 -10.32
N LYS B 307 -14.68 -65.20 -10.03
CA LYS B 307 -14.08 -65.72 -8.81
C LYS B 307 -12.58 -65.47 -8.76
N GLU B 308 -12.10 -64.94 -7.64
CA GLU B 308 -10.67 -64.91 -7.36
C GLU B 308 -10.44 -65.44 -5.95
N ALA B 309 -9.58 -66.45 -5.82
CA ALA B 309 -9.29 -67.00 -4.51
C ALA B 309 -8.61 -65.96 -3.62
N ILE B 310 -8.83 -66.07 -2.30
CA ILE B 310 -8.17 -65.22 -1.32
C ILE B 310 -6.66 -65.19 -1.58
N TYR B 311 -6.07 -64.00 -1.53
CA TYR B 311 -4.65 -63.88 -1.76
C TYR B 311 -3.88 -64.56 -0.65
N GLY B 312 -2.70 -65.08 -0.97
CA GLY B 312 -1.84 -65.77 0.01
C GLY B 312 -1.31 -64.85 1.09
N GLU B 313 -0.49 -65.39 1.97
CA GLU B 313 0.07 -64.61 3.08
C GLU B 313 0.61 -63.26 2.64
N PRO B 314 0.15 -62.18 3.28
CA PRO B 314 0.55 -60.80 3.00
C PRO B 314 2.03 -60.53 3.15
N ASP B 315 2.61 -59.85 2.16
CA ASP B 315 4.01 -59.41 2.19
C ASP B 315 4.17 -58.15 3.03
N HIS B 316 3.09 -57.40 3.14
CA HIS B 316 3.11 -56.08 3.77
C HIS B 316 1.80 -55.91 4.55
N VAL B 317 1.92 -55.77 5.86
CA VAL B 317 0.74 -55.57 6.70
C VAL B 317 0.75 -54.16 7.25
N ILE B 318 -0.31 -53.42 6.96
CA ILE B 318 -0.50 -52.08 7.49
C ILE B 318 -1.63 -52.14 8.53
N THR B 319 -1.28 -51.87 9.79
CA THR B 319 -2.28 -51.88 10.87
C THR B 319 -2.54 -50.46 11.39
N VAL B 320 -3.77 -50.02 11.27
CA VAL B 320 -4.10 -48.67 11.70
C VAL B 320 -5.30 -48.66 12.63
N ASP B 321 -5.19 -47.86 13.70
CA ASP B 321 -6.26 -47.66 14.63
C ASP B 321 -6.92 -46.32 14.33
N VAL B 322 -8.25 -46.32 14.31
CA VAL B 322 -9.02 -45.14 14.01
C VAL B 322 -9.61 -44.52 15.27
N VAL B 323 -9.29 -43.27 15.54
CA VAL B 323 -9.89 -42.56 16.66
C VAL B 323 -9.98 -41.05 16.39
N MET B 324 -10.93 -40.39 17.06
CA MET B 324 -10.99 -38.94 17.10
C MET B 324 -10.41 -38.45 18.40
N ASP B 325 -9.65 -37.36 18.33
CA ASP B 325 -9.09 -36.73 19.55
C ASP B 325 -8.81 -35.23 19.35
N ASN B 326 -8.73 -34.50 20.45
CA ASN B 326 -8.45 -33.06 20.44
C ASN B 326 -6.96 -32.76 20.46
N LEU B 327 -6.56 -31.75 19.71
CA LEU B 327 -5.17 -31.29 19.72
C LEU B 327 -4.97 -29.93 20.44
N LYS B 328 -3.72 -29.46 20.46
CA LYS B 328 -3.32 -28.23 21.14
C LYS B 328 -4.19 -27.02 20.81
N ASN B 329 -4.67 -26.95 19.57
CA ASN B 329 -5.51 -25.83 19.15
C ASN B 329 -6.96 -25.96 19.62
N GLY B 330 -7.26 -27.05 20.33
CA GLY B 330 -8.58 -27.27 20.90
C GLY B 330 -9.61 -27.92 19.97
N VAL B 331 -9.27 -28.08 18.70
CA VAL B 331 -10.22 -28.66 17.75
C VAL B 331 -10.04 -30.19 17.66
N ASN B 332 -11.09 -30.86 17.19
CA ASN B 332 -11.15 -32.30 17.16
C ASN B 332 -10.73 -32.87 15.80
N TYR B 333 -9.64 -33.64 15.81
CA TYR B 333 -9.13 -34.28 14.59
C TYR B 333 -9.37 -35.80 14.54
N ALA B 334 -9.19 -36.37 13.35
CA ALA B 334 -9.28 -37.81 13.15
C ALA B 334 -7.88 -38.37 12.93
N PHE B 335 -7.65 -39.57 13.46
CA PHE B 335 -6.32 -40.14 13.43
C PHE B 335 -6.28 -41.57 12.88
N PHE B 336 -5.29 -41.81 12.03
CA PHE B 336 -4.84 -43.16 11.73
C PHE B 336 -3.61 -43.36 12.60
N ASN B 337 -3.68 -44.31 13.53
CA ASN B 337 -2.72 -44.43 14.63
C ASN B 337 -2.56 -43.10 15.32
N ASN B 338 -1.37 -42.50 15.23
CA ASN B 338 -1.17 -41.19 15.85
C ASN B 338 -1.00 -40.05 14.86
N ILE B 339 -1.52 -40.21 13.65
CA ILE B 339 -1.34 -39.24 12.58
C ILE B 339 -2.67 -38.76 11.98
N THR B 340 -2.85 -37.44 11.93
CA THR B 340 -3.89 -36.81 11.12
C THR B 340 -3.24 -36.42 9.82
N TYR B 341 -3.87 -36.78 8.70
CA TYR B 341 -3.29 -36.40 7.41
C TYR B 341 -3.14 -34.90 7.31
N THR B 342 -1.92 -34.46 7.04
CA THR B 342 -1.62 -33.06 6.82
C THR B 342 -0.91 -32.91 5.48
N ALA B 343 -1.61 -32.32 4.51
CA ALA B 343 -1.10 -32.11 3.15
C ALA B 343 0.33 -31.54 3.08
N PRO B 344 1.19 -32.12 2.23
CA PRO B 344 2.55 -31.64 2.04
C PRO B 344 2.67 -30.40 1.16
N LYS B 345 3.85 -29.80 1.09
CA LYS B 345 4.07 -28.62 0.27
C LYS B 345 4.19 -28.94 -1.23
N VAL B 346 4.42 -30.21 -1.55
CA VAL B 346 4.55 -30.70 -2.92
C VAL B 346 3.78 -32.02 -3.03
N PRO B 347 2.90 -32.13 -4.06
CA PRO B 347 2.07 -33.32 -4.23
C PRO B 347 2.92 -34.58 -4.28
N THR B 348 2.44 -35.64 -3.61
CA THR B 348 3.17 -36.91 -3.54
C THR B 348 3.76 -37.32 -4.89
N LEU B 349 2.89 -37.44 -5.91
CA LEU B 349 3.33 -37.87 -7.25
C LEU B 349 4.44 -37.00 -7.82
N MET B 350 4.32 -35.69 -7.64
CA MET B 350 5.33 -34.77 -8.15
C MET B 350 6.71 -35.03 -7.54
N THR B 351 6.74 -35.51 -6.29
CA THR B 351 8.05 -35.81 -5.69
C THR B 351 8.61 -37.15 -6.15
N VAL B 352 7.75 -38.15 -6.30
CA VAL B 352 8.19 -39.44 -6.89
C VAL B 352 8.74 -39.28 -8.32
N LEU B 353 8.13 -38.37 -9.09
CA LEU B 353 8.57 -38.13 -10.46
C LEU B 353 9.81 -37.23 -10.57
N SER B 354 10.36 -36.80 -9.43
CA SER B 354 11.55 -35.95 -9.46
C SER B 354 12.57 -36.28 -8.37
N SER B 355 12.39 -37.41 -7.71
CA SER B 355 13.32 -37.86 -6.66
C SER B 355 14.33 -38.88 -7.19
N GLY B 356 14.13 -39.33 -8.43
CA GLY B 356 14.98 -40.32 -9.07
C GLY B 356 15.04 -41.64 -8.32
N ASP B 357 16.25 -41.99 -7.89
CA ASP B 357 16.54 -43.27 -7.24
C ASP B 357 16.17 -43.29 -5.76
N GLN B 358 15.72 -42.15 -5.23
CA GLN B 358 15.42 -42.02 -3.80
C GLN B 358 13.92 -42.19 -3.49
N ALA B 359 13.16 -42.56 -4.51
CA ALA B 359 11.72 -42.71 -4.37
C ALA B 359 11.32 -43.90 -3.50
N ASN B 360 12.26 -44.79 -3.22
CA ASN B 360 12.00 -45.97 -2.40
C ASN B 360 12.15 -45.66 -0.91
N ASN B 361 12.76 -44.53 -0.61
CA ASN B 361 12.96 -44.07 0.77
C ASN B 361 11.72 -43.34 1.28
N SER B 362 11.03 -43.93 2.26
CA SER B 362 9.75 -43.40 2.74
C SER B 362 9.87 -42.01 3.38
N GLU B 363 11.06 -41.70 3.89
CA GLU B 363 11.32 -40.48 4.64
C GLU B 363 11.01 -39.23 3.82
N ILE B 364 11.26 -39.29 2.51
CA ILE B 364 11.17 -38.11 1.63
C ILE B 364 9.75 -37.63 1.39
N TYR B 365 8.78 -38.49 1.67
CA TYR B 365 7.38 -38.17 1.43
C TYR B 365 6.74 -37.47 2.63
N GLY B 366 7.47 -37.38 3.74
CA GLY B 366 7.01 -36.67 4.92
C GLY B 366 6.62 -37.55 6.08
N SER B 367 6.58 -36.96 7.26
CA SER B 367 6.27 -37.67 8.49
C SER B 367 4.79 -37.53 8.85
N ASN B 368 4.18 -36.44 8.41
CA ASN B 368 2.81 -36.14 8.82
C ASN B 368 1.84 -36.32 7.67
N THR B 369 2.24 -37.21 6.77
CA THR B 369 1.49 -37.40 5.56
C THR B 369 0.96 -38.84 5.51
N HIS B 370 1.41 -39.64 6.46
CA HIS B 370 1.11 -41.06 6.57
C HIS B 370 1.27 -41.85 5.29
N THR B 371 2.50 -41.85 4.76
CA THR B 371 2.79 -42.49 3.50
C THR B 371 3.45 -43.85 3.68
N PHE B 372 2.95 -44.84 2.94
CA PHE B 372 3.54 -46.18 2.91
C PHE B 372 4.01 -46.49 1.51
N ILE B 373 5.12 -47.20 1.40
CA ILE B 373 5.62 -47.62 0.10
C ILE B 373 5.34 -49.11 -0.13
N LEU B 374 4.72 -49.43 -1.26
CA LEU B 374 4.40 -50.81 -1.56
C LEU B 374 5.29 -51.34 -2.68
N GLU B 375 5.71 -52.59 -2.55
CA GLU B 375 6.69 -53.19 -3.46
C GLU B 375 6.08 -53.80 -4.72
N LYS B 376 6.93 -53.97 -5.73
CA LYS B 376 6.54 -54.31 -7.12
C LYS B 376 5.24 -55.08 -7.29
N ASP B 377 5.11 -56.27 -6.74
CA ASP B 377 3.85 -57.00 -6.88
C ASP B 377 3.29 -57.58 -5.59
N GLU B 378 3.74 -57.01 -4.47
CA GLU B 378 3.50 -57.63 -3.17
C GLU B 378 2.02 -57.68 -2.82
N ILE B 379 1.67 -58.66 -2.00
CA ILE B 379 0.33 -58.72 -1.45
C ILE B 379 0.26 -57.86 -0.18
N VAL B 380 -0.61 -56.85 -0.22
CA VAL B 380 -0.79 -55.88 0.86
C VAL B 380 -2.07 -56.16 1.64
N GLU B 381 -1.97 -56.11 2.97
CA GLU B 381 -3.11 -56.25 3.85
C GLU B 381 -3.25 -55.01 4.72
N ILE B 382 -4.44 -54.40 4.67
CA ILE B 382 -4.76 -53.32 5.58
C ILE B 382 -5.63 -53.85 6.71
N VAL B 383 -5.14 -53.66 7.93
CA VAL B 383 -5.90 -54.01 9.12
C VAL B 383 -6.35 -52.72 9.79
N LEU B 384 -7.66 -52.57 9.90
CA LEU B 384 -8.23 -51.35 10.43
C LEU B 384 -8.98 -51.65 11.70
N ASN B 385 -8.55 -51.03 12.80
CA ASN B 385 -9.20 -51.17 14.08
C ASN B 385 -9.91 -49.89 14.53
N ASN B 386 -11.24 -49.92 14.51
CA ASN B 386 -12.07 -48.80 14.93
C ASN B 386 -12.11 -48.62 16.43
N GLN B 387 -11.52 -47.52 16.90
CA GLN B 387 -11.52 -47.22 18.34
C GLN B 387 -12.62 -46.20 18.63
N ASP B 388 -13.30 -45.78 17.59
CA ASP B 388 -14.37 -44.79 17.63
C ASP B 388 -15.72 -45.53 17.64
N THR B 389 -16.76 -44.89 18.20
CA THR B 389 -18.04 -45.58 18.36
C THR B 389 -18.96 -45.44 17.16
N GLY B 390 -18.42 -44.95 16.05
CA GLY B 390 -19.22 -44.74 14.82
C GLY B 390 -18.90 -45.68 13.67
N THR B 391 -19.72 -45.62 12.62
CA THR B 391 -19.53 -46.39 11.41
C THR B 391 -18.81 -45.51 10.42
N HIS B 392 -17.80 -46.05 9.75
CA HIS B 392 -17.07 -45.32 8.74
C HIS B 392 -16.93 -46.16 7.47
N PRO B 393 -17.26 -45.56 6.32
CA PRO B 393 -16.97 -46.17 5.05
C PRO B 393 -15.60 -45.75 4.54
N PHE B 394 -14.64 -46.66 4.59
CA PHE B 394 -13.34 -46.38 4.03
C PHE B 394 -13.27 -46.78 2.59
N HIS B 395 -12.53 -45.98 1.84
CA HIS B 395 -12.41 -46.18 0.41
C HIS B 395 -10.95 -46.18 -0.01
N LEU B 396 -10.62 -47.04 -0.96
CA LEU B 396 -9.26 -47.16 -1.45
C LEU B 396 -9.17 -46.81 -2.93
N HIS B 397 -8.35 -45.83 -3.26
CA HIS B 397 -8.13 -45.45 -4.66
C HIS B 397 -7.29 -46.51 -5.38
N GLY B 398 -7.49 -46.64 -6.69
CA GLY B 398 -6.64 -47.50 -7.51
C GLY B 398 -6.90 -49.00 -7.51
N HIS B 399 -7.74 -49.49 -6.60
CA HIS B 399 -7.97 -50.91 -6.47
C HIS B 399 -9.40 -51.24 -6.07
N ALA B 400 -9.84 -52.45 -6.39
CA ALA B 400 -10.94 -53.07 -5.69
C ALA B 400 -10.32 -54.16 -4.81
N PHE B 401 -10.49 -54.04 -3.49
CA PHE B 401 -9.86 -54.99 -2.56
C PHE B 401 -10.72 -56.21 -2.22
N GLN B 402 -10.06 -57.22 -1.67
CA GLN B 402 -10.75 -58.38 -1.12
C GLN B 402 -11.09 -58.11 0.34
N THR B 403 -12.35 -58.25 0.68
CA THR B 403 -12.83 -58.12 2.05
C THR B 403 -12.80 -59.49 2.74
N ILE B 404 -11.82 -59.69 3.62
CA ILE B 404 -11.61 -61.00 4.20
C ILE B 404 -12.14 -61.12 5.64
N GLN B 405 -12.22 -59.99 6.34
CA GLN B 405 -12.89 -59.92 7.64
C GLN B 405 -13.50 -58.56 7.86
N ARG B 406 -14.71 -58.54 8.40
CA ARG B 406 -15.36 -57.31 8.83
C ARG B 406 -16.24 -57.63 10.05
N ASP B 407 -15.67 -57.48 11.23
CA ASP B 407 -16.28 -57.93 12.49
C ASP B 407 -17.63 -57.24 12.81
N ARG B 408 -18.39 -57.83 13.74
CA ARG B 408 -19.72 -57.34 14.16
C ARG B 408 -19.66 -55.99 14.88
N THR B 409 -20.83 -55.37 15.09
CA THR B 409 -20.92 -54.18 15.91
C THR B 409 -20.56 -54.50 17.37
N TYR B 410 -19.72 -53.66 17.96
CA TYR B 410 -19.48 -53.68 19.40
C TYR B 410 -20.11 -52.43 20.03
N ASP B 411 -21.34 -52.61 20.55
CA ASP B 411 -22.21 -51.52 20.95
C ASP B 411 -21.84 -50.99 22.33
N ASP B 412 -21.40 -49.74 22.39
CA ASP B 412 -20.91 -49.18 23.66
C ASP B 412 -22.07 -48.81 24.59
N ALA B 413 -23.26 -48.65 24.02
CA ALA B 413 -24.50 -48.45 24.80
C ALA B 413 -24.86 -49.70 25.60
N LEU B 414 -24.46 -50.87 25.11
CA LEU B 414 -24.56 -52.12 25.87
C LEU B 414 -23.33 -52.38 26.72
N GLY B 415 -22.38 -51.45 26.69
CA GLY B 415 -21.19 -51.52 27.56
C GLY B 415 -19.98 -52.17 26.95
N GLU B 416 -20.04 -52.49 25.66
CA GLU B 416 -18.93 -53.17 24.99
C GLU B 416 -17.83 -52.22 24.56
N VAL B 417 -16.60 -52.72 24.60
CA VAL B 417 -15.39 -51.98 24.27
C VAL B 417 -14.92 -52.34 22.86
N PRO B 418 -13.97 -51.55 22.29
CA PRO B 418 -13.46 -51.86 20.95
C PRO B 418 -12.62 -53.14 20.93
N HIS B 419 -12.70 -53.85 19.81
CA HIS B 419 -11.95 -55.09 19.61
C HIS B 419 -11.14 -55.01 18.33
N SER B 420 -9.82 -55.21 18.44
CA SER B 420 -8.94 -55.23 17.27
C SER B 420 -8.98 -56.58 16.57
N PHE B 421 -8.54 -56.60 15.33
CA PHE B 421 -8.26 -57.84 14.61
C PHE B 421 -7.07 -58.50 15.29
N ASP B 422 -7.20 -59.79 15.54
CA ASP B 422 -6.11 -60.57 16.12
C ASP B 422 -5.67 -61.64 15.13
N PRO B 423 -4.45 -61.53 14.59
CA PRO B 423 -3.94 -62.51 13.63
C PRO B 423 -3.87 -63.91 14.21
N ASP B 424 -3.81 -64.00 15.53
CA ASP B 424 -3.78 -65.28 16.22
C ASP B 424 -5.17 -65.84 16.50
N ASN B 425 -6.18 -64.98 16.47
CA ASN B 425 -7.52 -65.34 16.87
C ASN B 425 -8.60 -64.64 16.05
N HIS B 426 -9.12 -65.33 15.06
CA HIS B 426 -10.17 -64.79 14.19
C HIS B 426 -10.89 -65.92 13.48
N PRO B 427 -12.14 -65.68 13.03
CA PRO B 427 -12.85 -66.69 12.23
C PRO B 427 -12.08 -66.99 10.96
N ALA B 428 -12.32 -68.14 10.36
CA ALA B 428 -11.69 -68.51 9.10
C ALA B 428 -12.14 -67.54 8.03
N PHE B 429 -11.20 -66.99 7.27
CA PHE B 429 -11.51 -66.09 6.15
C PHE B 429 -12.24 -66.85 5.05
N PRO B 430 -12.97 -66.13 4.19
CA PRO B 430 -13.63 -66.78 3.04
C PRO B 430 -12.60 -67.28 2.02
N GLU B 431 -12.96 -68.34 1.29
CA GLU B 431 -12.14 -68.90 0.22
C GLU B 431 -12.10 -67.99 -1.00
N TYR B 432 -13.26 -67.38 -1.31
CA TYR B 432 -13.42 -66.50 -2.45
C TYR B 432 -14.05 -65.20 -1.98
N PRO B 433 -13.24 -64.29 -1.44
CA PRO B 433 -13.73 -63.10 -0.77
C PRO B 433 -14.50 -62.18 -1.71
N MET B 434 -15.42 -61.40 -1.15
CA MET B 434 -16.09 -60.32 -1.87
C MET B 434 -15.04 -59.24 -2.20
N ARG B 435 -15.32 -58.46 -3.25
CA ARG B 435 -14.44 -57.37 -3.69
C ARG B 435 -15.22 -56.10 -3.93
N ARG B 436 -14.66 -54.97 -3.49
CA ARG B 436 -15.27 -53.66 -3.74
C ARG B 436 -14.27 -52.55 -3.42
N ASP B 437 -14.66 -51.29 -3.60
CA ASP B 437 -13.73 -50.18 -3.34
C ASP B 437 -14.07 -49.36 -2.11
N THR B 438 -15.23 -49.62 -1.52
CA THR B 438 -15.64 -48.86 -0.34
C THR B 438 -16.36 -49.82 0.61
N LEU B 439 -15.94 -49.80 1.86
CA LEU B 439 -16.30 -50.77 2.86
C LEU B 439 -16.37 -50.09 4.23
N TYR B 440 -17.45 -50.33 4.96
CA TYR B 440 -17.63 -49.79 6.32
C TYR B 440 -17.11 -50.71 7.43
N VAL B 441 -16.50 -50.11 8.45
CA VAL B 441 -16.24 -50.75 9.73
C VAL B 441 -17.44 -50.47 10.57
N ARG B 442 -17.81 -51.43 11.40
CA ARG B 442 -18.91 -51.21 12.32
C ARG B 442 -18.39 -50.51 13.58
N PRO B 443 -19.29 -49.90 14.36
CA PRO B 443 -18.88 -49.23 15.58
C PRO B 443 -17.96 -50.09 16.44
N GLN B 444 -16.82 -49.52 16.81
CA GLN B 444 -15.84 -50.13 17.73
C GLN B 444 -15.32 -51.48 17.24
N SER B 445 -15.41 -51.74 15.94
CA SER B 445 -15.03 -53.04 15.41
C SER B 445 -13.77 -53.00 14.55
N ASN B 446 -13.67 -53.91 13.59
CA ASN B 446 -12.48 -54.03 12.76
C ASN B 446 -12.79 -54.59 11.39
N PHE B 447 -11.87 -54.37 10.46
CA PHE B 447 -11.90 -55.08 9.19
C PHE B 447 -10.49 -55.36 8.65
N VAL B 448 -10.42 -56.32 7.73
CA VAL B 448 -9.18 -56.69 7.08
C VAL B 448 -9.45 -56.83 5.59
N ILE B 449 -8.68 -56.08 4.80
CA ILE B 449 -8.77 -56.14 3.36
C ILE B 449 -7.41 -56.50 2.81
N ARG B 450 -7.41 -57.17 1.66
CA ARG B 450 -6.17 -57.50 0.96
C ARG B 450 -6.28 -57.20 -0.53
N PHE B 451 -5.16 -56.81 -1.10
CA PHE B 451 -5.05 -56.54 -2.53
C PHE B 451 -3.61 -56.68 -3.01
N LYS B 452 -3.43 -56.87 -4.31
CA LYS B 452 -2.11 -56.99 -4.90
C LYS B 452 -1.63 -55.62 -5.38
N ALA B 453 -0.39 -55.27 -5.07
CA ALA B 453 0.17 -54.02 -5.59
C ALA B 453 0.62 -54.22 -7.03
N ASP B 454 -0.35 -54.23 -7.94
CA ASP B 454 -0.08 -54.44 -9.35
C ASP B 454 -0.48 -53.21 -10.17
N ASN B 455 -0.64 -52.09 -9.47
CA ASN B 455 -1.06 -50.87 -10.11
C ASN B 455 -0.22 -49.67 -9.66
N PRO B 456 1.00 -49.55 -10.19
CA PRO B 456 1.86 -48.41 -9.87
C PRO B 456 1.10 -47.09 -9.82
N GLY B 457 1.18 -46.40 -8.69
CA GLY B 457 0.49 -45.13 -8.51
C GLY B 457 0.57 -44.59 -7.09
N VAL B 458 -0.14 -43.50 -6.85
CA VAL B 458 -0.20 -42.87 -5.54
C VAL B 458 -1.66 -42.89 -5.16
N TRP B 459 -2.01 -43.66 -4.13
CA TRP B 459 -3.42 -43.94 -3.81
C TRP B 459 -3.83 -43.54 -2.40
N PHE B 460 -4.92 -42.79 -2.31
CA PHE B 460 -5.45 -42.32 -1.04
C PHE B 460 -6.28 -43.43 -0.39
N PHE B 461 -6.02 -43.69 0.89
CA PHE B 461 -6.89 -44.56 1.66
C PHE B 461 -7.49 -43.74 2.80
N HIS B 462 -8.81 -43.54 2.76
CA HIS B 462 -9.46 -42.62 3.69
C HIS B 462 -10.93 -42.93 3.92
N CYS B 463 -11.48 -42.32 4.96
CA CYS B 463 -12.90 -42.32 5.19
C CYS B 463 -13.58 -41.39 4.21
N HIS B 464 -14.66 -41.86 3.61
CA HIS B 464 -15.38 -41.10 2.59
C HIS B 464 -16.42 -40.17 3.18
N ILE B 465 -16.50 -40.11 4.50
CA ILE B 465 -17.35 -39.12 5.14
C ILE B 465 -16.60 -37.80 5.07
N GLU B 466 -17.11 -36.88 4.26
CA GLU B 466 -16.46 -35.61 4.06
C GLU B 466 -15.94 -34.89 5.32
N TRP B 467 -16.75 -34.90 6.37
CA TRP B 467 -16.35 -34.33 7.65
C TRP B 467 -15.11 -34.99 8.22
N HIS B 468 -15.02 -36.32 8.10
CA HIS B 468 -13.90 -37.04 8.68
C HIS B 468 -12.63 -36.87 7.86
N LEU B 469 -12.78 -36.80 6.54
CA LEU B 469 -11.64 -36.51 5.69
C LEU B 469 -11.11 -35.09 5.99
N LEU B 470 -12.00 -34.16 6.27
CA LEU B 470 -11.62 -32.82 6.72
C LEU B 470 -10.88 -32.88 8.04
N GLN B 471 -11.28 -33.81 8.91
CA GLN B 471 -10.58 -34.05 10.17
C GLN B 471 -9.25 -34.78 9.98
N GLY B 472 -8.94 -35.16 8.74
CA GLY B 472 -7.69 -35.83 8.39
C GLY B 472 -7.62 -37.35 8.47
N LEU B 473 -8.74 -38.06 8.36
CA LEU B 473 -8.73 -39.50 8.42
C LEU B 473 -8.31 -40.09 7.07
N GLY B 474 -7.02 -40.01 6.76
CA GLY B 474 -6.50 -40.51 5.48
C GLY B 474 -5.04 -40.86 5.52
N LEU B 475 -4.61 -41.73 4.62
CA LEU B 475 -3.22 -42.15 4.54
C LEU B 475 -2.89 -42.42 3.08
N VAL B 476 -1.61 -42.34 2.73
CA VAL B 476 -1.20 -42.36 1.33
C VAL B 476 -0.35 -43.59 1.01
N LEU B 477 -0.73 -44.28 -0.05
CA LEU B 477 -0.02 -45.46 -0.52
C LEU B 477 0.72 -45.14 -1.80
N VAL B 478 2.03 -45.37 -1.80
CA VAL B 478 2.83 -45.22 -3.00
C VAL B 478 3.20 -46.61 -3.51
N GLU B 479 2.58 -47.03 -4.61
CA GLU B 479 2.85 -48.33 -5.20
C GLU B 479 4.02 -48.29 -6.17
N ASP B 480 4.93 -49.25 -6.01
CA ASP B 480 6.28 -49.20 -6.58
C ASP B 480 6.58 -47.93 -7.36
N PRO B 481 7.08 -46.90 -6.66
CA PRO B 481 7.42 -45.62 -7.27
C PRO B 481 8.35 -45.79 -8.48
N PHE B 482 9.14 -46.85 -8.53
CA PHE B 482 10.00 -47.09 -9.70
C PHE B 482 9.18 -47.52 -10.91
N GLY B 483 8.13 -48.31 -10.67
CA GLY B 483 7.15 -48.64 -11.72
C GLY B 483 6.49 -47.39 -12.29
N ILE B 484 6.19 -46.44 -11.41
CA ILE B 484 5.63 -45.15 -11.80
C ILE B 484 6.59 -44.40 -12.71
N GLN B 485 7.85 -44.28 -12.29
CA GLN B 485 8.87 -43.53 -13.04
C GLN B 485 9.16 -44.15 -14.40
N ASP B 486 9.16 -45.48 -14.45
CA ASP B 486 9.52 -46.22 -15.67
C ASP B 486 8.47 -46.13 -16.78
N ALA B 487 7.19 -46.03 -16.40
CA ALA B 487 6.11 -45.91 -17.39
C ALA B 487 6.05 -44.50 -17.97
N HIS B 488 6.09 -44.41 -19.29
CA HIS B 488 6.05 -43.14 -20.02
C HIS B 488 4.70 -42.43 -19.83
N SER B 489 3.61 -43.20 -19.94
CA SER B 489 2.24 -42.72 -19.79
C SER B 489 2.02 -41.94 -18.50
N GLN B 490 2.94 -42.10 -17.56
CA GLN B 490 2.79 -41.57 -16.22
C GLN B 490 3.36 -40.16 -16.08
N GLN B 491 4.21 -39.76 -17.02
CA GLN B 491 4.84 -38.44 -16.98
C GLN B 491 3.80 -37.32 -17.06
N LEU B 492 4.03 -36.26 -16.29
CA LEU B 492 3.10 -35.13 -16.20
C LEU B 492 3.05 -34.35 -17.49
N SER B 493 1.84 -34.01 -17.91
CA SER B 493 1.59 -33.24 -19.13
C SER B 493 1.87 -31.76 -18.93
N GLU B 494 2.01 -31.04 -20.04
CA GLU B 494 2.16 -29.59 -20.01
C GLU B 494 1.03 -28.93 -19.23
N ASN B 495 -0.21 -29.29 -19.59
CA ASN B 495 -1.39 -28.76 -18.92
C ASN B 495 -1.32 -28.84 -17.38
N HIS B 496 -0.95 -30.01 -16.85
CA HIS B 496 -0.84 -30.23 -15.40
C HIS B 496 0.21 -29.34 -14.73
N LEU B 497 1.40 -29.27 -15.33
CA LEU B 497 2.44 -28.35 -14.86
C LEU B 497 1.94 -26.90 -14.91
N GLU B 498 1.16 -26.59 -15.95
CA GLU B 498 0.55 -25.26 -16.11
C GLU B 498 -0.43 -24.94 -14.96
N VAL B 499 -1.17 -25.95 -14.52
CA VAL B 499 -2.08 -25.80 -13.37
C VAL B 499 -1.29 -25.46 -12.11
N CYS B 500 -0.19 -26.19 -11.90
CA CYS B 500 0.66 -25.99 -10.73
C CYS B 500 1.26 -24.60 -10.65
N GLN B 501 1.88 -24.16 -11.75
CA GLN B 501 2.47 -22.81 -11.84
C GLN B 501 1.43 -21.73 -11.56
N SER B 502 0.25 -21.92 -12.15
CA SER B 502 -0.85 -20.98 -12.01
C SER B 502 -1.37 -20.95 -10.59
N CYS B 503 -1.11 -22.04 -9.85
CA CYS B 503 -1.54 -22.20 -8.47
C CYS B 503 -0.44 -21.82 -7.48
N SER B 504 0.74 -21.52 -8.04
CA SER B 504 2.01 -21.32 -7.30
C SER B 504 2.30 -22.42 -6.27
N VAL B 505 2.25 -23.66 -6.77
CA VAL B 505 2.57 -24.87 -6.02
C VAL B 505 3.72 -25.57 -6.75
N ALA B 506 4.77 -25.90 -6.02
CA ALA B 506 5.98 -26.46 -6.61
C ALA B 506 5.79 -27.90 -7.13
N THR B 507 6.69 -28.30 -8.03
CA THR B 507 6.91 -29.70 -8.38
C THR B 507 8.36 -30.09 -8.07
N GLU B 508 8.67 -30.20 -6.78
CA GLU B 508 10.04 -30.39 -6.31
C GLU B 508 10.22 -31.78 -5.66
N GLY B 509 10.51 -31.81 -4.36
CA GLY B 509 10.72 -33.07 -3.64
C GLY B 509 10.35 -32.97 -2.17
N ASN B 510 9.08 -32.68 -1.92
CA ASN B 510 8.57 -32.26 -0.61
C ASN B 510 9.37 -31.16 0.10
N ALA B 511 8.76 -29.98 0.16
CA ALA B 511 9.42 -28.75 0.58
C ALA B 511 10.71 -28.52 -0.21
N ALA B 512 11.85 -28.97 0.32
CA ALA B 512 13.19 -28.59 -0.16
C ALA B 512 13.44 -28.76 -1.65
N ALA B 513 14.25 -27.83 -2.18
CA ALA B 513 14.46 -27.65 -3.62
C ALA B 513 15.37 -28.72 -4.24
N ASN B 514 14.86 -29.96 -4.31
CA ASN B 514 15.62 -31.10 -4.85
C ASN B 514 17.10 -31.08 -4.45
N THR B 515 17.35 -30.71 -3.18
CA THR B 515 18.69 -30.34 -2.75
C THR B 515 19.32 -31.33 -1.77
N LEU B 516 18.59 -31.69 -0.72
CA LEU B 516 19.07 -32.65 0.28
C LEU B 516 18.03 -33.76 0.45
N ASP B 517 16.81 -33.47 -0.02
CA ASP B 517 15.69 -34.41 0.05
C ASP B 517 15.33 -34.90 1.46
N LEU B 518 16.08 -34.43 2.46
CA LEU B 518 15.73 -34.64 3.87
C LEU B 518 15.15 -33.33 4.48
N THR B 519 13.94 -33.46 5.00
CA THR B 519 12.91 -32.40 5.13
C THR B 519 13.04 -31.37 6.28
N ASP B 520 12.13 -30.39 6.26
CA ASP B 520 11.86 -29.44 7.35
C ASP B 520 10.40 -29.01 7.19
N LEU B 521 9.50 -29.98 7.39
CA LEU B 521 8.15 -30.07 6.77
C LEU B 521 7.02 -29.11 7.18
N THR B 522 5.82 -29.69 7.23
CA THR B 522 4.54 -29.06 7.59
C THR B 522 3.73 -30.06 8.44
N GLY B 523 3.75 -29.86 9.76
CA GLY B 523 3.20 -30.83 10.71
C GLY B 523 1.79 -30.59 11.23
N GLU B 524 1.28 -31.58 11.96
CA GLU B 524 0.03 -31.45 12.71
C GLU B 524 0.27 -30.72 14.04
N ASN B 525 -0.79 -30.13 14.59
CA ASN B 525 -0.73 -29.48 15.90
C ASN B 525 -0.30 -30.51 16.94
N VAL B 526 0.48 -30.09 17.93
CA VAL B 526 1.03 -31.07 18.86
C VAL B 526 0.00 -31.72 19.79
N GLN B 527 0.42 -32.79 20.47
CA GLN B 527 -0.46 -33.65 21.24
C GLN B 527 -0.87 -33.01 22.57
N HIS B 528 -1.84 -33.63 23.24
CA HIS B 528 -2.51 -32.94 24.36
C HIS B 528 -1.96 -33.18 25.76
N ALA B 529 -0.84 -33.89 25.86
CA ALA B 529 -0.20 -34.15 27.16
C ALA B 529 0.46 -32.91 27.75
N GLU C 1 -7.37 23.89 0.10
CA GLU C 1 -6.44 24.03 -1.05
C GLU C 1 -6.84 25.19 -1.96
N THR C 2 -5.82 25.84 -2.52
CA THR C 2 -6.03 27.02 -3.35
C THR C 2 -5.81 26.73 -4.85
N HIS C 3 -6.81 27.06 -5.63
CA HIS C 3 -6.75 26.92 -7.07
C HIS C 3 -6.66 28.30 -7.69
N THR C 4 -5.53 28.60 -8.32
CA THR C 4 -5.34 29.91 -8.94
C THR C 4 -5.32 29.78 -10.46
N PHE C 5 -6.15 30.59 -11.11
CA PHE C 5 -6.23 30.59 -12.56
C PHE C 5 -5.87 31.96 -13.11
N ASN C 6 -5.28 31.95 -14.30
CA ASN C 6 -4.94 33.16 -15.02
C ASN C 6 -5.66 33.16 -16.38
N TRP C 7 -6.79 33.85 -16.46
CA TRP C 7 -7.63 33.82 -17.66
C TRP C 7 -7.77 35.18 -18.34
N THR C 8 -7.53 35.20 -19.64
CA THR C 8 -7.70 36.41 -20.47
C THR C 8 -8.76 36.23 -21.55
N THR C 9 -9.74 37.13 -21.56
CA THR C 9 -10.80 37.11 -22.57
C THR C 9 -10.25 37.50 -23.94
N GLY C 10 -10.86 36.94 -24.97
CA GLY C 10 -10.47 37.24 -26.34
C GLY C 10 -11.53 36.82 -27.34
N TRP C 11 -11.27 37.13 -28.61
CA TRP C 11 -12.16 36.78 -29.70
C TRP C 11 -11.43 35.90 -30.70
N ASP C 12 -12.07 34.79 -31.06
CA ASP C 12 -11.54 33.91 -32.09
C ASP C 12 -12.70 33.28 -32.84
N TYR C 13 -12.47 32.93 -34.11
CA TYR C 13 -13.46 32.21 -34.90
C TYR C 13 -13.56 30.75 -34.46
N ARG C 14 -14.79 30.29 -34.24
CA ARG C 14 -15.08 28.85 -34.13
C ARG C 14 -16.34 28.52 -34.92
N ASN C 15 -16.47 27.27 -35.34
CA ASN C 15 -17.72 26.82 -35.87
C ASN C 15 -18.37 25.85 -34.90
N VAL C 16 -19.06 26.41 -33.91
CA VAL C 16 -19.64 25.65 -32.82
C VAL C 16 -20.76 24.78 -33.33
N ASP C 17 -21.68 25.45 -34.00
CA ASP C 17 -22.86 24.88 -34.64
C ASP C 17 -22.58 23.67 -35.53
N GLY C 18 -21.54 23.80 -36.35
CA GLY C 18 -21.39 22.97 -37.50
C GLY C 18 -21.73 23.75 -38.76
N LEU C 19 -22.38 24.91 -38.62
CA LEU C 19 -22.79 25.64 -39.84
C LEU C 19 -22.50 27.14 -39.96
N LYS C 20 -21.63 27.67 -39.11
CA LYS C 20 -21.22 29.06 -39.21
C LYS C 20 -19.92 29.29 -38.48
N SER C 21 -18.86 29.63 -39.22
CA SER C 21 -17.64 30.11 -38.60
C SER C 21 -17.91 31.52 -38.14
N ARG C 22 -17.62 31.78 -36.88
CA ARG C 22 -18.22 32.90 -36.18
C ARG C 22 -17.32 33.22 -34.97
N PRO C 23 -17.10 34.52 -34.66
CA PRO C 23 -16.29 34.86 -33.50
C PRO C 23 -16.95 34.44 -32.19
N VAL C 24 -16.17 33.83 -31.32
CA VAL C 24 -16.63 33.46 -29.99
C VAL C 24 -15.63 33.96 -28.94
N ILE C 25 -16.06 34.08 -27.69
CA ILE C 25 -15.19 34.58 -26.63
C ILE C 25 -14.29 33.48 -26.08
N THR C 26 -12.99 33.65 -26.26
CA THR C 26 -12.02 32.65 -25.83
C THR C 26 -11.43 32.93 -24.45
N CYS C 27 -10.86 31.89 -23.85
CA CYS C 27 -10.13 32.00 -22.61
C CYS C 27 -8.70 31.60 -22.90
N ASN C 28 -7.78 32.57 -22.82
CA ASN C 28 -6.37 32.38 -23.20
C ASN C 28 -6.23 31.78 -24.61
N GLY C 29 -7.08 32.22 -25.52
CA GLY C 29 -7.10 31.72 -26.88
C GLY C 29 -7.83 30.40 -27.08
N GLN C 30 -8.36 29.82 -26.00
CA GLN C 30 -8.98 28.49 -26.08
C GLN C 30 -10.49 28.56 -26.01
N PHE C 31 -11.14 27.61 -26.69
CA PHE C 31 -12.59 27.45 -26.64
C PHE C 31 -12.95 25.95 -26.70
N PRO C 32 -13.88 25.50 -25.83
CA PRO C 32 -14.67 26.31 -24.91
C PRO C 32 -13.92 26.67 -23.63
N TRP C 33 -14.55 27.48 -22.78
CA TRP C 33 -13.96 27.85 -21.48
C TRP C 33 -13.79 26.62 -20.57
N PRO C 34 -12.80 26.67 -19.66
CA PRO C 34 -12.51 25.52 -18.79
C PRO C 34 -13.62 25.25 -17.76
N ASP C 35 -13.63 24.04 -17.20
CA ASP C 35 -14.50 23.74 -16.07
C ASP C 35 -13.66 23.65 -14.81
N ILE C 36 -14.20 24.17 -13.72
CA ILE C 36 -13.50 24.14 -12.42
C ILE C 36 -14.10 23.04 -11.56
N THR C 37 -13.23 22.23 -10.97
CA THR C 37 -13.65 21.24 -9.98
C THR C 37 -12.86 21.46 -8.70
N VAL C 38 -13.56 21.73 -7.61
CA VAL C 38 -12.93 21.95 -6.31
C VAL C 38 -13.60 21.10 -5.23
N ASN C 39 -12.98 21.03 -4.05
CA ASN C 39 -13.57 20.38 -2.89
C ASN C 39 -14.18 21.39 -1.94
N LYS C 40 -15.19 20.93 -1.19
CA LYS C 40 -15.82 21.72 -0.14
C LYS C 40 -14.75 22.47 0.66
N GLY C 41 -14.92 23.78 0.78
CA GLY C 41 -14.03 24.59 1.58
C GLY C 41 -12.72 25.01 0.92
N ASP C 42 -12.55 24.71 -0.36
CA ASP C 42 -11.38 25.17 -1.10
C ASP C 42 -11.45 26.67 -1.41
N ARG C 43 -10.28 27.26 -1.67
CA ARG C 43 -10.15 28.66 -2.06
C ARG C 43 -9.94 28.73 -3.58
N VAL C 44 -10.73 29.57 -4.25
CA VAL C 44 -10.62 29.78 -5.69
C VAL C 44 -10.15 31.20 -5.96
N GLN C 45 -9.03 31.32 -6.66
CA GLN C 45 -8.49 32.63 -7.04
C GLN C 45 -8.36 32.76 -8.56
N ILE C 46 -9.29 33.48 -9.18
CA ILE C 46 -9.24 33.73 -10.61
C ILE C 46 -8.81 35.15 -10.95
N TYR C 47 -7.68 35.27 -11.64
CA TYR C 47 -7.25 36.53 -12.23
C TYR C 47 -7.87 36.65 -13.63
N LEU C 48 -8.96 37.39 -13.72
CA LEU C 48 -9.65 37.64 -14.98
C LEU C 48 -9.10 38.92 -15.61
N THR C 49 -8.57 38.79 -16.82
CA THR C 49 -8.03 39.93 -17.56
C THR C 49 -8.92 40.19 -18.78
N ASN C 50 -9.37 41.43 -18.91
CA ASN C 50 -10.16 41.82 -20.06
C ASN C 50 -9.23 42.12 -21.23
N GLY C 51 -9.19 41.21 -22.19
CA GLY C 51 -8.37 41.36 -23.39
C GLY C 51 -9.20 41.70 -24.62
N MET C 52 -10.47 42.04 -24.42
CA MET C 52 -11.38 42.45 -25.49
C MET C 52 -11.20 43.95 -25.73
N ASN C 53 -11.30 44.38 -26.99
CA ASN C 53 -10.85 45.73 -27.37
C ASN C 53 -11.79 46.88 -26.99
N ASN C 54 -13.05 46.55 -26.72
CA ASN C 54 -14.13 47.54 -26.74
C ASN C 54 -15.21 47.33 -25.69
N THR C 55 -15.30 46.11 -25.15
CA THR C 55 -16.32 45.79 -24.15
C THR C 55 -15.78 45.81 -22.74
N ASN C 56 -16.67 45.97 -21.77
CA ASN C 56 -16.37 45.62 -20.38
C ASN C 56 -16.53 44.09 -20.16
N THR C 57 -16.06 43.58 -19.02
CA THR C 57 -16.34 42.19 -18.61
C THR C 57 -16.69 42.08 -17.14
N SER C 58 -17.16 40.89 -16.77
CA SER C 58 -17.35 40.53 -15.40
C SER C 58 -17.48 39.03 -15.39
N MET C 59 -17.37 38.41 -14.23
CA MET C 59 -17.65 36.98 -14.12
C MET C 59 -18.41 36.70 -12.85
N HIS C 60 -19.52 36.00 -12.99
CA HIS C 60 -20.36 35.62 -11.86
C HIS C 60 -20.40 34.11 -11.70
N PHE C 61 -20.33 33.66 -10.47
CA PHE C 61 -20.35 32.23 -10.16
C PHE C 61 -21.72 31.84 -9.62
N HIS C 62 -22.52 31.34 -10.54
CA HIS C 62 -23.94 31.07 -10.33
C HIS C 62 -24.20 30.05 -9.25
N GLY C 63 -24.88 30.49 -8.19
CA GLY C 63 -25.34 29.60 -7.15
C GLY C 63 -24.53 29.67 -5.89
N LEU C 64 -23.29 30.13 -6.02
CA LEU C 64 -22.40 30.28 -4.87
C LEU C 64 -22.89 31.38 -3.96
N PHE C 65 -22.88 31.14 -2.66
CA PHE C 65 -23.54 32.06 -1.74
C PHE C 65 -22.69 33.27 -1.41
N GLN C 66 -21.38 33.19 -1.68
CA GLN C 66 -20.46 34.30 -1.44
C GLN C 66 -20.61 34.90 -0.04
N ASN C 67 -20.84 34.01 0.94
CA ASN C 67 -21.08 34.40 2.32
C ASN C 67 -19.87 35.10 2.90
N GLY C 68 -20.03 36.39 3.21
CA GLY C 68 -18.94 37.20 3.76
C GLY C 68 -18.03 37.85 2.74
N THR C 69 -18.26 37.54 1.46
CA THR C 69 -17.44 38.05 0.35
C THR C 69 -18.31 38.49 -0.83
N ALA C 70 -19.32 39.31 -0.55
CA ALA C 70 -20.25 39.84 -1.57
C ALA C 70 -19.54 40.52 -2.74
N SER C 71 -18.42 41.18 -2.47
CA SER C 71 -17.55 41.79 -3.50
C SER C 71 -17.17 40.84 -4.64
N MET C 72 -17.32 39.54 -4.41
CA MET C 72 -16.84 38.54 -5.35
C MET C 72 -17.94 37.94 -6.20
N ASP C 73 -19.17 38.46 -6.05
CA ASP C 73 -20.34 37.90 -6.74
C ASP C 73 -20.34 38.16 -8.25
N GLY C 74 -19.64 39.22 -8.67
CA GLY C 74 -19.42 39.49 -10.10
C GLY C 74 -20.55 40.13 -10.88
N VAL C 75 -21.38 40.95 -10.22
CA VAL C 75 -22.42 41.67 -10.93
C VAL C 75 -22.04 43.15 -10.95
N PRO C 76 -21.74 43.69 -12.14
CA PRO C 76 -21.43 45.10 -12.29
C PRO C 76 -22.55 45.99 -11.76
N PHE C 77 -22.15 47.05 -11.03
CA PHE C 77 -23.05 48.01 -10.41
C PHE C 77 -23.98 47.48 -9.30
N LEU C 78 -23.70 46.26 -8.87
CA LEU C 78 -24.25 45.68 -7.64
C LEU C 78 -23.08 45.42 -6.71
N THR C 79 -22.07 44.74 -7.25
CA THR C 79 -21.08 44.03 -6.46
C THR C 79 -19.67 44.51 -6.79
N GLN C 80 -19.55 45.14 -7.95
CA GLN C 80 -18.28 45.60 -8.48
C GLN C 80 -18.58 46.59 -9.59
N CYS C 81 -17.57 47.33 -10.01
CA CYS C 81 -17.67 48.10 -11.25
C CYS C 81 -17.18 47.20 -12.39
N PRO C 82 -17.54 47.51 -13.65
CA PRO C 82 -17.15 46.64 -14.77
C PRO C 82 -15.64 46.58 -15.03
N ILE C 83 -15.17 45.46 -15.55
CA ILE C 83 -13.76 45.30 -15.89
C ILE C 83 -13.45 45.93 -17.24
N ALA C 84 -12.70 47.02 -17.21
CA ALA C 84 -12.33 47.74 -18.42
C ALA C 84 -11.29 46.97 -19.22
N PRO C 85 -11.27 47.15 -20.56
CA PRO C 85 -10.20 46.62 -21.41
C PRO C 85 -8.79 46.91 -20.85
N GLY C 86 -8.01 45.85 -20.68
CA GLY C 86 -6.65 45.97 -20.16
C GLY C 86 -6.56 45.62 -18.68
N SER C 87 -7.67 45.76 -17.97
CA SER C 87 -7.70 45.58 -16.52
C SER C 87 -7.80 44.10 -16.11
N THR C 88 -7.37 43.82 -14.89
CA THR C 88 -7.40 42.48 -14.32
C THR C 88 -8.07 42.50 -12.96
N MET C 89 -9.19 41.80 -12.82
CA MET C 89 -9.82 41.66 -11.53
C MET C 89 -9.52 40.27 -10.92
N LEU C 90 -9.25 40.28 -9.62
CA LEU C 90 -9.02 39.07 -8.85
C LEU C 90 -10.30 38.63 -8.14
N TYR C 91 -10.80 37.47 -8.51
CA TYR C 91 -11.93 36.86 -7.81
C TYR C 91 -11.36 35.87 -6.80
N ASN C 92 -11.53 36.20 -5.52
CA ASN C 92 -10.85 35.51 -4.43
C ASN C 92 -11.89 35.11 -3.39
N PHE C 93 -12.28 33.85 -3.37
CA PHE C 93 -13.35 33.40 -2.48
C PHE C 93 -13.21 31.93 -2.07
N THR C 94 -13.83 31.60 -0.95
CA THR C 94 -13.87 30.23 -0.46
C THR C 94 -15.22 29.63 -0.80
N VAL C 95 -15.35 28.32 -0.66
CA VAL C 95 -16.58 27.61 -0.96
C VAL C 95 -17.01 26.78 0.25
N ASP C 96 -17.40 27.46 1.32
CA ASP C 96 -17.74 26.82 2.59
C ASP C 96 -19.21 26.39 2.69
N TYR C 97 -20.07 26.95 1.84
CA TYR C 97 -21.51 26.79 2.01
C TYR C 97 -22.21 26.17 0.80
N ASN C 98 -21.43 25.81 -0.21
CA ASN C 98 -21.98 25.19 -1.40
C ASN C 98 -21.38 23.83 -1.74
N VAL C 99 -22.24 22.94 -2.23
CA VAL C 99 -21.86 21.59 -2.68
C VAL C 99 -22.62 21.30 -3.95
N GLY C 100 -22.00 20.60 -4.90
CA GLY C 100 -22.71 20.13 -6.08
C GLY C 100 -22.41 20.84 -7.38
N THR C 101 -23.43 20.97 -8.21
CA THR C 101 -23.24 21.42 -9.58
C THR C 101 -23.58 22.91 -9.73
N TYR C 102 -22.59 23.66 -10.20
CA TYR C 102 -22.73 25.08 -10.42
C TYR C 102 -22.07 25.46 -11.74
N TRP C 103 -22.16 26.72 -12.10
CA TRP C 103 -21.47 27.21 -13.28
C TRP C 103 -21.08 28.68 -13.15
N TYR C 104 -20.16 29.12 -14.00
CA TYR C 104 -19.80 30.52 -14.05
C TYR C 104 -20.07 31.10 -15.42
N HIS C 105 -20.40 32.38 -15.45
CA HIS C 105 -20.63 33.06 -16.70
C HIS C 105 -20.39 34.54 -16.53
N SER C 106 -20.13 35.21 -17.66
CA SER C 106 -20.03 36.64 -17.69
C SER C 106 -21.37 37.24 -17.29
N HIS C 107 -21.33 38.34 -16.56
CA HIS C 107 -22.56 39.01 -16.19
C HIS C 107 -22.66 40.42 -16.80
N THR C 108 -21.88 40.66 -17.85
CA THR C 108 -22.01 41.90 -18.62
C THR C 108 -23.20 41.74 -19.60
N ASP C 109 -23.14 42.34 -20.79
CA ASP C 109 -24.34 42.52 -21.64
C ASP C 109 -24.97 41.19 -22.05
N GLY C 110 -24.58 40.64 -23.20
CA GLY C 110 -25.06 39.33 -23.60
C GLY C 110 -23.87 38.40 -23.64
N GLN C 111 -22.73 38.95 -23.23
CA GLN C 111 -21.44 38.29 -23.28
C GLN C 111 -21.44 36.77 -23.13
N TYR C 112 -22.13 36.22 -22.13
CA TYR C 112 -22.04 34.77 -21.93
C TYR C 112 -22.61 33.90 -23.06
N GLU C 113 -23.64 34.38 -23.74
CA GLU C 113 -24.14 33.74 -24.96
C GLU C 113 -23.05 33.59 -26.02
N ASP C 114 -22.14 34.56 -26.08
CA ASP C 114 -21.04 34.51 -27.03
C ASP C 114 -19.86 33.67 -26.55
N GLY C 115 -20.10 32.80 -25.54
CA GLY C 115 -19.17 31.73 -25.19
C GLY C 115 -18.50 31.75 -23.82
N MET C 116 -18.59 32.88 -23.13
CA MET C 116 -17.91 33.05 -21.83
C MET C 116 -18.72 32.43 -20.68
N LYS C 117 -18.59 31.11 -20.56
CA LYS C 117 -19.35 30.33 -19.58
C LYS C 117 -18.68 28.97 -19.45
N GLY C 118 -18.82 28.36 -18.27
CA GLY C 118 -18.16 27.10 -17.94
C GLY C 118 -18.75 26.54 -16.67
N LEU C 119 -18.48 25.26 -16.41
CA LEU C 119 -19.02 24.59 -15.24
C LEU C 119 -18.13 24.75 -14.00
N PHE C 120 -18.79 24.79 -12.84
CA PHE C 120 -18.13 24.87 -11.54
C PHE C 120 -18.65 23.75 -10.67
N ILE C 121 -17.83 22.72 -10.45
CA ILE C 121 -18.29 21.59 -9.65
C ILE C 121 -17.61 21.50 -8.30
N ILE C 122 -18.43 21.43 -7.25
CA ILE C 122 -17.92 21.21 -5.89
C ILE C 122 -18.30 19.81 -5.39
N LYS C 123 -17.28 19.03 -5.04
CA LYS C 123 -17.48 17.67 -4.54
C LYS C 123 -17.67 17.68 -3.05
N ASP C 124 -18.50 16.77 -2.54
CA ASP C 124 -18.53 16.50 -1.09
C ASP C 124 -18.49 15.01 -0.79
N ASP C 125 -17.80 14.68 0.30
CA ASP C 125 -17.64 13.28 0.73
C ASP C 125 -18.94 12.62 1.20
N SER C 126 -19.96 13.42 1.53
CA SER C 126 -21.20 12.87 2.05
C SER C 126 -22.37 12.97 1.06
N PHE C 127 -22.08 12.75 -0.21
CA PHE C 127 -23.12 12.56 -1.22
C PHE C 127 -23.76 11.19 -1.01
N PRO C 128 -25.07 11.17 -0.79
CA PRO C 128 -25.78 9.96 -0.35
C PRO C 128 -25.80 8.77 -1.33
N TYR C 129 -25.67 9.01 -2.63
CA TYR C 129 -25.87 7.95 -3.61
C TYR C 129 -24.61 7.46 -4.29
N ASP C 130 -24.63 6.19 -4.69
CA ASP C 130 -23.49 5.57 -5.36
C ASP C 130 -23.57 5.68 -6.87
N TYR C 131 -22.40 5.83 -7.48
CA TYR C 131 -22.26 5.84 -8.92
C TYR C 131 -20.87 5.35 -9.32
N ASP C 132 -20.78 4.80 -10.53
CA ASP C 132 -19.53 4.25 -11.05
C ASP C 132 -18.70 5.31 -11.76
N GLU C 133 -19.37 6.18 -12.51
CA GLU C 133 -18.71 7.14 -13.39
C GLU C 133 -19.52 8.41 -13.35
N GLU C 134 -18.91 9.51 -13.78
CA GLU C 134 -19.57 10.81 -13.76
C GLU C 134 -19.20 11.70 -14.97
N LEU C 135 -20.15 12.51 -15.42
CA LEU C 135 -19.91 13.47 -16.50
C LEU C 135 -20.93 14.57 -16.44
N SER C 136 -20.76 15.58 -17.29
CA SER C 136 -21.75 16.64 -17.44
C SER C 136 -22.18 16.82 -18.91
N LEU C 137 -23.35 17.41 -19.12
CA LEU C 137 -23.75 17.88 -20.43
C LEU C 137 -24.17 19.33 -20.31
N SER C 138 -23.54 20.20 -21.09
CA SER C 138 -23.95 21.62 -21.13
C SER C 138 -24.89 21.88 -22.30
N LEU C 139 -26.19 21.91 -22.01
CA LEU C 139 -27.18 22.28 -23.01
C LEU C 139 -27.19 23.79 -23.19
N SER C 140 -27.42 24.23 -24.42
CA SER C 140 -27.57 25.65 -24.72
C SER C 140 -28.19 25.84 -26.11
N GLU C 141 -28.59 27.06 -26.42
CA GLU C 141 -28.94 27.40 -27.80
C GLU C 141 -27.78 28.18 -28.43
N TRP C 142 -27.78 28.32 -29.75
CA TRP C 142 -26.68 28.99 -30.41
C TRP C 142 -27.17 30.00 -31.45
N TYR C 143 -26.63 31.22 -31.39
CA TYR C 143 -26.90 32.21 -32.43
C TYR C 143 -25.75 32.31 -33.42
N HIS C 144 -26.07 32.76 -34.62
CA HIS C 144 -25.07 32.96 -35.65
C HIS C 144 -24.53 34.38 -35.67
N ASP C 145 -25.22 35.29 -34.98
CA ASP C 145 -24.73 36.65 -34.83
C ASP C 145 -24.39 36.89 -33.37
N LEU C 146 -23.39 37.74 -33.14
CA LEU C 146 -22.99 38.12 -31.80
C LEU C 146 -24.09 38.92 -31.11
N VAL C 147 -24.13 38.86 -29.79
CA VAL C 147 -25.16 39.56 -29.03
C VAL C 147 -25.14 41.07 -29.29
N THR C 148 -23.94 41.65 -29.35
CA THR C 148 -23.79 43.07 -29.65
C THR C 148 -24.57 43.51 -30.89
N ASP C 149 -24.51 42.72 -31.95
CA ASP C 149 -25.26 43.02 -33.17
C ASP C 149 -26.76 42.84 -33.02
N LEU C 150 -27.17 41.74 -32.37
CA LEU C 150 -28.57 41.43 -32.17
C LEU C 150 -29.27 42.53 -31.37
N THR C 151 -28.58 43.04 -30.36
CA THR C 151 -29.13 44.01 -29.43
C THR C 151 -29.54 45.30 -30.14
N LYS C 152 -28.84 45.63 -31.23
CA LYS C 152 -29.13 46.84 -31.99
C LYS C 152 -30.54 46.80 -32.55
N SER C 153 -30.97 45.63 -33.01
CA SER C 153 -32.32 45.48 -33.53
C SER C 153 -33.28 44.91 -32.50
N PHE C 154 -32.77 44.43 -31.37
CA PHE C 154 -33.62 43.94 -30.31
C PHE C 154 -34.20 45.08 -29.49
N MET C 155 -33.34 45.97 -29.04
CA MET C 155 -33.78 47.15 -28.32
C MET C 155 -33.91 48.29 -29.29
N SER C 156 -35.02 48.31 -30.02
CA SER C 156 -35.15 49.17 -31.20
C SER C 156 -36.60 49.59 -31.38
N VAL C 157 -36.80 50.74 -31.99
CA VAL C 157 -38.15 51.20 -32.37
C VAL C 157 -38.78 50.30 -33.42
N TYR C 158 -37.96 49.54 -34.14
CA TYR C 158 -38.42 48.63 -35.17
C TYR C 158 -38.76 47.28 -34.57
N ASN C 159 -38.81 47.22 -33.23
CA ASN C 159 -39.18 46.04 -32.50
C ASN C 159 -40.10 46.37 -31.33
N PRO C 160 -41.31 46.89 -31.62
CA PRO C 160 -42.19 47.39 -30.56
C PRO C 160 -42.81 46.28 -29.71
N THR C 161 -42.79 45.06 -30.22
CA THR C 161 -43.33 43.88 -29.57
C THR C 161 -42.40 43.38 -28.47
N GLY C 162 -41.13 43.78 -28.54
CA GLY C 162 -40.10 43.28 -27.63
C GLY C 162 -39.71 41.85 -27.95
N ALA C 163 -40.06 41.42 -29.17
CA ALA C 163 -39.75 40.07 -29.63
C ALA C 163 -38.27 39.80 -29.45
N GLU C 164 -37.93 38.74 -28.72
CA GLU C 164 -36.53 38.39 -28.55
C GLU C 164 -36.02 37.59 -29.74
N PRO C 165 -34.76 37.84 -30.16
CA PRO C 165 -34.18 37.21 -31.35
C PRO C 165 -34.11 35.70 -31.26
N ILE C 166 -34.41 35.05 -32.38
CA ILE C 166 -34.53 33.60 -32.44
C ILE C 166 -33.18 32.95 -32.75
N PRO C 167 -32.78 31.94 -31.94
CA PRO C 167 -31.52 31.22 -32.12
C PRO C 167 -31.55 30.32 -33.33
N GLN C 168 -30.38 29.81 -33.73
CA GLN C 168 -30.29 29.05 -34.96
C GLN C 168 -30.26 27.56 -34.73
N ASN C 169 -29.80 27.15 -33.55
CA ASN C 169 -29.69 25.73 -33.24
C ASN C 169 -29.52 25.49 -31.75
N LEU C 170 -29.90 24.29 -31.30
CA LEU C 170 -29.53 23.83 -29.95
C LEU C 170 -28.17 23.14 -30.00
N ILE C 171 -27.37 23.36 -28.97
CA ILE C 171 -26.06 22.72 -28.88
C ILE C 171 -25.87 21.97 -27.54
N VAL C 172 -24.98 20.98 -27.51
CA VAL C 172 -24.52 20.32 -26.28
C VAL C 172 -23.01 20.33 -26.26
N ASN C 173 -22.43 20.57 -25.08
CA ASN C 173 -20.98 20.63 -24.94
C ASN C 173 -20.34 21.38 -26.09
N ASN C 174 -21.01 22.43 -26.57
CA ASN C 174 -20.51 23.30 -27.65
C ASN C 174 -20.28 22.64 -29.01
N THR C 175 -21.08 21.63 -29.30
CA THR C 175 -21.28 21.13 -30.69
C THR C 175 -22.70 20.66 -30.86
N MET C 176 -22.93 20.03 -32.00
CA MET C 176 -24.15 19.30 -32.26
C MET C 176 -23.82 17.84 -32.46
N ASN C 177 -24.86 17.01 -32.39
CA ASN C 177 -24.74 15.56 -32.64
C ASN C 177 -23.48 14.93 -32.02
N LEU C 178 -23.47 14.96 -30.69
CA LEU C 178 -22.39 14.55 -29.82
C LEU C 178 -22.46 13.07 -29.52
N THR C 179 -21.30 12.48 -29.31
CA THR C 179 -21.20 11.09 -28.91
C THR C 179 -20.89 10.95 -27.44
N TRP C 180 -21.63 10.08 -26.77
CA TRP C 180 -21.31 9.69 -25.42
C TRP C 180 -21.14 8.18 -25.38
N GLU C 181 -19.89 7.73 -25.27
CA GLU C 181 -19.60 6.30 -25.27
C GLU C 181 -19.76 5.75 -23.87
N VAL C 182 -20.63 4.76 -23.74
CA VAL C 182 -20.92 4.19 -22.43
C VAL C 182 -20.47 2.73 -22.28
N GLN C 183 -20.39 2.28 -21.03
CA GLN C 183 -20.10 0.89 -20.70
C GLN C 183 -21.37 0.21 -20.21
N PRO C 184 -21.55 -1.08 -20.51
CA PRO C 184 -22.77 -1.78 -20.09
C PRO C 184 -22.87 -1.90 -18.57
N ASP C 185 -24.09 -1.98 -18.05
CA ASP C 185 -24.33 -2.21 -16.62
C ASP C 185 -23.50 -1.25 -15.73
N THR C 186 -23.64 0.04 -15.98
CA THR C 186 -22.89 1.03 -15.24
C THR C 186 -23.82 2.16 -14.84
N THR C 187 -23.68 2.62 -13.60
CA THR C 187 -24.42 3.78 -13.11
C THR C 187 -23.59 5.04 -13.31
N TYR C 188 -24.13 5.97 -14.09
CA TYR C 188 -23.48 7.23 -14.41
C TYR C 188 -24.13 8.39 -13.65
N LEU C 189 -23.31 9.25 -13.04
CA LEU C 189 -23.81 10.53 -12.54
C LEU C 189 -23.73 11.54 -13.67
N LEU C 190 -24.90 11.99 -14.12
CA LEU C 190 -25.00 12.87 -15.28
C LEU C 190 -25.47 14.25 -14.83
N ARG C 191 -24.57 15.23 -14.90
CA ARG C 191 -24.92 16.60 -14.52
C ARG C 191 -25.41 17.34 -15.76
N ILE C 192 -26.72 17.63 -15.80
CA ILE C 192 -27.29 18.30 -16.96
C ILE C 192 -27.45 19.78 -16.60
N VAL C 193 -26.78 20.65 -17.35
CA VAL C 193 -26.79 22.07 -17.06
C VAL C 193 -27.29 22.81 -18.29
N ASN C 194 -28.30 23.68 -18.14
CA ASN C 194 -28.68 24.56 -19.25
C ASN C 194 -27.92 25.91 -19.16
N VAL C 195 -26.82 26.01 -19.88
CA VAL C 195 -25.98 27.21 -19.84
C VAL C 195 -26.38 28.17 -20.96
N GLY C 196 -27.64 28.06 -21.38
CA GLY C 196 -28.15 28.91 -22.43
C GLY C 196 -28.46 30.31 -21.94
N GLY C 197 -28.78 31.18 -22.90
CA GLY C 197 -29.09 32.56 -22.58
C GLY C 197 -30.54 32.86 -22.70
N PHE C 198 -31.31 31.98 -23.31
CA PHE C 198 -32.71 32.27 -23.61
C PHE C 198 -33.60 31.07 -23.35
N VAL C 199 -33.49 30.05 -24.19
CA VAL C 199 -34.58 29.11 -24.35
C VAL C 199 -34.54 27.92 -23.37
N SER C 200 -35.68 27.55 -22.81
CA SER C 200 -35.79 26.32 -22.03
C SER C 200 -35.67 25.10 -22.96
N GLN C 201 -35.23 23.98 -22.41
CA GLN C 201 -35.15 22.74 -23.20
C GLN C 201 -35.79 21.54 -22.51
N TYR C 202 -36.40 20.68 -23.30
CA TYR C 202 -36.80 19.37 -22.85
C TYR C 202 -35.62 18.46 -23.10
N PHE C 203 -35.35 17.55 -22.17
CA PHE C 203 -34.23 16.65 -22.30
C PHE C 203 -34.65 15.24 -21.93
N TRP C 204 -34.25 14.28 -22.75
CA TRP C 204 -34.52 12.86 -22.48
C TRP C 204 -33.59 11.92 -23.24
N ILE C 205 -33.47 10.69 -22.73
CA ILE C 205 -32.66 9.65 -23.33
C ILE C 205 -33.57 8.51 -23.73
N GLU C 206 -33.56 8.17 -25.02
CA GLU C 206 -34.33 7.06 -25.53
C GLU C 206 -34.14 5.80 -24.69
N ASP C 207 -35.25 5.22 -24.24
CA ASP C 207 -35.27 3.98 -23.48
C ASP C 207 -34.44 3.94 -22.20
N HIS C 208 -34.16 5.10 -21.63
CA HIS C 208 -33.43 5.17 -20.38
C HIS C 208 -34.11 6.12 -19.41
N GLU C 209 -34.44 5.61 -18.23
CA GLU C 209 -35.00 6.45 -17.19
C GLU C 209 -33.91 7.28 -16.54
N MET C 210 -34.32 8.37 -15.90
CA MET C 210 -33.41 9.26 -15.21
C MET C 210 -33.83 9.45 -13.77
N THR C 211 -32.88 9.26 -12.87
CA THR C 211 -33.16 9.37 -11.44
C THR C 211 -32.61 10.70 -10.94
N VAL C 212 -33.49 11.65 -10.65
CA VAL C 212 -33.07 12.98 -10.24
C VAL C 212 -32.54 12.90 -8.81
N VAL C 213 -31.31 13.39 -8.62
CA VAL C 213 -30.62 13.32 -7.33
C VAL C 213 -30.13 14.68 -6.81
N GLU C 214 -30.21 15.71 -7.65
CA GLU C 214 -29.80 17.06 -7.27
C GLU C 214 -30.43 18.10 -8.19
N ILE C 215 -30.89 19.21 -7.62
CA ILE C 215 -31.21 20.40 -8.41
C ILE C 215 -30.49 21.62 -7.83
N ASP C 216 -29.90 22.44 -8.69
CA ASP C 216 -29.19 23.67 -8.29
C ASP C 216 -28.39 23.54 -6.98
N GLY C 217 -27.54 22.53 -6.89
CA GLY C 217 -26.70 22.36 -5.70
C GLY C 217 -27.39 21.71 -4.52
N ILE C 218 -28.70 21.50 -4.60
CA ILE C 218 -29.46 20.92 -3.49
C ILE C 218 -29.77 19.44 -3.75
N THR C 219 -29.13 18.56 -2.98
CA THR C 219 -29.36 17.12 -3.11
C THR C 219 -30.83 16.77 -2.82
N THR C 220 -31.40 15.91 -3.66
CA THR C 220 -32.79 15.49 -3.50
C THR C 220 -32.92 13.99 -3.23
N GLU C 221 -34.11 13.59 -2.78
CA GLU C 221 -34.50 12.19 -2.73
C GLU C 221 -34.78 11.75 -4.16
N LYS C 222 -34.36 10.52 -4.47
CA LYS C 222 -34.48 9.94 -5.82
C LYS C 222 -35.87 10.12 -6.42
N ASN C 223 -35.95 10.77 -7.58
CA ASN C 223 -37.19 10.84 -8.32
C ASN C 223 -36.98 10.42 -9.77
N VAL C 224 -37.64 9.34 -10.17
CA VAL C 224 -37.51 8.75 -11.50
C VAL C 224 -38.42 9.44 -12.53
N THR C 225 -37.85 9.86 -13.66
CA THR C 225 -38.61 10.42 -14.78
C THR C 225 -38.10 9.97 -16.13
N ASP C 226 -38.89 10.23 -17.16
CA ASP C 226 -38.48 9.99 -18.53
C ASP C 226 -38.04 11.27 -19.20
N MET C 227 -38.40 12.40 -18.62
CA MET C 227 -38.17 13.69 -19.26
C MET C 227 -38.00 14.86 -18.28
N LEU C 228 -37.07 15.75 -18.63
CA LEU C 228 -36.83 16.94 -17.84
C LEU C 228 -37.17 18.18 -18.64
N TYR C 229 -37.64 19.22 -17.94
CA TYR C 229 -37.78 20.53 -18.52
C TYR C 229 -36.80 21.41 -17.78
N ILE C 230 -35.77 21.86 -18.49
CA ILE C 230 -34.66 22.58 -17.88
C ILE C 230 -34.64 23.99 -18.45
N THR C 231 -34.89 25.00 -17.61
CA THR C 231 -34.76 26.40 -18.06
C THR C 231 -33.30 26.81 -18.02
N VAL C 232 -32.99 27.98 -18.57
CA VAL C 232 -31.59 28.41 -18.56
C VAL C 232 -31.16 28.59 -17.11
N ALA C 233 -29.88 28.32 -16.86
CA ALA C 233 -29.24 28.53 -15.56
C ALA C 233 -29.53 27.44 -14.51
N GLN C 234 -30.53 26.60 -14.74
CA GLN C 234 -30.75 25.54 -13.77
C GLN C 234 -29.98 24.25 -14.05
N ARG C 235 -29.78 23.46 -12.99
CA ARG C 235 -29.01 22.23 -13.07
C ARG C 235 -29.82 21.09 -12.54
N TYR C 236 -29.94 20.03 -13.33
CA TYR C 236 -30.48 18.77 -12.84
C TYR C 236 -29.34 17.78 -12.90
N THR C 237 -29.04 17.16 -11.76
CA THR C 237 -28.08 16.06 -11.72
C THR C 237 -28.88 14.77 -11.58
N VAL C 238 -28.52 13.82 -12.42
CA VAL C 238 -29.33 12.65 -12.66
C VAL C 238 -28.46 11.39 -12.66
N LEU C 239 -29.00 10.32 -12.07
CA LEU C 239 -28.39 8.99 -12.19
C LEU C 239 -28.99 8.25 -13.39
N VAL C 240 -28.12 7.65 -14.19
CA VAL C 240 -28.54 6.85 -15.34
C VAL C 240 -27.81 5.53 -15.28
N HIS C 241 -28.58 4.43 -15.28
CA HIS C 241 -28.00 3.12 -15.28
C HIS C 241 -28.12 2.49 -16.67
N THR C 242 -26.99 2.09 -17.24
CA THR C 242 -26.91 1.54 -18.59
C THR C 242 -27.36 0.09 -18.65
N LYS C 243 -27.84 -0.34 -19.81
CA LYS C 243 -28.33 -1.72 -19.98
C LYS C 243 -27.22 -2.74 -20.20
N ASN C 244 -27.61 -4.02 -20.21
CA ASN C 244 -26.65 -5.12 -20.31
C ASN C 244 -26.14 -5.38 -21.73
N ASP C 245 -26.91 -4.96 -22.74
CA ASP C 245 -26.57 -5.18 -24.15
C ASP C 245 -25.72 -4.08 -24.77
N THR C 246 -24.63 -4.51 -25.40
CA THR C 246 -23.74 -3.67 -26.17
C THR C 246 -24.20 -3.70 -27.63
N ASP C 247 -25.45 -4.07 -27.83
CA ASP C 247 -26.00 -4.38 -29.14
C ASP C 247 -26.51 -3.14 -29.90
N LYS C 248 -27.16 -2.23 -29.17
CA LYS C 248 -27.84 -1.10 -29.79
C LYS C 248 -27.38 0.27 -29.27
N ASN C 249 -27.52 1.30 -30.11
CA ASN C 249 -27.24 2.68 -29.71
C ASN C 249 -28.51 3.48 -29.47
N PHE C 250 -28.42 4.50 -28.62
CA PHE C 250 -29.62 5.20 -28.17
C PHE C 250 -29.49 6.69 -28.37
N ALA C 251 -30.62 7.33 -28.64
CA ALA C 251 -30.64 8.77 -28.89
C ALA C 251 -30.65 9.58 -27.59
N ILE C 252 -29.74 10.55 -27.46
CA ILE C 252 -29.83 11.58 -26.43
C ILE C 252 -30.54 12.75 -27.10
N MET C 253 -31.66 13.18 -26.54
CA MET C 253 -32.55 14.11 -27.23
C MET C 253 -32.71 15.41 -26.46
N GLN C 254 -32.59 16.53 -27.17
CA GLN C 254 -32.90 17.86 -26.62
C GLN C 254 -33.86 18.58 -27.56
N LYS C 255 -34.79 19.32 -27.00
CA LYS C 255 -35.85 19.95 -27.78
C LYS C 255 -36.15 21.37 -27.29
N PHE C 256 -36.37 22.28 -28.24
CA PHE C 256 -36.73 23.65 -27.93
C PHE C 256 -38.04 23.69 -27.19
N ASP C 257 -38.16 24.64 -26.27
CA ASP C 257 -39.46 25.06 -25.80
C ASP C 257 -39.91 26.20 -26.74
N ASP C 258 -40.54 25.83 -27.87
CA ASP C 258 -40.83 26.82 -28.93
C ASP C 258 -41.87 27.83 -28.53
N THR C 259 -42.55 27.52 -27.43
CA THR C 259 -43.46 28.41 -26.75
C THR C 259 -42.84 29.79 -26.52
N MET C 260 -41.55 29.80 -26.23
CA MET C 260 -40.87 31.01 -25.86
C MET C 260 -40.40 31.81 -27.07
N LEU C 261 -40.44 31.18 -28.23
CA LEU C 261 -40.03 31.82 -29.48
C LEU C 261 -41.16 32.66 -30.04
N ASP C 262 -40.83 33.88 -30.46
CA ASP C 262 -41.82 34.78 -31.04
C ASP C 262 -42.49 34.15 -32.28
N VAL C 263 -41.68 33.72 -33.25
CA VAL C 263 -42.15 32.93 -34.39
C VAL C 263 -41.23 31.75 -34.55
N ILE C 264 -41.70 30.73 -35.24
CA ILE C 264 -40.85 29.58 -35.51
C ILE C 264 -40.44 29.60 -36.99
N PRO C 265 -39.16 29.96 -37.28
CA PRO C 265 -38.71 29.87 -38.67
C PRO C 265 -38.83 28.43 -39.18
N SER C 266 -39.24 28.28 -40.43
CA SER C 266 -39.62 26.97 -40.95
C SER C 266 -38.46 26.01 -41.11
N ASP C 267 -37.24 26.53 -41.08
CA ASP C 267 -36.04 25.71 -41.27
C ASP C 267 -35.33 25.35 -39.95
N LEU C 268 -35.77 25.99 -38.86
CA LEU C 268 -35.18 25.76 -37.55
C LEU C 268 -35.40 24.33 -37.07
N GLN C 269 -34.30 23.62 -36.86
CA GLN C 269 -34.37 22.30 -36.24
C GLN C 269 -34.77 22.45 -34.76
N LEU C 270 -36.04 22.17 -34.49
CA LEU C 270 -36.59 22.33 -33.15
C LEU C 270 -36.07 21.28 -32.19
N ASN C 271 -35.83 20.08 -32.70
CA ASN C 271 -35.26 19.05 -31.86
C ASN C 271 -33.96 18.48 -32.40
N ALA C 272 -33.03 18.23 -31.48
CA ALA C 272 -31.67 17.86 -31.82
C ALA C 272 -31.30 16.50 -31.22
N THR C 273 -30.58 15.69 -32.00
CA THR C 273 -30.28 14.31 -31.65
C THR C 273 -28.78 14.11 -31.43
N SER C 274 -28.44 13.61 -30.25
CA SER C 274 -27.07 13.18 -29.95
C SER C 274 -27.06 11.67 -29.69
N TYR C 275 -25.88 11.11 -29.45
CA TYR C 275 -25.73 9.65 -29.45
C TYR C 275 -25.17 9.05 -28.17
N MET C 276 -25.99 8.21 -27.54
CA MET C 276 -25.53 7.32 -26.49
C MET C 276 -25.05 6.02 -27.16
N VAL C 277 -23.73 5.85 -27.19
CA VAL C 277 -23.11 4.80 -27.96
C VAL C 277 -22.61 3.64 -27.09
N TYR C 278 -23.29 2.51 -27.20
CA TYR C 278 -22.86 1.27 -26.57
C TYR C 278 -21.93 0.52 -27.50
N ASN C 279 -22.16 0.69 -28.80
CA ASN C 279 -21.49 -0.06 -29.83
C ASN C 279 -20.89 0.91 -30.85
N LYS C 280 -19.56 1.01 -30.88
CA LYS C 280 -18.86 1.99 -31.70
C LYS C 280 -19.07 1.77 -33.20
N THR C 281 -19.55 0.59 -33.53
CA THR C 281 -19.59 0.13 -34.89
C THR C 281 -21.03 0.04 -35.39
N ALA C 282 -21.99 0.11 -34.47
CA ALA C 282 -23.41 -0.01 -34.79
C ALA C 282 -23.93 1.24 -35.47
N ALA C 283 -25.20 1.22 -35.85
CA ALA C 283 -25.81 2.38 -36.52
C ALA C 283 -26.04 3.46 -35.51
N LEU C 284 -25.71 4.68 -35.93
CA LEU C 284 -25.94 5.91 -35.14
C LEU C 284 -27.42 6.17 -34.99
N PRO C 285 -27.89 6.46 -33.76
CA PRO C 285 -29.32 6.57 -33.49
C PRO C 285 -29.98 7.64 -34.32
N THR C 286 -31.18 7.40 -34.84
CA THR C 286 -31.95 8.52 -35.39
C THR C 286 -32.76 9.12 -34.27
N GLN C 287 -33.53 10.16 -34.60
CA GLN C 287 -34.33 10.90 -33.62
C GLN C 287 -35.31 10.00 -32.87
N ASN C 288 -35.40 10.17 -31.56
CA ASN C 288 -36.40 9.48 -30.77
C ASN C 288 -37.66 10.32 -30.66
N TYR C 289 -38.71 9.89 -31.36
CA TYR C 289 -39.98 10.59 -31.34
C TYR C 289 -40.66 10.33 -30.02
N VAL C 290 -41.16 11.39 -29.42
CA VAL C 290 -41.84 11.27 -28.15
C VAL C 290 -43.31 11.60 -28.33
N ASP C 291 -44.16 10.95 -27.55
CA ASP C 291 -45.61 11.09 -27.72
C ASP C 291 -46.18 12.35 -27.08
N SER C 292 -45.52 12.85 -26.04
CA SER C 292 -45.96 14.05 -25.33
C SER C 292 -44.82 14.79 -24.66
N ILE C 293 -44.86 16.12 -24.69
CA ILE C 293 -43.87 16.92 -23.97
C ILE C 293 -44.53 17.57 -22.74
N ASP C 294 -45.58 16.90 -22.24
CA ASP C 294 -46.41 17.41 -21.15
C ASP C 294 -46.13 16.70 -19.85
N ASN C 295 -45.34 15.65 -19.89
CA ASN C 295 -45.18 14.77 -18.73
C ASN C 295 -43.81 14.83 -18.08
N PHE C 296 -43.06 15.89 -18.36
CA PHE C 296 -41.78 16.10 -17.73
C PHE C 296 -41.98 16.24 -16.21
N LEU C 297 -40.92 15.98 -15.45
CA LEU C 297 -40.90 16.18 -14.01
C LEU C 297 -41.18 17.63 -13.60
N ASP C 298 -42.14 17.80 -12.70
CA ASP C 298 -42.39 19.10 -12.10
C ASP C 298 -41.53 19.23 -10.86
N ASP C 299 -40.49 20.05 -10.96
CA ASP C 299 -39.49 20.18 -9.91
C ASP C 299 -40.03 20.72 -8.59
N PHE C 300 -41.25 21.26 -8.63
CA PHE C 300 -41.92 21.73 -7.40
C PHE C 300 -42.08 20.61 -6.37
N TYR C 301 -42.23 19.37 -6.82
CA TYR C 301 -42.51 18.27 -5.91
C TYR C 301 -41.26 17.49 -5.49
N LEU C 302 -40.09 17.98 -5.92
CA LEU C 302 -38.82 17.39 -5.50
C LEU C 302 -38.62 17.57 -3.99
N GLN C 303 -37.94 16.60 -3.36
CA GLN C 303 -37.80 16.59 -1.90
C GLN C 303 -36.34 16.63 -1.49
N PRO C 304 -35.87 17.78 -0.97
CA PRO C 304 -34.48 17.92 -0.53
C PRO C 304 -34.07 16.83 0.45
N TYR C 305 -32.86 16.31 0.28
CA TYR C 305 -32.30 15.28 1.17
C TYR C 305 -32.17 15.81 2.60
N GLU C 306 -31.68 17.05 2.73
CA GLU C 306 -31.71 17.75 4.00
C GLU C 306 -33.02 18.51 4.09
N LYS C 307 -33.96 17.92 4.81
CA LYS C 307 -35.27 18.52 5.03
C LYS C 307 -35.17 19.80 5.84
N GLU C 308 -35.84 20.85 5.36
CA GLU C 308 -36.07 22.04 6.17
C GLU C 308 -37.54 22.40 6.08
N ALA C 309 -38.19 22.57 7.23
CA ALA C 309 -39.60 22.93 7.27
C ALA C 309 -39.81 24.30 6.65
N ILE C 310 -40.99 24.50 6.06
CA ILE C 310 -41.40 25.79 5.51
C ILE C 310 -41.17 26.90 6.55
N TYR C 311 -40.56 28.01 6.13
CA TYR C 311 -40.31 29.12 7.06
C TYR C 311 -41.62 29.71 7.55
N GLY C 312 -41.62 30.21 8.80
CA GLY C 312 -42.80 30.80 9.41
C GLY C 312 -43.24 32.06 8.70
N GLU C 313 -44.27 32.71 9.23
CA GLU C 313 -44.83 33.88 8.58
C GLU C 313 -43.76 34.95 8.24
N PRO C 314 -43.75 35.42 6.99
CA PRO C 314 -42.76 36.37 6.46
C PRO C 314 -42.75 37.71 7.22
N ASP C 315 -41.56 38.20 7.54
CA ASP C 315 -41.39 39.51 8.15
C ASP C 315 -41.42 40.60 7.09
N HIS C 316 -41.09 40.23 5.86
CA HIS C 316 -40.97 41.18 4.76
C HIS C 316 -41.54 40.53 3.50
N VAL C 317 -42.60 41.13 2.95
CA VAL C 317 -43.20 40.63 1.71
C VAL C 317 -42.91 41.59 0.56
N ILE C 318 -42.28 41.07 -0.49
CA ILE C 318 -42.05 41.84 -1.69
C ILE C 318 -42.95 41.30 -2.81
N THR C 319 -43.87 42.11 -3.28
CA THR C 319 -44.79 41.71 -4.33
C THR C 319 -44.46 42.47 -5.61
N VAL C 320 -44.10 41.72 -6.66
CA VAL C 320 -43.73 42.32 -7.94
C VAL C 320 -44.55 41.76 -9.09
N ASP C 321 -45.04 42.66 -9.94
CA ASP C 321 -45.73 42.27 -11.17
C ASP C 321 -44.77 42.39 -12.33
N VAL C 322 -44.75 41.36 -13.18
CA VAL C 322 -43.85 41.34 -14.33
C VAL C 322 -44.61 41.62 -15.63
N VAL C 323 -44.21 42.67 -16.33
CA VAL C 323 -44.78 42.99 -17.63
C VAL C 323 -43.76 43.66 -18.56
N MET C 324 -43.99 43.49 -19.86
CA MET C 324 -43.26 44.19 -20.90
C MET C 324 -44.11 45.39 -21.37
N ASP C 325 -43.48 46.56 -21.55
CA ASP C 325 -44.19 47.72 -22.13
C ASP C 325 -43.22 48.69 -22.81
N ASN C 326 -43.75 49.51 -23.69
CA ASN C 326 -42.96 50.50 -24.42
C ASN C 326 -42.85 51.83 -23.66
N LEU C 327 -41.69 52.45 -23.76
CA LEU C 327 -41.45 53.77 -23.16
C LEU C 327 -41.33 54.88 -24.20
N LYS C 328 -41.09 56.10 -23.72
CA LYS C 328 -41.06 57.32 -24.54
C LYS C 328 -40.14 57.21 -25.75
N ASN C 329 -39.05 56.46 -25.60
CA ASN C 329 -38.09 56.29 -26.69
C ASN C 329 -38.53 55.24 -27.72
N GLY C 330 -39.70 54.66 -27.50
CA GLY C 330 -40.31 53.73 -28.46
C GLY C 330 -39.86 52.29 -28.33
N VAL C 331 -38.86 52.03 -27.48
CA VAL C 331 -38.35 50.67 -27.32
C VAL C 331 -39.09 49.94 -26.18
N ASN C 332 -39.05 48.61 -26.22
CA ASN C 332 -39.80 47.78 -25.31
C ASN C 332 -38.95 47.31 -24.15
N TYR C 333 -39.39 47.65 -22.93
CA TYR C 333 -38.66 47.36 -21.72
C TYR C 333 -39.42 46.35 -20.87
N ALA C 334 -38.72 45.76 -19.89
CA ALA C 334 -39.33 44.84 -18.96
C ALA C 334 -39.41 45.48 -17.57
N PHE C 335 -40.48 45.18 -16.85
CA PHE C 335 -40.82 45.87 -15.61
C PHE C 335 -41.07 44.96 -14.40
N PHE C 336 -40.48 45.32 -13.25
CA PHE C 336 -40.91 44.82 -11.97
C PHE C 336 -41.77 45.93 -11.41
N ASN C 337 -43.07 45.66 -11.20
CA ASN C 337 -44.05 46.72 -10.95
C ASN C 337 -43.93 47.82 -12.03
N ASN C 338 -43.57 49.03 -11.62
CA ASN C 338 -43.42 50.11 -12.60
C ASN C 338 -41.96 50.55 -12.83
N ILE C 339 -41.02 49.63 -12.57
CA ILE C 339 -39.60 49.96 -12.67
C ILE C 339 -38.84 48.97 -13.57
N THR C 340 -38.09 49.53 -14.52
CA THR C 340 -37.07 48.78 -15.26
C THR C 340 -35.75 49.08 -14.59
N TYR C 341 -34.98 48.04 -14.29
CA TYR C 341 -33.70 48.24 -13.66
C TYR C 341 -32.80 49.14 -14.49
N THR C 342 -32.35 50.23 -13.88
CA THR C 342 -31.44 51.15 -14.52
C THR C 342 -30.22 51.35 -13.62
N ALA C 343 -29.08 50.84 -14.08
CA ALA C 343 -27.81 50.86 -13.32
C ALA C 343 -27.47 52.24 -12.76
N PRO C 344 -27.01 52.28 -11.50
CA PRO C 344 -26.64 53.54 -10.84
C PRO C 344 -25.22 54.01 -11.21
N LYS C 345 -24.86 55.20 -10.75
CA LYS C 345 -23.54 55.77 -11.04
C LYS C 345 -22.45 55.20 -10.16
N VAL C 346 -22.85 54.61 -9.05
CA VAL C 346 -21.92 53.95 -8.11
C VAL C 346 -22.50 52.59 -7.72
N PRO C 347 -21.68 51.52 -7.80
CA PRO C 347 -22.12 50.16 -7.48
C PRO C 347 -22.79 50.10 -6.12
N THR C 348 -23.88 49.34 -6.00
CA THR C 348 -24.65 49.28 -4.75
C THR C 348 -23.74 49.03 -3.54
N LEU C 349 -22.93 47.97 -3.61
CA LEU C 349 -22.01 47.61 -2.53
C LEU C 349 -21.07 48.74 -2.15
N MET C 350 -20.54 49.44 -3.15
CA MET C 350 -19.63 50.56 -2.89
C MET C 350 -20.28 51.68 -2.08
N THR C 351 -21.60 51.86 -2.24
CA THR C 351 -22.30 52.90 -1.47
C THR C 351 -22.56 52.45 -0.03
N VAL C 352 -22.98 51.19 0.15
CA VAL C 352 -23.16 50.65 1.50
C VAL C 352 -21.86 50.66 2.33
N LEU C 353 -20.72 50.41 1.67
CA LEU C 353 -19.43 50.42 2.34
C LEU C 353 -18.86 51.81 2.60
N SER C 354 -19.58 52.86 2.19
CA SER C 354 -19.12 54.23 2.45
C SER C 354 -20.23 55.20 2.87
N SER C 355 -21.40 54.68 3.21
CA SER C 355 -22.50 55.51 3.67
C SER C 355 -22.62 55.51 5.18
N GLY C 356 -21.82 54.67 5.82
CA GLY C 356 -21.79 54.58 7.28
C GLY C 356 -23.12 54.16 7.89
N ASP C 357 -23.69 55.05 8.70
CA ASP C 357 -24.90 54.77 9.45
C ASP C 357 -26.19 54.99 8.64
N GLN C 358 -26.04 55.43 7.40
CA GLN C 358 -27.18 55.77 6.57
C GLN C 358 -27.51 54.65 5.58
N ALA C 359 -26.84 53.51 5.74
CA ALA C 359 -27.03 52.37 4.85
C ALA C 359 -28.39 51.68 5.02
N ASN C 360 -29.09 52.00 6.09
CA ASN C 360 -30.41 51.43 6.35
C ASN C 360 -31.53 52.23 5.64
N ASN C 361 -31.19 53.44 5.20
CA ASN C 361 -32.14 54.27 4.47
C ASN C 361 -32.16 53.91 2.99
N SER C 362 -33.30 53.41 2.54
CA SER C 362 -33.46 52.89 1.17
C SER C 362 -33.27 53.95 0.08
N GLU C 363 -33.55 55.20 0.44
CA GLU C 363 -33.52 56.35 -0.47
C GLU C 363 -32.18 56.49 -1.18
N ILE C 364 -31.10 56.19 -0.46
CA ILE C 364 -29.73 56.47 -0.92
C ILE C 364 -29.25 55.53 -2.03
N TYR C 365 -29.95 54.43 -2.21
CA TYR C 365 -29.61 53.44 -3.23
C TYR C 365 -30.23 53.76 -4.57
N GLY C 366 -31.12 54.74 -4.61
CA GLY C 366 -31.75 55.19 -5.85
C GLY C 366 -33.21 54.79 -5.99
N SER C 367 -33.90 55.47 -6.90
CA SER C 367 -35.32 55.25 -7.11
C SER C 367 -35.58 54.36 -8.31
N ASN C 368 -34.62 54.32 -9.24
CA ASN C 368 -34.80 53.57 -10.48
C ASN C 368 -33.90 52.33 -10.53
N THR C 369 -33.63 51.82 -9.34
CA THR C 369 -32.64 50.78 -9.13
C THR C 369 -33.37 49.55 -8.59
N HIS C 370 -34.59 49.77 -8.12
CA HIS C 370 -35.45 48.80 -7.44
C HIS C 370 -34.75 48.07 -6.30
N THR C 371 -34.30 48.84 -5.32
CA THR C 371 -33.55 48.31 -4.19
C THR C 371 -34.45 48.12 -2.96
N PHE C 372 -34.35 46.95 -2.34
CA PHE C 372 -35.00 46.68 -1.06
C PHE C 372 -33.96 46.36 -0.01
N ILE C 373 -34.25 46.76 1.22
CA ILE C 373 -33.37 46.47 2.34
C ILE C 373 -33.96 45.37 3.22
N LEU C 374 -33.18 44.33 3.45
CA LEU C 374 -33.61 43.20 4.27
C LEU C 374 -32.96 43.26 5.66
N GLU C 375 -33.74 42.94 6.69
CA GLU C 375 -33.31 43.05 8.09
C GLU C 375 -32.54 41.84 8.59
N LYS C 376 -31.76 42.07 9.66
CA LYS C 376 -30.78 41.13 10.22
C LYS C 376 -31.01 39.65 9.96
N ASP C 377 -32.11 39.08 10.45
CA ASP C 377 -32.38 37.66 10.17
C ASP C 377 -33.79 37.37 9.67
N GLU C 378 -34.45 38.38 9.10
CA GLU C 378 -35.87 38.28 8.78
C GLU C 378 -36.20 37.24 7.72
N ILE C 379 -37.40 36.71 7.80
CA ILE C 379 -37.88 35.80 6.78
C ILE C 379 -38.51 36.64 5.66
N VAL C 380 -37.94 36.53 4.46
CA VAL C 380 -38.38 37.31 3.30
C VAL C 380 -39.18 36.45 2.32
N GLU C 381 -40.27 37.01 1.84
CA GLU C 381 -41.11 36.36 0.85
C GLU C 381 -41.19 37.21 -0.43
N ILE C 382 -40.87 36.60 -1.57
CA ILE C 382 -41.06 37.26 -2.85
C ILE C 382 -42.28 36.67 -3.53
N VAL C 383 -43.25 37.54 -3.81
CA VAL C 383 -44.42 37.17 -4.58
C VAL C 383 -44.27 37.75 -5.98
N LEU C 384 -44.28 36.86 -6.96
CA LEU C 384 -44.10 37.25 -8.35
C LEU C 384 -45.36 36.96 -9.13
N ASN C 385 -45.91 38.00 -9.74
CA ASN C 385 -47.10 37.89 -10.56
C ASN C 385 -46.82 38.19 -12.03
N ASN C 386 -46.79 37.14 -12.84
CA ASN C 386 -46.54 37.24 -14.26
C ASN C 386 -47.75 37.82 -15.00
N GLN C 387 -47.60 39.03 -15.52
CA GLN C 387 -48.67 39.68 -16.26
C GLN C 387 -48.40 39.51 -17.76
N ASP C 388 -47.27 38.84 -18.05
CA ASP C 388 -46.79 38.59 -19.42
C ASP C 388 -47.16 37.16 -19.84
N THR C 389 -47.30 36.91 -21.14
CA THR C 389 -47.79 35.63 -21.62
C THR C 389 -46.68 34.59 -21.79
N GLY C 390 -45.47 34.91 -21.32
CA GLY C 390 -44.31 34.01 -21.48
C GLY C 390 -43.84 33.32 -20.21
N THR C 391 -42.91 32.39 -20.37
CA THR C 391 -42.29 31.68 -19.25
C THR C 391 -41.00 32.37 -18.92
N HIS C 392 -40.73 32.57 -17.63
CA HIS C 392 -39.51 33.25 -17.23
C HIS C 392 -38.83 32.51 -16.09
N PRO C 393 -37.54 32.21 -16.26
CA PRO C 393 -36.75 31.64 -15.18
C PRO C 393 -36.12 32.75 -14.32
N PHE C 394 -36.68 32.97 -13.13
CA PHE C 394 -36.09 33.95 -12.23
C PHE C 394 -35.04 33.31 -11.36
N HIS C 395 -34.00 34.08 -11.09
CA HIS C 395 -32.85 33.62 -10.34
C HIS C 395 -32.52 34.58 -9.20
N LEU C 396 -32.15 34.04 -8.04
CA LEU C 396 -31.81 34.84 -6.87
C LEU C 396 -30.37 34.59 -6.44
N HIS C 397 -29.55 35.64 -6.46
CA HIS C 397 -28.18 35.55 -5.98
C HIS C 397 -28.12 35.33 -4.47
N GLY C 398 -27.06 34.69 -3.99
CA GLY C 398 -26.80 34.60 -2.54
C GLY C 398 -27.61 33.59 -1.73
N HIS C 399 -28.63 32.99 -2.35
CA HIS C 399 -29.52 32.08 -1.64
C HIS C 399 -30.05 30.94 -2.50
N ALA C 400 -30.38 29.84 -1.84
CA ALA C 400 -31.28 28.85 -2.41
C ALA C 400 -32.60 29.06 -1.67
N PHE C 401 -33.65 29.43 -2.39
CA PHE C 401 -34.92 29.75 -1.73
C PHE C 401 -35.86 28.55 -1.66
N GLN C 402 -36.88 28.66 -0.81
CA GLN C 402 -37.93 27.66 -0.73
C GLN C 402 -39.04 28.03 -1.71
N THR C 403 -39.41 27.11 -2.58
CA THR C 403 -40.53 27.29 -3.49
C THR C 403 -41.80 26.76 -2.84
N ILE C 404 -42.68 27.68 -2.42
CA ILE C 404 -43.88 27.30 -1.70
C ILE C 404 -45.16 27.33 -2.54
N GLN C 405 -45.17 28.14 -3.60
CA GLN C 405 -46.21 28.05 -4.62
C GLN C 405 -45.69 28.43 -5.98
N ARG C 406 -46.13 27.70 -6.99
CA ARG C 406 -45.86 28.02 -8.38
C ARG C 406 -47.07 27.58 -9.21
N ASP C 407 -47.98 28.51 -9.45
CA ASP C 407 -49.28 28.20 -10.05
C ASP C 407 -49.19 27.67 -11.49
N ARG C 408 -50.28 27.08 -11.98
CA ARG C 408 -50.36 26.48 -13.30
C ARG C 408 -50.30 27.50 -14.44
N THR C 409 -50.17 27.00 -15.67
CA THR C 409 -50.23 27.84 -16.88
C THR C 409 -51.62 28.44 -17.04
N TYR C 410 -51.67 29.73 -17.32
CA TYR C 410 -52.89 30.41 -17.71
C TYR C 410 -52.77 30.80 -19.18
N ASP C 411 -53.31 29.95 -20.05
CA ASP C 411 -53.09 30.02 -21.49
C ASP C 411 -53.99 31.07 -22.15
N ASP C 412 -53.38 32.12 -22.70
CA ASP C 412 -54.19 33.21 -23.26
C ASP C 412 -54.76 32.85 -24.62
N ALA C 413 -54.19 31.81 -25.23
CA ALA C 413 -54.75 31.23 -26.46
C ALA C 413 -56.13 30.60 -26.20
N LEU C 414 -56.33 30.08 -24.99
CA LEU C 414 -57.63 29.58 -24.57
C LEU C 414 -58.49 30.67 -23.96
N GLY C 415 -57.97 31.89 -23.94
CA GLY C 415 -58.72 33.05 -23.48
C GLY C 415 -58.53 33.43 -22.03
N GLU C 416 -57.61 32.76 -21.35
CA GLU C 416 -57.38 33.00 -19.92
C GLU C 416 -56.53 34.24 -19.66
N VAL C 417 -56.84 34.92 -18.56
CA VAL C 417 -56.12 36.13 -18.16
C VAL C 417 -55.12 35.82 -17.03
N PRO C 418 -54.25 36.80 -16.68
CA PRO C 418 -53.30 36.58 -15.59
C PRO C 418 -53.96 36.49 -14.21
N HIS C 419 -53.39 35.65 -13.35
CA HIS C 419 -53.86 35.40 -11.99
C HIS C 419 -52.74 35.72 -11.01
N SER C 420 -52.99 36.63 -10.07
CA SER C 420 -52.02 36.96 -9.03
C SER C 420 -52.09 35.94 -7.90
N PHE C 421 -51.03 35.87 -7.09
CA PHE C 421 -51.11 35.16 -5.82
C PHE C 421 -52.03 35.94 -4.89
N ASP C 422 -52.92 35.22 -4.23
CA ASP C 422 -53.83 35.81 -3.26
C ASP C 422 -53.52 35.21 -1.89
N PRO C 423 -52.96 36.03 -0.96
CA PRO C 423 -52.66 35.55 0.38
C PRO C 423 -53.91 35.04 1.13
N ASP C 424 -55.08 35.46 0.69
CA ASP C 424 -56.34 35.04 1.29
C ASP C 424 -56.90 33.77 0.66
N ASN C 425 -56.44 33.46 -0.55
CA ASN C 425 -56.95 32.30 -1.27
C ASN C 425 -55.90 31.62 -2.13
N HIS C 426 -55.39 30.51 -1.62
CA HIS C 426 -54.35 29.72 -2.28
C HIS C 426 -54.37 28.30 -1.74
N PRO C 427 -53.91 27.31 -2.54
CA PRO C 427 -53.74 25.96 -2.02
C PRO C 427 -52.78 25.95 -0.82
N ALA C 428 -52.90 24.94 0.04
CA ALA C 428 -51.99 24.82 1.17
C ALA C 428 -50.56 24.60 0.68
N PHE C 429 -49.63 25.39 1.23
CA PHE C 429 -48.21 25.29 0.93
C PHE C 429 -47.65 23.94 1.40
N PRO C 430 -46.55 23.46 0.76
CA PRO C 430 -45.96 22.21 1.24
C PRO C 430 -45.29 22.39 2.61
N GLU C 431 -45.22 21.31 3.37
CA GLU C 431 -44.61 21.31 4.70
C GLU C 431 -43.10 21.39 4.63
N TYR C 432 -42.53 20.72 3.62
CA TYR C 432 -41.09 20.69 3.40
C TYR C 432 -40.77 21.06 1.96
N PRO C 433 -40.72 22.38 1.67
CA PRO C 433 -40.70 22.88 0.31
C PRO C 433 -39.41 22.50 -0.41
N MET C 434 -39.50 22.43 -1.72
CA MET C 434 -38.34 22.27 -2.57
C MET C 434 -37.47 23.54 -2.45
N ARG C 435 -36.17 23.38 -2.71
CA ARG C 435 -35.21 24.49 -2.66
C ARG C 435 -34.34 24.52 -3.91
N ARG C 436 -34.12 25.72 -4.47
CA ARG C 436 -33.21 25.94 -5.61
C ARG C 436 -32.86 27.43 -5.85
N ASP C 437 -32.05 27.68 -6.87
CA ASP C 437 -31.52 28.99 -7.29
C ASP C 437 -32.41 29.70 -8.28
N THR C 438 -33.03 28.89 -9.13
CA THR C 438 -33.65 29.37 -10.34
C THR C 438 -34.94 28.63 -10.54
N LEU C 439 -35.99 29.40 -10.77
CA LEU C 439 -37.35 28.89 -10.84
C LEU C 439 -38.14 29.67 -11.89
N TYR C 440 -38.92 28.96 -12.70
CA TYR C 440 -39.76 29.58 -13.70
C TYR C 440 -41.19 29.86 -13.22
N VAL C 441 -41.72 31.03 -13.58
CA VAL C 441 -43.17 31.27 -13.57
C VAL C 441 -43.74 30.80 -14.89
N ARG C 442 -44.93 30.22 -14.84
CA ARG C 442 -45.60 29.78 -16.06
C ARG C 442 -46.29 31.00 -16.67
N PRO C 443 -46.65 30.92 -17.97
CA PRO C 443 -47.34 32.03 -18.62
C PRO C 443 -48.53 32.55 -17.82
N GLN C 444 -48.53 33.86 -17.59
CA GLN C 444 -49.65 34.56 -16.97
C GLN C 444 -49.96 34.07 -15.54
N SER C 445 -48.96 33.45 -14.90
CA SER C 445 -49.17 32.80 -13.61
C SER C 445 -48.43 33.52 -12.48
N ASN C 446 -48.13 32.78 -11.41
CA ASN C 446 -47.48 33.36 -10.25
C ASN C 446 -46.60 32.34 -9.53
N PHE C 447 -45.67 32.83 -8.72
CA PHE C 447 -45.00 31.98 -7.75
C PHE C 447 -44.69 32.72 -6.46
N VAL C 448 -44.44 31.96 -5.41
CA VAL C 448 -44.10 32.50 -4.10
C VAL C 448 -42.89 31.75 -3.57
N ILE C 449 -41.84 32.49 -3.26
CA ILE C 449 -40.64 31.90 -2.69
C ILE C 449 -40.33 32.54 -1.34
N ARG C 450 -39.71 31.78 -0.44
CA ARG C 450 -39.29 32.29 0.87
C ARG C 450 -37.86 31.90 1.18
N PHE C 451 -37.17 32.80 1.88
CA PHE C 451 -35.83 32.56 2.35
C PHE C 451 -35.50 33.45 3.55
N LYS C 452 -34.50 33.04 4.32
CA LYS C 452 -34.05 33.75 5.49
C LYS C 452 -32.92 34.71 5.10
N ALA C 453 -33.01 35.95 5.56
CA ALA C 453 -31.93 36.92 5.34
C ALA C 453 -30.78 36.64 6.31
N ASP C 454 -30.01 35.59 6.03
CA ASP C 454 -28.92 35.16 6.90
C ASP C 454 -27.57 35.28 6.20
N ASN C 455 -27.54 36.04 5.12
CA ASN C 455 -26.36 36.14 4.27
C ASN C 455 -26.12 37.59 3.86
N PRO C 456 -25.54 38.40 4.76
CA PRO C 456 -25.28 39.82 4.48
C PRO C 456 -24.64 39.98 3.10
N GLY C 457 -25.26 40.80 2.25
CA GLY C 457 -24.74 41.02 0.90
C GLY C 457 -25.66 41.85 0.03
N VAL C 458 -25.27 42.01 -1.22
CA VAL C 458 -26.08 42.73 -2.21
C VAL C 458 -26.42 41.72 -3.31
N TRP C 459 -27.70 41.39 -3.44
CA TRP C 459 -28.11 40.27 -4.30
C TRP C 459 -29.08 40.66 -5.40
N PHE C 460 -28.75 40.25 -6.61
CA PHE C 460 -29.59 40.52 -7.78
C PHE C 460 -30.72 39.49 -7.84
N PHE C 461 -31.93 39.98 -8.05
CA PHE C 461 -33.05 39.09 -8.35
C PHE C 461 -33.58 39.46 -9.71
N HIS C 462 -33.45 38.53 -10.67
CA HIS C 462 -33.78 38.84 -12.07
C HIS C 462 -34.17 37.64 -12.89
N CYS C 463 -34.74 37.91 -14.06
CA CYS C 463 -34.93 36.88 -15.06
C CYS C 463 -33.59 36.57 -15.70
N HIS C 464 -33.34 35.29 -15.90
CA HIS C 464 -32.07 34.82 -16.42
C HIS C 464 -32.04 34.72 -17.94
N ILE C 465 -33.16 35.09 -18.58
CA ILE C 465 -33.16 35.24 -20.02
C ILE C 465 -32.42 36.52 -20.32
N GLU C 466 -31.25 36.38 -20.94
CA GLU C 466 -30.39 37.52 -21.22
C GLU C 466 -31.10 38.71 -21.85
N TRP C 467 -31.97 38.44 -22.81
CA TRP C 467 -32.76 39.46 -23.47
C TRP C 467 -33.62 40.25 -22.50
N HIS C 468 -34.21 39.57 -21.52
CA HIS C 468 -35.08 40.22 -20.55
C HIS C 468 -34.30 40.97 -19.51
N LEU C 469 -33.10 40.48 -19.20
CA LEU C 469 -32.21 41.19 -18.30
C LEU C 469 -31.76 42.50 -18.95
N LEU C 470 -31.52 42.44 -20.25
CA LEU C 470 -31.22 43.61 -21.07
C LEU C 470 -32.37 44.60 -21.10
N GLN C 471 -33.59 44.08 -21.10
CA GLN C 471 -34.80 44.90 -21.00
C GLN C 471 -35.03 45.41 -19.58
N GLY C 472 -34.18 45.01 -18.63
CA GLY C 472 -34.20 45.49 -17.25
C GLY C 472 -35.07 44.77 -16.25
N LEU C 473 -35.32 43.47 -16.46
CA LEU C 473 -36.14 42.69 -15.54
C LEU C 473 -35.32 42.25 -14.33
N GLY C 474 -35.02 43.19 -13.44
CA GLY C 474 -34.18 42.92 -12.26
C GLY C 474 -34.43 43.87 -11.11
N LEU C 475 -34.20 43.39 -9.90
CA LEU C 475 -34.29 44.21 -8.70
C LEU C 475 -33.16 43.85 -7.74
N VAL C 476 -32.83 44.75 -6.82
CA VAL C 476 -31.65 44.61 -5.97
C VAL C 476 -32.05 44.43 -4.52
N LEU C 477 -31.50 43.38 -3.89
CA LEU C 477 -31.74 43.14 -2.46
C LEU C 477 -30.47 43.43 -1.67
N VAL C 478 -30.59 44.31 -0.67
CA VAL C 478 -29.48 44.62 0.22
C VAL C 478 -29.78 43.97 1.58
N GLU C 479 -29.04 42.90 1.88
CA GLU C 479 -29.20 42.16 3.14
C GLU C 479 -28.39 42.77 4.27
N ASP C 480 -29.07 43.03 5.41
CA ASP C 480 -28.55 43.92 6.47
C ASP C 480 -27.21 44.58 6.16
N PRO C 481 -27.26 45.77 5.54
CA PRO C 481 -26.07 46.55 5.19
C PRO C 481 -25.13 46.78 6.39
N PHE C 482 -25.67 46.76 7.61
CA PHE C 482 -24.83 46.86 8.79
C PHE C 482 -23.99 45.60 8.99
N GLY C 483 -24.60 44.45 8.73
CA GLY C 483 -23.87 43.17 8.76
C GLY C 483 -22.73 43.16 7.77
N ILE C 484 -23.00 43.72 6.58
CA ILE C 484 -22.00 43.88 5.52
C ILE C 484 -20.81 44.72 6.01
N GLN C 485 -21.11 45.87 6.59
CA GLN C 485 -20.07 46.80 7.08
C GLN C 485 -19.25 46.22 8.22
N ASP C 486 -19.90 45.47 9.11
CA ASP C 486 -19.25 44.93 10.32
C ASP C 486 -18.25 43.83 10.03
N ALA C 487 -18.50 43.02 9.00
CA ALA C 487 -17.60 41.94 8.63
C ALA C 487 -16.36 42.49 7.90
N HIS C 488 -15.19 42.10 8.40
CA HIS C 488 -13.91 42.52 7.83
C HIS C 488 -13.69 41.94 6.42
N SER C 489 -13.98 40.64 6.27
CA SER C 489 -13.83 39.93 4.99
C SER C 489 -14.59 40.59 3.83
N GLN C 490 -15.45 41.53 4.18
CA GLN C 490 -16.33 42.20 3.23
C GLN C 490 -15.71 43.45 2.61
N GLN C 491 -14.70 44.00 3.27
CA GLN C 491 -14.01 45.21 2.79
C GLN C 491 -13.37 44.99 1.41
N LEU C 492 -13.46 46.00 0.57
CA LEU C 492 -12.96 45.91 -0.80
C LEU C 492 -11.44 45.88 -0.85
N SER C 493 -10.90 44.98 -1.66
CA SER C 493 -9.46 44.82 -1.83
C SER C 493 -8.86 45.91 -2.71
N GLU C 494 -7.53 46.02 -2.67
CA GLU C 494 -6.81 46.98 -3.50
C GLU C 494 -7.10 46.74 -4.99
N ASN C 495 -7.02 45.48 -5.40
CA ASN C 495 -7.34 45.02 -6.75
C ASN C 495 -8.68 45.57 -7.28
N HIS C 496 -9.74 45.43 -6.49
CA HIS C 496 -11.08 45.88 -6.87
C HIS C 496 -11.16 47.39 -7.06
N LEU C 497 -10.60 48.15 -6.11
CA LEU C 497 -10.48 49.60 -6.22
C LEU C 497 -9.69 50.00 -7.46
N GLU C 498 -8.63 49.23 -7.73
CA GLU C 498 -7.81 49.39 -8.94
C GLU C 498 -8.62 49.24 -10.22
N VAL C 499 -9.51 48.25 -10.25
CA VAL C 499 -10.39 48.02 -11.38
C VAL C 499 -11.32 49.22 -11.60
N CYS C 500 -11.89 49.73 -10.50
CA CYS C 500 -12.78 50.91 -10.52
C CYS C 500 -12.13 52.16 -11.08
N GLN C 501 -10.94 52.49 -10.58
CA GLN C 501 -10.22 53.68 -11.02
C GLN C 501 -9.84 53.56 -12.49
N SER C 502 -9.46 52.35 -12.89
CA SER C 502 -9.07 52.05 -14.25
C SER C 502 -10.27 52.11 -15.21
N CYS C 503 -11.47 52.00 -14.63
CA CYS C 503 -12.72 52.06 -15.36
C CYS C 503 -13.34 53.45 -15.30
N SER C 504 -12.73 54.33 -14.50
CA SER C 504 -13.27 55.64 -14.11
C SER C 504 -14.72 55.58 -13.62
N VAL C 505 -14.94 54.70 -12.64
CA VAL C 505 -16.20 54.55 -11.96
C VAL C 505 -15.95 54.81 -10.47
N ALA C 506 -16.76 55.69 -9.88
CA ALA C 506 -16.57 56.10 -8.49
C ALA C 506 -16.88 55.02 -7.47
N THR C 507 -16.32 55.18 -6.28
CA THR C 507 -16.73 54.46 -5.08
C THR C 507 -17.19 55.48 -4.01
N GLU C 508 -18.36 56.08 -4.26
CA GLU C 508 -18.88 57.15 -3.41
C GLU C 508 -20.17 56.77 -2.67
N GLY C 509 -21.28 57.42 -3.00
CA GLY C 509 -22.56 57.12 -2.35
C GLY C 509 -23.75 57.37 -3.25
N ASN C 510 -23.77 56.66 -4.38
CA ASN C 510 -24.70 56.91 -5.49
C ASN C 510 -24.75 58.37 -5.97
N ALA C 511 -24.17 58.59 -7.17
CA ALA C 511 -23.93 59.90 -7.72
C ALA C 511 -23.12 60.74 -6.71
N ALA C 512 -23.81 61.54 -5.89
CA ALA C 512 -23.20 62.62 -5.09
C ALA C 512 -22.00 62.22 -4.23
N ALA C 513 -21.09 63.17 -4.06
CA ALA C 513 -19.76 62.96 -3.47
C ALA C 513 -19.78 62.85 -1.96
N ASN C 514 -20.38 61.77 -1.45
CA ASN C 514 -20.50 61.54 0.01
C ASN C 514 -20.86 62.81 0.77
N THR C 515 -21.73 63.62 0.20
CA THR C 515 -21.92 65.01 0.66
C THR C 515 -23.29 65.29 1.30
N LEU C 516 -24.37 64.91 0.63
CA LEU C 516 -25.71 65.05 1.20
C LEU C 516 -26.45 63.71 1.15
N ASP C 517 -25.91 62.77 0.36
CA ASP C 517 -26.48 61.43 0.23
C ASP C 517 -27.93 61.37 -0.27
N LEU C 518 -28.53 62.55 -0.48
CA LEU C 518 -29.84 62.61 -1.16
C LEU C 518 -29.63 63.08 -2.61
N THR C 519 -30.12 62.25 -3.54
CA THR C 519 -29.63 62.13 -4.93
C THR C 519 -30.12 63.14 -5.98
N ASP C 520 -29.57 63.03 -7.19
CA ASP C 520 -30.06 63.67 -8.43
C ASP C 520 -29.68 62.74 -9.58
N LEU C 521 -30.35 61.57 -9.62
CA LEU C 521 -29.79 60.32 -10.17
C LEU C 521 -29.72 60.07 -11.69
N THR C 522 -30.04 58.84 -12.08
CA THR C 522 -30.01 58.32 -13.45
C THR C 522 -31.26 57.45 -13.69
N GLY C 523 -32.26 58.04 -14.36
CA GLY C 523 -33.59 57.41 -14.45
C GLY C 523 -33.88 56.63 -15.72
N GLU C 524 -35.03 55.94 -15.70
CA GLU C 524 -35.61 55.29 -16.87
C GLU C 524 -36.34 56.33 -17.73
N ASN C 525 -36.48 56.03 -19.02
CA ASN C 525 -37.26 56.88 -19.92
C ASN C 525 -38.70 56.97 -19.42
N VAL C 526 -39.32 58.12 -19.60
CA VAL C 526 -40.64 58.34 -18.99
C VAL C 526 -41.77 57.52 -19.60
N GLN C 527 -42.91 57.50 -18.92
CA GLN C 527 -44.01 56.61 -19.22
C GLN C 527 -44.81 57.08 -20.45
N HIS C 528 -45.71 56.21 -20.91
CA HIS C 528 -46.37 56.32 -22.23
C HIS C 528 -47.62 57.19 -22.31
N ALA C 529 -48.11 57.70 -21.18
CA ALA C 529 -49.36 58.50 -21.15
C ALA C 529 -49.17 59.87 -21.78
N GLU D 1 -34.47 12.25 51.52
CA GLU D 1 -33.73 12.46 52.78
C GLU D 1 -32.24 12.64 52.49
N THR D 2 -31.63 13.59 53.19
CA THR D 2 -30.22 13.91 52.99
C THR D 2 -29.34 13.41 54.13
N HIS D 3 -28.34 12.62 53.77
CA HIS D 3 -27.37 12.09 54.71
C HIS D 3 -26.05 12.83 54.50
N THR D 4 -25.61 13.58 55.50
CA THR D 4 -24.36 14.33 55.38
C THR D 4 -23.31 13.78 56.33
N PHE D 5 -22.14 13.54 55.79
CA PHE D 5 -21.05 12.93 56.52
C PHE D 5 -19.85 13.83 56.49
N ASN D 6 -19.11 13.87 57.60
CA ASN D 6 -17.82 14.54 57.62
C ASN D 6 -16.70 13.57 57.96
N TRP D 7 -15.96 13.17 56.94
CA TRP D 7 -14.92 12.16 57.09
C TRP D 7 -13.51 12.66 56.74
N THR D 8 -12.57 12.39 57.64
CA THR D 8 -11.18 12.79 57.47
C THR D 8 -10.26 11.59 57.51
N THR D 9 -9.49 11.42 56.43
CA THR D 9 -8.51 10.34 56.30
C THR D 9 -7.39 10.52 57.31
N GLY D 10 -6.82 9.41 57.76
CA GLY D 10 -5.70 9.43 58.67
C GLY D 10 -4.99 8.09 58.73
N TRP D 11 -3.90 8.04 59.48
CA TRP D 11 -3.13 6.83 59.69
C TRP D 11 -3.11 6.47 61.16
N ASP D 12 -3.44 5.23 61.47
CA ASP D 12 -3.30 4.70 62.83
C ASP D 12 -2.93 3.22 62.77
N TYR D 13 -2.27 2.76 63.81
CA TYR D 13 -1.90 1.36 63.93
C TYR D 13 -3.11 0.51 64.32
N ARG D 14 -3.33 -0.57 63.59
CA ARG D 14 -4.27 -1.62 63.99
C ARG D 14 -3.66 -2.99 63.69
N ASN D 15 -4.11 -4.00 64.41
CA ASN D 15 -3.74 -5.37 64.11
C ASN D 15 -4.96 -6.08 63.55
N VAL D 16 -5.23 -5.86 62.28
CA VAL D 16 -6.41 -6.39 61.63
C VAL D 16 -6.32 -7.91 61.54
N ASP D 17 -5.18 -8.36 61.03
CA ASP D 17 -4.83 -9.74 60.82
C ASP D 17 -4.97 -10.59 62.08
N GLY D 18 -4.44 -10.06 63.18
CA GLY D 18 -4.21 -10.84 64.37
C GLY D 18 -2.73 -11.07 64.55
N LEU D 19 -1.94 -10.75 63.51
CA LEU D 19 -0.49 -11.01 63.58
C LEU D 19 0.50 -9.91 63.16
N LYS D 20 0.02 -8.69 63.00
CA LYS D 20 0.91 -7.55 62.73
C LYS D 20 0.24 -6.22 63.03
N SER D 21 0.74 -5.52 64.04
CA SER D 21 0.33 -4.16 64.23
C SER D 21 0.96 -3.32 63.13
N ARG D 22 0.12 -2.57 62.44
CA ARG D 22 0.46 -2.02 61.14
C ARG D 22 -0.42 -0.80 60.88
N PRO D 23 0.15 0.26 60.27
CA PRO D 23 -0.66 1.45 59.97
C PRO D 23 -1.78 1.15 58.98
N VAL D 24 -3.00 1.60 59.30
CA VAL D 24 -4.14 1.50 58.40
C VAL D 24 -4.79 2.88 58.22
N ILE D 25 -5.54 3.06 57.13
CA ILE D 25 -6.21 4.34 56.88
C ILE D 25 -7.51 4.47 57.67
N THR D 26 -7.53 5.45 58.57
CA THR D 26 -8.67 5.66 59.44
C THR D 26 -9.63 6.69 58.89
N CYS D 27 -10.87 6.64 59.36
CA CYS D 27 -11.85 7.67 59.13
C CYS D 27 -12.16 8.35 60.45
N ASN D 28 -11.78 9.62 60.57
CA ASN D 28 -11.98 10.35 61.82
C ASN D 28 -11.35 9.62 63.00
N GLY D 29 -10.21 8.98 62.75
CA GLY D 29 -9.50 8.21 63.77
C GLY D 29 -10.06 6.82 64.03
N GLN D 30 -11.11 6.45 63.30
CA GLN D 30 -11.80 5.17 63.52
C GLN D 30 -11.45 4.14 62.45
N PHE D 31 -11.42 2.88 62.85
CA PHE D 31 -11.27 1.77 61.91
C PHE D 31 -12.10 0.61 62.42
N PRO D 32 -12.88 -0.05 61.53
CA PRO D 32 -12.89 0.13 60.08
C PRO D 32 -13.76 1.32 59.66
N TRP D 33 -13.73 1.67 58.37
CA TRP D 33 -14.58 2.72 57.81
C TRP D 33 -16.07 2.41 57.98
N PRO D 34 -16.92 3.44 58.09
CA PRO D 34 -18.35 3.20 58.30
C PRO D 34 -19.07 2.61 57.10
N ASP D 35 -20.25 2.05 57.33
CA ASP D 35 -21.11 1.59 56.24
C ASP D 35 -22.27 2.56 56.11
N ILE D 36 -22.64 2.87 54.88
CA ILE D 36 -23.77 3.77 54.61
C ILE D 36 -24.98 2.95 54.20
N THR D 37 -26.13 3.27 54.81
CA THR D 37 -27.40 2.70 54.38
C THR D 37 -28.37 3.84 54.09
N VAL D 38 -28.86 3.88 52.86
CA VAL D 38 -29.83 4.89 52.46
C VAL D 38 -31.02 4.25 51.74
N ASN D 39 -32.07 5.03 51.50
CA ASN D 39 -33.23 4.58 50.74
C ASN D 39 -33.18 5.06 49.30
N LYS D 40 -33.85 4.32 48.43
CA LYS D 40 -33.98 4.71 47.04
C LYS D 40 -34.31 6.21 46.93
N GLY D 41 -33.51 6.94 46.16
CA GLY D 41 -33.74 8.34 45.90
C GLY D 41 -33.29 9.33 46.97
N ASP D 42 -32.57 8.84 47.98
CA ASP D 42 -31.95 9.70 49.00
C ASP D 42 -30.77 10.48 48.43
N ARG D 43 -30.45 11.60 49.06
CA ARG D 43 -29.25 12.37 48.70
C ARG D 43 -28.14 12.09 49.70
N VAL D 44 -26.95 11.80 49.18
CA VAL D 44 -25.78 11.55 50.01
C VAL D 44 -24.77 12.69 49.81
N GLN D 45 -24.39 13.33 50.91
CA GLN D 45 -23.39 14.38 50.88
C GLN D 45 -22.22 14.05 51.79
N ILE D 46 -21.10 13.64 51.19
CA ILE D 46 -19.90 13.33 51.98
C ILE D 46 -18.84 14.41 51.80
N TYR D 47 -18.48 15.05 52.91
CA TYR D 47 -17.32 15.93 52.94
C TYR D 47 -16.08 15.10 53.25
N LEU D 48 -15.28 14.84 52.23
CA LEU D 48 -14.06 14.09 52.41
C LEU D 48 -12.90 15.05 52.58
N THR D 49 -12.17 14.91 53.68
CA THR D 49 -11.00 15.73 53.90
C THR D 49 -9.75 14.87 53.93
N ASN D 50 -8.78 15.24 53.11
CA ASN D 50 -7.51 14.55 53.10
C ASN D 50 -6.65 15.02 54.25
N GLY D 51 -6.53 14.17 55.26
CA GLY D 51 -5.71 14.47 56.44
C GLY D 51 -4.40 13.70 56.45
N MET D 52 -4.09 13.06 55.33
CA MET D 52 -2.81 12.33 55.19
C MET D 52 -1.71 13.29 54.71
N ASN D 53 -0.49 13.06 55.17
CA ASN D 53 0.58 14.06 55.06
C ASN D 53 1.20 14.24 53.69
N ASN D 54 1.04 13.25 52.83
CA ASN D 54 1.92 13.07 51.67
C ASN D 54 1.22 12.50 50.42
N THR D 55 0.06 11.90 50.61
CA THR D 55 -0.67 11.26 49.53
C THR D 55 -1.86 12.10 49.06
N ASN D 56 -2.30 11.87 47.82
CA ASN D 56 -3.59 12.38 47.37
C ASN D 56 -4.69 11.41 47.84
N THR D 57 -5.95 11.80 47.71
CA THR D 57 -7.07 10.86 47.90
C THR D 57 -8.19 11.04 46.89
N SER D 58 -9.13 10.10 46.94
CA SER D 58 -10.36 10.18 46.17
C SER D 58 -11.30 9.17 46.78
N MET D 59 -12.59 9.25 46.44
CA MET D 59 -13.52 8.24 46.87
C MET D 59 -14.46 7.96 45.73
N HIS D 60 -14.57 6.69 45.39
CA HIS D 60 -15.48 6.24 44.37
C HIS D 60 -16.56 5.34 44.97
N PHE D 61 -17.79 5.50 44.50
CA PHE D 61 -18.91 4.71 44.97
C PHE D 61 -19.24 3.66 43.92
N HIS D 62 -18.73 2.46 44.16
CA HIS D 62 -18.76 1.37 43.20
C HIS D 62 -20.17 0.91 42.85
N GLY D 63 -20.51 1.00 41.57
CA GLY D 63 -21.76 0.48 41.07
C GLY D 63 -22.80 1.55 40.83
N LEU D 64 -22.65 2.67 41.53
CA LEU D 64 -23.60 3.77 41.41
C LEU D 64 -23.50 4.40 40.03
N PHE D 65 -24.65 4.69 39.42
CA PHE D 65 -24.66 5.10 38.02
C PHE D 65 -24.27 6.57 37.81
N GLN D 66 -24.38 7.36 38.88
CA GLN D 66 -24.04 8.78 38.86
C GLN D 66 -24.67 9.50 37.66
N ASN D 67 -25.92 9.12 37.36
CA ASN D 67 -26.67 9.65 36.23
C ASN D 67 -26.88 11.16 36.37
N GLY D 68 -26.25 11.94 35.50
CA GLY D 68 -26.38 13.39 35.53
C GLY D 68 -25.37 14.09 36.44
N THR D 69 -24.59 13.30 37.18
CA THR D 69 -23.59 13.86 38.11
C THR D 69 -22.25 13.12 38.02
N ALA D 70 -21.72 13.02 36.79
CA ALA D 70 -20.45 12.34 36.52
C ALA D 70 -19.27 12.86 37.35
N SER D 71 -19.31 14.16 37.67
CA SER D 71 -18.33 14.81 38.52
C SER D 71 -18.15 14.13 39.89
N MET D 72 -19.10 13.29 40.27
CA MET D 72 -19.12 12.69 41.60
C MET D 72 -18.65 11.22 41.63
N ASP D 73 -18.21 10.72 40.47
CA ASP D 73 -17.79 9.32 40.32
C ASP D 73 -16.54 8.98 41.10
N GLY D 74 -15.72 10.00 41.38
CA GLY D 74 -14.52 9.86 42.20
C GLY D 74 -13.32 9.15 41.58
N VAL D 75 -13.12 9.31 40.28
CA VAL D 75 -11.92 8.79 39.63
C VAL D 75 -11.01 9.97 39.22
N PRO D 76 -9.84 10.08 39.87
CA PRO D 76 -8.91 11.16 39.51
C PRO D 76 -8.48 11.07 38.04
N PHE D 77 -8.42 12.24 37.40
CA PHE D 77 -8.08 12.40 35.97
C PHE D 77 -9.06 11.81 34.97
N LEU D 78 -10.21 11.35 35.46
CA LEU D 78 -11.39 11.11 34.61
C LEU D 78 -12.51 12.05 35.02
N THR D 79 -12.75 12.10 36.32
CA THR D 79 -13.97 12.65 36.90
C THR D 79 -13.69 13.89 37.75
N GLN D 80 -12.46 13.99 38.23
CA GLN D 80 -12.05 15.01 39.18
C GLN D 80 -10.54 15.03 39.17
N CYS D 81 -9.94 16.06 39.78
CA CYS D 81 -8.52 16.04 40.05
C CYS D 81 -8.36 15.48 41.46
N PRO D 82 -7.15 15.00 41.81
CA PRO D 82 -6.97 14.32 43.11
C PRO D 82 -7.10 15.27 44.30
N ILE D 83 -7.53 14.74 45.44
CA ILE D 83 -7.68 15.53 46.66
C ILE D 83 -6.33 15.67 47.34
N ALA D 84 -5.82 16.91 47.36
CA ALA D 84 -4.52 17.22 47.95
C ALA D 84 -4.63 17.25 49.48
N PRO D 85 -3.53 16.91 50.18
CA PRO D 85 -3.45 17.07 51.64
C PRO D 85 -3.97 18.44 52.11
N GLY D 86 -4.93 18.41 53.03
CA GLY D 86 -5.54 19.63 53.59
C GLY D 86 -6.87 19.99 52.95
N SER D 87 -7.07 19.55 51.71
CA SER D 87 -8.27 19.85 50.94
C SER D 87 -9.49 19.01 51.34
N THR D 88 -10.67 19.55 51.04
CA THR D 88 -11.95 18.90 51.31
C THR D 88 -12.80 18.84 50.04
N MET D 89 -13.12 17.64 49.59
CA MET D 89 -14.03 17.48 48.47
C MET D 89 -15.42 17.09 48.95
N LEU D 90 -16.44 17.73 48.39
CA LEU D 90 -17.83 17.38 48.66
C LEU D 90 -18.35 16.47 47.56
N TYR D 91 -18.72 15.25 47.95
CA TYR D 91 -19.42 14.34 47.06
C TYR D 91 -20.91 14.48 47.34
N ASN D 92 -21.62 14.99 46.34
CA ASN D 92 -23.03 15.38 46.48
C ASN D 92 -23.82 14.72 45.34
N PHE D 93 -24.52 13.64 45.67
CA PHE D 93 -25.26 12.89 44.66
C PHE D 93 -26.54 12.26 45.19
N THR D 94 -27.48 11.99 44.27
CA THR D 94 -28.71 11.27 44.58
C THR D 94 -28.56 9.82 44.15
N VAL D 95 -29.51 8.99 44.55
CA VAL D 95 -29.47 7.56 44.30
C VAL D 95 -30.81 7.14 43.67
N ASP D 96 -31.08 7.63 42.47
CA ASP D 96 -32.36 7.41 41.80
C ASP D 96 -32.40 6.13 40.94
N TYR D 97 -31.24 5.59 40.60
CA TYR D 97 -31.18 4.54 39.59
C TYR D 97 -30.54 3.24 40.10
N ASN D 98 -30.17 3.23 41.38
CA ASN D 98 -29.54 2.04 41.98
C ASN D 98 -30.28 1.52 43.22
N VAL D 99 -30.29 0.20 43.34
CA VAL D 99 -30.91 -0.50 44.46
C VAL D 99 -29.97 -1.65 44.84
N GLY D 100 -29.84 -1.95 46.12
CA GLY D 100 -29.14 -3.15 46.56
C GLY D 100 -27.77 -2.93 47.21
N THR D 101 -26.85 -3.85 46.94
CA THR D 101 -25.58 -3.89 47.64
C THR D 101 -24.47 -3.23 46.82
N TYR D 102 -23.87 -2.20 47.40
CA TYR D 102 -22.75 -1.50 46.77
C TYR D 102 -21.67 -1.28 47.82
N TRP D 103 -20.56 -0.70 47.39
CA TRP D 103 -19.52 -0.30 48.32
C TRP D 103 -18.79 0.93 47.82
N TYR D 104 -18.04 1.57 48.71
CA TYR D 104 -17.23 2.70 48.34
C TYR D 104 -15.79 2.41 48.70
N HIS D 105 -14.86 2.93 47.90
CA HIS D 105 -13.44 2.79 48.16
C HIS D 105 -12.67 3.95 47.55
N SER D 106 -11.46 4.18 48.06
CA SER D 106 -10.54 5.16 47.49
C SER D 106 -10.19 4.71 46.09
N HIS D 107 -10.04 5.66 45.18
CA HIS D 107 -9.65 5.33 43.82
C HIS D 107 -8.28 5.89 43.48
N THR D 108 -7.49 6.23 44.50
CA THR D 108 -6.11 6.66 44.28
C THR D 108 -5.23 5.41 44.09
N ASP D 109 -3.99 5.41 44.60
CA ASP D 109 -3.00 4.39 44.19
C ASP D 109 -3.40 2.97 44.60
N GLY D 110 -2.95 2.54 45.76
CA GLY D 110 -3.38 1.26 46.30
C GLY D 110 -4.18 1.52 47.55
N GLN D 111 -4.32 2.81 47.86
CA GLN D 111 -5.01 3.30 49.05
C GLN D 111 -6.11 2.41 49.65
N TYR D 112 -7.07 1.93 48.85
CA TYR D 112 -8.17 1.15 49.45
C TYR D 112 -7.77 -0.17 50.14
N GLU D 113 -6.75 -0.85 49.60
CA GLU D 113 -6.17 -2.02 50.27
C GLU D 113 -5.69 -1.70 51.68
N ASP D 114 -5.23 -0.47 51.89
CA ASP D 114 -4.77 -0.03 53.18
C ASP D 114 -5.90 0.45 54.08
N GLY D 115 -7.13 0.07 53.73
CA GLY D 115 -8.26 0.19 54.66
C GLY D 115 -9.40 1.13 54.31
N MET D 116 -9.19 2.01 53.31
CA MET D 116 -10.18 3.03 52.97
C MET D 116 -11.27 2.46 52.06
N LYS D 117 -12.23 1.78 52.68
CA LYS D 117 -13.28 1.08 51.97
C LYS D 117 -14.40 0.76 52.95
N GLY D 118 -15.64 0.76 52.46
CA GLY D 118 -16.81 0.44 53.28
C GLY D 118 -18.02 0.12 52.42
N LEU D 119 -19.07 -0.41 53.04
CA LEU D 119 -20.28 -0.80 52.30
C LEU D 119 -21.26 0.36 52.09
N PHE D 120 -21.98 0.30 50.97
CA PHE D 120 -23.01 1.26 50.62
C PHE D 120 -24.26 0.47 50.27
N ILE D 121 -25.24 0.49 51.15
CA ILE D 121 -26.45 -0.29 50.92
C ILE D 121 -27.65 0.59 50.66
N ILE D 122 -28.34 0.30 49.55
CA ILE D 122 -29.57 0.99 49.20
C ILE D 122 -30.73 0.01 49.31
N LYS D 123 -31.71 0.35 50.14
CA LYS D 123 -32.90 -0.49 50.27
C LYS D 123 -34.02 -0.06 49.33
N ASP D 124 -34.79 -1.04 48.87
CA ASP D 124 -36.00 -0.78 48.11
C ASP D 124 -37.19 -1.55 48.68
N ASP D 125 -38.36 -0.90 48.66
CA ASP D 125 -39.60 -1.51 49.16
C ASP D 125 -40.09 -2.69 48.34
N SER D 126 -39.63 -2.79 47.09
CA SER D 126 -40.11 -3.85 46.20
C SER D 126 -39.08 -4.96 45.95
N PHE D 127 -38.32 -5.31 46.99
CA PHE D 127 -37.48 -6.50 46.96
C PHE D 127 -38.37 -7.74 47.05
N PRO D 128 -38.28 -8.65 46.06
CA PRO D 128 -39.25 -9.73 45.89
C PRO D 128 -39.26 -10.81 46.98
N TYR D 129 -38.16 -10.99 47.69
CA TYR D 129 -38.07 -12.11 48.62
C TYR D 129 -38.15 -11.75 50.10
N ASP D 130 -38.64 -12.69 50.89
CA ASP D 130 -38.80 -12.52 52.33
C ASP D 130 -37.58 -12.98 53.09
N TYR D 131 -37.28 -12.24 54.16
CA TYR D 131 -36.21 -12.60 55.09
C TYR D 131 -36.50 -12.05 56.48
N ASP D 132 -35.97 -12.73 57.51
CA ASP D 132 -36.21 -12.34 58.89
C ASP D 132 -35.17 -11.34 59.39
N GLU D 133 -33.91 -11.57 59.00
CA GLU D 133 -32.76 -10.80 59.48
C GLU D 133 -31.82 -10.53 58.30
N GLU D 134 -30.94 -9.54 58.45
CA GLU D 134 -29.98 -9.19 57.39
C GLU D 134 -28.63 -8.78 57.95
N LEU D 135 -27.56 -9.10 57.20
CA LEU D 135 -26.21 -8.72 57.55
C LEU D 135 -25.34 -8.75 56.31
N SER D 136 -24.08 -8.34 56.46
CA SER D 136 -23.12 -8.44 55.38
C SER D 136 -21.84 -9.09 55.87
N LEU D 137 -21.05 -9.59 54.94
CA LEU D 137 -19.69 -10.02 55.22
C LEU D 137 -18.78 -9.39 54.18
N SER D 138 -17.74 -8.70 54.65
CA SER D 138 -16.75 -8.10 53.77
C SER D 138 -15.53 -8.98 53.69
N LEU D 139 -15.44 -9.78 52.64
CA LEU D 139 -14.26 -10.61 52.40
C LEU D 139 -13.16 -9.74 51.81
N SER D 140 -11.91 -10.01 52.19
CA SER D 140 -10.75 -9.34 51.62
C SER D 140 -9.47 -10.14 51.89
N GLU D 141 -8.39 -9.79 51.21
CA GLU D 141 -7.07 -10.28 51.60
C GLU D 141 -6.35 -9.17 52.38
N TRP D 142 -5.32 -9.54 53.13
CA TRP D 142 -4.62 -8.57 53.96
C TRP D 142 -3.09 -8.64 53.79
N TYR D 143 -2.48 -7.48 53.56
CA TYR D 143 -1.02 -7.36 53.48
C TYR D 143 -0.44 -6.82 54.78
N HIS D 144 0.81 -7.17 55.04
CA HIS D 144 1.51 -6.70 56.23
C HIS D 144 2.32 -5.46 55.96
N ASP D 145 2.50 -5.17 54.68
CA ASP D 145 3.17 -3.96 54.26
C ASP D 145 2.17 -3.07 53.53
N LEU D 146 2.35 -1.75 53.69
CA LEU D 146 1.53 -0.75 53.00
C LEU D 146 1.75 -0.81 51.49
N VAL D 147 0.72 -0.42 50.74
CA VAL D 147 0.81 -0.46 49.28
C VAL D 147 1.99 0.38 48.78
N THR D 148 2.15 1.58 49.34
CA THR D 148 3.26 2.47 49.00
C THR D 148 4.60 1.74 48.94
N ASP D 149 4.89 0.93 49.96
CA ASP D 149 6.15 0.17 50.03
C ASP D 149 6.21 -0.97 49.01
N LEU D 150 5.12 -1.72 48.85
CA LEU D 150 5.13 -2.83 47.92
C LEU D 150 5.31 -2.36 46.48
N THR D 151 4.70 -1.23 46.14
CA THR D 151 4.76 -0.64 44.80
C THR D 151 6.21 -0.40 44.35
N LYS D 152 7.08 -0.05 45.28
CA LYS D 152 8.47 0.21 44.96
C LYS D 152 9.16 -1.03 44.36
N SER D 153 8.82 -2.20 44.88
CA SER D 153 9.39 -3.45 44.38
C SER D 153 8.46 -4.16 43.37
N PHE D 154 7.19 -3.74 43.32
CA PHE D 154 6.27 -4.28 42.31
C PHE D 154 6.50 -3.70 40.93
N MET D 155 6.56 -2.38 40.83
CA MET D 155 6.85 -1.68 39.58
C MET D 155 8.35 -1.39 39.53
N SER D 156 9.11 -2.43 39.24
CA SER D 156 10.57 -2.37 39.39
C SER D 156 11.25 -3.22 38.34
N VAL D 157 12.50 -2.87 38.05
CA VAL D 157 13.31 -3.66 37.13
C VAL D 157 13.71 -5.03 37.73
N TYR D 158 13.60 -5.14 39.05
CA TYR D 158 13.85 -6.42 39.74
C TYR D 158 12.59 -7.27 39.79
N ASN D 159 11.59 -6.87 39.00
CA ASN D 159 10.35 -7.61 38.88
C ASN D 159 9.89 -7.68 37.42
N PRO D 160 10.68 -8.35 36.55
CA PRO D 160 10.41 -8.35 35.11
C PRO D 160 9.18 -9.17 34.73
N THR D 161 8.79 -10.11 35.59
CA THR D 161 7.62 -10.95 35.37
C THR D 161 6.32 -10.19 35.58
N GLY D 162 6.39 -9.08 36.30
CA GLY D 162 5.20 -8.34 36.71
C GLY D 162 4.44 -9.08 37.80
N ALA D 163 5.15 -9.96 38.50
CA ALA D 163 4.58 -10.73 39.59
C ALA D 163 3.98 -9.79 40.63
N GLU D 164 2.69 -9.99 40.89
CA GLU D 164 1.96 -9.21 41.86
C GLU D 164 2.30 -9.71 43.27
N PRO D 165 2.52 -8.78 44.23
CA PRO D 165 2.91 -9.14 45.59
C PRO D 165 1.88 -9.98 46.33
N ILE D 166 2.37 -10.97 47.09
CA ILE D 166 1.50 -11.95 47.72
C ILE D 166 1.03 -11.47 49.09
N PRO D 167 -0.29 -11.48 49.33
CA PRO D 167 -0.82 -11.12 50.65
C PRO D 167 -0.53 -12.14 51.73
N GLN D 168 -0.79 -11.77 52.98
CA GLN D 168 -0.38 -12.60 54.11
C GLN D 168 -1.51 -13.43 54.68
N ASN D 169 -2.75 -12.97 54.50
CA ASN D 169 -3.94 -13.66 55.02
C ASN D 169 -5.25 -13.20 54.38
N LEU D 170 -6.27 -14.05 54.48
CA LEU D 170 -7.63 -13.67 54.15
C LEU D 170 -8.33 -13.13 55.39
N ILE D 171 -9.16 -12.11 55.20
CA ILE D 171 -9.89 -11.48 56.31
C ILE D 171 -11.38 -11.35 56.02
N VAL D 172 -12.19 -11.35 57.08
CA VAL D 172 -13.63 -11.03 56.99
C VAL D 172 -13.95 -9.94 57.99
N ASN D 173 -14.77 -8.97 57.58
CA ASN D 173 -15.14 -7.85 58.47
C ASN D 173 -13.92 -7.30 59.22
N ASN D 174 -12.78 -7.27 58.56
CA ASN D 174 -11.54 -6.73 59.10
C ASN D 174 -10.99 -7.44 60.34
N THR D 175 -11.23 -8.74 60.42
CA THR D 175 -10.52 -9.63 61.36
C THR D 175 -10.38 -11.00 60.72
N MET D 176 -9.89 -11.95 61.52
CA MET D 176 -9.89 -13.35 61.17
C MET D 176 -10.75 -14.10 62.16
N ASN D 177 -11.06 -15.35 61.84
CA ASN D 177 -11.85 -16.24 62.72
C ASN D 177 -12.98 -15.52 63.47
N LEU D 178 -13.93 -15.04 62.68
CA LEU D 178 -15.05 -14.21 63.09
C LEU D 178 -16.21 -15.07 63.57
N THR D 179 -16.98 -14.52 64.49
CA THR D 179 -18.17 -15.19 65.01
C THR D 179 -19.46 -14.58 64.44
N TRP D 180 -20.34 -15.44 63.93
CA TRP D 180 -21.68 -15.05 63.53
C TRP D 180 -22.67 -15.85 64.35
N GLU D 181 -23.29 -15.19 65.33
CA GLU D 181 -24.29 -15.82 66.19
C GLU D 181 -25.65 -15.83 65.52
N VAL D 182 -26.20 -17.02 65.32
CA VAL D 182 -27.47 -17.15 64.59
C VAL D 182 -28.60 -17.68 65.47
N GLN D 183 -29.83 -17.46 65.01
CA GLN D 183 -31.03 -18.00 65.64
C GLN D 183 -31.55 -19.19 64.82
N PRO D 184 -32.10 -20.22 65.48
CA PRO D 184 -32.59 -21.38 64.73
C PRO D 184 -33.78 -21.03 63.85
N ASP D 185 -33.97 -21.79 62.78
CA ASP D 185 -35.11 -21.63 61.86
C ASP D 185 -35.35 -20.16 61.49
N THR D 186 -34.33 -19.54 60.94
CA THR D 186 -34.38 -18.14 60.56
C THR D 186 -33.79 -17.98 59.16
N THR D 187 -34.45 -17.16 58.34
CA THR D 187 -33.97 -16.81 57.02
C THR D 187 -33.17 -15.51 57.11
N TYR D 188 -31.88 -15.59 56.76
CA TYR D 188 -30.98 -14.45 56.81
C TYR D 188 -30.67 -13.95 55.42
N LEU D 189 -30.75 -12.64 55.21
CA LEU D 189 -30.23 -12.04 53.99
C LEU D 189 -28.76 -11.71 54.22
N LEU D 190 -27.90 -12.44 53.51
CA LEU D 190 -26.46 -12.34 53.69
C LEU D 190 -25.83 -11.65 52.48
N ARG D 191 -25.32 -10.44 52.68
CA ARG D 191 -24.66 -9.71 51.61
C ARG D 191 -23.16 -10.01 51.64
N ILE D 192 -22.68 -10.78 50.67
CA ILE D 192 -21.27 -11.13 50.63
C ILE D 192 -20.59 -10.24 49.61
N VAL D 193 -19.61 -9.48 50.09
CA VAL D 193 -18.88 -8.50 49.26
C VAL D 193 -17.40 -8.78 49.32
N ASN D 194 -16.76 -8.94 48.17
CA ASN D 194 -15.29 -8.99 48.15
C ASN D 194 -14.68 -7.60 47.99
N VAL D 195 -14.36 -6.97 49.12
CA VAL D 195 -13.74 -5.63 49.10
C VAL D 195 -12.21 -5.70 49.03
N GLY D 196 -11.71 -6.83 48.51
CA GLY D 196 -10.27 -7.04 48.34
C GLY D 196 -9.66 -6.23 47.22
N GLY D 197 -8.33 -6.23 47.16
CA GLY D 197 -7.62 -5.47 46.15
C GLY D 197 -7.01 -6.36 45.09
N PHE D 198 -6.97 -7.66 45.35
CA PHE D 198 -6.29 -8.59 44.47
C PHE D 198 -7.06 -9.89 44.25
N VAL D 199 -7.03 -10.75 45.26
CA VAL D 199 -7.34 -12.16 45.09
C VAL D 199 -8.84 -12.49 45.06
N SER D 200 -9.26 -13.34 44.13
CA SER D 200 -10.62 -13.87 44.16
C SER D 200 -10.76 -14.89 45.30
N GLN D 201 -11.98 -15.07 45.82
CA GLN D 201 -12.17 -16.01 46.92
C GLN D 201 -13.32 -16.98 46.66
N TYR D 202 -13.14 -18.22 47.09
CA TYR D 202 -14.23 -19.16 47.15
C TYR D 202 -14.86 -19.01 48.52
N PHE D 203 -16.19 -19.08 48.58
CA PHE D 203 -16.91 -18.89 49.82
C PHE D 203 -17.99 -19.92 49.99
N TRP D 204 -18.06 -20.51 51.18
CA TRP D 204 -19.13 -21.44 51.50
C TRP D 204 -19.36 -21.62 52.99
N ILE D 205 -20.53 -22.16 53.33
CA ILE D 205 -20.90 -22.45 54.69
C ILE D 205 -21.16 -23.93 54.83
N GLU D 206 -20.43 -24.57 55.74
CA GLU D 206 -20.60 -25.98 56.04
C GLU D 206 -22.07 -26.34 56.25
N ASP D 207 -22.53 -27.35 55.53
CA ASP D 207 -23.89 -27.91 55.63
C ASP D 207 -25.05 -26.90 55.47
N HIS D 208 -24.76 -25.77 54.83
CA HIS D 208 -25.81 -24.80 54.54
C HIS D 208 -25.78 -24.39 53.08
N GLU D 209 -26.91 -24.52 52.43
CA GLU D 209 -27.05 -24.06 51.05
C GLU D 209 -27.21 -22.55 51.02
N MET D 210 -26.87 -21.96 49.88
CA MET D 210 -26.99 -20.53 49.66
C MET D 210 -27.90 -20.25 48.45
N THR D 211 -28.90 -19.39 48.63
CA THR D 211 -29.79 -19.06 47.53
C THR D 211 -29.48 -17.66 47.05
N VAL D 212 -28.90 -17.58 45.86
CA VAL D 212 -28.45 -16.31 45.31
C VAL D 212 -29.67 -15.51 44.88
N VAL D 213 -29.74 -14.27 45.33
CA VAL D 213 -30.89 -13.41 45.09
C VAL D 213 -30.53 -12.05 44.47
N GLU D 214 -29.23 -11.75 44.43
CA GLU D 214 -28.75 -10.51 43.85
C GLU D 214 -27.29 -10.64 43.50
N ILE D 215 -26.91 -10.08 42.38
CA ILE D 215 -25.51 -9.82 42.07
C ILE D 215 -25.31 -8.37 41.65
N ASP D 216 -24.27 -7.73 42.16
CA ASP D 216 -23.92 -6.34 41.77
C ASP D 216 -25.12 -5.39 41.67
N GLY D 217 -25.99 -5.40 42.68
CA GLY D 217 -27.19 -4.54 42.67
C GLY D 217 -28.34 -5.02 41.80
N ILE D 218 -28.12 -6.07 41.02
CA ILE D 218 -29.16 -6.63 40.15
C ILE D 218 -29.83 -7.83 40.79
N THR D 219 -31.10 -7.66 41.17
CA THR D 219 -31.91 -8.74 41.75
C THR D 219 -32.08 -9.90 40.77
N THR D 220 -31.94 -11.10 41.30
CA THR D 220 -31.90 -12.30 40.49
C THR D 220 -33.02 -13.28 40.89
N GLU D 221 -33.35 -14.21 40.00
CA GLU D 221 -34.19 -15.36 40.35
C GLU D 221 -33.38 -16.29 41.22
N LYS D 222 -34.03 -16.87 42.23
CA LYS D 222 -33.40 -17.77 43.20
C LYS D 222 -32.54 -18.84 42.53
N ASN D 223 -31.26 -18.89 42.87
CA ASN D 223 -30.41 -19.98 42.42
C ASN D 223 -29.62 -20.54 43.59
N VAL D 224 -29.85 -21.83 43.85
CA VAL D 224 -29.27 -22.52 44.99
C VAL D 224 -27.88 -23.09 44.65
N THR D 225 -26.90 -22.80 45.51
CA THR D 225 -25.54 -23.37 45.42
C THR D 225 -24.96 -23.76 46.75
N ASP D 226 -23.85 -24.49 46.68
CA ASP D 226 -23.08 -24.81 47.87
C ASP D 226 -21.85 -23.91 47.96
N MET D 227 -21.47 -23.29 46.85
CA MET D 227 -20.22 -22.54 46.77
C MET D 227 -20.27 -21.34 45.81
N LEU D 228 -19.63 -20.24 46.23
CA LEU D 228 -19.50 -19.06 45.37
C LEU D 228 -18.04 -18.80 45.03
N TYR D 229 -17.83 -18.28 43.83
CA TYR D 229 -16.54 -17.74 43.44
C TYR D 229 -16.73 -16.24 43.27
N ILE D 230 -16.14 -15.46 44.17
CA ILE D 230 -16.35 -14.01 44.19
C ILE D 230 -15.03 -13.29 43.94
N THR D 231 -14.96 -12.57 42.83
CA THR D 231 -13.80 -11.76 42.51
C THR D 231 -13.84 -10.48 43.31
N VAL D 232 -12.74 -9.73 43.30
CA VAL D 232 -12.76 -8.47 44.02
C VAL D 232 -13.81 -7.56 43.40
N ALA D 233 -14.44 -6.75 44.25
CA ALA D 233 -15.41 -5.74 43.82
C ALA D 233 -16.82 -6.27 43.51
N GLN D 234 -16.97 -7.58 43.34
CA GLN D 234 -18.34 -8.07 43.14
C GLN D 234 -19.09 -8.42 44.41
N ARG D 235 -20.41 -8.41 44.29
CA ARG D 235 -21.31 -8.65 45.42
C ARG D 235 -22.26 -9.78 45.08
N TYR D 236 -22.33 -10.77 45.96
CA TYR D 236 -23.41 -11.77 45.89
C TYR D 236 -24.23 -11.59 47.14
N THR D 237 -25.53 -11.37 46.97
CA THR D 237 -26.47 -11.33 48.09
C THR D 237 -27.19 -12.65 48.07
N VAL D 238 -27.27 -13.25 49.25
CA VAL D 238 -27.65 -14.65 49.36
C VAL D 238 -28.59 -14.86 50.53
N LEU D 239 -29.59 -15.71 50.31
CA LEU D 239 -30.49 -16.14 51.39
C LEU D 239 -29.92 -17.39 52.04
N VAL D 240 -29.92 -17.42 53.37
CA VAL D 240 -29.47 -18.59 54.13
C VAL D 240 -30.52 -18.87 55.20
N HIS D 241 -31.05 -20.09 55.19
CA HIS D 241 -32.02 -20.50 56.20
C HIS D 241 -31.35 -21.42 57.20
N THR D 242 -31.40 -21.05 58.48
CA THR D 242 -30.77 -21.81 59.55
C THR D 242 -31.58 -23.03 59.96
N LYS D 243 -30.90 -24.02 60.52
CA LYS D 243 -31.53 -25.28 60.93
C LYS D 243 -32.25 -25.20 62.27
N ASN D 244 -32.97 -26.26 62.61
CA ASN D 244 -33.79 -26.33 63.82
C ASN D 244 -32.98 -26.55 65.09
N ASP D 245 -31.82 -27.19 64.95
CA ASP D 245 -31.00 -27.57 66.11
C ASP D 245 -30.01 -26.49 66.55
N THR D 246 -30.04 -26.19 67.84
CA THR D 246 -29.08 -25.28 68.47
C THR D 246 -27.94 -26.13 69.05
N ASP D 247 -27.75 -27.30 68.47
CA ASP D 247 -26.85 -28.32 69.01
C ASP D 247 -25.40 -28.18 68.54
N LYS D 248 -25.21 -27.82 67.28
CA LYS D 248 -23.86 -27.80 66.67
C LYS D 248 -23.51 -26.45 66.05
N ASN D 249 -22.22 -26.16 65.98
CA ASN D 249 -21.71 -24.98 65.29
C ASN D 249 -21.11 -25.33 63.91
N PHE D 250 -21.14 -24.37 63.01
CA PHE D 250 -20.76 -24.62 61.62
C PHE D 250 -19.71 -23.65 61.12
N ALA D 251 -18.86 -24.14 60.22
CA ALA D 251 -17.75 -23.35 59.71
C ALA D 251 -18.19 -22.46 58.56
N ILE D 252 -17.87 -21.17 58.65
CA ILE D 252 -17.94 -20.26 57.51
C ILE D 252 -16.56 -20.23 56.89
N MET D 253 -16.46 -20.62 55.63
CA MET D 253 -15.19 -20.87 54.99
C MET D 253 -14.90 -19.93 53.82
N GLN D 254 -13.70 -19.36 53.82
CA GLN D 254 -13.22 -18.59 52.68
C GLN D 254 -11.86 -19.14 52.23
N LYS D 255 -11.62 -19.17 50.92
CA LYS D 255 -10.41 -19.76 50.38
C LYS D 255 -9.80 -18.90 49.28
N PHE D 256 -8.47 -18.79 49.28
CA PHE D 256 -7.72 -18.16 48.21
C PHE D 256 -7.97 -18.85 46.87
N ASP D 257 -8.04 -18.07 45.80
CA ASP D 257 -7.85 -18.59 44.44
C ASP D 257 -6.36 -18.51 44.17
N ASP D 258 -5.61 -19.52 44.59
CA ASP D 258 -4.15 -19.48 44.55
C ASP D 258 -3.59 -19.46 43.13
N THR D 259 -4.45 -19.77 42.17
CA THR D 259 -4.16 -19.65 40.76
C THR D 259 -3.61 -18.27 40.44
N MET D 260 -4.15 -17.25 41.10
CA MET D 260 -3.78 -15.86 40.83
C MET D 260 -2.45 -15.47 41.47
N LEU D 261 -2.00 -16.29 42.42
CA LEU D 261 -0.75 -16.03 43.14
C LEU D 261 0.45 -16.50 42.33
N ASP D 262 1.46 -15.65 42.24
CA ASP D 262 2.67 -15.96 41.49
C ASP D 262 3.31 -17.24 42.02
N VAL D 263 3.64 -17.25 43.31
CA VAL D 263 4.05 -18.46 44.00
C VAL D 263 3.25 -18.57 45.28
N ILE D 264 3.19 -19.78 45.85
CA ILE D 264 2.49 -19.97 47.10
C ILE D 264 3.52 -20.17 48.21
N PRO D 265 3.69 -19.14 49.08
CA PRO D 265 4.59 -19.33 50.23
C PRO D 265 4.09 -20.47 51.12
N SER D 266 5.01 -21.29 51.61
CA SER D 266 4.66 -22.54 52.28
C SER D 266 3.92 -22.37 53.61
N ASP D 267 3.96 -21.16 54.16
CA ASP D 267 3.34 -20.88 55.46
C ASP D 267 1.99 -20.16 55.33
N LEU D 268 1.66 -19.70 54.13
CA LEU D 268 0.42 -18.96 53.89
C LEU D 268 -0.81 -19.84 54.07
N GLN D 269 -1.67 -19.43 55.01
CA GLN D 269 -2.95 -20.07 55.21
C GLN D 269 -3.85 -19.82 54.01
N LEU D 270 -3.96 -20.80 53.13
CA LEU D 270 -4.74 -20.62 51.90
C LEU D 270 -6.23 -20.57 52.18
N ASN D 271 -6.67 -21.31 53.19
CA ASN D 271 -8.07 -21.31 53.57
C ASN D 271 -8.31 -20.90 55.02
N ALA D 272 -9.30 -20.02 55.23
CA ALA D 272 -9.56 -19.42 56.54
C ALA D 272 -10.95 -19.80 57.07
N THR D 273 -11.00 -20.10 58.36
CA THR D 273 -12.22 -20.61 58.99
C THR D 273 -12.82 -19.57 59.93
N SER D 274 -14.11 -19.27 59.73
CA SER D 274 -14.87 -18.47 60.66
C SER D 274 -16.04 -19.29 61.20
N TYR D 275 -16.83 -18.71 62.10
CA TYR D 275 -17.77 -19.51 62.90
C TYR D 275 -19.23 -19.08 62.82
N MET D 276 -20.06 -19.99 62.31
CA MET D 276 -21.50 -19.83 62.40
C MET D 276 -21.93 -20.51 63.69
N VAL D 277 -22.30 -19.69 64.67
CA VAL D 277 -22.53 -20.17 66.03
C VAL D 277 -24.02 -20.25 66.40
N TYR D 278 -24.51 -21.48 66.54
CA TYR D 278 -25.87 -21.74 67.02
C TYR D 278 -25.84 -21.82 68.55
N ASN D 279 -24.76 -22.38 69.09
CA ASN D 279 -24.60 -22.52 70.53
C ASN D 279 -23.30 -21.91 71.01
N LYS D 280 -23.42 -20.87 71.83
CA LYS D 280 -22.27 -20.11 72.30
C LYS D 280 -21.32 -20.94 73.15
N THR D 281 -21.81 -22.08 73.64
CA THR D 281 -21.07 -22.88 74.61
C THR D 281 -20.47 -24.14 73.97
N ALA D 282 -20.95 -24.49 72.79
CA ALA D 282 -20.50 -25.68 72.08
C ALA D 282 -19.08 -25.52 71.50
N ALA D 283 -18.56 -26.58 70.88
CA ALA D 283 -17.24 -26.57 70.28
C ALA D 283 -17.21 -25.66 69.06
N LEU D 284 -16.20 -24.81 69.00
CA LEU D 284 -15.99 -23.96 67.84
C LEU D 284 -15.62 -24.84 66.66
N PRO D 285 -16.24 -24.58 65.49
CA PRO D 285 -16.06 -25.50 64.36
C PRO D 285 -14.62 -25.51 63.83
N THR D 286 -14.17 -26.69 63.43
CA THR D 286 -12.90 -26.85 62.72
C THR D 286 -13.13 -26.53 61.24
N GLN D 287 -12.04 -26.53 60.46
CA GLN D 287 -12.11 -26.29 59.03
C GLN D 287 -13.02 -27.31 58.34
N ASN D 288 -13.88 -26.82 57.44
CA ASN D 288 -14.71 -27.66 56.60
C ASN D 288 -13.99 -28.01 55.31
N TYR D 289 -13.55 -29.25 55.22
CA TYR D 289 -12.86 -29.72 54.02
C TYR D 289 -13.86 -29.93 52.91
N VAL D 290 -13.52 -29.44 51.73
CA VAL D 290 -14.38 -29.54 50.59
C VAL D 290 -13.73 -30.44 49.54
N ASP D 291 -14.56 -31.21 48.84
CA ASP D 291 -14.11 -32.22 47.91
C ASP D 291 -13.62 -31.62 46.58
N SER D 292 -14.21 -30.49 46.18
CA SER D 292 -13.84 -29.83 44.93
C SER D 292 -14.12 -28.33 44.98
N ILE D 293 -13.26 -27.55 44.35
CA ILE D 293 -13.49 -26.12 44.21
C ILE D 293 -13.86 -25.77 42.77
N ASP D 294 -14.44 -26.74 42.07
CA ASP D 294 -14.75 -26.58 40.65
C ASP D 294 -16.24 -26.52 40.37
N ASN D 295 -17.05 -26.60 41.42
CA ASN D 295 -18.49 -26.65 41.25
C ASN D 295 -19.23 -25.43 41.80
N PHE D 296 -18.49 -24.33 41.95
CA PHE D 296 -19.07 -23.06 42.33
C PHE D 296 -20.06 -22.60 41.26
N LEU D 297 -21.01 -21.74 41.65
CA LEU D 297 -21.96 -21.17 40.72
C LEU D 297 -21.27 -20.35 39.64
N ASP D 298 -21.60 -20.63 38.38
CA ASP D 298 -21.20 -19.76 37.27
C ASP D 298 -22.26 -18.67 37.09
N ASP D 299 -21.90 -17.46 37.50
CA ASP D 299 -22.80 -16.31 37.49
C ASP D 299 -23.35 -15.94 36.12
N PHE D 300 -22.71 -16.48 35.09
CA PHE D 300 -23.16 -16.28 33.71
C PHE D 300 -24.60 -16.73 33.49
N TYR D 301 -25.02 -17.76 34.22
CA TYR D 301 -26.36 -18.32 34.02
C TYR D 301 -27.42 -17.78 35.00
N LEU D 302 -27.03 -16.80 35.80
CA LEU D 302 -27.99 -16.12 36.66
C LEU D 302 -29.02 -15.36 35.84
N GLN D 303 -30.24 -15.26 36.37
CA GLN D 303 -31.36 -14.69 35.63
C GLN D 303 -31.96 -13.50 36.35
N PRO D 304 -31.73 -12.29 35.82
CA PRO D 304 -32.24 -11.06 36.43
C PRO D 304 -33.75 -11.11 36.66
N TYR D 305 -34.20 -10.58 37.80
CA TYR D 305 -35.62 -10.54 38.13
C TYR D 305 -36.38 -9.64 37.15
N GLU D 306 -35.81 -8.48 36.84
CA GLU D 306 -36.31 -7.65 35.76
C GLU D 306 -35.62 -8.09 34.47
N LYS D 307 -36.34 -8.90 33.69
CA LYS D 307 -35.83 -9.40 32.42
C LYS D 307 -35.62 -8.26 31.42
N GLU D 308 -34.46 -8.26 30.77
CA GLU D 308 -34.22 -7.41 29.62
C GLU D 308 -33.66 -8.28 28.49
N ALA D 309 -34.31 -8.24 27.32
CA ALA D 309 -33.82 -8.96 26.16
C ALA D 309 -32.42 -8.48 25.76
N ILE D 310 -31.59 -9.40 25.25
CA ILE D 310 -30.28 -9.06 24.69
C ILE D 310 -30.41 -7.88 23.72
N TYR D 311 -29.53 -6.90 23.84
CA TYR D 311 -29.57 -5.73 22.96
C TYR D 311 -29.29 -6.14 21.53
N GLY D 312 -29.89 -5.42 20.57
CA GLY D 312 -29.73 -5.69 19.14
C GLY D 312 -28.31 -5.44 18.67
N GLU D 313 -28.07 -5.63 17.37
CA GLU D 313 -26.70 -5.51 16.86
C GLU D 313 -26.03 -4.19 17.30
N PRO D 314 -24.80 -4.30 17.82
CA PRO D 314 -24.04 -3.17 18.34
C PRO D 314 -23.72 -2.11 17.30
N ASP D 315 -23.88 -0.86 17.69
CA ASP D 315 -23.54 0.27 16.81
C ASP D 315 -22.05 0.61 16.93
N HIS D 316 -21.45 0.20 18.04
CA HIS D 316 -20.06 0.52 18.34
C HIS D 316 -19.41 -0.71 18.98
N VAL D 317 -18.41 -1.28 18.33
CA VAL D 317 -17.69 -2.44 18.86
C VAL D 317 -16.28 -2.02 19.29
N ILE D 318 -15.96 -2.24 20.57
CA ILE D 318 -14.60 -1.99 21.05
C ILE D 318 -13.92 -3.34 21.32
N THR D 319 -12.87 -3.63 20.57
CA THR D 319 -12.13 -4.88 20.72
C THR D 319 -10.78 -4.62 21.37
N VAL D 320 -10.57 -5.18 22.57
CA VAL D 320 -9.30 -4.99 23.28
C VAL D 320 -8.64 -6.31 23.65
N ASP D 321 -7.34 -6.40 23.40
CA ASP D 321 -6.55 -7.54 23.85
C ASP D 321 -5.79 -7.17 25.12
N VAL D 322 -5.80 -8.07 26.09
CA VAL D 322 -5.19 -7.86 27.38
C VAL D 322 -3.88 -8.62 27.47
N VAL D 323 -2.78 -7.91 27.70
CA VAL D 323 -1.47 -8.54 27.86
C VAL D 323 -0.57 -7.73 28.80
N MET D 324 0.34 -8.42 29.48
CA MET D 324 1.42 -7.81 30.27
C MET D 324 2.70 -7.83 29.42
N ASP D 325 3.45 -6.73 29.45
CA ASP D 325 4.74 -6.67 28.73
C ASP D 325 5.67 -5.61 29.30
N ASN D 326 6.97 -5.79 29.05
CA ASN D 326 8.00 -4.87 29.55
C ASN D 326 8.25 -3.71 28.59
N LEU D 327 8.48 -2.53 29.15
CA LEU D 327 8.84 -1.37 28.32
C LEU D 327 10.30 -0.94 28.49
N LYS D 328 10.69 0.14 27.82
CA LYS D 328 12.09 0.60 27.78
C LYS D 328 12.71 0.85 29.16
N ASN D 329 11.89 1.23 30.13
CA ASN D 329 12.38 1.45 31.49
C ASN D 329 12.60 0.14 32.26
N GLY D 330 12.26 -0.98 31.62
CA GLY D 330 12.50 -2.30 32.18
C GLY D 330 11.40 -2.84 33.08
N VAL D 331 10.41 -2.02 33.40
CA VAL D 331 9.32 -2.47 34.27
C VAL D 331 8.17 -3.07 33.46
N ASN D 332 7.33 -3.85 34.13
CA ASN D 332 6.26 -4.61 33.49
C ASN D 332 4.92 -3.89 33.58
N TYR D 333 4.37 -3.51 32.42
CA TYR D 333 3.09 -2.81 32.34
C TYR D 333 1.96 -3.69 31.82
N ALA D 334 0.71 -3.25 32.02
CA ALA D 334 -0.43 -3.95 31.46
C ALA D 334 -1.04 -3.14 30.33
N PHE D 335 -1.53 -3.85 29.32
CA PHE D 335 -1.96 -3.20 28.07
C PHE D 335 -3.38 -3.59 27.64
N PHE D 336 -4.12 -2.59 27.21
CA PHE D 336 -5.29 -2.80 26.38
C PHE D 336 -4.81 -2.52 24.97
N ASN D 337 -4.87 -3.54 24.12
CA ASN D 337 -4.20 -3.52 22.82
C ASN D 337 -2.74 -3.10 22.98
N ASN D 338 -2.36 -1.94 22.46
CA ASN D 338 -0.98 -1.46 22.58
C ASN D 338 -0.82 -0.25 23.51
N ILE D 339 -1.78 -0.07 24.42
CA ILE D 339 -1.82 1.10 25.29
C ILE D 339 -1.90 0.73 26.78
N THR D 340 -0.99 1.29 27.56
CA THR D 340 -1.09 1.31 29.02
C THR D 340 -1.69 2.66 29.38
N TYR D 341 -2.73 2.66 30.21
CA TYR D 341 -3.34 3.92 30.61
C TYR D 341 -2.31 4.85 31.27
N THR D 342 -2.18 6.05 30.72
CA THR D 342 -1.32 7.06 31.29
C THR D 342 -2.13 8.34 31.50
N ALA D 343 -2.36 8.67 32.76
CA ALA D 343 -3.16 9.82 33.17
C ALA D 343 -2.78 11.13 32.45
N PRO D 344 -3.79 11.89 31.97
CA PRO D 344 -3.55 13.15 31.27
C PRO D 344 -3.26 14.32 32.22
N LYS D 345 -2.85 15.45 31.67
CA LYS D 345 -2.55 16.65 32.46
C LYS D 345 -3.82 17.38 32.94
N VAL D 346 -4.95 17.10 32.31
CA VAL D 346 -6.25 17.65 32.69
C VAL D 346 -7.27 16.52 32.70
N PRO D 347 -8.06 16.40 33.79
CA PRO D 347 -9.06 15.33 33.91
C PRO D 347 -10.02 15.31 32.72
N THR D 348 -10.35 14.11 32.23
CA THR D 348 -11.20 13.93 31.06
C THR D 348 -12.42 14.84 31.09
N LEU D 349 -13.21 14.75 32.17
CA LEU D 349 -14.44 15.55 32.30
C LEU D 349 -14.19 17.05 32.18
N MET D 350 -13.12 17.53 32.80
CA MET D 350 -12.78 18.94 32.74
C MET D 350 -12.55 19.44 31.32
N THR D 351 -12.02 18.57 30.45
CA THR D 351 -11.81 18.96 29.06
C THR D 351 -13.12 18.96 28.27
N VAL D 352 -13.96 17.95 28.46
CA VAL D 352 -15.29 17.93 27.80
C VAL D 352 -16.14 19.12 28.21
N LEU D 353 -16.01 19.56 29.46
CA LEU D 353 -16.76 20.71 29.96
C LEU D 353 -16.21 22.08 29.51
N SER D 354 -15.10 22.08 28.77
CA SER D 354 -14.52 23.34 28.31
C SER D 354 -13.97 23.30 26.88
N SER D 355 -14.30 22.24 26.14
CA SER D 355 -13.89 22.15 24.73
C SER D 355 -15.01 22.59 23.78
N GLY D 356 -16.20 22.86 24.32
CA GLY D 356 -17.34 23.28 23.54
C GLY D 356 -17.80 22.27 22.50
N ASP D 357 -17.71 22.69 21.24
CA ASP D 357 -18.21 21.92 20.09
C ASP D 357 -17.19 20.88 19.61
N GLN D 358 -16.01 20.87 20.20
CA GLN D 358 -14.94 19.98 19.77
C GLN D 358 -14.85 18.71 20.64
N ALA D 359 -15.83 18.53 21.53
CA ALA D 359 -15.87 17.39 22.43
C ALA D 359 -16.15 16.05 21.73
N ASN D 360 -16.61 16.10 20.49
CA ASN D 360 -16.88 14.88 19.70
C ASN D 360 -15.63 14.34 19.02
N ASN D 361 -14.59 15.17 18.96
CA ASN D 361 -13.33 14.77 18.36
C ASN D 361 -12.44 14.05 19.38
N SER D 362 -12.20 12.76 19.14
CA SER D 362 -11.48 11.89 20.10
C SER D 362 -10.03 12.31 20.33
N GLU D 363 -9.47 13.03 19.35
CA GLU D 363 -8.07 13.43 19.37
C GLU D 363 -7.70 14.28 20.59
N ILE D 364 -8.64 15.12 21.02
CA ILE D 364 -8.39 16.09 22.09
C ILE D 364 -8.24 15.49 23.49
N TYR D 365 -8.67 14.23 23.63
CA TYR D 365 -8.62 13.54 24.92
C TYR D 365 -7.29 12.82 25.13
N GLY D 366 -6.47 12.78 24.10
CA GLY D 366 -5.14 12.21 24.20
C GLY D 366 -5.00 10.87 23.49
N SER D 367 -3.74 10.52 23.19
CA SER D 367 -3.41 9.28 22.48
C SER D 367 -3.04 8.14 23.43
N ASN D 368 -2.57 8.49 24.63
CA ASN D 368 -2.10 7.49 25.58
C ASN D 368 -3.03 7.36 26.77
N THR D 369 -4.30 7.65 26.52
CA THR D 369 -5.29 7.73 27.54
C THR D 369 -6.36 6.66 27.28
N HIS D 370 -6.30 6.07 26.08
CA HIS D 370 -7.25 5.07 25.56
C HIS D 370 -8.71 5.50 25.70
N THR D 371 -9.06 6.62 25.07
CA THR D 371 -10.39 7.18 25.19
C THR D 371 -11.24 6.87 23.96
N PHE D 372 -12.47 6.42 24.22
CA PHE D 372 -13.45 6.19 23.17
C PHE D 372 -14.65 7.09 23.38
N ILE D 373 -15.25 7.54 22.29
CA ILE D 373 -16.45 8.36 22.39
C ILE D 373 -17.68 7.57 21.97
N LEU D 374 -18.69 7.59 22.84
CA LEU D 374 -19.90 6.84 22.60
C LEU D 374 -21.02 7.78 22.18
N GLU D 375 -21.83 7.34 21.24
CA GLU D 375 -22.88 8.19 20.69
C GLU D 375 -24.20 8.16 21.46
N LYS D 376 -24.99 9.21 21.26
CA LYS D 376 -26.21 9.52 22.01
C LYS D 376 -26.91 8.34 22.69
N ASP D 377 -27.40 7.36 21.93
CA ASP D 377 -28.08 6.23 22.56
C ASP D 377 -27.62 4.87 22.02
N GLU D 378 -26.43 4.86 21.42
CA GLU D 378 -25.95 3.68 20.70
C GLU D 378 -25.75 2.46 21.59
N ILE D 379 -25.88 1.28 20.99
CA ILE D 379 -25.59 0.04 21.67
C ILE D 379 -24.10 -0.27 21.51
N VAL D 380 -23.41 -0.34 22.66
CA VAL D 380 -21.96 -0.54 22.70
C VAL D 380 -21.60 -1.97 23.11
N GLU D 381 -20.64 -2.56 22.40
CA GLU D 381 -20.16 -3.90 22.69
C GLU D 381 -18.66 -3.85 22.99
N ILE D 382 -18.29 -4.37 24.14
CA ILE D 382 -16.89 -4.52 24.50
C ILE D 382 -16.46 -5.98 24.34
N VAL D 383 -15.50 -6.19 23.45
CA VAL D 383 -14.92 -7.51 23.20
C VAL D 383 -13.55 -7.54 23.84
N LEU D 384 -13.40 -8.42 24.83
CA LEU D 384 -12.16 -8.51 25.59
C LEU D 384 -11.51 -9.86 25.35
N ASN D 385 -10.28 -9.83 24.83
CA ASN D 385 -9.50 -11.03 24.57
C ASN D 385 -8.27 -11.13 25.46
N ASN D 386 -8.32 -12.01 26.44
CA ASN D 386 -7.24 -12.22 27.39
C ASN D 386 -6.07 -12.97 26.75
N GLN D 387 -4.95 -12.27 26.60
CA GLN D 387 -3.73 -12.86 26.04
C GLN D 387 -2.81 -13.28 27.19
N ASP D 388 -3.24 -12.97 28.41
CA ASP D 388 -2.52 -13.25 29.65
C ASP D 388 -3.03 -14.56 30.26
N THR D 389 -2.18 -15.25 31.01
CA THR D 389 -2.56 -16.55 31.58
C THR D 389 -3.29 -16.45 32.92
N GLY D 390 -3.70 -15.24 33.31
CA GLY D 390 -4.41 -15.04 34.58
C GLY D 390 -5.89 -14.71 34.47
N THR D 391 -6.57 -14.71 35.62
CA THR D 391 -7.96 -14.29 35.70
C THR D 391 -8.01 -12.81 36.08
N HIS D 392 -8.86 -12.05 35.39
CA HIS D 392 -9.00 -10.62 35.70
C HIS D 392 -10.47 -10.24 35.83
N PRO D 393 -10.86 -9.60 36.94
CA PRO D 393 -12.19 -9.05 37.05
C PRO D 393 -12.25 -7.63 36.50
N PHE D 394 -12.88 -7.49 35.35
CA PHE D 394 -13.03 -6.17 34.77
C PHE D 394 -14.29 -5.52 35.27
N HIS D 395 -14.19 -4.21 35.54
CA HIS D 395 -15.32 -3.46 36.02
C HIS D 395 -15.60 -2.24 35.15
N LEU D 396 -16.88 -1.91 34.98
CA LEU D 396 -17.31 -0.79 34.16
C LEU D 396 -18.09 0.24 34.99
N HIS D 397 -17.59 1.47 35.03
CA HIS D 397 -18.28 2.56 35.75
C HIS D 397 -19.51 3.00 34.97
N GLY D 398 -20.51 3.49 35.69
CA GLY D 398 -21.72 4.06 35.07
C GLY D 398 -22.81 3.13 34.55
N HIS D 399 -22.51 1.83 34.49
CA HIS D 399 -23.45 0.86 33.91
C HIS D 399 -23.42 -0.48 34.61
N ALA D 400 -24.54 -1.19 34.54
CA ALA D 400 -24.53 -2.65 34.69
C ALA D 400 -24.72 -3.21 33.28
N PHE D 401 -23.74 -3.97 32.81
CA PHE D 401 -23.74 -4.47 31.42
C PHE D 401 -24.36 -5.85 31.27
N GLN D 402 -24.73 -6.20 30.05
CA GLN D 402 -25.20 -7.55 29.72
C GLN D 402 -24.01 -8.43 29.39
N THR D 403 -23.91 -9.58 30.06
CA THR D 403 -22.84 -10.52 29.77
C THR D 403 -23.39 -11.57 28.79
N ILE D 404 -22.92 -11.50 27.55
CA ILE D 404 -23.47 -12.34 26.50
C ILE D 404 -22.56 -13.50 26.11
N GLN D 405 -21.26 -13.36 26.35
CA GLN D 405 -20.31 -14.47 26.23
C GLN D 405 -19.19 -14.31 27.23
N ARG D 406 -18.83 -15.42 27.88
CA ARG D 406 -17.62 -15.51 28.69
C ARG D 406 -17.05 -16.92 28.57
N ASP D 407 -16.09 -17.07 27.67
CA ASP D 407 -15.56 -18.39 27.28
C ASP D 407 -14.86 -19.11 28.42
N ARG D 408 -14.66 -20.42 28.24
CA ARG D 408 -14.04 -21.28 29.25
C ARG D 408 -12.56 -20.98 29.46
N THR D 409 -11.98 -21.63 30.47
CA THR D 409 -10.56 -21.55 30.75
C THR D 409 -9.76 -22.23 29.65
N TYR D 410 -8.74 -21.53 29.13
CA TYR D 410 -7.75 -22.14 28.25
C TYR D 410 -6.42 -22.29 29.01
N ASP D 411 -6.20 -23.48 29.53
CA ASP D 411 -5.15 -23.77 30.50
C ASP D 411 -3.80 -23.97 29.83
N ASP D 412 -2.86 -23.05 30.06
CA ASP D 412 -1.58 -23.12 29.36
C ASP D 412 -0.67 -24.24 29.90
N ALA D 413 -0.97 -24.69 31.13
CA ALA D 413 -0.27 -25.82 31.73
C ALA D 413 -0.64 -27.11 31.01
N LEU D 414 -1.82 -27.14 30.39
CA LEU D 414 -2.23 -28.23 29.52
C LEU D 414 -1.78 -28.00 28.08
N GLY D 415 -1.13 -26.88 27.84
CA GLY D 415 -0.56 -26.56 26.53
C GLY D 415 -1.46 -25.73 25.62
N GLU D 416 -2.56 -25.23 26.16
CA GLU D 416 -3.52 -24.45 25.37
C GLU D 416 -3.10 -23.00 25.21
N VAL D 417 -3.43 -22.43 24.06
CA VAL D 417 -3.10 -21.06 23.73
C VAL D 417 -4.34 -20.16 23.85
N PRO D 418 -4.15 -18.82 23.81
CA PRO D 418 -5.28 -17.89 23.93
C PRO D 418 -6.23 -17.96 22.75
N HIS D 419 -7.52 -17.77 23.02
CA HIS D 419 -8.56 -17.76 22.00
C HIS D 419 -9.37 -16.47 22.05
N SER D 420 -9.42 -15.76 20.94
CA SER D 420 -10.21 -14.52 20.85
C SER D 420 -11.68 -14.84 20.57
N PHE D 421 -12.55 -13.86 20.86
CA PHE D 421 -13.92 -13.95 20.42
C PHE D 421 -13.93 -13.84 18.91
N ASP D 422 -14.67 -14.73 18.25
CA ASP D 422 -14.84 -14.65 16.80
C ASP D 422 -16.31 -14.35 16.47
N PRO D 423 -16.59 -13.16 15.90
CA PRO D 423 -17.97 -12.79 15.54
C PRO D 423 -18.58 -13.75 14.54
N ASP D 424 -17.73 -14.46 13.80
CA ASP D 424 -18.15 -15.45 12.82
C ASP D 424 -18.43 -16.81 13.44
N ASN D 425 -17.79 -17.09 14.57
CA ASN D 425 -17.90 -18.41 15.19
C ASN D 425 -17.91 -18.35 16.70
N HIS D 426 -19.11 -18.52 17.26
CA HIS D 426 -19.33 -18.47 18.70
C HIS D 426 -20.64 -19.16 19.05
N PRO D 427 -20.75 -19.73 20.27
CA PRO D 427 -22.04 -20.24 20.72
C PRO D 427 -23.14 -19.18 20.62
N ALA D 428 -24.39 -19.60 20.54
CA ALA D 428 -25.50 -18.66 20.54
C ALA D 428 -25.56 -17.94 21.88
N PHE D 429 -25.67 -16.61 21.83
CA PHE D 429 -25.82 -15.76 23.01
C PHE D 429 -27.13 -16.04 23.73
N PRO D 430 -27.20 -15.76 25.04
CA PRO D 430 -28.46 -15.93 25.75
C PRO D 430 -29.51 -14.92 25.29
N GLU D 431 -30.79 -15.30 25.39
CA GLU D 431 -31.88 -14.41 25.03
C GLU D 431 -32.10 -13.31 26.07
N TYR D 432 -31.92 -13.65 27.34
CA TYR D 432 -32.04 -12.70 28.45
C TYR D 432 -30.77 -12.75 29.31
N PRO D 433 -29.73 -12.02 28.89
CA PRO D 433 -28.40 -12.14 29.49
C PRO D 433 -28.37 -11.68 30.94
N MET D 434 -27.43 -12.22 31.69
CA MET D 434 -27.15 -11.77 33.04
C MET D 434 -26.63 -10.34 32.96
N ARG D 435 -26.77 -9.60 34.05
CA ARG D 435 -26.30 -8.22 34.16
C ARG D 435 -25.55 -8.00 35.45
N ARG D 436 -24.42 -7.29 35.38
CA ARG D 436 -23.65 -6.92 36.56
C ARG D 436 -22.62 -5.84 36.22
N ASP D 437 -21.85 -5.37 37.22
CA ASP D 437 -20.85 -4.33 36.97
C ASP D 437 -19.40 -4.80 36.98
N THR D 438 -19.18 -6.05 37.42
CA THR D 438 -17.85 -6.61 37.45
C THR D 438 -17.91 -8.07 37.03
N LEU D 439 -17.06 -8.42 36.08
CA LEU D 439 -17.04 -9.73 35.46
C LEU D 439 -15.61 -10.16 35.19
N TYR D 440 -15.29 -11.42 35.47
CA TYR D 440 -13.97 -11.97 35.19
C TYR D 440 -13.83 -12.64 33.83
N VAL D 441 -12.67 -12.46 33.20
CA VAL D 441 -12.27 -13.29 32.06
C VAL D 441 -11.46 -14.43 32.64
N ARG D 442 -11.61 -15.62 32.06
CA ARG D 442 -10.85 -16.75 32.49
C ARG D 442 -9.48 -16.70 31.83
N PRO D 443 -8.51 -17.44 32.37
CA PRO D 443 -7.16 -17.48 31.80
C PRO D 443 -7.19 -17.73 30.29
N GLN D 444 -6.50 -16.85 29.56
CA GLN D 444 -6.31 -16.99 28.11
C GLN D 444 -7.62 -17.05 27.32
N SER D 445 -8.69 -16.52 27.91
CA SER D 445 -10.02 -16.64 27.32
C SER D 445 -10.55 -15.30 26.79
N ASN D 446 -11.87 -15.17 26.75
CA ASN D 446 -12.50 -13.96 26.24
C ASN D 446 -13.85 -13.72 26.89
N PHE D 447 -14.34 -12.49 26.80
CA PHE D 447 -15.74 -12.21 27.06
C PHE D 447 -16.30 -11.12 26.18
N VAL D 448 -17.63 -11.07 26.09
CA VAL D 448 -18.34 -10.04 25.34
C VAL D 448 -19.47 -9.49 26.19
N ILE D 449 -19.44 -8.17 26.38
CA ILE D 449 -20.50 -7.47 27.11
C ILE D 449 -21.13 -6.40 26.23
N ARG D 450 -22.43 -6.14 26.47
CA ARG D 450 -23.17 -5.10 25.76
C ARG D 450 -23.93 -4.21 26.74
N PHE D 451 -24.01 -2.92 26.40
CA PHE D 451 -24.78 -1.94 27.15
C PHE D 451 -25.21 -0.78 26.26
N LYS D 452 -26.25 -0.07 26.68
CA LYS D 452 -26.76 1.09 25.98
C LYS D 452 -26.08 2.34 26.49
N ALA D 453 -25.59 3.19 25.60
CA ALA D 453 -25.03 4.49 26.03
C ALA D 453 -26.15 5.47 26.36
N ASP D 454 -26.77 5.28 27.52
CA ASP D 454 -27.93 6.06 27.93
C ASP D 454 -27.61 6.84 29.21
N ASN D 455 -26.32 6.96 29.50
CA ASN D 455 -25.87 7.59 30.72
C ASN D 455 -24.70 8.55 30.46
N PRO D 456 -24.98 9.75 29.91
CA PRO D 456 -23.91 10.69 29.60
C PRO D 456 -22.91 10.82 30.76
N GLY D 457 -21.63 10.65 30.46
CA GLY D 457 -20.60 10.71 31.48
C GLY D 457 -19.23 10.27 31.01
N VAL D 458 -18.28 10.22 31.94
CA VAL D 458 -16.92 9.76 31.66
C VAL D 458 -16.71 8.53 32.52
N TRP D 459 -16.52 7.37 31.90
CA TRP D 459 -16.52 6.11 32.64
C TRP D 459 -15.26 5.29 32.43
N PHE D 460 -14.67 4.85 33.54
CA PHE D 460 -13.47 4.01 33.52
C PHE D 460 -13.86 2.56 33.28
N PHE D 461 -13.15 1.91 32.36
CA PHE D 461 -13.26 0.46 32.19
C PHE D 461 -11.90 -0.15 32.44
N HIS D 462 -11.79 -0.96 33.50
CA HIS D 462 -10.49 -1.44 33.96
C HIS D 462 -10.58 -2.72 34.77
N CYS D 463 -9.43 -3.35 34.96
CA CYS D 463 -9.32 -4.46 35.87
C CYS D 463 -9.27 -3.92 37.29
N HIS D 464 -9.99 -4.58 38.19
CA HIS D 464 -10.17 -4.09 39.54
C HIS D 464 -9.11 -4.68 40.45
N ILE D 465 -8.17 -5.43 39.89
CA ILE D 465 -7.01 -5.85 40.66
C ILE D 465 -6.08 -4.64 40.77
N GLU D 466 -5.94 -4.10 41.98
CA GLU D 466 -5.22 -2.86 42.18
C GLU D 466 -3.84 -2.84 41.52
N TRP D 467 -3.13 -3.96 41.63
CA TRP D 467 -1.82 -4.12 41.01
C TRP D 467 -1.88 -3.89 39.51
N HIS D 468 -2.92 -4.42 38.87
CA HIS D 468 -3.06 -4.31 37.42
C HIS D 468 -3.51 -2.94 36.97
N LEU D 469 -4.31 -2.28 37.80
CA LEU D 469 -4.69 -0.90 37.53
C LEU D 469 -3.47 0.00 37.65
N LEU D 470 -2.57 -0.35 38.57
CA LEU D 470 -1.30 0.35 38.71
C LEU D 470 -0.42 0.15 37.48
N GLN D 471 -0.53 -1.04 36.89
CA GLN D 471 0.19 -1.38 35.66
C GLN D 471 -0.47 -0.73 34.43
N GLY D 472 -1.59 -0.05 34.66
CA GLY D 472 -2.31 0.69 33.61
C GLY D 472 -3.33 -0.06 32.77
N LEU D 473 -3.95 -1.11 33.33
CA LEU D 473 -4.98 -1.86 32.60
C LEU D 473 -6.32 -1.16 32.68
N GLY D 474 -6.45 -0.04 31.96
CA GLY D 474 -7.69 0.74 31.96
C GLY D 474 -7.88 1.55 30.70
N LEU D 475 -9.13 1.86 30.39
CA LEU D 475 -9.47 2.69 29.24
C LEU D 475 -10.66 3.57 29.59
N VAL D 476 -10.86 4.65 28.85
CA VAL D 476 -11.82 5.69 29.22
C VAL D 476 -12.94 5.79 28.18
N LEU D 477 -14.18 5.74 28.65
CA LEU D 477 -15.34 5.90 27.79
C LEU D 477 -16.01 7.25 28.03
N VAL D 478 -16.15 8.06 26.98
CA VAL D 478 -16.88 9.32 27.06
C VAL D 478 -18.23 9.15 26.38
N GLU D 479 -19.29 9.11 27.18
CA GLU D 479 -20.65 8.95 26.66
C GLU D 479 -21.25 10.28 26.28
N ASP D 480 -21.82 10.34 25.07
CA ASP D 480 -22.13 11.59 24.37
C ASP D 480 -21.78 12.86 25.15
N PRO D 481 -20.55 13.37 24.93
CA PRO D 481 -20.03 14.55 25.60
C PRO D 481 -20.95 15.75 25.46
N PHE D 482 -21.76 15.78 24.40
CA PHE D 482 -22.74 16.86 24.24
C PHE D 482 -23.90 16.73 25.23
N GLY D 483 -24.29 15.49 25.53
CA GLY D 483 -25.28 15.22 26.57
C GLY D 483 -24.79 15.70 27.93
N ILE D 484 -23.50 15.48 28.16
CA ILE D 484 -22.81 15.94 29.38
C ILE D 484 -22.89 17.47 29.50
N GLN D 485 -22.51 18.16 28.43
CA GLN D 485 -22.50 19.63 28.42
C GLN D 485 -23.89 20.24 28.57
N ASP D 486 -24.89 19.61 27.96
CA ASP D 486 -26.26 20.15 27.95
C ASP D 486 -26.97 20.05 29.30
N ALA D 487 -26.64 19.03 30.09
CA ALA D 487 -27.23 18.87 31.43
C ALA D 487 -26.61 19.86 32.41
N HIS D 488 -27.48 20.62 33.10
CA HIS D 488 -27.04 21.60 34.09
C HIS D 488 -26.41 20.94 35.31
N SER D 489 -27.05 19.88 35.81
CA SER D 489 -26.59 19.14 36.98
C SER D 489 -25.15 18.63 36.84
N GLN D 490 -24.63 18.70 35.62
CA GLN D 490 -23.33 18.15 35.28
C GLN D 490 -22.20 19.15 35.49
N GLN D 491 -22.54 20.44 35.53
CA GLN D 491 -21.55 21.52 35.71
C GLN D 491 -20.80 21.36 37.03
N LEU D 492 -19.51 21.65 37.00
CA LEU D 492 -18.65 21.50 38.16
C LEU D 492 -18.96 22.55 39.22
N SER D 493 -19.03 22.11 40.48
CA SER D 493 -19.32 22.99 41.61
C SER D 493 -18.10 23.80 42.02
N GLU D 494 -18.34 24.85 42.82
CA GLU D 494 -17.26 25.66 43.38
C GLU D 494 -16.25 24.79 44.12
N ASN D 495 -16.76 23.94 45.01
CA ASN D 495 -15.94 23.03 45.80
C ASN D 495 -14.94 22.23 44.96
N HIS D 496 -15.41 21.65 43.85
CA HIS D 496 -14.56 20.82 42.97
C HIS D 496 -13.45 21.64 42.31
N LEU D 497 -13.79 22.83 41.81
CA LEU D 497 -12.79 23.75 41.26
C LEU D 497 -11.78 24.13 42.35
N GLU D 498 -12.28 24.30 43.56
CA GLU D 498 -11.47 24.60 44.74
C GLU D 498 -10.43 23.50 45.01
N VAL D 499 -10.86 22.25 44.87
CA VAL D 499 -9.97 21.09 45.00
C VAL D 499 -8.84 21.15 43.98
N CYS D 500 -9.21 21.40 42.72
CA CYS D 500 -8.24 21.48 41.62
C CYS D 500 -7.18 22.56 41.80
N GLN D 501 -7.62 23.78 42.11
CA GLN D 501 -6.73 24.89 42.39
C GLN D 501 -5.76 24.55 43.51
N SER D 502 -6.30 23.96 44.57
CA SER D 502 -5.52 23.61 45.75
C SER D 502 -4.52 22.50 45.44
N CYS D 503 -4.81 21.75 44.38
CA CYS D 503 -4.00 20.63 43.91
C CYS D 503 -3.02 21.07 42.82
N SER D 504 -3.16 22.33 42.37
CA SER D 504 -2.46 22.88 41.19
C SER D 504 -2.59 21.99 39.95
N VAL D 505 -3.83 21.59 39.66
CA VAL D 505 -4.20 20.82 38.46
C VAL D 505 -5.20 21.66 37.66
N ALA D 506 -4.92 21.84 36.38
CA ALA D 506 -5.73 22.73 35.54
C ALA D 506 -7.11 22.15 35.19
N THR D 507 -8.00 23.05 34.80
CA THR D 507 -9.26 22.69 34.16
C THR D 507 -9.33 23.34 32.76
N GLU D 508 -8.52 22.82 31.85
CA GLU D 508 -8.36 23.40 30.51
C GLU D 508 -8.88 22.48 29.40
N GLY D 509 -8.00 21.99 28.53
CA GLY D 509 -8.40 21.10 27.44
C GLY D 509 -7.34 20.09 27.05
N ASN D 510 -6.95 19.27 28.02
CA ASN D 510 -5.76 18.39 27.94
C ASN D 510 -4.47 19.08 27.50
N ALA D 511 -3.57 19.25 28.47
CA ALA D 511 -2.38 20.08 28.34
C ALA D 511 -2.73 21.52 27.92
N ALA D 512 -2.68 21.79 26.60
CA ALA D 512 -2.75 23.14 26.02
C ALA D 512 -3.89 24.03 26.54
N ALA D 513 -3.58 25.32 26.66
CA ALA D 513 -4.44 26.33 27.30
C ALA D 513 -5.63 26.75 26.44
N ASN D 514 -6.57 25.83 26.24
CA ASN D 514 -7.75 26.04 25.38
C ASN D 514 -7.45 26.87 24.13
N THR D 515 -6.32 26.56 23.50
CA THR D 515 -5.72 27.42 22.49
C THR D 515 -5.77 26.84 21.07
N LEU D 516 -5.28 25.61 20.91
CA LEU D 516 -5.34 24.92 19.62
C LEU D 516 -6.01 23.57 19.77
N ASP D 517 -6.15 23.11 21.02
CA ASP D 517 -6.79 21.83 21.34
C ASP D 517 -6.14 20.60 20.71
N LEU D 518 -5.10 20.82 19.90
CA LEU D 518 -4.28 19.74 19.35
C LEU D 518 -2.95 19.67 20.12
N THR D 519 -2.69 18.50 20.68
CA THR D 519 -1.84 18.32 21.88
C THR D 519 -0.31 18.25 21.70
N ASP D 520 0.38 18.13 22.84
CA ASP D 520 1.81 17.81 22.95
C ASP D 520 1.99 17.10 24.30
N LEU D 521 1.43 15.89 24.38
CA LEU D 521 0.93 15.25 25.63
C LEU D 521 1.90 14.74 26.71
N THR D 522 1.49 13.61 27.29
CA THR D 522 2.22 12.88 28.32
C THR D 522 2.05 11.37 28.02
N GLY D 523 3.10 10.77 27.46
CA GLY D 523 3.02 9.42 26.91
C GLY D 523 3.55 8.30 27.79
N GLU D 524 3.36 7.07 27.32
CA GLU D 524 3.92 5.86 27.93
C GLU D 524 5.36 5.68 27.47
N ASN D 525 6.16 4.96 28.27
CA ASN D 525 7.53 4.62 27.90
C ASN D 525 7.51 3.84 26.57
N VAL D 526 8.52 4.07 25.73
CA VAL D 526 8.54 3.48 24.38
C VAL D 526 8.65 1.95 24.37
N GLN D 527 8.32 1.36 23.22
CA GLN D 527 8.22 -0.10 23.10
C GLN D 527 9.60 -0.78 23.02
N HIS D 528 9.57 -2.11 23.07
CA HIS D 528 10.75 -2.95 23.35
C HIS D 528 11.62 -3.34 22.16
N ALA D 529 11.21 -2.98 20.94
CA ALA D 529 11.94 -3.36 19.71
C ALA D 529 13.23 -2.57 19.54
N GLU E 1 35.74 33.11 -34.35
CA GLU E 1 34.90 34.33 -34.45
C GLU E 1 35.06 35.21 -33.22
N THR E 2 35.04 36.52 -33.44
CA THR E 2 35.24 37.50 -32.37
C THR E 2 33.94 38.17 -31.96
N HIS E 3 33.63 38.08 -30.67
CA HIS E 3 32.48 38.76 -30.09
C HIS E 3 32.96 39.93 -29.27
N THR E 4 32.61 41.14 -29.70
CA THR E 4 33.03 42.34 -28.99
C THR E 4 31.83 43.03 -28.34
N PHE E 5 31.97 43.32 -27.06
CA PHE E 5 30.90 43.94 -26.29
C PHE E 5 31.36 45.25 -25.68
N ASN E 6 30.43 46.19 -25.60
CA ASN E 6 30.69 47.47 -24.98
C ASN E 6 29.74 47.67 -23.79
N TRP E 7 30.24 47.42 -22.58
CA TRP E 7 29.40 47.43 -21.39
C TRP E 7 29.82 48.45 -20.36
N THR E 8 28.85 49.24 -19.88
CA THR E 8 29.10 50.26 -18.87
C THR E 8 28.23 50.02 -17.64
N THR E 9 28.89 49.92 -16.49
CA THR E 9 28.23 49.74 -15.21
C THR E 9 27.43 50.98 -14.83
N GLY E 10 26.34 50.78 -14.09
CA GLY E 10 25.50 51.88 -13.63
C GLY E 10 24.56 51.44 -12.52
N TRP E 11 23.85 52.42 -11.96
CA TRP E 11 22.85 52.16 -10.93
C TRP E 11 21.48 52.57 -11.41
N ASP E 12 20.51 51.67 -11.25
CA ASP E 12 19.11 52.01 -11.51
C ASP E 12 18.22 51.25 -10.56
N TYR E 13 17.03 51.79 -10.30
CA TYR E 13 16.06 51.12 -9.47
C TYR E 13 15.35 50.01 -10.23
N ARG E 14 15.26 48.84 -9.62
CA ARG E 14 14.39 47.76 -10.08
C ARG E 14 13.72 47.11 -8.88
N ASN E 15 12.58 46.46 -9.12
CA ASN E 15 11.92 45.65 -8.12
C ASN E 15 12.05 44.19 -8.51
N VAL E 16 13.22 43.61 -8.25
CA VAL E 16 13.55 42.25 -8.64
C VAL E 16 12.67 41.26 -7.89
N ASP E 17 12.66 41.43 -6.58
CA ASP E 17 11.95 40.63 -5.63
C ASP E 17 10.46 40.52 -5.94
N GLY E 18 9.87 41.66 -6.27
CA GLY E 18 8.43 41.83 -6.26
C GLY E 18 8.01 42.66 -5.05
N LEU E 19 8.94 42.91 -4.12
CA LEU E 19 8.58 43.63 -2.89
C LEU E 19 9.48 44.76 -2.39
N LYS E 20 10.39 45.23 -3.24
CA LYS E 20 11.21 46.39 -2.90
C LYS E 20 11.87 46.99 -4.14
N SER E 21 11.45 48.20 -4.49
CA SER E 21 12.17 49.00 -5.48
C SER E 21 13.49 49.44 -4.85
N ARG E 22 14.57 49.14 -5.55
CA ARG E 22 15.89 49.13 -4.94
C ARG E 22 16.93 49.27 -6.05
N PRO E 23 18.01 50.05 -5.79
CA PRO E 23 19.07 50.20 -6.80
C PRO E 23 19.77 48.89 -7.12
N VAL E 24 19.94 48.61 -8.41
CA VAL E 24 20.69 47.44 -8.87
C VAL E 24 21.74 47.88 -9.90
N ILE E 25 22.78 47.07 -10.08
CA ILE E 25 23.85 47.40 -11.02
C ILE E 25 23.44 47.05 -12.46
N THR E 26 23.32 48.07 -13.30
CA THR E 26 22.91 47.87 -14.69
C THR E 26 24.07 47.77 -15.65
N CYS E 27 23.79 47.20 -16.82
CA CYS E 27 24.71 47.16 -17.93
C CYS E 27 24.11 48.00 -19.06
N ASN E 28 24.78 49.10 -19.40
CA ASN E 28 24.25 50.05 -20.38
C ASN E 28 22.82 50.49 -20.07
N GLY E 29 22.50 50.65 -18.78
CA GLY E 29 21.16 51.00 -18.35
C GLY E 29 20.16 49.85 -18.29
N GLN E 30 20.60 48.65 -18.67
CA GLN E 30 19.71 47.48 -18.74
C GLN E 30 19.89 46.51 -17.57
N PHE E 31 18.80 45.87 -17.17
CA PHE E 31 18.84 44.82 -16.15
C PHE E 31 17.81 43.75 -16.51
N PRO E 32 18.19 42.45 -16.42
CA PRO E 32 19.46 41.92 -15.92
C PRO E 32 20.59 42.03 -16.93
N TRP E 33 21.80 41.70 -16.51
CA TRP E 33 22.97 41.67 -17.38
C TRP E 33 22.82 40.63 -18.47
N PRO E 34 23.46 40.84 -19.64
CA PRO E 34 23.29 39.91 -20.76
C PRO E 34 23.96 38.56 -20.54
N ASP E 35 23.56 37.57 -21.33
CA ASP E 35 24.22 36.28 -21.34
C ASP E 35 25.03 36.16 -22.61
N ILE E 36 26.23 35.60 -22.49
CA ILE E 36 27.07 35.38 -23.64
C ILE E 36 27.03 33.93 -24.07
N THR E 37 26.86 33.71 -25.37
CA THR E 37 26.95 32.37 -25.95
C THR E 37 27.99 32.41 -27.07
N VAL E 38 29.03 31.60 -26.93
CA VAL E 38 30.07 31.49 -27.96
C VAL E 38 30.36 30.03 -28.32
N ASN E 39 31.14 29.81 -29.37
CA ASN E 39 31.58 28.48 -29.78
C ASN E 39 32.99 28.21 -29.27
N LYS E 40 33.30 26.92 -29.10
CA LYS E 40 34.65 26.49 -28.76
C LYS E 40 35.67 27.23 -29.62
N GLY E 41 36.64 27.84 -28.95
CA GLY E 41 37.75 28.53 -29.62
C GLY E 41 37.45 29.93 -30.14
N ASP E 42 36.29 30.47 -29.77
CA ASP E 42 35.94 31.86 -30.11
C ASP E 42 36.75 32.86 -29.28
N ARG E 43 36.86 34.08 -29.81
CA ARG E 43 37.51 35.19 -29.12
C ARG E 43 36.44 36.08 -28.52
N VAL E 44 36.60 36.40 -27.23
CA VAL E 44 35.67 37.28 -26.52
C VAL E 44 36.41 38.57 -26.13
N GLN E 45 35.90 39.70 -26.60
CA GLN E 45 36.46 41.00 -26.24
C GLN E 45 35.43 41.90 -25.58
N ILE E 46 35.52 42.04 -24.26
CA ILE E 46 34.61 42.92 -23.53
C ILE E 46 35.31 44.20 -23.07
N TYR E 47 34.78 45.33 -23.54
CA TYR E 47 35.19 46.63 -23.04
C TYR E 47 34.30 46.99 -21.86
N LEU E 48 34.81 46.79 -20.65
CA LEU E 48 34.08 47.14 -19.43
C LEU E 48 34.46 48.54 -19.00
N THR E 49 33.44 49.39 -18.88
CA THR E 49 33.64 50.76 -18.41
C THR E 49 32.99 50.94 -17.05
N ASN E 50 33.76 51.42 -16.08
CA ASN E 50 33.20 51.72 -14.79
C ASN E 50 32.50 53.07 -14.82
N GLY E 51 31.17 53.02 -14.80
CA GLY E 51 30.35 54.23 -14.80
C GLY E 51 29.73 54.51 -13.45
N MET E 52 30.18 53.78 -12.43
CA MET E 52 29.71 53.98 -11.06
C MET E 52 30.54 55.08 -10.40
N ASN E 53 29.91 55.87 -9.55
CA ASN E 53 30.48 57.15 -9.09
C ASN E 53 31.61 57.05 -8.05
N ASN E 54 31.68 55.91 -7.35
CA ASN E 54 32.45 55.82 -6.10
C ASN E 54 33.12 54.47 -5.85
N THR E 55 32.73 53.44 -6.61
CA THR E 55 33.25 52.08 -6.45
C THR E 55 34.30 51.76 -7.51
N ASN E 56 35.16 50.80 -7.21
CA ASN E 56 35.94 50.13 -8.23
C ASN E 56 35.10 49.02 -8.89
N THR E 57 35.59 48.46 -10.00
CA THR E 57 34.94 47.32 -10.66
C THR E 57 35.96 46.28 -11.09
N SER E 58 35.46 45.08 -11.39
CA SER E 58 36.22 44.04 -12.03
C SER E 58 35.22 43.07 -12.64
N MET E 59 35.69 42.20 -13.53
CA MET E 59 34.84 41.15 -14.06
C MET E 59 35.62 39.88 -14.18
N HIS E 60 35.11 38.84 -13.56
CA HIS E 60 35.71 37.52 -13.59
C HIS E 60 34.83 36.54 -14.34
N PHE E 61 35.46 35.71 -15.17
CA PHE E 61 34.74 34.72 -15.95
C PHE E 61 34.94 33.35 -15.31
N HIS E 62 33.97 32.97 -14.48
CA HIS E 62 34.07 31.81 -13.61
C HIS E 62 34.16 30.49 -14.38
N GLY E 63 35.26 29.77 -14.14
CA GLY E 63 35.46 28.43 -14.68
C GLY E 63 36.40 28.40 -15.87
N LEU E 64 36.50 29.53 -16.57
CA LEU E 64 37.39 29.64 -17.72
C LEU E 64 38.84 29.53 -17.29
N PHE E 65 39.63 28.74 -18.01
CA PHE E 65 40.99 28.44 -17.56
C PHE E 65 42.00 29.56 -17.81
N GLN E 66 41.67 30.48 -18.72
CA GLN E 66 42.52 31.62 -19.06
C GLN E 66 43.96 31.19 -19.37
N ASN E 67 44.09 30.04 -20.03
CA ASN E 67 45.38 29.44 -20.35
C ASN E 67 46.21 30.36 -21.24
N GLY E 68 47.31 30.87 -20.69
CA GLY E 68 48.19 31.77 -21.42
C GLY E 68 47.82 33.24 -21.33
N THR E 69 46.67 33.52 -20.71
CA THR E 69 46.19 34.91 -20.56
C THR E 69 45.67 35.18 -19.16
N ALA E 70 46.50 34.90 -18.15
CA ALA E 70 46.15 35.09 -16.74
C ALA E 70 45.71 36.52 -16.41
N SER E 71 46.24 37.49 -17.14
CA SER E 71 45.87 38.90 -17.02
C SER E 71 44.36 39.17 -17.21
N MET E 72 43.65 38.19 -17.75
CA MET E 72 42.24 38.36 -18.11
C MET E 72 41.29 37.69 -17.11
N ASP E 73 41.83 37.12 -16.04
CA ASP E 73 41.02 36.39 -15.06
C ASP E 73 40.10 37.29 -14.25
N GLY E 74 40.46 38.56 -14.12
CA GLY E 74 39.62 39.56 -13.50
C GLY E 74 39.53 39.58 -11.97
N VAL E 75 40.62 39.21 -11.30
CA VAL E 75 40.67 39.32 -9.85
C VAL E 75 41.60 40.45 -9.46
N PRO E 76 41.05 41.52 -8.85
CA PRO E 76 41.86 42.64 -8.38
C PRO E 76 42.96 42.18 -7.42
N PHE E 77 44.17 42.71 -7.62
CA PHE E 77 45.35 42.42 -6.80
C PHE E 77 45.90 40.98 -6.88
N LEU E 78 45.36 40.21 -7.81
CA LEU E 78 45.92 38.94 -8.21
C LEU E 78 46.32 39.07 -9.67
N THR E 79 45.38 39.56 -10.47
CA THR E 79 45.36 39.41 -11.93
C THR E 79 45.46 40.77 -12.61
N GLN E 80 44.98 41.78 -11.90
CA GLN E 80 44.82 43.13 -12.42
C GLN E 80 44.68 44.05 -11.22
N CYS E 81 44.81 45.35 -11.46
CA CYS E 81 44.42 46.33 -10.46
C CYS E 81 42.95 46.69 -10.72
N PRO E 82 42.25 47.24 -9.70
CA PRO E 82 40.82 47.51 -9.85
C PRO E 82 40.49 48.58 -10.90
N ILE E 83 39.30 48.47 -11.51
CA ILE E 83 38.85 49.45 -12.50
C ILE E 83 38.27 50.67 -11.79
N ALA E 84 38.99 51.79 -11.91
CA ALA E 84 38.56 53.05 -11.31
C ALA E 84 37.39 53.67 -12.07
N PRO E 85 36.54 54.44 -11.36
CA PRO E 85 35.47 55.20 -12.03
C PRO E 85 35.97 55.99 -13.24
N GLY E 86 35.32 55.80 -14.38
CA GLY E 86 35.70 56.48 -15.62
C GLY E 86 36.56 55.64 -16.53
N SER E 87 37.28 54.67 -15.96
CA SER E 87 38.21 53.82 -16.72
C SER E 87 37.51 52.70 -17.49
N THR E 88 38.19 52.22 -18.53
CA THR E 88 37.70 51.10 -19.35
C THR E 88 38.76 50.01 -19.46
N MET E 89 38.41 48.81 -19.00
CA MET E 89 39.30 47.66 -19.15
C MET E 89 38.82 46.77 -20.29
N LEU E 90 39.76 46.33 -21.12
CA LEU E 90 39.48 45.39 -22.20
C LEU E 90 39.82 43.97 -21.75
N TYR E 91 38.80 43.13 -21.66
CA TYR E 91 39.00 41.71 -21.42
C TYR E 91 39.02 41.00 -22.78
N ASN E 92 40.20 40.46 -23.11
CA ASN E 92 40.47 39.95 -24.45
C ASN E 92 41.05 38.55 -24.32
N PHE E 93 40.22 37.53 -24.59
CA PHE E 93 40.65 36.15 -24.37
C PHE E 93 39.95 35.18 -25.31
N THR E 94 40.58 34.03 -25.53
CA THR E 94 40.02 32.97 -26.33
C THR E 94 39.48 31.88 -25.41
N VAL E 95 38.71 30.94 -25.96
CA VAL E 95 38.09 29.88 -25.19
C VAL E 95 38.46 28.52 -25.81
N ASP E 96 39.73 28.17 -25.69
CA ASP E 96 40.26 26.95 -26.31
C ASP E 96 40.12 25.70 -25.44
N TYR E 97 39.95 25.91 -24.13
CA TYR E 97 40.06 24.80 -23.18
C TYR E 97 38.80 24.56 -22.37
N ASN E 98 37.75 25.33 -22.62
CA ASN E 98 36.49 25.18 -21.89
C ASN E 98 35.29 24.94 -22.80
N VAL E 99 34.39 24.10 -22.31
CA VAL E 99 33.10 23.83 -22.96
C VAL E 99 32.02 23.75 -21.89
N GLY E 100 30.81 24.16 -22.24
CA GLY E 100 29.67 23.98 -21.37
C GLY E 100 29.16 25.24 -20.69
N THR E 101 28.73 25.09 -19.44
CA THR E 101 28.02 26.15 -18.73
C THR E 101 28.92 26.88 -17.75
N TYR E 102 29.07 28.18 -17.96
CA TYR E 102 29.86 29.03 -17.09
C TYR E 102 29.10 30.31 -16.82
N TRP E 103 29.68 31.20 -16.03
CA TRP E 103 29.08 32.50 -15.76
C TRP E 103 30.15 33.54 -15.49
N TYR E 104 29.77 34.81 -15.59
CA TYR E 104 30.67 35.89 -15.23
C TYR E 104 30.04 36.72 -14.13
N HIS E 105 30.90 37.30 -13.30
CA HIS E 105 30.45 38.18 -12.24
C HIS E 105 31.55 39.15 -11.86
N SER E 106 31.18 40.26 -11.24
CA SER E 106 32.14 41.18 -10.68
C SER E 106 32.92 40.47 -9.57
N HIS E 107 34.20 40.80 -9.45
CA HIS E 107 35.02 40.23 -8.39
C HIS E 107 35.50 41.29 -7.40
N THR E 108 34.82 42.44 -7.39
CA THR E 108 35.10 43.48 -6.40
C THR E 108 34.42 43.06 -5.09
N ASP E 109 33.90 44.03 -4.33
CA ASP E 109 33.45 43.81 -2.95
C ASP E 109 32.30 42.79 -2.85
N GLY E 110 31.07 43.28 -2.82
CA GLY E 110 29.91 42.40 -2.85
C GLY E 110 29.19 42.64 -4.15
N GLN E 111 29.78 43.50 -4.96
CA GLN E 111 29.22 43.98 -6.22
C GLN E 111 28.30 42.99 -6.95
N TYR E 112 28.71 41.74 -7.13
CA TYR E 112 27.88 40.84 -7.95
C TYR E 112 26.48 40.53 -7.38
N GLU E 113 26.38 40.44 -6.05
CA GLU E 113 25.09 40.32 -5.38
C GLU E 113 24.13 41.44 -5.77
N ASP E 114 24.67 42.63 -5.99
CA ASP E 114 23.89 43.79 -6.41
C ASP E 114 23.58 43.79 -7.92
N GLY E 115 23.75 42.64 -8.58
CA GLY E 115 23.23 42.46 -9.93
C GLY E 115 24.20 42.22 -11.07
N MET E 116 25.50 42.49 -10.83
CA MET E 116 26.53 42.41 -11.87
C MET E 116 26.99 40.98 -12.10
N LYS E 117 26.19 40.22 -12.85
CA LYS E 117 26.43 38.81 -13.07
C LYS E 117 25.57 38.33 -14.22
N GLY E 118 26.06 37.35 -14.96
CA GLY E 118 25.36 36.79 -16.12
C GLY E 118 25.96 35.48 -16.56
N LEU E 119 25.26 34.79 -17.45
CA LEU E 119 25.68 33.46 -17.91
C LEU E 119 26.66 33.53 -19.08
N PHE E 120 27.56 32.55 -19.14
CA PHE E 120 28.54 32.44 -20.22
C PHE E 120 28.49 31.01 -20.69
N ILE E 121 27.92 30.79 -21.88
CA ILE E 121 27.74 29.45 -22.39
C ILE E 121 28.62 29.17 -23.60
N ILE E 122 29.38 28.08 -23.52
CA ILE E 122 30.20 27.64 -24.64
C ILE E 122 29.67 26.31 -25.18
N LYS E 123 29.31 26.31 -26.46
CA LYS E 123 28.79 25.12 -27.11
C LYS E 123 29.91 24.29 -27.74
N ASP E 124 29.76 22.98 -27.72
CA ASP E 124 30.64 22.10 -28.49
C ASP E 124 29.84 21.09 -29.33
N ASP E 125 30.36 20.81 -30.52
CA ASP E 125 29.67 19.89 -31.42
C ASP E 125 29.71 18.42 -30.99
N SER E 126 30.57 18.09 -30.04
CA SER E 126 30.65 16.70 -29.57
C SER E 126 30.08 16.49 -28.15
N PHE E 127 28.98 17.18 -27.86
CA PHE E 127 28.17 16.91 -26.68
C PHE E 127 27.42 15.59 -26.87
N PRO E 128 27.65 14.61 -25.97
CA PRO E 128 27.22 13.22 -26.20
C PRO E 128 25.70 12.97 -26.24
N TYR E 129 24.90 13.83 -25.61
CA TYR E 129 23.47 13.54 -25.45
C TYR E 129 22.56 14.38 -26.33
N ASP E 130 21.42 13.80 -26.69
CA ASP E 130 20.42 14.47 -27.51
C ASP E 130 19.40 15.24 -26.69
N TYR E 131 18.95 16.37 -27.23
CA TYR E 131 17.90 17.18 -26.64
C TYR E 131 17.19 17.99 -27.72
N ASP E 132 15.94 18.33 -27.46
CA ASP E 132 15.13 19.06 -28.43
C ASP E 132 15.24 20.57 -28.25
N GLU E 133 15.29 21.00 -26.99
CA GLU E 133 15.26 22.42 -26.61
C GLU E 133 16.23 22.66 -25.45
N GLU E 134 16.65 23.90 -25.28
CA GLU E 134 17.59 24.26 -24.21
C GLU E 134 17.25 25.59 -23.54
N LEU E 135 17.51 25.68 -22.25
CA LEU E 135 17.38 26.94 -21.50
C LEU E 135 18.24 26.89 -20.24
N SER E 136 18.23 28.00 -19.51
CA SER E 136 18.93 28.07 -18.24
C SER E 136 18.00 28.63 -17.17
N LEU E 137 18.33 28.34 -15.91
CA LEU E 137 17.70 29.01 -14.79
C LEU E 137 18.81 29.52 -13.88
N SER E 138 18.75 30.80 -13.56
CA SER E 138 19.71 31.41 -12.65
C SER E 138 19.10 31.54 -11.26
N LEU E 139 19.43 30.58 -10.39
CA LEU E 139 19.00 30.63 -9.00
C LEU E 139 19.88 31.62 -8.24
N SER E 140 19.29 32.32 -7.29
CA SER E 140 20.02 33.25 -6.44
C SER E 140 19.18 33.63 -5.22
N GLU E 141 19.80 34.25 -4.23
CA GLU E 141 19.06 34.87 -3.14
C GLU E 141 19.06 36.37 -3.39
N TRP E 142 18.15 37.08 -2.73
CA TRP E 142 18.02 38.52 -2.94
C TRP E 142 17.97 39.32 -1.62
N TYR E 143 18.80 40.36 -1.54
CA TYR E 143 18.80 41.28 -0.40
C TYR E 143 18.03 42.54 -0.75
N HIS E 144 17.49 43.20 0.27
CA HIS E 144 16.77 44.46 0.08
C HIS E 144 17.67 45.66 0.27
N ASP E 145 18.83 45.44 0.89
CA ASP E 145 19.83 46.47 1.03
C ASP E 145 21.04 46.14 0.16
N LEU E 146 21.72 47.18 -0.31
CA LEU E 146 22.96 47.05 -1.06
C LEU E 146 24.08 46.45 -0.19
N VAL E 147 25.01 45.76 -0.83
CA VAL E 147 26.13 45.15 -0.15
C VAL E 147 26.91 46.19 0.65
N THR E 148 27.18 47.34 0.04
CA THR E 148 27.92 48.43 0.70
C THR E 148 27.36 48.74 2.10
N ASP E 149 26.04 48.82 2.21
CA ASP E 149 25.35 49.08 3.46
C ASP E 149 25.46 47.94 4.46
N LEU E 150 25.24 46.72 3.99
CA LEU E 150 25.30 45.55 4.86
C LEU E 150 26.68 45.36 5.47
N THR E 151 27.71 45.58 4.64
CA THR E 151 29.11 45.44 5.04
C THR E 151 29.46 46.27 6.28
N LYS E 152 28.86 47.45 6.41
CA LYS E 152 29.09 48.34 7.55
C LYS E 152 28.74 47.67 8.87
N SER E 153 27.65 46.89 8.86
CA SER E 153 27.18 46.19 10.05
C SER E 153 27.66 44.74 10.07
N PHE E 154 28.12 44.22 8.94
CA PHE E 154 28.65 42.87 8.90
C PHE E 154 30.08 42.79 9.46
N MET E 155 30.95 43.67 9.00
CA MET E 155 32.33 43.72 9.47
C MET E 155 32.41 44.79 10.54
N SER E 156 31.91 44.46 11.72
CA SER E 156 31.65 45.45 12.75
C SER E 156 31.91 44.84 14.12
N VAL E 157 32.21 45.69 15.08
CA VAL E 157 32.40 45.23 16.45
C VAL E 157 31.05 44.84 17.07
N TYR E 158 29.97 45.28 16.44
CA TYR E 158 28.61 44.93 16.87
C TYR E 158 28.17 43.59 16.29
N ASN E 159 29.11 42.90 15.65
CA ASN E 159 28.86 41.58 15.10
C ASN E 159 30.05 40.65 15.38
N PRO E 160 30.23 40.29 16.67
CA PRO E 160 31.42 39.52 17.04
C PRO E 160 31.33 38.06 16.61
N THR E 161 30.12 37.58 16.34
CA THR E 161 29.85 36.22 15.91
C THR E 161 30.31 36.01 14.47
N GLY E 162 30.43 37.11 13.72
CA GLY E 162 30.68 37.02 12.29
C GLY E 162 29.45 36.58 11.51
N ALA E 163 28.28 36.70 12.14
CA ALA E 163 27.01 36.34 11.52
C ALA E 163 26.86 37.06 10.19
N GLU E 164 26.66 36.26 9.15
CA GLU E 164 26.43 36.78 7.82
C GLU E 164 24.98 37.28 7.69
N PRO E 165 24.79 38.44 7.02
CA PRO E 165 23.46 39.04 6.86
C PRO E 165 22.48 38.16 6.11
N ILE E 166 21.25 38.11 6.58
CA ILE E 166 20.22 37.22 6.06
C ILE E 166 19.49 37.87 4.88
N PRO E 167 19.41 37.16 3.73
CA PRO E 167 18.69 37.67 2.57
C PRO E 167 17.16 37.67 2.77
N GLN E 168 16.43 38.31 1.86
CA GLN E 168 14.99 38.48 2.03
C GLN E 168 14.17 37.47 1.25
N ASN E 169 14.72 36.96 0.15
CA ASN E 169 14.03 36.02 -0.73
C ASN E 169 14.93 35.25 -1.66
N LEU E 170 14.46 34.09 -2.11
CA LEU E 170 15.08 33.38 -3.23
C LEU E 170 14.48 33.89 -4.56
N ILE E 171 15.33 33.97 -5.58
CA ILE E 171 14.93 34.44 -6.90
C ILE E 171 15.40 33.49 -8.00
N VAL E 172 14.68 33.48 -9.12
CA VAL E 172 15.07 32.78 -10.34
C VAL E 172 15.01 33.75 -11.50
N ASN E 173 16.00 33.69 -12.40
CA ASN E 173 16.04 34.60 -13.55
C ASN E 173 15.66 36.03 -13.16
N ASN E 174 16.06 36.45 -11.96
CA ASN E 174 15.84 37.80 -11.45
C ASN E 174 14.38 38.22 -11.26
N THR E 175 13.53 37.25 -10.91
CA THR E 175 12.20 37.51 -10.35
C THR E 175 11.85 36.40 -9.40
N MET E 176 10.59 36.41 -8.99
CA MET E 176 10.00 35.31 -8.24
C MET E 176 8.82 34.77 -9.03
N ASN E 177 8.33 33.60 -8.60
CA ASN E 177 7.20 32.91 -9.26
C ASN E 177 7.19 33.06 -10.78
N LEU E 178 8.20 32.46 -11.39
CA LEU E 178 8.47 32.52 -12.81
C LEU E 178 7.71 31.41 -13.55
N THR E 179 7.39 31.68 -14.80
CA THR E 179 6.71 30.72 -15.65
C THR E 179 7.66 30.13 -16.68
N TRP E 180 7.63 28.80 -16.78
CA TRP E 180 8.33 28.08 -17.81
C TRP E 180 7.31 27.31 -18.66
N GLU E 181 7.01 27.82 -19.85
CA GLU E 181 6.05 27.19 -20.75
C GLU E 181 6.71 26.07 -21.53
N VAL E 182 6.18 24.86 -21.38
CA VAL E 182 6.78 23.67 -21.98
C VAL E 182 5.89 23.02 -23.03
N GLN E 183 6.50 22.19 -23.87
CA GLN E 183 5.78 21.40 -24.86
C GLN E 183 5.76 19.96 -24.40
N PRO E 184 4.66 19.21 -24.67
CA PRO E 184 4.61 17.81 -24.25
C PRO E 184 5.64 16.95 -24.96
N ASP E 185 6.06 15.86 -24.31
CA ASP E 185 6.96 14.88 -24.90
C ASP E 185 8.19 15.53 -25.55
N THR E 186 8.91 16.30 -24.75
CA THR E 186 10.05 17.06 -25.24
C THR E 186 11.19 16.94 -24.24
N THR E 187 12.39 16.70 -24.75
CA THR E 187 13.57 16.65 -23.90
C THR E 187 14.23 18.03 -23.88
N TYR E 188 14.32 18.61 -22.69
CA TYR E 188 14.91 19.93 -22.48
C TYR E 188 16.30 19.82 -21.83
N LEU E 189 17.26 20.57 -22.36
CA LEU E 189 18.54 20.74 -21.68
C LEU E 189 18.38 21.93 -20.75
N LEU E 190 18.40 21.67 -19.46
CA LEU E 190 18.18 22.70 -18.46
C LEU E 190 19.48 22.99 -17.71
N ARG E 191 20.01 24.19 -17.92
CA ARG E 191 21.24 24.63 -17.25
C ARG E 191 20.88 25.32 -15.94
N ILE E 192 21.13 24.67 -14.81
CA ILE E 192 20.80 25.26 -13.53
C ILE E 192 22.06 25.83 -12.90
N VAL E 193 22.05 27.15 -12.70
CA VAL E 193 23.21 27.85 -12.17
C VAL E 193 22.84 28.63 -10.92
N ASN E 194 23.58 28.40 -9.83
CA ASN E 194 23.41 29.22 -8.63
C ASN E 194 24.35 30.42 -8.67
N VAL E 195 23.82 31.55 -9.13
CA VAL E 195 24.58 32.78 -9.23
C VAL E 195 24.43 33.65 -7.98
N GLY E 196 24.11 32.99 -6.87
CA GLY E 196 23.94 33.68 -5.61
C GLY E 196 25.27 34.06 -4.98
N GLY E 197 25.18 34.87 -3.93
CA GLY E 197 26.37 35.32 -3.22
C GLY E 197 26.60 34.62 -1.91
N PHE E 198 25.60 33.90 -1.44
CA PHE E 198 25.69 33.31 -0.11
C PHE E 198 25.10 31.90 -0.05
N VAL E 199 23.79 31.80 -0.16
CA VAL E 199 23.11 30.60 0.32
C VAL E 199 23.02 29.47 -0.71
N SER E 200 23.28 28.24 -0.28
CA SER E 200 23.05 27.07 -1.13
C SER E 200 21.55 26.83 -1.29
N GLN E 201 21.17 26.17 -2.37
CA GLN E 201 19.76 25.92 -2.64
C GLN E 201 19.50 24.46 -2.99
N TYR E 202 18.36 23.94 -2.52
CA TYR E 202 17.84 22.68 -3.00
C TYR E 202 16.96 23.03 -4.17
N PHE E 203 17.01 22.20 -5.21
CA PHE E 203 16.22 22.44 -6.41
C PHE E 203 15.56 21.16 -6.89
N TRP E 204 14.27 21.23 -7.23
CA TRP E 204 13.57 20.10 -7.81
C TRP E 204 12.29 20.49 -8.53
N ILE E 205 11.83 19.59 -9.39
CA ILE E 205 10.61 19.79 -10.15
C ILE E 205 9.63 18.69 -9.77
N GLU E 206 8.46 19.11 -9.31
CA GLU E 206 7.34 18.22 -8.99
C GLU E 206 7.11 17.21 -10.11
N ASP E 207 7.12 15.93 -9.72
CA ASP E 207 6.81 14.81 -10.64
C ASP E 207 7.71 14.66 -11.86
N HIS E 208 8.88 15.29 -11.84
CA HIS E 208 9.80 15.20 -12.96
C HIS E 208 11.19 14.84 -12.47
N GLU E 209 11.75 13.77 -13.01
CA GLU E 209 13.12 13.40 -12.70
C GLU E 209 14.09 14.28 -13.49
N MET E 210 15.32 14.36 -12.98
CA MET E 210 16.37 15.14 -13.62
C MET E 210 17.58 14.25 -13.91
N THR E 211 18.03 14.29 -15.16
CA THR E 211 19.21 13.51 -15.57
C THR E 211 20.41 14.45 -15.63
N VAL E 212 21.32 14.30 -14.68
CA VAL E 212 22.50 15.16 -14.62
C VAL E 212 23.47 14.76 -15.72
N VAL E 213 23.86 15.74 -16.54
CA VAL E 213 24.71 15.49 -17.70
C VAL E 213 25.99 16.35 -17.75
N GLU E 214 26.07 17.31 -16.83
CA GLU E 214 27.24 18.17 -16.72
C GLU E 214 27.28 18.87 -15.36
N ILE E 215 28.47 18.95 -14.78
CA ILE E 215 28.71 19.86 -13.65
C ILE E 215 29.92 20.73 -13.94
N ASP E 216 29.80 22.02 -13.66
CA ASP E 216 30.91 22.97 -13.79
C ASP E 216 31.71 22.82 -15.08
N GLY E 217 31.02 22.69 -16.21
CA GLY E 217 31.66 22.57 -17.52
C GLY E 217 32.17 21.18 -17.87
N ILE E 218 32.09 20.25 -16.91
CA ILE E 218 32.58 18.89 -17.09
C ILE E 218 31.42 17.93 -17.38
N THR E 219 31.35 17.45 -18.61
CA THR E 219 30.32 16.49 -19.04
C THR E 219 30.37 15.21 -18.21
N THR E 220 29.21 14.75 -17.76
CA THR E 220 29.14 13.55 -16.93
C THR E 220 28.31 12.43 -17.56
N GLU E 221 28.47 11.22 -17.06
CA GLU E 221 27.57 10.12 -17.41
C GLU E 221 26.23 10.40 -16.74
N LYS E 222 25.15 10.07 -17.45
CA LYS E 222 23.79 10.30 -16.97
C LYS E 222 23.56 9.80 -15.55
N ASN E 223 23.13 10.69 -14.66
CA ASN E 223 22.73 10.29 -13.31
C ASN E 223 21.38 10.89 -12.96
N VAL E 224 20.41 10.02 -12.72
CA VAL E 224 19.02 10.40 -12.46
C VAL E 224 18.82 10.72 -10.98
N THR E 225 18.24 11.89 -10.69
CA THR E 225 17.80 12.24 -9.34
C THR E 225 16.47 12.98 -9.31
N ASP E 226 15.95 13.15 -8.10
CA ASP E 226 14.75 13.91 -7.89
C ASP E 226 15.08 15.27 -7.31
N MET E 227 16.30 15.42 -6.78
CA MET E 227 16.69 16.66 -6.12
C MET E 227 18.18 17.00 -6.25
N LEU E 228 18.46 18.29 -6.40
CA LEU E 228 19.84 18.77 -6.43
C LEU E 228 20.13 19.68 -5.25
N TYR E 229 21.36 19.62 -4.77
CA TYR E 229 21.87 20.58 -3.82
C TYR E 229 22.95 21.38 -4.55
N ILE E 230 22.67 22.66 -4.79
CA ILE E 230 23.56 23.50 -5.56
C ILE E 230 24.06 24.66 -4.70
N THR E 231 25.37 24.69 -4.46
CA THR E 231 25.96 25.82 -3.74
C THR E 231 26.14 26.96 -4.71
N VAL E 232 26.47 28.14 -4.18
CA VAL E 232 26.72 29.30 -5.02
C VAL E 232 27.87 29.02 -5.96
N ALA E 233 27.78 29.53 -7.18
CA ALA E 233 28.83 29.41 -8.21
C ALA E 233 28.90 28.06 -8.95
N GLN E 234 28.24 27.02 -8.45
CA GLN E 234 28.26 25.78 -9.21
C GLN E 234 27.12 25.66 -10.24
N ARG E 235 27.35 24.82 -11.24
CA ARG E 235 26.39 24.62 -12.34
C ARG E 235 26.08 23.15 -12.47
N TYR E 236 24.79 22.83 -12.47
CA TYR E 236 24.34 21.50 -12.84
C TYR E 236 23.55 21.66 -14.13
N THR E 237 23.97 20.96 -15.17
CA THR E 237 23.20 20.90 -16.40
C THR E 237 22.45 19.58 -16.39
N VAL E 238 21.16 19.65 -16.68
CA VAL E 238 20.26 18.54 -16.45
C VAL E 238 19.33 18.34 -17.66
N LEU E 239 19.08 17.07 -18.00
CA LEU E 239 18.06 16.75 -19.01
C LEU E 239 16.73 16.51 -18.32
N VAL E 240 15.67 17.08 -18.87
CA VAL E 240 14.32 16.89 -18.36
C VAL E 240 13.43 16.53 -19.52
N HIS E 241 12.74 15.39 -19.40
CA HIS E 241 11.80 14.98 -20.41
C HIS E 241 10.37 15.23 -19.94
N THR E 242 9.61 16.00 -20.72
CA THR E 242 8.24 16.37 -20.34
C THR E 242 7.25 15.25 -20.65
N LYS E 243 6.14 15.23 -19.92
CA LYS E 243 5.14 14.16 -20.10
C LYS E 243 4.19 14.40 -21.27
N ASN E 244 3.33 13.41 -21.53
CA ASN E 244 2.44 13.44 -22.70
C ASN E 244 1.20 14.30 -22.51
N ASP E 245 0.82 14.54 -21.27
CA ASP E 245 -0.41 15.29 -20.95
C ASP E 245 -0.20 16.80 -20.81
N THR E 246 -1.04 17.54 -21.54
CA THR E 246 -1.09 18.99 -21.50
C THR E 246 -2.14 19.39 -20.46
N ASP E 247 -2.41 18.46 -19.55
CA ASP E 247 -3.55 18.51 -18.66
C ASP E 247 -3.26 19.28 -17.36
N LYS E 248 -2.08 19.09 -16.79
CA LYS E 248 -1.74 19.64 -15.48
C LYS E 248 -0.46 20.47 -15.49
N ASN E 249 -0.36 21.41 -14.55
CA ASN E 249 0.84 22.22 -14.37
C ASN E 249 1.63 21.76 -13.15
N PHE E 250 2.94 21.97 -13.18
CA PHE E 250 3.84 21.44 -12.14
C PHE E 250 4.73 22.51 -11.51
N ALA E 251 5.05 22.31 -10.24
CA ALA E 251 5.81 23.29 -9.51
C ALA E 251 7.32 23.12 -9.71
N ILE E 252 8.00 24.21 -10.04
CA ILE E 252 9.46 24.29 -10.02
C ILE E 252 9.81 24.85 -8.66
N MET E 253 10.59 24.10 -7.89
CA MET E 253 10.77 24.41 -6.49
C MET E 253 12.22 24.71 -6.14
N GLN E 254 12.44 25.81 -5.44
CA GLN E 254 13.75 26.10 -4.86
C GLN E 254 13.63 26.37 -3.35
N LYS E 255 14.60 25.90 -2.59
CA LYS E 255 14.54 26.01 -1.13
C LYS E 255 15.88 26.43 -0.53
N PHE E 256 15.80 27.30 0.48
CA PHE E 256 16.97 27.71 1.26
C PHE E 256 17.63 26.53 1.93
N ASP E 257 18.95 26.54 1.99
CA ASP E 257 19.66 25.73 2.97
C ASP E 257 19.76 26.58 4.24
N ASP E 258 18.74 26.51 5.08
CA ASP E 258 18.64 27.43 6.23
C ASP E 258 19.69 27.17 7.29
N THR E 259 20.37 26.03 7.13
CA THR E 259 21.51 25.65 7.94
C THR E 259 22.56 26.76 7.93
N MET E 260 22.73 27.39 6.78
CA MET E 260 23.75 28.42 6.61
C MET E 260 23.36 29.77 7.23
N LEU E 261 22.07 29.94 7.53
CA LEU E 261 21.57 31.19 8.07
C LEU E 261 21.80 31.23 9.56
N ASP E 262 22.28 32.38 10.05
CA ASP E 262 22.53 32.55 11.49
C ASP E 262 21.25 32.35 12.32
N VAL E 263 20.20 33.09 11.97
CA VAL E 263 18.87 32.85 12.52
C VAL E 263 17.86 32.85 11.37
N ILE E 264 16.69 32.27 11.59
CA ILE E 264 15.66 32.26 10.57
C ILE E 264 14.58 33.26 10.97
N PRO E 265 14.49 34.40 10.25
CA PRO E 265 13.41 35.34 10.54
C PRO E 265 12.08 34.65 10.26
N SER E 266 11.09 34.88 11.11
CA SER E 266 9.85 34.11 11.05
C SER E 266 8.98 34.40 9.84
N ASP E 267 9.29 35.47 9.11
CA ASP E 267 8.51 35.86 7.93
C ASP E 267 9.19 35.44 6.62
N LEU E 268 10.44 34.99 6.71
CA LEU E 268 11.22 34.62 5.54
C LEU E 268 10.65 33.39 4.84
N GLN E 269 10.26 33.56 3.58
CA GLN E 269 9.81 32.44 2.77
C GLN E 269 11.00 31.55 2.45
N LEU E 270 11.11 30.44 3.18
CA LEU E 270 12.26 29.54 3.02
C LEU E 270 12.21 28.78 1.71
N ASN E 271 11.00 28.47 1.25
CA ASN E 271 10.85 27.80 -0.04
C ASN E 271 10.00 28.59 -1.03
N ALA E 272 10.47 28.64 -2.28
CA ALA E 272 9.85 29.45 -3.32
C ALA E 272 9.35 28.60 -4.50
N THR E 273 8.16 28.94 -5.00
CA THR E 273 7.46 28.16 -6.03
C THR E 273 7.45 28.91 -7.35
N SER E 274 7.94 28.24 -8.40
CA SER E 274 7.77 28.71 -9.78
C SER E 274 6.94 27.69 -10.57
N TYR E 275 6.66 28.00 -11.83
CA TYR E 275 5.66 27.23 -12.57
C TYR E 275 6.16 26.60 -13.87
N MET E 276 6.11 25.28 -13.92
CA MET E 276 6.26 24.54 -15.17
C MET E 276 4.88 24.41 -15.78
N VAL E 277 4.63 25.15 -16.86
CA VAL E 277 3.29 25.26 -17.42
C VAL E 277 3.13 24.50 -18.73
N TYR E 278 2.33 23.43 -18.65
CA TYR E 278 1.92 22.65 -19.81
C TYR E 278 0.67 23.27 -20.42
N ASN E 279 -0.18 23.83 -19.55
CA ASN E 279 -1.46 24.39 -19.95
C ASN E 279 -1.60 25.84 -19.46
N LYS E 280 -1.57 26.79 -20.39
CA LYS E 280 -1.65 28.23 -20.08
C LYS E 280 -2.89 28.60 -19.25
N THR E 281 -3.94 27.79 -19.39
CA THR E 281 -5.28 28.08 -18.88
C THR E 281 -5.58 27.36 -17.59
N ALA E 282 -4.81 26.32 -17.31
CA ALA E 282 -5.00 25.51 -16.11
C ALA E 282 -4.59 26.22 -14.82
N ALA E 283 -4.81 25.55 -13.70
CA ALA E 283 -4.46 26.05 -12.37
C ALA E 283 -2.96 26.18 -12.21
N LEU E 284 -2.49 27.35 -11.74
CA LEU E 284 -1.08 27.53 -11.43
C LEU E 284 -0.74 26.63 -10.26
N PRO E 285 0.39 25.91 -10.34
CA PRO E 285 0.70 24.94 -9.31
C PRO E 285 0.93 25.58 -7.94
N THR E 286 0.49 24.88 -6.90
CA THR E 286 0.81 25.21 -5.52
C THR E 286 2.18 24.64 -5.17
N GLN E 287 2.68 24.96 -3.98
CA GLN E 287 3.96 24.46 -3.52
C GLN E 287 3.97 22.94 -3.48
N ASN E 288 5.07 22.35 -3.96
CA ASN E 288 5.25 20.92 -3.86
C ASN E 288 6.00 20.56 -2.59
N TYR E 289 5.28 19.94 -1.67
CA TYR E 289 5.86 19.53 -0.40
C TYR E 289 6.69 18.30 -0.60
N VAL E 290 7.89 18.31 -0.03
CA VAL E 290 8.81 17.20 -0.17
C VAL E 290 9.04 16.52 1.20
N ASP E 291 9.20 15.21 1.18
CA ASP E 291 9.24 14.48 2.43
C ASP E 291 10.62 14.52 3.10
N SER E 292 11.66 14.75 2.31
CA SER E 292 13.02 14.83 2.83
C SER E 292 13.93 15.68 1.96
N ILE E 293 14.82 16.43 2.61
CA ILE E 293 15.81 17.24 1.94
C ILE E 293 17.18 16.59 2.09
N ASP E 294 17.19 15.29 2.35
CA ASP E 294 18.42 14.57 2.66
C ASP E 294 18.85 13.60 1.56
N ASN E 295 18.06 13.55 0.49
CA ASN E 295 18.26 12.56 -0.57
C ASN E 295 18.69 13.16 -1.90
N PHE E 296 19.17 14.40 -1.86
CA PHE E 296 19.72 15.05 -3.05
C PHE E 296 20.94 14.30 -3.55
N LEU E 297 21.26 14.47 -4.83
CA LEU E 297 22.44 13.85 -5.43
C LEU E 297 23.74 14.33 -4.77
N ASP E 298 24.58 13.39 -4.35
CA ASP E 298 25.94 13.72 -3.89
C ASP E 298 26.87 13.74 -5.09
N ASP E 299 27.24 14.94 -5.50
CA ASP E 299 28.06 15.17 -6.70
C ASP E 299 29.42 14.44 -6.69
N PHE E 300 29.85 14.01 -5.50
CA PHE E 300 31.09 13.26 -5.35
C PHE E 300 31.12 11.99 -6.20
N TYR E 301 29.96 11.37 -6.42
CA TYR E 301 29.90 10.10 -7.12
C TYR E 301 29.59 10.25 -8.62
N LEU E 302 29.51 11.50 -9.09
CA LEU E 302 29.38 11.78 -10.52
C LEU E 302 30.58 11.26 -11.31
N GLN E 303 30.34 10.81 -12.53
CA GLN E 303 31.38 10.18 -13.35
C GLN E 303 31.60 10.96 -14.65
N PRO E 304 32.73 11.68 -14.76
CA PRO E 304 33.03 12.46 -15.95
C PRO E 304 33.01 11.60 -17.22
N TYR E 305 32.48 12.17 -18.30
CA TYR E 305 32.39 11.48 -19.59
C TYR E 305 33.78 11.18 -20.13
N GLU E 306 34.68 12.16 -20.02
CA GLU E 306 36.09 11.98 -20.29
C GLU E 306 36.78 11.50 -19.02
N LYS E 307 36.97 10.19 -18.92
CA LYS E 307 37.60 9.60 -17.74
C LYS E 307 39.06 10.01 -17.63
N GLU E 308 39.46 10.42 -16.42
CA GLU E 308 40.87 10.60 -16.09
C GLU E 308 41.15 9.92 -14.77
N ALA E 309 42.16 9.05 -14.76
CA ALA E 309 42.54 8.34 -13.54
C ALA E 309 43.03 9.31 -12.49
N ILE E 310 42.79 8.98 -11.22
CA ILE E 310 43.30 9.76 -10.09
C ILE E 310 44.80 10.04 -10.28
N TYR E 311 45.21 11.29 -10.07
CA TYR E 311 46.63 11.62 -10.22
C TYR E 311 47.47 10.91 -9.17
N GLY E 312 48.70 10.59 -9.54
CA GLY E 312 49.63 9.91 -8.65
C GLY E 312 49.99 10.72 -7.43
N GLU E 313 50.88 10.19 -6.61
CA GLU E 313 51.29 10.83 -5.36
C GLU E 313 51.66 12.32 -5.57
N PRO E 314 51.06 13.21 -4.76
CA PRO E 314 51.24 14.66 -4.89
C PRO E 314 52.68 15.12 -4.63
N ASP E 315 53.16 16.01 -5.49
CA ASP E 315 54.48 16.63 -5.36
C ASP E 315 54.44 17.75 -4.32
N HIS E 316 53.27 18.34 -4.16
CA HIS E 316 53.08 19.52 -3.32
C HIS E 316 51.76 19.37 -2.58
N VAL E 317 51.83 19.30 -1.26
CA VAL E 317 50.63 19.23 -0.43
C VAL E 317 50.42 20.53 0.32
N ILE E 318 49.26 21.15 0.12
CA ILE E 318 48.88 22.34 0.85
C ILE E 318 47.76 21.98 1.84
N THR E 319 48.06 22.09 3.14
CA THR E 319 47.08 21.79 4.18
C THR E 319 46.60 23.08 4.85
N VAL E 320 45.31 23.36 4.72
CA VAL E 320 44.71 24.57 5.31
C VAL E 320 43.56 24.26 6.25
N ASP E 321 43.58 24.89 7.41
CA ASP E 321 42.47 24.83 8.34
C ASP E 321 41.62 26.08 8.22
N VAL E 322 40.31 25.89 8.14
CA VAL E 322 39.36 26.98 7.98
C VAL E 322 38.67 27.31 9.31
N VAL E 323 38.81 28.54 9.77
CA VAL E 323 38.13 28.98 10.98
C VAL E 323 37.82 30.49 10.96
N MET E 324 36.78 30.88 11.68
CA MET E 324 36.43 32.27 11.92
C MET E 324 36.92 32.67 13.31
N ASP E 325 37.54 33.85 13.43
CA ASP E 325 37.94 34.38 14.74
C ASP E 325 38.09 35.89 14.77
N ASN E 326 38.04 36.47 15.96
CA ASN E 326 38.11 37.91 16.16
C ASN E 326 39.54 38.41 16.29
N LEU E 327 39.82 39.57 15.70
CA LEU E 327 41.14 40.19 15.83
C LEU E 327 41.12 41.44 16.72
N LYS E 328 42.28 42.09 16.88
CA LYS E 328 42.43 43.23 17.79
C LYS E 328 41.45 44.38 17.58
N ASN E 329 41.00 44.57 16.35
CA ASN E 329 40.01 45.61 16.05
C ASN E 329 38.59 45.22 16.48
N GLY E 330 38.44 43.98 16.95
CA GLY E 330 37.17 43.48 17.44
C GLY E 330 36.25 42.85 16.41
N VAL E 331 36.61 42.93 15.13
CA VAL E 331 35.76 42.39 14.06
C VAL E 331 36.14 40.94 13.76
N ASN E 332 35.20 40.19 13.19
CA ASN E 332 35.37 38.77 12.95
C ASN E 332 35.88 38.48 11.54
N TYR E 333 37.04 37.84 11.46
CA TYR E 333 37.68 37.53 10.17
C TYR E 333 37.66 36.03 9.88
N ALA E 334 37.93 35.67 8.63
CA ALA E 334 38.07 34.27 8.25
C ALA E 334 39.52 33.93 7.95
N PHE E 335 39.92 32.70 8.30
CA PHE E 335 41.31 32.29 8.26
C PHE E 335 41.57 31.01 7.48
N PHE E 336 42.61 31.03 6.66
CA PHE E 336 43.25 29.82 6.18
C PHE E 336 44.48 29.66 7.05
N ASN E 337 44.51 28.58 7.82
CA ASN E 337 45.48 28.44 8.92
C ASN E 337 45.44 29.68 9.80
N ASN E 338 46.53 30.44 9.85
CA ASN E 338 46.59 31.64 10.68
C ASN E 338 46.58 32.94 9.88
N ILE E 339 46.09 32.88 8.63
CA ILE E 339 46.12 34.04 7.74
C ILE E 339 44.75 34.40 7.17
N THR E 340 44.40 35.68 7.29
CA THR E 340 43.28 36.28 6.57
C THR E 340 43.88 36.96 5.35
N TYR E 341 43.33 36.69 4.17
CA TYR E 341 43.85 37.33 2.97
C TYR E 341 43.78 38.85 3.08
N THR E 342 44.94 39.47 2.93
CA THR E 342 45.04 40.93 2.95
C THR E 342 45.74 41.36 1.65
N ALA E 343 44.98 42.02 0.77
CA ALA E 343 45.47 42.46 -0.54
C ALA E 343 46.79 43.24 -0.49
N PRO E 344 47.72 42.93 -1.42
CA PRO E 344 49.02 43.60 -1.45
C PRO E 344 48.97 44.96 -2.15
N LYS E 345 50.07 45.70 -2.09
CA LYS E 345 50.17 47.03 -2.70
C LYS E 345 50.33 46.96 -4.22
N VAL E 346 50.78 45.81 -4.71
CA VAL E 346 50.97 45.55 -6.14
C VAL E 346 50.37 44.18 -6.48
N PRO E 347 49.50 44.12 -7.51
CA PRO E 347 48.88 42.85 -7.90
C PRO E 347 49.89 41.75 -8.11
N THR E 348 49.57 40.54 -7.65
CA THR E 348 50.49 39.42 -7.70
C THR E 348 51.14 39.26 -9.09
N LEU E 349 50.30 39.18 -10.13
CA LEU E 349 50.78 39.04 -11.51
C LEU E 349 51.77 40.13 -11.93
N MET E 350 51.49 41.38 -11.54
CA MET E 350 52.36 42.50 -11.85
C MET E 350 53.76 42.33 -11.27
N THR E 351 53.85 41.68 -10.10
CA THR E 351 55.13 41.44 -9.45
C THR E 351 55.91 40.33 -10.16
N VAL E 352 55.24 39.23 -10.48
CA VAL E 352 55.89 38.13 -11.22
C VAL E 352 56.39 38.57 -12.60
N LEU E 353 55.68 39.49 -13.24
CA LEU E 353 56.08 40.00 -14.55
C LEU E 353 57.18 41.07 -14.50
N SER E 354 57.66 41.40 -13.30
CA SER E 354 58.71 42.40 -13.16
C SER E 354 59.76 42.07 -12.10
N SER E 355 59.73 40.83 -11.61
CA SER E 355 60.70 40.37 -10.60
C SER E 355 61.86 39.57 -11.24
N GLY E 356 61.72 39.28 -12.53
CA GLY E 356 62.72 38.54 -13.28
C GLY E 356 62.96 37.14 -12.74
N ASP E 357 64.19 36.90 -12.30
CA ASP E 357 64.62 35.58 -11.86
C ASP E 357 64.28 35.30 -10.38
N GLN E 358 63.68 36.27 -9.71
CA GLN E 358 63.37 36.14 -8.29
C GLN E 358 61.91 35.74 -8.06
N ALA E 359 61.20 35.41 -9.14
CA ALA E 359 59.79 35.03 -9.09
C ALA E 359 59.54 33.67 -8.44
N ASN E 360 60.62 32.89 -8.27
CA ASN E 360 60.57 31.58 -7.62
C ASN E 360 60.59 31.68 -6.10
N ASN E 361 61.05 32.82 -5.59
CA ASN E 361 61.12 33.06 -4.15
C ASN E 361 59.79 33.56 -3.60
N SER E 362 59.16 32.74 -2.76
CA SER E 362 57.80 33.04 -2.27
C SER E 362 57.73 34.28 -1.38
N GLU E 363 58.86 34.65 -0.78
CA GLU E 363 58.95 35.79 0.13
C GLU E 363 58.47 37.10 -0.49
N ILE E 364 58.75 37.30 -1.78
CA ILE E 364 58.50 38.58 -2.47
C ILE E 364 57.02 38.87 -2.70
N TYR E 365 56.19 37.84 -2.59
CA TYR E 365 54.76 37.97 -2.83
C TYR E 365 53.99 38.41 -1.57
N GLY E 366 54.70 38.42 -0.44
CA GLY E 366 54.12 38.90 0.81
C GLY E 366 53.85 37.80 1.83
N SER E 367 53.74 38.18 3.10
CA SER E 367 53.50 37.23 4.18
C SER E 367 52.01 37.14 4.55
N ASN E 368 51.25 38.18 4.24
CA ASN E 368 49.85 38.24 4.63
C ASN E 368 48.93 38.10 3.42
N THR E 369 49.46 37.41 2.42
CA THR E 369 48.83 37.28 1.13
C THR E 369 48.46 35.81 0.87
N HIS E 370 49.03 34.94 1.70
CA HIS E 370 48.93 33.48 1.60
C HIS E 370 49.22 32.95 0.21
N THR E 371 50.43 33.21 -0.26
CA THR E 371 50.86 32.83 -1.60
C THR E 371 51.66 31.53 -1.57
N PHE E 372 51.32 30.63 -2.49
CA PHE E 372 52.07 29.41 -2.71
C PHE E 372 52.60 29.38 -4.13
N ILE E 373 53.81 28.84 -4.31
CA ILE E 373 54.40 28.70 -5.64
C ILE E 373 54.33 27.24 -6.08
N LEU E 374 53.77 27.03 -7.26
CA LEU E 374 53.62 25.68 -7.80
C LEU E 374 54.63 25.44 -8.93
N GLU E 375 55.21 24.25 -8.96
CA GLU E 375 56.28 23.94 -9.92
C GLU E 375 55.78 23.45 -11.27
N LYS E 376 56.67 23.56 -12.27
CA LYS E 376 56.36 23.36 -13.70
C LYS E 376 55.18 22.46 -14.05
N ASP E 377 55.22 21.19 -13.68
CA ASP E 377 54.12 20.27 -13.99
C ASP E 377 53.65 19.45 -12.80
N GLU E 378 53.99 19.90 -11.59
CA GLU E 378 53.80 19.08 -10.41
C GLU E 378 52.33 18.80 -10.08
N ILE E 379 52.10 17.66 -9.43
CA ILE E 379 50.78 17.31 -8.97
C ILE E 379 50.54 17.94 -7.59
N VAL E 380 49.53 18.81 -7.52
CA VAL E 380 49.23 19.57 -6.31
C VAL E 380 47.99 19.03 -5.61
N GLU E 381 48.08 18.90 -4.30
CA GLU E 381 46.97 18.46 -3.46
C GLU E 381 46.62 19.51 -2.43
N ILE E 382 45.36 19.91 -2.40
CA ILE E 382 44.87 20.81 -1.38
C ILE E 382 44.05 20.02 -0.37
N VAL E 383 44.51 20.05 0.88
CA VAL E 383 43.79 19.44 1.99
C VAL E 383 43.14 20.56 2.80
N LEU E 384 41.82 20.55 2.86
CA LEU E 384 41.08 21.57 3.59
C LEU E 384 40.36 20.95 4.77
N ASN E 385 40.66 21.49 5.96
CA ASN E 385 40.02 21.04 7.19
C ASN E 385 39.14 22.13 7.76
N ASN E 386 37.82 21.92 7.70
CA ASN E 386 36.82 22.85 8.22
C ASN E 386 36.74 22.78 9.74
N GLN E 387 37.20 23.84 10.41
CA GLN E 387 37.14 23.91 11.87
C GLN E 387 35.90 24.73 12.28
N ASP E 388 35.19 25.22 11.27
CA ASP E 388 33.96 25.99 11.46
C ASP E 388 32.75 25.08 11.32
N THR E 389 31.64 25.47 11.94
CA THR E 389 30.44 24.64 11.95
C THR E 389 29.54 24.82 10.72
N GLY E 390 30.01 25.55 9.72
CA GLY E 390 29.20 25.84 8.53
C GLY E 390 29.63 25.11 7.26
N THR E 391 28.82 25.22 6.22
CA THR E 391 29.15 24.67 4.90
C THR E 391 29.77 25.79 4.07
N HIS E 392 30.84 25.47 3.37
CA HIS E 392 31.50 26.46 2.52
C HIS E 392 31.79 25.90 1.15
N PRO E 393 31.38 26.62 0.08
CA PRO E 393 31.73 26.25 -1.28
C PRO E 393 33.07 26.88 -1.68
N PHE E 394 34.13 26.09 -1.72
CA PHE E 394 35.41 26.62 -2.15
C PHE E 394 35.56 26.49 -3.65
N HIS E 395 36.18 27.50 -4.24
CA HIS E 395 36.34 27.59 -5.68
C HIS E 395 37.81 27.82 -6.05
N LEU E 396 38.25 27.17 -7.12
CA LEU E 396 39.62 27.29 -7.60
C LEU E 396 39.66 27.87 -9.01
N HIS E 397 40.35 28.99 -9.16
CA HIS E 397 40.56 29.61 -10.46
C HIS E 397 41.52 28.79 -11.31
N GLY E 398 41.35 28.85 -12.63
CA GLY E 398 42.31 28.27 -13.57
C GLY E 398 42.28 26.76 -13.76
N HIS E 399 41.49 26.05 -12.97
CA HIS E 399 41.48 24.60 -12.99
C HIS E 399 40.11 23.99 -12.72
N ALA E 400 39.89 22.79 -13.25
CA ALA E 400 38.88 21.89 -12.75
C ALA E 400 39.63 20.79 -12.01
N PHE E 401 39.41 20.68 -10.70
CA PHE E 401 40.18 19.76 -9.87
C PHE E 401 39.51 18.40 -9.72
N GLN E 402 40.28 17.41 -9.29
CA GLN E 402 39.76 16.09 -8.96
C GLN E 402 39.36 16.07 -7.48
N THR E 403 38.13 15.68 -7.20
CA THR E 403 37.65 15.56 -5.83
C THR E 403 37.84 14.13 -5.39
N ILE E 404 38.81 13.90 -4.52
CA ILE E 404 39.18 12.53 -4.11
C ILE E 404 38.67 12.14 -2.73
N GLN E 405 38.41 13.14 -1.88
CA GLN E 405 37.73 12.91 -0.61
C GLN E 405 36.94 14.14 -0.20
N ARG E 406 35.72 13.91 0.26
CA ARG E 406 34.90 14.94 0.88
C ARG E 406 34.07 14.30 1.98
N ASP E 407 34.57 14.40 3.21
CA ASP E 407 34.00 13.65 4.33
C ASP E 407 32.59 14.13 4.71
N ARG E 408 31.91 13.30 5.50
CA ARG E 408 30.52 13.54 5.92
C ARG E 408 30.38 14.71 6.88
N THR E 409 29.14 15.09 7.16
CA THR E 409 28.81 16.14 8.13
C THR E 409 29.17 15.69 9.55
N TYR E 410 29.87 16.56 10.28
CA TYR E 410 30.09 16.33 11.70
C TYR E 410 29.31 17.38 12.48
N ASP E 411 28.11 16.99 12.91
CA ASP E 411 27.10 17.90 13.46
C ASP E 411 27.39 18.23 14.93
N ASP E 412 27.66 19.50 15.20
CA ASP E 412 28.04 19.92 16.54
C ASP E 412 26.82 19.96 17.47
N ALA E 413 25.63 20.00 16.88
CA ALA E 413 24.37 19.93 17.61
C ALA E 413 24.19 18.55 18.23
N LEU E 414 24.77 17.54 17.59
CA LEU E 414 24.81 16.19 18.17
C LEU E 414 26.07 15.97 19.03
N GLY E 415 26.87 17.03 19.16
CA GLY E 415 28.05 17.02 20.04
C GLY E 415 29.37 16.63 19.38
N GLU E 416 29.35 16.53 18.05
CA GLU E 416 30.55 16.09 17.33
C GLU E 416 31.53 17.24 17.09
N VAL E 417 32.81 16.92 17.09
CA VAL E 417 33.88 17.89 16.89
C VAL E 417 34.42 17.81 15.46
N PRO E 418 35.24 18.81 15.06
CA PRO E 418 35.90 18.77 13.74
C PRO E 418 36.87 17.59 13.54
N HIS E 419 36.88 17.06 12.32
CA HIS E 419 37.76 15.95 11.90
C HIS E 419 38.62 16.38 10.72
N SER E 420 39.94 16.30 10.89
CA SER E 420 40.86 16.62 9.80
C SER E 420 41.04 15.40 8.88
N PHE E 421 41.51 15.64 7.67
CA PHE E 421 41.96 14.56 6.79
C PHE E 421 43.23 13.97 7.39
N ASP E 422 43.28 12.65 7.46
CA ASP E 422 44.44 11.94 7.97
C ASP E 422 45.02 11.12 6.82
N PRO E 423 46.23 11.49 6.34
CA PRO E 423 46.86 10.77 5.24
C PRO E 423 47.16 9.31 5.59
N ASP E 424 47.23 9.02 6.90
CA ASP E 424 47.45 7.65 7.37
C ASP E 424 46.15 6.87 7.55
N ASN E 425 45.03 7.57 7.62
CA ASN E 425 43.75 6.93 7.90
C ASN E 425 42.58 7.62 7.18
N HIS E 426 42.17 7.01 6.07
CA HIS E 426 41.09 7.53 5.23
C HIS E 426 40.52 6.41 4.36
N PRO E 427 39.22 6.51 3.98
CA PRO E 427 38.70 5.58 2.97
C PRO E 427 39.51 5.61 1.68
N ALA E 428 39.49 4.52 0.92
CA ALA E 428 40.16 4.47 -0.38
C ALA E 428 39.57 5.50 -1.33
N PHE E 429 40.45 6.28 -1.97
CA PHE E 429 40.07 7.29 -2.96
C PHE E 429 39.46 6.61 -4.18
N PRO E 430 38.57 7.32 -4.91
CA PRO E 430 38.06 6.77 -6.18
C PRO E 430 39.15 6.63 -7.25
N GLU E 431 38.96 5.64 -8.12
CA GLU E 431 39.87 5.36 -9.24
C GLU E 431 39.78 6.46 -10.30
N TYR E 432 38.56 6.90 -10.58
CA TYR E 432 38.31 7.94 -11.57
C TYR E 432 37.46 9.06 -10.95
N PRO E 433 38.13 10.02 -10.29
CA PRO E 433 37.47 11.00 -9.42
C PRO E 433 36.60 11.95 -10.23
N MET E 434 35.58 12.49 -9.56
CA MET E 434 34.77 13.55 -10.13
C MET E 434 35.65 14.78 -10.30
N ARG E 435 35.26 15.66 -11.23
CA ARG E 435 35.98 16.91 -11.49
C ARG E 435 35.02 18.08 -11.58
N ARG E 436 35.39 19.19 -10.94
CA ARG E 436 34.63 20.45 -11.03
C ARG E 436 35.46 21.64 -10.55
N ASP E 437 34.87 22.84 -10.54
CA ASP E 437 35.61 24.03 -10.11
C ASP E 437 35.18 24.56 -8.75
N THR E 438 34.05 24.09 -8.25
CA THR E 438 33.52 24.56 -6.97
C THR E 438 32.96 23.38 -6.19
N LEU E 439 33.37 23.28 -4.94
CA LEU E 439 33.07 22.13 -4.11
C LEU E 439 32.87 22.58 -2.66
N TYR E 440 31.86 22.04 -1.99
CA TYR E 440 31.64 22.38 -0.60
C TYR E 440 32.26 21.39 0.39
N VAL E 441 32.76 21.93 1.51
CA VAL E 441 33.09 21.14 2.70
C VAL E 441 31.85 21.11 3.54
N ARG E 442 31.58 19.97 4.16
CA ARG E 442 30.46 19.87 5.08
C ARG E 442 30.85 20.44 6.45
N PRO E 443 29.86 20.77 7.30
CA PRO E 443 30.15 21.32 8.63
C PRO E 443 31.19 20.51 9.39
N GLN E 444 32.23 21.20 9.85
CA GLN E 444 33.30 20.62 10.67
C GLN E 444 33.99 19.40 10.04
N SER E 445 33.98 19.35 8.71
CA SER E 445 34.50 18.21 7.98
C SER E 445 35.76 18.56 7.21
N ASN E 446 36.04 17.79 6.15
CA ASN E 446 37.24 17.97 5.35
C ASN E 446 37.02 17.58 3.90
N PHE E 447 37.89 18.08 3.03
CA PHE E 447 37.99 17.53 1.69
C PHE E 447 39.42 17.55 1.15
N VAL E 448 39.65 16.75 0.12
CA VAL E 448 40.95 16.67 -0.54
C VAL E 448 40.72 16.74 -2.04
N ILE E 449 41.41 17.68 -2.67
CA ILE E 449 41.36 17.83 -4.11
C ILE E 449 42.76 17.76 -4.69
N ARG E 450 42.86 17.26 -5.93
CA ARG E 450 44.14 17.19 -6.63
C ARG E 450 44.01 17.72 -8.05
N PHE E 451 45.06 18.39 -8.51
CA PHE E 451 45.14 18.88 -9.88
C PHE E 451 46.60 19.02 -10.32
N LYS E 452 46.82 19.02 -11.63
CA LYS E 452 48.16 19.20 -12.18
C LYS E 452 48.42 20.67 -12.46
N ALA E 453 49.58 21.17 -12.05
CA ALA E 453 49.97 22.54 -12.37
C ALA E 453 50.48 22.61 -13.81
N ASP E 454 49.53 22.61 -14.74
CA ASP E 454 49.81 22.64 -16.18
C ASP E 454 49.28 23.91 -16.81
N ASN E 455 48.97 24.89 -15.98
CA ASN E 455 48.35 26.13 -16.42
C ASN E 455 49.02 27.34 -15.77
N PRO E 456 50.21 27.74 -16.28
CA PRO E 456 50.93 28.90 -15.74
C PRO E 456 49.99 30.08 -15.51
N GLY E 457 49.95 30.58 -14.28
CA GLY E 457 49.08 31.70 -13.93
C GLY E 457 49.07 32.04 -12.46
N VAL E 458 48.22 33.00 -12.09
CA VAL E 458 48.01 33.39 -10.70
C VAL E 458 46.56 33.09 -10.38
N TRP E 459 46.33 32.12 -9.50
CA TRP E 459 44.97 31.63 -9.27
C TRP E 459 44.49 31.77 -7.82
N PHE E 460 43.30 32.32 -7.68
CA PHE E 460 42.68 32.50 -6.37
C PHE E 460 42.00 31.20 -5.92
N PHE E 461 42.25 30.81 -4.69
CA PHE E 461 41.52 29.71 -4.07
C PHE E 461 40.81 30.25 -2.84
N HIS E 462 39.48 30.27 -2.89
CA HIS E 462 38.70 30.91 -1.85
C HIS E 462 37.29 30.35 -1.72
N CYS E 463 36.64 30.72 -0.61
CA CYS E 463 35.23 30.47 -0.44
C CYS E 463 34.44 31.45 -1.29
N HIS E 464 33.42 30.95 -1.98
CA HIS E 464 32.65 31.79 -2.90
C HIS E 464 31.45 32.45 -2.24
N ILE E 465 31.30 32.26 -0.93
CA ILE E 465 30.36 33.03 -0.13
C ILE E 465 30.95 34.43 0.01
N GLU E 466 30.31 35.41 -0.63
CA GLU E 466 30.84 36.77 -0.70
C GLU E 466 31.23 37.32 0.66
N TRP E 467 30.40 37.06 1.66
CA TRP E 467 30.65 37.50 3.02
C TRP E 467 31.95 36.93 3.57
N HIS E 468 32.23 35.66 3.27
CA HIS E 468 33.43 35.00 3.75
C HIS E 468 34.67 35.45 2.99
N LEU E 469 34.50 35.76 1.70
CA LEU E 469 35.59 36.34 0.92
C LEU E 469 35.95 37.73 1.46
N LEU E 470 34.93 38.49 1.88
CA LEU E 470 35.14 39.79 2.52
C LEU E 470 35.84 39.64 3.86
N GLN E 471 35.56 38.53 4.55
CA GLN E 471 36.26 38.17 5.79
C GLN E 471 37.69 37.68 5.54
N GLY E 472 38.04 37.50 4.26
CA GLY E 472 39.39 37.12 3.85
C GLY E 472 39.70 35.64 3.73
N LEU E 473 38.69 34.81 3.43
CA LEU E 473 38.89 33.37 3.29
C LEU E 473 39.41 33.05 1.89
N GLY E 474 40.69 33.36 1.66
CA GLY E 474 41.30 33.15 0.34
C GLY E 474 42.81 33.00 0.40
N LEU E 475 43.36 32.27 -0.58
CA LEU E 475 44.81 32.12 -0.72
C LEU E 475 45.20 32.17 -2.19
N VAL E 476 46.47 32.47 -2.48
CA VAL E 476 46.92 32.73 -3.83
C VAL E 476 47.89 31.65 -4.32
N LEU E 477 47.60 31.08 -5.48
CA LEU E 477 48.50 30.10 -6.11
C LEU E 477 49.21 30.70 -7.31
N VAL E 478 50.55 30.66 -7.30
CA VAL E 478 51.34 31.11 -8.42
C VAL E 478 51.90 29.87 -9.13
N GLU E 479 51.36 29.57 -10.30
CA GLU E 479 51.79 28.41 -11.08
C GLU E 479 52.97 28.75 -11.97
N ASP E 480 54.02 27.93 -11.89
CA ASP E 480 55.37 28.27 -12.38
C ASP E 480 55.51 29.67 -12.99
N PRO E 481 55.85 30.64 -12.12
CA PRO E 481 56.06 32.04 -12.50
C PRO E 481 56.99 32.21 -13.72
N PHE E 482 57.91 31.27 -13.91
CA PHE E 482 58.79 31.30 -15.06
C PHE E 482 58.04 30.97 -16.34
N GLY E 483 57.10 30.03 -16.25
CA GLY E 483 56.21 29.72 -17.37
C GLY E 483 55.38 30.92 -17.78
N ILE E 484 54.94 31.67 -16.78
CA ILE E 484 54.21 32.93 -16.97
C ILE E 484 55.06 33.94 -17.75
N GLN E 485 56.29 34.16 -17.28
CA GLN E 485 57.20 35.12 -17.90
C GLN E 485 57.57 34.77 -19.34
N ASP E 486 57.77 33.47 -19.59
CA ASP E 486 58.25 32.99 -20.89
C ASP E 486 57.22 33.10 -22.01
N ALA E 487 55.94 32.96 -21.66
CA ALA E 487 54.86 33.09 -22.64
C ALA E 487 54.61 34.55 -23.01
N HIS E 488 54.62 34.82 -24.31
CA HIS E 488 54.42 36.17 -24.83
C HIS E 488 52.98 36.66 -24.60
N SER E 489 52.02 35.78 -24.87
CA SER E 489 50.60 36.08 -24.71
C SER E 489 50.25 36.55 -23.28
N GLN E 490 51.19 36.39 -22.37
CA GLN E 490 50.99 36.67 -20.95
C GLN E 490 51.32 38.11 -20.58
N GLN E 491 52.11 38.77 -21.43
CA GLN E 491 52.53 40.15 -21.19
C GLN E 491 51.34 41.10 -21.13
N LEU E 492 51.41 42.06 -20.21
CA LEU E 492 50.32 42.99 -19.99
C LEU E 492 50.16 43.98 -21.13
N SER E 493 48.91 44.18 -21.55
CA SER E 493 48.56 45.09 -22.64
C SER E 493 48.63 46.56 -22.21
N GLU E 494 48.66 47.45 -23.19
CA GLU E 494 48.63 48.90 -22.94
C GLU E 494 47.40 49.28 -22.12
N ASN E 495 46.25 48.78 -22.55
CA ASN E 495 44.98 48.97 -21.86
C ASN E 495 45.05 48.70 -20.36
N HIS E 496 45.60 47.55 -19.98
CA HIS E 496 45.70 47.15 -18.57
C HIS E 496 46.58 48.08 -17.76
N LEU E 497 47.75 48.42 -18.32
CA LEU E 497 48.65 49.41 -17.72
C LEU E 497 47.93 50.75 -17.54
N GLU E 498 47.14 51.11 -18.55
CA GLU E 498 46.34 52.33 -18.53
C GLU E 498 45.34 52.34 -17.37
N VAL E 499 44.71 51.18 -17.11
CA VAL E 499 43.78 51.02 -15.99
C VAL E 499 44.50 51.27 -14.67
N CYS E 500 45.69 50.69 -14.52
CA CYS E 500 46.50 50.83 -13.32
C CYS E 500 46.92 52.26 -13.00
N GLN E 501 47.46 52.95 -14.01
CA GLN E 501 47.87 54.35 -13.86
C GLN E 501 46.67 55.22 -13.49
N SER E 502 45.54 54.95 -14.11
CA SER E 502 44.32 55.71 -13.88
C SER E 502 43.74 55.43 -12.49
N CYS E 503 44.16 54.31 -11.91
CA CYS E 503 43.74 53.90 -10.57
C CYS E 503 44.79 54.26 -9.52
N SER E 504 45.92 54.82 -9.98
CA SER E 504 47.14 55.04 -9.18
C SER E 504 47.53 53.84 -8.32
N VAL E 505 47.64 52.69 -8.98
CA VAL E 505 48.17 51.46 -8.39
C VAL E 505 49.40 51.05 -9.20
N ALA E 506 50.49 50.75 -8.49
CA ALA E 506 51.78 50.48 -9.12
C ALA E 506 51.85 49.12 -9.83
N THR E 507 52.80 49.01 -10.74
CA THR E 507 53.19 47.73 -11.33
C THR E 507 54.69 47.50 -11.04
N GLU E 508 54.99 47.23 -9.77
CA GLU E 508 56.36 47.13 -9.28
C GLU E 508 56.72 45.70 -8.84
N GLY E 509 56.99 45.52 -7.54
CA GLY E 509 57.35 44.20 -6.99
C GLY E 509 56.96 44.04 -5.54
N ASN E 510 55.65 44.15 -5.30
CA ASN E 510 55.05 44.28 -3.95
C ASN E 510 55.70 45.34 -3.06
N ALA E 511 54.95 46.41 -2.84
CA ALA E 511 55.44 47.63 -2.20
C ALA E 511 56.70 48.18 -2.90
N ALA E 512 57.88 47.78 -2.41
CA ALA E 512 59.18 48.37 -2.80
C ALA E 512 59.44 48.52 -4.30
N ALA E 513 60.12 49.61 -4.65
CA ALA E 513 60.32 50.04 -6.03
C ALA E 513 61.37 49.23 -6.78
N ASN E 514 61.06 47.96 -7.06
CA ASN E 514 61.98 47.05 -7.75
C ASN E 514 63.44 47.20 -7.28
N THR E 515 63.61 47.39 -5.97
CA THR E 515 64.88 47.87 -5.43
C THR E 515 65.63 46.84 -4.59
N LEU E 516 64.96 46.23 -3.61
CA LEU E 516 65.57 45.18 -2.80
C LEU E 516 64.67 43.94 -2.80
N ASP E 517 63.44 44.12 -3.26
CA ASP E 517 62.44 43.04 -3.33
C ASP E 517 62.14 42.31 -2.02
N LEU E 518 62.80 42.73 -0.95
CA LEU E 518 62.50 42.27 0.41
C LEU E 518 61.71 43.36 1.14
N THR E 519 60.49 43.00 1.58
CA THR E 519 59.38 43.95 1.80
C THR E 519 59.31 44.72 3.13
N ASP E 520 58.27 45.56 3.24
CA ASP E 520 57.84 46.26 4.46
C ASP E 520 56.34 46.49 4.31
N LEU E 521 55.58 45.40 4.33
CA LEU E 521 54.29 45.27 3.62
C LEU E 521 53.01 45.93 4.19
N THR E 522 51.91 45.19 4.09
CA THR E 522 50.57 45.60 4.51
C THR E 522 49.89 44.38 5.16
N GLY E 523 49.84 44.39 6.49
CA GLY E 523 49.45 43.20 7.25
C GLY E 523 48.01 43.17 7.77
N GLU E 524 47.64 42.04 8.35
CA GLU E 524 46.36 41.89 9.04
C GLU E 524 46.47 42.42 10.47
N ASN E 525 45.34 42.77 11.07
CA ASN E 525 45.29 43.17 12.47
C ASN E 525 45.88 42.08 13.35
N VAL E 526 46.56 42.46 14.42
CA VAL E 526 47.23 41.48 15.26
C VAL E 526 46.28 40.53 16.00
N GLN E 527 46.84 39.42 16.49
CA GLN E 527 46.09 38.33 17.11
C GLN E 527 45.56 38.69 18.53
N HIS E 528 44.70 37.83 19.05
CA HIS E 528 43.85 38.09 20.20
C HIS E 528 44.48 37.86 21.59
N ALA E 529 45.68 37.31 21.66
CA ALA E 529 46.30 36.97 22.97
C ALA E 529 46.80 38.20 23.73
N GLU F 1 63.30 -15.81 53.80
CA GLU F 1 64.29 -15.92 52.69
C GLU F 1 64.15 -14.74 51.74
N THR F 2 65.29 -14.23 51.29
CA THR F 2 65.33 -13.07 50.41
C THR F 2 65.66 -13.46 48.97
N HIS F 3 64.78 -13.09 48.05
CA HIS F 3 64.99 -13.30 46.63
C HIS F 3 65.30 -11.97 45.97
N THR F 4 66.50 -11.84 45.44
CA THR F 4 66.92 -10.60 44.79
C THR F 4 67.10 -10.78 43.30
N PHE F 5 66.49 -9.90 42.53
CA PHE F 5 66.52 -9.98 41.08
C PHE F 5 67.09 -8.69 40.49
N ASN F 6 67.84 -8.85 39.41
CA ASN F 6 68.30 -7.71 38.65
C ASN F 6 67.75 -7.74 37.23
N TRP F 7 66.72 -6.93 36.98
CA TRP F 7 66.03 -6.93 35.69
C TRP F 7 66.11 -5.60 34.97
N THR F 8 66.44 -5.67 33.68
CA THR F 8 66.55 -4.49 32.83
C THR F 8 65.62 -4.60 31.62
N THR F 9 64.75 -3.60 31.47
CA THR F 9 63.82 -3.53 30.34
C THR F 9 64.58 -3.30 29.04
N GLY F 10 64.02 -3.82 27.96
CA GLY F 10 64.59 -3.64 26.64
C GLY F 10 63.62 -3.98 25.54
N TRP F 11 64.02 -3.73 24.30
CA TRP F 11 63.21 -4.08 23.14
C TRP F 11 63.95 -5.09 22.26
N ASP F 12 63.24 -6.13 21.88
CA ASP F 12 63.74 -7.11 20.93
C ASP F 12 62.60 -7.66 20.10
N TYR F 13 62.93 -8.11 18.89
CA TYR F 13 61.95 -8.73 18.01
C TYR F 13 61.64 -10.15 18.46
N ARG F 14 60.36 -10.48 18.57
CA ARG F 14 59.90 -11.86 18.70
C ARG F 14 58.66 -12.06 17.82
N ASN F 15 58.42 -13.30 17.44
CA ASN F 15 57.20 -13.65 16.74
C ASN F 15 56.34 -14.47 17.69
N VAL F 16 55.66 -13.78 18.61
CA VAL F 16 54.85 -14.40 19.65
C VAL F 16 53.68 -15.13 19.03
N ASP F 17 52.96 -14.40 18.18
CA ASP F 17 51.76 -14.87 17.49
C ASP F 17 51.99 -16.13 16.68
N GLY F 18 53.11 -16.14 15.97
CA GLY F 18 53.33 -17.09 14.91
C GLY F 18 53.18 -16.41 13.56
N LEU F 19 52.70 -15.16 13.55
CA LEU F 19 52.51 -14.47 12.27
C LEU F 19 52.94 -13.01 12.15
N LYS F 20 53.78 -12.53 13.08
CA LYS F 20 54.39 -11.21 12.95
C LYS F 20 55.60 -11.05 13.84
N SER F 21 56.78 -10.94 13.23
CA SER F 21 57.99 -10.54 13.94
C SER F 21 57.82 -9.08 14.32
N ARG F 22 57.95 -8.79 15.61
CA ARG F 22 57.50 -7.53 16.16
C ARG F 22 58.26 -7.27 17.46
N PRO F 23 58.62 -6.00 17.73
CA PRO F 23 59.33 -5.70 18.97
C PRO F 23 58.49 -5.94 20.22
N VAL F 24 59.08 -6.64 21.20
CA VAL F 24 58.45 -6.90 22.51
C VAL F 24 59.39 -6.43 23.62
N ILE F 25 58.83 -6.19 24.81
CA ILE F 25 59.65 -5.74 25.94
C ILE F 25 60.33 -6.92 26.62
N THR F 26 61.66 -6.93 26.59
CA THR F 26 62.44 -8.01 27.17
C THR F 26 62.92 -7.70 28.58
N CYS F 27 63.26 -8.77 29.30
CA CYS F 27 63.91 -8.67 30.60
C CYS F 27 65.30 -9.24 30.46
N ASN F 28 66.32 -8.40 30.62
CA ASN F 28 67.72 -8.78 30.40
C ASN F 28 67.93 -9.48 29.06
N GLY F 29 67.23 -8.98 28.04
CA GLY F 29 67.31 -9.54 26.69
C GLY F 29 66.47 -10.79 26.47
N GLN F 30 65.76 -11.23 27.50
CA GLN F 30 65.00 -12.49 27.43
C GLN F 30 63.49 -12.26 27.33
N PHE F 31 62.80 -13.14 26.61
CA PHE F 31 61.36 -13.13 26.51
C PHE F 31 60.86 -14.57 26.47
N PRO F 32 59.80 -14.90 27.24
CA PRO F 32 58.97 -14.02 28.07
C PRO F 32 59.64 -13.63 29.39
N TRP F 33 59.03 -12.71 30.12
CA TRP F 33 59.51 -12.33 31.44
C TRP F 33 59.43 -13.51 32.41
N PRO F 34 60.30 -13.53 33.44
CA PRO F 34 60.33 -14.67 34.35
C PRO F 34 59.12 -14.75 35.28
N ASP F 35 58.89 -15.91 35.86
CA ASP F 35 57.89 -16.08 36.91
C ASP F 35 58.57 -16.18 38.26
N ILE F 36 58.00 -15.52 39.26
CA ILE F 36 58.53 -15.56 40.62
C ILE F 36 57.71 -16.54 41.46
N THR F 37 58.42 -17.40 42.19
CA THR F 37 57.80 -18.28 43.17
C THR F 37 58.49 -18.10 44.51
N VAL F 38 57.71 -17.69 45.51
CA VAL F 38 58.22 -17.51 46.87
C VAL F 38 57.33 -18.20 47.90
N ASN F 39 57.81 -18.25 49.14
CA ASN F 39 57.05 -18.80 50.25
C ASN F 39 56.42 -17.70 51.10
N LYS F 40 55.30 -18.00 51.75
CA LYS F 40 54.66 -17.09 52.70
C LYS F 40 55.71 -16.41 53.57
N GLY F 41 55.68 -15.08 53.60
CA GLY F 41 56.58 -14.32 54.45
C GLY F 41 58.00 -14.08 53.93
N ASP F 42 58.26 -14.48 52.69
CA ASP F 42 59.56 -14.20 52.05
C ASP F 42 59.70 -12.71 51.69
N ARG F 43 60.96 -12.28 51.55
CA ARG F 43 61.30 -10.93 51.13
C ARG F 43 61.66 -10.95 49.64
N VAL F 44 61.04 -10.06 48.85
CA VAL F 44 61.33 -9.94 47.43
C VAL F 44 61.99 -8.61 47.16
N GLN F 45 63.19 -8.65 46.58
CA GLN F 45 63.90 -7.44 46.20
C GLN F 45 64.21 -7.40 44.71
N ILE F 46 63.45 -6.61 43.96
CA ILE F 46 63.70 -6.47 42.53
C ILE F 46 64.31 -5.12 42.20
N TYR F 47 65.51 -5.17 41.62
CA TYR F 47 66.15 -4.00 41.04
C TYR F 47 65.69 -3.86 39.60
N LEU F 48 64.72 -2.99 39.35
CA LEU F 48 64.24 -2.74 38.00
C LEU F 48 64.98 -1.55 37.39
N THR F 49 65.60 -1.80 36.23
CA THR F 49 66.33 -0.79 35.51
C THR F 49 65.62 -0.48 34.19
N ASN F 50 65.32 0.80 33.98
CA ASN F 50 64.73 1.22 32.71
C ASN F 50 65.82 1.34 31.66
N GLY F 51 65.87 0.37 30.76
CA GLY F 51 66.84 0.37 29.67
C GLY F 51 66.21 0.73 28.34
N MET F 52 64.97 1.21 28.38
CA MET F 52 64.28 1.68 27.18
C MET F 52 64.62 3.14 26.91
N ASN F 53 64.70 3.51 25.64
CA ASN F 53 65.32 4.78 25.25
C ASN F 53 64.50 6.03 25.47
N ASN F 54 63.18 5.89 25.57
CA ASN F 54 62.29 7.05 25.53
C ASN F 54 61.02 6.97 26.37
N THR F 55 60.74 5.80 26.95
CA THR F 55 59.57 5.64 27.81
C THR F 55 59.96 5.63 29.29
N ASN F 56 58.98 5.92 30.14
CA ASN F 56 59.09 5.64 31.56
C ASN F 56 58.72 4.18 31.82
N THR F 57 59.01 3.68 33.03
CA THR F 57 58.51 2.35 33.44
C THR F 57 58.03 2.35 34.90
N SER F 58 57.39 1.25 35.26
CA SER F 58 56.99 0.95 36.63
C SER F 58 56.69 -0.53 36.67
N MET F 59 56.61 -1.09 37.86
CA MET F 59 56.17 -2.46 38.01
C MET F 59 55.25 -2.56 39.20
N HIS F 60 54.07 -3.13 38.95
CA HIS F 60 53.11 -3.36 40.01
C HIS F 60 52.90 -4.86 40.21
N PHE F 61 52.77 -5.25 41.47
CA PHE F 61 52.55 -6.64 41.85
C PHE F 61 51.10 -6.84 42.21
N HIS F 62 50.34 -7.34 41.24
CA HIS F 62 48.89 -7.39 41.29
C HIS F 62 48.38 -8.31 42.39
N GLY F 63 47.60 -7.72 43.30
CA GLY F 63 46.91 -8.48 44.33
C GLY F 63 47.61 -8.46 45.67
N LEU F 64 48.91 -8.17 45.67
CA LEU F 64 49.69 -8.09 46.90
C LEU F 64 49.25 -6.86 47.70
N PHE F 65 49.06 -7.03 49.01
CA PHE F 65 48.44 -5.99 49.82
C PHE F 65 49.38 -4.85 50.21
N GLN F 66 50.69 -5.11 50.09
CA GLN F 66 51.74 -4.11 50.39
C GLN F 66 51.51 -3.44 51.74
N ASN F 67 51.07 -4.24 52.72
CA ASN F 67 50.74 -3.75 54.05
C ASN F 67 51.96 -3.15 54.73
N GLY F 68 51.92 -1.84 54.96
CA GLY F 68 53.02 -1.12 55.60
C GLY F 68 54.10 -0.65 54.64
N THR F 69 53.99 -1.04 53.37
CA THR F 69 54.97 -0.64 52.35
C THR F 69 54.30 -0.17 51.05
N ALA F 70 53.37 0.78 51.18
CA ALA F 70 52.63 1.33 50.04
C ALA F 70 53.52 1.89 48.93
N SER F 71 54.70 2.39 49.31
CA SER F 71 55.73 2.85 48.39
C SER F 71 56.09 1.83 47.30
N MET F 72 55.76 0.56 47.55
CA MET F 72 56.22 -0.51 46.70
C MET F 72 55.14 -1.04 45.75
N ASP F 73 53.97 -0.39 45.77
CA ASP F 73 52.83 -0.83 44.97
C ASP F 73 53.05 -0.66 43.47
N GLY F 74 53.90 0.28 43.09
CA GLY F 74 54.30 0.46 41.70
C GLY F 74 53.33 1.17 40.77
N VAL F 75 52.57 2.11 41.31
CA VAL F 75 51.69 2.92 40.48
C VAL F 75 52.22 4.34 40.43
N PRO F 76 52.73 4.76 39.26
CA PRO F 76 53.21 6.13 39.07
C PRO F 76 52.14 7.18 39.43
N PHE F 77 52.57 8.21 40.16
CA PHE F 77 51.72 9.33 40.62
C PHE F 77 50.66 8.97 41.66
N LEU F 78 50.72 7.74 42.16
CA LEU F 78 49.99 7.32 43.34
C LEU F 78 51.02 6.95 44.41
N THR F 79 51.96 6.10 44.01
CA THR F 79 52.79 5.37 44.96
C THR F 79 54.28 5.67 44.75
N GLN F 80 54.61 6.17 43.56
CA GLN F 80 55.98 6.46 43.15
C GLN F 80 55.91 7.44 41.98
N CYS F 81 57.05 8.04 41.66
CA CYS F 81 57.15 8.76 40.39
C CYS F 81 57.68 7.76 39.36
N PRO F 82 57.50 8.04 38.05
CA PRO F 82 57.86 7.04 37.03
C PRO F 82 59.38 6.81 36.93
N ILE F 83 59.76 5.61 36.50
CA ILE F 83 61.16 5.26 36.33
C ILE F 83 61.69 5.79 35.00
N ALA F 84 62.55 6.80 35.07
CA ALA F 84 63.15 7.43 33.90
C ALA F 84 64.20 6.52 33.26
N PRO F 85 64.37 6.61 31.92
CA PRO F 85 65.45 5.91 31.22
C PRO F 85 66.81 6.06 31.90
N GLY F 86 67.45 4.93 32.20
CA GLY F 86 68.74 4.90 32.88
C GLY F 86 68.66 4.65 34.38
N SER F 87 67.51 4.98 34.96
CA SER F 87 67.29 4.86 36.41
C SER F 87 66.96 3.42 36.84
N THR F 88 67.23 3.13 38.13
CA THR F 88 66.96 1.84 38.73
C THR F 88 66.13 2.00 40.00
N MET F 89 64.95 1.40 40.02
CA MET F 89 64.12 1.39 41.22
C MET F 89 64.23 0.04 41.94
N LEU F 90 64.37 0.10 43.26
CA LEU F 90 64.36 -1.10 44.07
C LEU F 90 62.98 -1.31 44.66
N TYR F 91 62.34 -2.42 44.28
CA TYR F 91 61.11 -2.87 44.91
C TYR F 91 61.47 -3.86 46.01
N ASN F 92 61.23 -3.46 47.26
CA ASN F 92 61.67 -4.19 48.44
C ASN F 92 60.47 -4.38 49.35
N PHE F 93 59.94 -5.60 49.38
CA PHE F 93 58.72 -5.88 50.15
C PHE F 93 58.64 -7.33 50.62
N THR F 94 57.88 -7.54 51.69
CA THR F 94 57.63 -8.86 52.23
C THR F 94 56.26 -9.32 51.76
N VAL F 95 55.95 -10.61 51.95
CA VAL F 95 54.66 -11.15 51.56
C VAL F 95 54.03 -11.88 52.73
N ASP F 96 53.61 -11.11 53.72
CA ASP F 96 53.08 -11.65 54.97
C ASP F 96 51.58 -11.91 54.93
N TYR F 97 50.89 -11.27 53.98
CA TYR F 97 49.43 -11.25 54.00
C TYR F 97 48.79 -11.87 52.75
N ASN F 98 49.61 -12.41 51.85
CA ASN F 98 49.12 -13.00 50.60
C ASN F 98 49.59 -14.42 50.37
N VAL F 99 48.67 -15.22 49.83
CA VAL F 99 48.92 -16.62 49.47
C VAL F 99 48.28 -16.88 48.11
N GLY F 100 48.93 -17.69 47.29
CA GLY F 100 48.30 -18.17 46.05
C GLY F 100 48.83 -17.57 44.76
N THR F 101 47.93 -17.36 43.81
CA THR F 101 48.31 -16.98 42.46
C THR F 101 48.20 -15.47 42.23
N TYR F 102 49.32 -14.86 41.85
CA TYR F 102 49.38 -13.45 41.57
C TYR F 102 50.21 -13.23 40.33
N TRP F 103 50.27 -11.99 39.86
CA TRP F 103 51.13 -11.65 38.75
C TRP F 103 51.68 -10.24 38.90
N TYR F 104 52.70 -9.94 38.12
CA TYR F 104 53.26 -8.61 38.09
C TYR F 104 53.21 -8.07 36.67
N HIS F 105 53.03 -6.77 36.54
CA HIS F 105 53.02 -6.13 35.24
C HIS F 105 53.43 -4.68 35.37
N SER F 106 53.88 -4.09 34.27
CA SER F 106 54.15 -2.66 34.20
C SER F 106 52.84 -1.91 34.44
N HIS F 107 52.93 -0.79 35.14
CA HIS F 107 51.75 0.05 35.33
C HIS F 107 51.90 1.41 34.63
N THR F 108 52.79 1.48 33.64
CA THR F 108 52.93 2.67 32.82
C THR F 108 51.83 2.65 31.75
N ASP F 109 52.11 3.16 30.55
CA ASP F 109 51.06 3.40 29.53
C ASP F 109 50.29 2.15 29.14
N GLY F 110 50.69 1.53 28.04
CA GLY F 110 50.13 0.23 27.64
C GLY F 110 51.21 -0.81 27.80
N GLN F 111 52.36 -0.37 28.29
CA GLN F 111 53.57 -1.16 28.42
C GLN F 111 53.36 -2.67 28.60
N TYR F 112 52.51 -3.09 29.53
CA TYR F 112 52.42 -4.52 29.82
C TYR F 112 51.86 -5.39 28.68
N GLU F 113 50.97 -4.82 27.87
CA GLU F 113 50.52 -5.49 26.64
C GLU F 113 51.69 -5.84 25.73
N ASP F 114 52.71 -4.98 25.73
CA ASP F 114 53.88 -5.19 24.89
C ASP F 114 54.90 -6.13 25.54
N GLY F 115 54.45 -6.90 26.53
CA GLY F 115 55.21 -8.05 27.03
C GLY F 115 55.72 -8.03 28.46
N MET F 116 55.71 -6.86 29.10
CA MET F 116 56.25 -6.71 30.44
C MET F 116 55.27 -7.18 31.53
N LYS F 117 55.22 -8.49 31.73
CA LYS F 117 54.27 -9.12 32.63
C LYS F 117 54.72 -10.55 32.90
N GLY F 118 54.43 -11.07 34.08
CA GLY F 118 54.83 -12.41 34.48
C GLY F 118 54.11 -12.83 35.74
N LEU F 119 54.18 -14.12 36.05
CA LEU F 119 53.46 -14.67 37.22
C LEU F 119 54.21 -14.51 38.54
N PHE F 120 53.45 -14.36 39.61
CA PHE F 120 53.99 -14.28 40.97
C PHE F 120 53.23 -15.27 41.84
N ILE F 121 53.90 -16.35 42.21
CA ILE F 121 53.24 -17.42 42.96
C ILE F 121 53.74 -17.51 44.39
N ILE F 122 52.81 -17.46 45.33
CA ILE F 122 53.14 -17.63 46.74
C ILE F 122 52.53 -18.94 47.24
N LYS F 123 53.39 -19.83 47.74
CA LYS F 123 52.93 -21.11 48.25
C LYS F 123 52.64 -21.02 49.74
N ASP F 124 51.65 -21.79 50.19
CA ASP F 124 51.42 -21.97 51.62
C ASP F 124 51.27 -23.45 51.99
N ASP F 125 51.78 -23.80 53.16
CA ASP F 125 51.76 -25.16 53.67
C ASP F 125 50.35 -25.68 53.99
N SER F 126 49.40 -24.76 54.20
CA SER F 126 48.05 -25.15 54.58
C SER F 126 47.01 -24.95 53.47
N PHE F 127 47.41 -25.24 52.24
CA PHE F 127 46.47 -25.34 51.12
C PHE F 127 45.66 -26.64 51.29
N PRO F 128 44.32 -26.52 51.36
CA PRO F 128 43.43 -27.61 51.78
C PRO F 128 43.37 -28.84 50.88
N TYR F 129 43.67 -28.67 49.59
CA TYR F 129 43.43 -29.73 48.60
C TYR F 129 44.70 -30.42 48.11
N ASP F 130 44.57 -31.70 47.78
CA ASP F 130 45.70 -32.48 47.27
C ASP F 130 45.79 -32.45 45.75
N TYR F 131 47.03 -32.47 45.27
CA TYR F 131 47.32 -32.54 43.84
C TYR F 131 48.68 -33.19 43.62
N ASP F 132 48.85 -33.81 42.44
CA ASP F 132 50.08 -34.53 42.12
C ASP F 132 51.10 -33.61 41.45
N GLU F 133 50.61 -32.77 40.55
CA GLU F 133 51.43 -31.89 39.72
C GLU F 133 50.79 -30.50 39.63
N GLU F 134 51.59 -29.50 39.26
CA GLU F 134 51.12 -28.13 39.16
C GLU F 134 51.71 -27.39 37.97
N LEU F 135 50.91 -26.49 37.40
CA LEU F 135 51.36 -25.64 36.30
C LEU F 135 50.46 -24.41 36.18
N SER F 136 50.84 -23.48 35.32
CA SER F 136 50.02 -22.32 35.04
C SER F 136 49.81 -22.17 33.54
N LEU F 137 48.75 -21.45 33.17
CA LEU F 137 48.55 -21.01 31.80
C LEU F 137 48.30 -19.52 31.83
N SER F 138 49.07 -18.77 31.06
CA SER F 138 48.86 -17.33 30.95
C SER F 138 48.11 -17.02 29.66
N LEU F 139 46.80 -16.82 29.79
CA LEU F 139 45.98 -16.40 28.67
C LEU F 139 46.15 -14.91 28.43
N SER F 140 46.12 -14.52 27.16
CA SER F 140 46.21 -13.11 26.77
C SER F 140 45.72 -12.92 25.34
N GLU F 141 45.50 -11.67 24.94
CA GLU F 141 45.32 -11.35 23.52
C GLU F 141 46.62 -10.76 23.01
N TRP F 142 46.78 -10.71 21.69
CA TRP F 142 48.02 -10.22 21.11
C TRP F 142 47.79 -9.21 19.98
N TYR F 143 48.50 -8.07 20.05
CA TYR F 143 48.44 -7.04 19.01
C TYR F 143 49.67 -7.14 18.11
N HIS F 144 49.52 -6.70 16.86
CA HIS F 144 50.64 -6.70 15.91
C HIS F 144 51.36 -5.36 15.93
N ASP F 145 50.71 -4.35 16.50
CA ASP F 145 51.30 -3.03 16.66
C ASP F 145 51.56 -2.77 18.13
N LEU F 146 52.62 -2.03 18.41
CA LEU F 146 52.93 -1.58 19.78
C LEU F 146 51.84 -0.66 20.30
N VAL F 147 51.68 -0.65 21.62
CA VAL F 147 50.71 0.23 22.30
C VAL F 147 50.92 1.70 21.91
N THR F 148 52.17 2.15 21.97
CA THR F 148 52.56 3.53 21.60
C THR F 148 51.89 3.98 20.30
N ASP F 149 51.95 3.11 19.28
CA ASP F 149 51.40 3.39 17.96
C ASP F 149 49.88 3.41 17.94
N LEU F 150 49.26 2.41 18.58
CA LEU F 150 47.79 2.31 18.63
C LEU F 150 47.16 3.50 19.35
N THR F 151 47.81 3.96 20.43
CA THR F 151 47.34 5.08 21.24
C THR F 151 47.13 6.37 20.42
N LYS F 152 47.99 6.57 19.42
CA LYS F 152 47.92 7.75 18.56
C LYS F 152 46.58 7.83 17.83
N SER F 153 46.07 6.68 17.41
CA SER F 153 44.78 6.59 16.72
C SER F 153 43.63 6.25 17.67
N PHE F 154 43.96 5.74 18.86
CA PHE F 154 42.94 5.43 19.86
C PHE F 154 42.42 6.68 20.57
N MET F 155 43.34 7.50 21.07
CA MET F 155 42.98 8.76 21.70
C MET F 155 43.09 9.87 20.66
N SER F 156 42.09 9.94 19.78
CA SER F 156 42.17 10.76 18.59
C SER F 156 40.81 11.32 18.23
N VAL F 157 40.81 12.47 17.54
CA VAL F 157 39.56 13.06 17.05
C VAL F 157 38.94 12.20 15.95
N TYR F 158 39.74 11.31 15.36
CA TYR F 158 39.25 10.38 14.33
C TYR F 158 38.69 9.11 14.96
N ASN F 159 38.54 9.13 16.28
CA ASN F 159 37.91 8.04 17.00
C ASN F 159 36.93 8.57 18.06
N PRO F 160 35.82 9.17 17.61
CA PRO F 160 34.90 9.82 18.54
C PRO F 160 34.09 8.81 19.37
N THR F 161 33.98 7.58 18.87
CA THR F 161 33.27 6.49 19.54
C THR F 161 34.01 6.02 20.79
N GLY F 162 35.33 6.27 20.83
CA GLY F 162 36.19 5.71 21.86
C GLY F 162 36.44 4.23 21.63
N ALA F 163 36.20 3.78 20.39
CA ALA F 163 36.39 2.38 20.01
C ALA F 163 37.81 1.93 20.33
N GLU F 164 37.90 0.90 21.15
CA GLU F 164 39.16 0.31 21.55
C GLU F 164 39.72 -0.53 20.40
N PRO F 165 41.04 -0.45 20.15
CA PRO F 165 41.68 -1.17 19.04
C PRO F 165 41.57 -2.69 19.18
N ILE F 166 41.32 -3.36 18.06
CA ILE F 166 41.05 -4.79 18.04
C ILE F 166 42.34 -5.59 17.92
N PRO F 167 42.54 -6.59 18.81
CA PRO F 167 43.75 -7.42 18.77
C PRO F 167 43.73 -8.40 17.61
N GLN F 168 44.85 -9.05 17.35
CA GLN F 168 44.96 -9.92 16.17
C GLN F 168 44.77 -11.39 16.48
N ASN F 169 45.09 -11.80 17.71
CA ASN F 169 44.92 -13.18 18.14
C ASN F 169 44.92 -13.39 19.65
N LEU F 170 44.39 -14.52 20.08
CA LEU F 170 44.53 -14.99 21.45
C LEU F 170 45.81 -15.81 21.59
N ILE F 171 46.49 -15.65 22.71
CA ILE F 171 47.71 -16.41 23.00
C ILE F 171 47.68 -17.08 24.37
N VAL F 172 48.46 -18.16 24.51
CA VAL F 172 48.70 -18.84 25.79
C VAL F 172 50.19 -18.99 26.00
N ASN F 173 50.66 -18.72 27.22
CA ASN F 173 52.10 -18.85 27.52
C ASN F 173 52.96 -18.22 26.42
N ASN F 174 52.48 -17.12 25.83
CA ASN F 174 53.19 -16.38 24.81
C ASN F 174 53.47 -17.13 23.49
N THR F 175 52.56 -18.04 23.13
CA THR F 175 52.46 -18.56 21.76
C THR F 175 51.02 -18.91 21.44
N MET F 176 50.84 -19.58 20.31
CA MET F 176 49.57 -20.16 19.94
C MET F 176 49.73 -21.66 19.84
N ASN F 177 48.60 -22.36 19.78
CA ASN F 177 48.57 -23.83 19.63
C ASN F 177 49.66 -24.56 20.43
N LEU F 178 49.55 -24.41 21.75
CA LEU F 178 50.49 -24.91 22.73
C LEU F 178 50.20 -26.36 23.09
N THR F 179 51.27 -27.08 23.44
CA THR F 179 51.15 -28.46 23.88
C THR F 179 51.30 -28.58 25.40
N TRP F 180 50.38 -29.31 26.00
CA TRP F 180 50.49 -29.68 27.39
C TRP F 180 50.49 -31.21 27.50
N GLU F 181 51.65 -31.78 27.77
CA GLU F 181 51.79 -33.23 27.90
C GLU F 181 51.40 -33.68 29.29
N VAL F 182 50.41 -34.56 29.35
CA VAL F 182 49.89 -35.02 30.63
C VAL F 182 50.17 -36.50 30.90
N GLN F 183 50.08 -36.89 32.17
CA GLN F 183 50.14 -38.29 32.56
C GLN F 183 48.74 -38.77 32.92
N PRO F 184 48.44 -40.04 32.63
CA PRO F 184 47.12 -40.60 32.96
C PRO F 184 46.85 -40.62 34.46
N ASP F 185 45.57 -40.51 34.84
CA ASP F 185 45.13 -40.64 36.23
C ASP F 185 45.96 -39.76 37.18
N THR F 186 46.01 -38.47 36.89
CA THR F 186 46.82 -37.52 37.62
C THR F 186 45.99 -36.28 37.90
N THR F 187 46.03 -35.80 39.14
CA THR F 187 45.39 -34.53 39.50
C THR F 187 46.41 -33.39 39.34
N TYR F 188 46.06 -32.45 38.46
CA TYR F 188 46.88 -31.29 38.18
C TYR F 188 46.29 -30.04 38.82
N LEU F 189 47.14 -29.25 39.48
CA LEU F 189 46.74 -27.90 39.86
C LEU F 189 47.07 -26.95 38.71
N LEU F 190 46.03 -26.42 38.08
CA LEU F 190 46.16 -25.56 36.94
C LEU F 190 45.81 -24.12 37.32
N ARG F 191 46.82 -23.24 37.29
CA ARG F 191 46.59 -21.82 37.56
C ARG F 191 46.32 -21.12 36.25
N ILE F 192 45.07 -20.71 36.04
CA ILE F 192 44.72 -19.98 34.82
C ILE F 192 44.68 -18.50 35.11
N VAL F 193 45.53 -17.75 34.41
CA VAL F 193 45.67 -16.31 34.64
C VAL F 193 45.43 -15.57 33.32
N ASN F 194 44.50 -14.61 33.32
CA ASN F 194 44.36 -13.74 32.15
C ASN F 194 45.26 -12.52 32.31
N VAL F 195 46.43 -12.59 31.71
CA VAL F 195 47.41 -11.49 31.73
C VAL F 195 47.22 -10.54 30.55
N GLY F 196 46.03 -10.55 29.97
CA GLY F 196 45.71 -9.70 28.83
C GLY F 196 45.53 -8.25 29.24
N GLY F 197 45.46 -7.37 28.24
CA GLY F 197 45.28 -5.94 28.47
C GLY F 197 43.86 -5.47 28.20
N PHE F 198 43.07 -6.32 27.56
CA PHE F 198 41.77 -5.89 27.09
C PHE F 198 40.70 -6.97 27.26
N VAL F 199 40.74 -7.99 26.43
CA VAL F 199 39.58 -8.85 26.22
C VAL F 199 39.42 -9.96 27.27
N SER F 200 38.18 -10.17 27.74
CA SER F 200 37.87 -11.33 28.56
C SER F 200 37.89 -12.60 27.70
N GLN F 201 38.15 -13.73 28.34
CA GLN F 201 38.20 -14.98 27.60
C GLN F 201 37.35 -16.05 28.25
N TYR F 202 36.72 -16.88 27.42
CA TYR F 202 36.10 -18.10 27.87
C TYR F 202 37.16 -19.18 27.78
N PHE F 203 37.22 -20.06 28.78
CA PHE F 203 38.22 -21.10 28.83
C PHE F 203 37.60 -22.44 29.18
N TRP F 204 37.98 -23.47 28.43
CA TRP F 204 37.50 -24.83 28.72
C TRP F 204 38.40 -25.92 28.12
N ILE F 205 38.29 -27.11 28.69
CA ILE F 205 39.04 -28.27 28.21
C ILE F 205 38.04 -29.35 27.78
N GLU F 206 38.13 -29.74 26.52
CA GLU F 206 37.32 -30.81 25.94
C GLU F 206 37.28 -32.02 26.87
N ASP F 207 36.06 -32.45 27.21
CA ASP F 207 35.80 -33.67 27.99
C ASP F 207 36.47 -33.74 29.37
N HIS F 208 36.84 -32.58 29.90
CA HIS F 208 37.44 -32.51 31.23
C HIS F 208 36.78 -31.44 32.07
N GLU F 209 36.27 -31.83 33.23
CA GLU F 209 35.70 -30.89 34.18
C GLU F 209 36.82 -30.14 34.90
N MET F 210 36.48 -28.97 35.44
CA MET F 210 37.41 -28.14 36.19
C MET F 210 36.84 -27.89 37.58
N THR F 211 37.64 -28.17 38.61
CA THR F 211 37.23 -27.88 39.98
C THR F 211 37.94 -26.62 40.46
N VAL F 212 37.17 -25.53 40.61
CA VAL F 212 37.72 -24.26 41.04
C VAL F 212 38.05 -24.31 42.53
N VAL F 213 39.30 -23.98 42.85
CA VAL F 213 39.79 -24.06 44.22
C VAL F 213 40.40 -22.74 44.73
N GLU F 214 40.55 -21.76 43.84
CA GLU F 214 41.04 -20.43 44.23
C GLU F 214 40.66 -19.39 43.19
N ILE F 215 40.26 -18.21 43.65
CA ILE F 215 40.18 -17.03 42.79
C ILE F 215 40.96 -15.88 43.42
N ASP F 216 41.78 -15.20 42.61
CA ASP F 216 42.50 -14.00 43.04
C ASP F 216 43.20 -14.16 44.40
N GLY F 217 43.90 -15.27 44.60
CA GLY F 217 44.58 -15.52 45.90
C GLY F 217 43.69 -16.02 47.04
N ILE F 218 42.37 -16.03 46.83
CA ILE F 218 41.41 -16.46 47.85
C ILE F 218 40.98 -17.91 47.61
N THR F 219 41.42 -18.81 48.49
CA THR F 219 41.07 -20.23 48.39
C THR F 219 39.55 -20.43 48.56
N THR F 220 38.97 -21.23 47.66
CA THR F 220 37.53 -21.46 47.65
C THR F 220 37.14 -22.92 47.95
N GLU F 221 35.88 -23.15 48.30
CA GLU F 221 35.31 -24.50 48.35
C GLU F 221 35.18 -24.98 46.92
N LYS F 222 35.46 -26.26 46.71
CA LYS F 222 35.42 -26.90 45.39
C LYS F 222 34.13 -26.58 44.63
N ASN F 223 34.26 -25.98 43.45
CA ASN F 223 33.10 -25.81 42.56
C ASN F 223 33.43 -26.31 41.16
N VAL F 224 32.69 -27.33 40.73
CA VAL F 224 32.91 -27.98 39.45
C VAL F 224 32.18 -27.27 38.31
N THR F 225 32.92 -26.97 37.24
CA THR F 225 32.34 -26.43 36.00
C THR F 225 32.96 -27.01 34.75
N ASP F 226 32.34 -26.70 33.61
CA ASP F 226 32.86 -27.06 32.32
C ASP F 226 33.50 -25.86 31.65
N MET F 227 33.16 -24.66 32.12
CA MET F 227 33.66 -23.44 31.50
C MET F 227 33.89 -22.28 32.46
N LEU F 228 34.92 -21.49 32.19
CA LEU F 228 35.20 -20.28 32.95
C LEU F 228 35.11 -19.04 32.08
N TYR F 229 34.64 -17.95 32.67
CA TYR F 229 34.72 -16.64 32.05
C TYR F 229 35.74 -15.84 32.86
N ILE F 230 36.89 -15.56 32.26
CA ILE F 230 37.99 -14.92 32.97
C ILE F 230 38.31 -13.58 32.33
N THR F 231 38.11 -12.50 33.10
CA THR F 231 38.44 -11.16 32.65
C THR F 231 39.95 -10.95 32.79
N VAL F 232 40.48 -9.89 32.19
CA VAL F 232 41.90 -9.61 32.36
C VAL F 232 42.18 -9.36 33.83
N ALA F 233 43.37 -9.77 34.25
CA ALA F 233 43.85 -9.55 35.61
C ALA F 233 43.33 -10.55 36.64
N GLN F 234 42.25 -11.26 36.35
CA GLN F 234 41.81 -12.27 37.32
C GLN F 234 42.50 -13.63 37.17
N ARG F 235 42.48 -14.40 38.26
CA ARG F 235 43.13 -15.70 38.31
C ARG F 235 42.12 -16.72 38.83
N TYR F 236 41.94 -17.80 38.09
CA TYR F 236 41.19 -18.96 38.58
C TYR F 236 42.19 -20.10 38.69
N THR F 237 42.31 -20.66 39.89
CA THR F 237 43.12 -21.84 40.08
C THR F 237 42.17 -23.03 40.14
N VAL F 238 42.52 -24.07 39.39
CA VAL F 238 41.58 -25.13 39.08
C VAL F 238 42.25 -26.50 39.20
N LEU F 239 41.53 -27.46 39.77
CA LEU F 239 41.98 -28.85 39.79
C LEU F 239 41.46 -29.56 38.56
N VAL F 240 42.33 -30.31 37.90
CA VAL F 240 41.96 -31.10 36.71
C VAL F 240 42.49 -32.51 36.93
N HIS F 241 41.60 -33.50 36.89
CA HIS F 241 42.05 -34.88 36.97
C HIS F 241 41.99 -35.56 35.59
N THR F 242 43.11 -36.12 35.19
CA THR F 242 43.25 -36.75 33.87
C THR F 242 42.65 -38.16 33.83
N LYS F 243 42.26 -38.59 32.64
CA LYS F 243 41.63 -39.91 32.47
C LYS F 243 42.62 -41.08 32.43
N ASN F 244 42.07 -42.29 32.43
CA ASN F 244 42.85 -43.54 32.46
C ASN F 244 43.51 -43.87 31.13
N ASP F 245 42.92 -43.39 30.04
CA ASP F 245 43.33 -43.74 28.68
C ASP F 245 44.40 -42.80 28.08
N THR F 246 45.50 -43.41 27.61
CA THR F 246 46.56 -42.71 26.90
C THR F 246 46.25 -42.76 25.40
N ASP F 247 44.98 -42.96 25.07
CA ASP F 247 44.62 -43.25 23.68
C ASP F 247 44.28 -42.01 22.85
N LYS F 248 43.70 -40.99 23.47
CA LYS F 248 43.19 -39.82 22.74
C LYS F 248 43.77 -38.51 23.27
N ASN F 249 43.89 -37.53 22.39
CA ASN F 249 44.26 -36.17 22.78
C ASN F 249 43.06 -35.22 22.82
N PHE F 250 43.15 -34.19 23.65
CA PHE F 250 42.01 -33.31 23.91
C PHE F 250 42.35 -31.84 23.72
N ALA F 251 41.37 -31.08 23.27
CA ALA F 251 41.61 -29.67 22.98
C ALA F 251 41.49 -28.79 24.22
N ILE F 252 42.49 -27.94 24.42
CA ILE F 252 42.41 -26.84 25.39
C ILE F 252 41.93 -25.63 24.60
N MET F 253 40.79 -25.07 25.02
CA MET F 253 40.12 -24.07 24.22
C MET F 253 40.04 -22.72 24.92
N GLN F 254 40.40 -21.66 24.19
CA GLN F 254 40.18 -20.29 24.62
C GLN F 254 39.42 -19.50 23.57
N LYS F 255 38.49 -18.65 24.01
CA LYS F 255 37.61 -17.93 23.09
C LYS F 255 37.47 -16.46 23.49
N PHE F 256 37.50 -15.58 22.49
CA PHE F 256 37.25 -14.16 22.67
C PHE F 256 35.86 -13.94 23.24
N ASP F 257 35.73 -12.94 24.11
CA ASP F 257 34.42 -12.37 24.39
C ASP F 257 34.23 -11.24 23.38
N ASP F 258 33.71 -11.59 22.21
CA ASP F 258 33.64 -10.65 21.08
C ASP F 258 32.69 -9.48 21.35
N THR F 259 31.88 -9.63 22.40
CA THR F 259 31.01 -8.59 22.95
C THR F 259 31.78 -7.29 23.14
N MET F 260 33.02 -7.42 23.59
CA MET F 260 33.83 -6.27 23.97
C MET F 260 34.50 -5.62 22.78
N LEU F 261 34.49 -6.31 21.64
CA LEU F 261 35.10 -5.79 20.41
C LEU F 261 34.13 -4.84 19.70
N ASP F 262 34.67 -3.70 19.27
CA ASP F 262 33.89 -2.71 18.52
C ASP F 262 33.25 -3.33 17.29
N VAL F 263 34.08 -3.88 16.41
CA VAL F 263 33.62 -4.70 15.29
C VAL F 263 34.44 -5.97 15.27
N ILE F 264 33.92 -7.00 14.59
CA ILE F 264 34.64 -8.25 14.45
C ILE F 264 35.21 -8.33 13.03
N PRO F 265 36.53 -8.13 12.89
CA PRO F 265 37.15 -8.34 11.57
C PRO F 265 36.91 -9.78 11.09
N SER F 266 36.59 -9.94 9.81
CA SER F 266 36.12 -11.22 9.30
C SER F 266 37.19 -12.33 9.26
N ASP F 267 38.46 -11.94 9.41
CA ASP F 267 39.58 -12.90 9.40
C ASP F 267 40.06 -13.29 10.80
N LEU F 268 39.59 -12.55 11.81
CA LEU F 268 40.00 -12.76 13.20
C LEU F 268 39.56 -14.12 13.74
N GLN F 269 40.54 -14.94 14.12
CA GLN F 269 40.27 -16.21 14.76
C GLN F 269 39.72 -15.95 16.15
N LEU F 270 38.39 -16.06 16.29
CA LEU F 270 37.74 -15.78 17.57
C LEU F 270 38.01 -16.83 18.62
N ASN F 271 38.17 -18.08 18.18
CA ASN F 271 38.50 -19.18 19.08
C ASN F 271 39.81 -19.88 18.74
N ALA F 272 40.61 -20.14 19.77
CA ALA F 272 41.97 -20.68 19.62
C ALA F 272 42.10 -22.05 20.28
N THR F 273 42.76 -22.97 19.58
CA THR F 273 42.88 -24.36 20.03
C THR F 273 44.31 -24.69 20.45
N SER F 274 44.45 -25.20 21.68
CA SER F 274 45.70 -25.76 22.17
C SER F 274 45.50 -27.24 22.48
N TYR F 275 46.57 -27.93 22.87
CA TYR F 275 46.51 -29.39 22.94
C TYR F 275 46.88 -29.99 24.29
N MET F 276 45.92 -30.68 24.87
CA MET F 276 46.16 -31.56 26.00
C MET F 276 46.55 -32.92 25.41
N VAL F 277 47.83 -33.27 25.53
CA VAL F 277 48.37 -34.47 24.87
C VAL F 277 48.64 -35.60 25.85
N TYR F 278 47.84 -36.66 25.73
CA TYR F 278 48.06 -37.90 26.45
C TYR F 278 49.02 -38.80 25.65
N ASN F 279 48.92 -38.72 24.32
CA ASN F 279 49.71 -39.57 23.42
C ASN F 279 50.46 -38.71 22.41
N LYS F 280 51.79 -38.69 22.53
CA LYS F 280 52.65 -37.84 21.68
C LYS F 280 52.52 -38.15 20.19
N THR F 281 52.04 -39.35 19.89
CA THR F 281 52.04 -39.90 18.52
C THR F 281 50.66 -39.83 17.90
N ALA F 282 49.63 -39.67 18.73
CA ALA F 282 48.25 -39.64 18.26
C ALA F 282 47.91 -38.34 17.51
N ALA F 283 46.66 -38.26 17.02
CA ALA F 283 46.18 -37.11 16.27
C ALA F 283 46.08 -35.89 17.17
N LEU F 284 46.63 -34.77 16.72
CA LEU F 284 46.49 -33.50 17.44
C LEU F 284 45.01 -33.10 17.40
N PRO F 285 44.46 -32.68 18.55
CA PRO F 285 43.02 -32.43 18.59
C PRO F 285 42.60 -31.26 17.71
N THR F 286 41.42 -31.41 17.09
CA THR F 286 40.75 -30.33 16.37
C THR F 286 39.99 -29.46 17.38
N GLN F 287 39.45 -28.34 16.90
CA GLN F 287 38.67 -27.43 17.76
C GLN F 287 37.51 -28.17 18.41
N ASN F 288 37.30 -27.92 19.70
CA ASN F 288 36.13 -28.43 20.41
C ASN F 288 34.98 -27.43 20.35
N TYR F 289 33.96 -27.78 19.57
CA TYR F 289 32.78 -26.96 19.42
C TYR F 289 31.92 -27.07 20.66
N VAL F 290 31.51 -25.92 21.18
CA VAL F 290 30.70 -25.88 22.37
C VAL F 290 29.30 -25.35 22.02
N ASP F 291 28.31 -25.88 22.72
CA ASP F 291 26.91 -25.63 22.40
C ASP F 291 26.42 -24.27 22.90
N SER F 292 27.03 -23.78 23.97
CA SER F 292 26.69 -22.49 24.56
C SER F 292 27.85 -21.87 25.33
N ILE F 293 27.94 -20.54 25.27
CA ILE F 293 28.94 -19.80 26.03
C ILE F 293 28.26 -19.02 27.17
N ASP F 294 27.09 -19.51 27.57
CA ASP F 294 26.24 -18.84 28.56
C ASP F 294 26.23 -19.54 29.91
N ASN F 295 26.87 -20.70 30.01
CA ASN F 295 26.80 -21.50 31.23
C ASN F 295 28.10 -21.60 31.99
N PHE F 296 29.00 -20.66 31.74
CA PHE F 296 30.23 -20.53 32.51
C PHE F 296 29.91 -20.27 33.98
N LEU F 297 30.85 -20.60 34.86
CA LEU F 297 30.71 -20.36 36.30
C LEU F 297 30.56 -18.87 36.60
N ASP F 298 29.51 -18.52 37.34
CA ASP F 298 29.39 -17.16 37.88
C ASP F 298 30.12 -17.09 39.22
N ASP F 299 31.30 -16.45 39.18
CA ASP F 299 32.20 -16.32 40.35
C ASP F 299 31.54 -15.71 41.59
N PHE F 300 30.40 -15.04 41.39
CA PHE F 300 29.63 -14.43 42.48
C PHE F 300 29.25 -15.45 43.55
N TYR F 301 29.01 -16.69 43.15
CA TYR F 301 28.51 -17.69 44.10
C TYR F 301 29.61 -18.60 44.66
N LEU F 302 30.86 -18.29 44.32
CA LEU F 302 32.00 -18.98 44.92
C LEU F 302 32.03 -18.75 46.44
N GLN F 303 32.54 -19.74 47.16
CA GLN F 303 32.50 -19.73 48.62
C GLN F 303 33.92 -19.85 49.18
N PRO F 304 34.47 -18.73 49.70
CA PRO F 304 35.80 -18.72 50.30
C PRO F 304 35.98 -19.80 51.38
N TYR F 305 37.15 -20.45 51.38
CA TYR F 305 37.48 -21.48 52.34
C TYR F 305 37.52 -20.91 53.76
N GLU F 306 38.13 -19.74 53.91
CA GLU F 306 38.07 -18.97 55.14
C GLU F 306 36.84 -18.05 55.08
N LYS F 307 35.76 -18.49 55.72
CA LYS F 307 34.51 -17.75 55.73
C LYS F 307 34.67 -16.45 56.49
N GLU F 308 34.16 -15.37 55.91
CA GLU F 308 34.03 -14.10 56.61
C GLU F 308 32.63 -13.56 56.35
N ALA F 309 31.90 -13.27 57.42
CA ALA F 309 30.54 -12.74 57.32
C ALA F 309 30.55 -11.37 56.64
N ILE F 310 29.48 -11.09 55.89
CA ILE F 310 29.30 -9.78 55.25
C ILE F 310 29.52 -8.66 56.27
N TYR F 311 30.30 -7.65 55.89
CA TYR F 311 30.59 -6.54 56.79
C TYR F 311 29.31 -5.77 57.10
N GLY F 312 29.24 -5.21 58.31
CA GLY F 312 28.09 -4.44 58.77
C GLY F 312 27.88 -3.17 57.98
N GLU F 313 26.88 -2.40 58.36
CA GLU F 313 26.53 -1.16 57.66
C GLU F 313 27.76 -0.28 57.37
N PRO F 314 27.91 0.15 56.11
CA PRO F 314 29.08 0.92 55.66
C PRO F 314 29.18 2.28 56.33
N ASP F 315 30.40 2.64 56.76
CA ASP F 315 30.66 3.94 57.34
C ASP F 315 30.89 4.99 56.25
N HIS F 316 31.30 4.52 55.06
CA HIS F 316 31.65 5.40 53.95
C HIS F 316 31.15 4.74 52.67
N VAL F 317 30.23 5.42 51.99
CA VAL F 317 29.69 4.94 50.71
C VAL F 317 30.23 5.80 49.56
N ILE F 318 30.92 5.16 48.61
CA ILE F 318 31.34 5.85 47.41
C ILE F 318 30.49 5.36 46.23
N THR F 319 29.72 6.27 45.65
CA THR F 319 28.87 5.96 44.50
C THR F 319 29.44 6.57 43.23
N VAL F 320 29.78 5.72 42.26
CA VAL F 320 30.37 6.19 41.01
C VAL F 320 29.62 5.68 39.79
N ASP F 321 29.35 6.58 38.85
CA ASP F 321 28.74 6.21 37.57
C ASP F 321 29.84 6.15 36.51
N VAL F 322 29.82 5.08 35.72
CA VAL F 322 30.84 4.85 34.70
C VAL F 322 30.26 5.16 33.32
N VAL F 323 30.90 6.09 32.61
CA VAL F 323 30.47 6.45 31.26
C VAL F 323 31.65 6.96 30.41
N MET F 324 31.54 6.75 29.09
CA MET F 324 32.46 7.32 28.10
C MET F 324 31.83 8.56 27.49
N ASP F 325 32.61 9.62 27.31
CA ASP F 325 32.12 10.86 26.68
C ASP F 325 33.26 11.68 26.05
N ASN F 326 32.90 12.52 25.08
CA ASN F 326 33.84 13.41 24.40
C ASN F 326 34.06 14.72 25.13
N LEU F 327 35.30 15.19 25.13
CA LEU F 327 35.62 16.50 25.71
C LEU F 327 35.97 17.54 24.63
N LYS F 328 36.28 18.76 25.07
CA LYS F 328 36.51 19.90 24.17
C LYS F 328 37.60 19.65 23.10
N ASN F 329 38.57 18.80 23.42
CA ASN F 329 39.63 18.44 22.48
C ASN F 329 39.16 17.44 21.42
N GLY F 330 37.92 16.97 21.55
CA GLY F 330 37.31 16.07 20.59
C GLY F 330 37.57 14.58 20.81
N VAL F 331 38.45 14.24 21.74
CA VAL F 331 38.74 12.82 22.00
C VAL F 331 37.81 12.25 23.08
N ASN F 332 37.70 10.92 23.10
CA ASN F 332 36.77 10.22 23.97
C ASN F 332 37.43 9.75 25.25
N TYR F 333 36.94 10.23 26.39
CA TYR F 333 37.48 9.87 27.70
C TYR F 333 36.53 9.00 28.51
N ALA F 334 37.05 8.38 29.57
CA ALA F 334 36.23 7.61 30.50
C ALA F 334 36.09 8.33 31.83
N PHE F 335 34.93 8.19 32.44
CA PHE F 335 34.54 8.99 33.60
C PHE F 335 34.07 8.16 34.78
N PHE F 336 34.57 8.49 35.96
CA PHE F 336 33.92 8.12 37.21
C PHE F 336 33.15 9.36 37.64
N ASN F 337 31.82 9.24 37.69
CA ASN F 337 30.94 10.41 37.81
C ASN F 337 31.29 11.44 36.72
N ASN F 338 31.78 12.61 37.12
CA ASN F 338 32.14 13.67 36.18
C ASN F 338 33.65 13.87 36.04
N ILE F 339 34.43 12.88 36.46
CA ILE F 339 35.90 13.00 36.48
C ILE F 339 36.61 11.90 35.69
N THR F 340 37.52 12.35 34.83
CA THR F 340 38.50 11.50 34.20
C THR F 340 39.78 11.66 35.02
N TYR F 341 40.39 10.55 35.44
CA TYR F 341 41.63 10.62 36.20
C TYR F 341 42.71 11.39 35.43
N THR F 342 43.21 12.45 36.07
CA THR F 342 44.30 13.26 35.51
C THR F 342 45.42 13.31 36.53
N ALA F 343 46.54 12.64 36.22
CA ALA F 343 47.70 12.55 37.11
C ALA F 343 48.14 13.91 37.66
N PRO F 344 48.43 13.97 38.98
CA PRO F 344 48.90 15.20 39.61
C PRO F 344 50.39 15.46 39.40
N LYS F 345 50.85 16.64 39.80
CA LYS F 345 52.25 17.06 39.64
C LYS F 345 53.18 16.39 40.66
N VAL F 346 52.59 15.91 41.75
CA VAL F 346 53.32 15.20 42.80
C VAL F 346 52.54 13.94 43.15
N PRO F 347 53.22 12.76 43.17
CA PRO F 347 52.56 11.51 43.51
C PRO F 347 51.80 11.58 44.83
N THR F 348 50.61 10.99 44.86
CA THR F 348 49.72 11.04 46.02
C THR F 348 50.47 10.76 47.34
N LEU F 349 51.15 9.62 47.40
CA LEU F 349 51.90 9.20 48.60
C LEU F 349 52.93 10.24 49.04
N MET F 350 53.64 10.83 48.07
CA MET F 350 54.64 11.85 48.37
C MET F 350 54.04 13.07 49.08
N THR F 351 52.78 13.41 48.75
CA THR F 351 52.13 14.54 49.41
C THR F 351 51.67 14.19 50.83
N VAL F 352 51.08 13.00 51.01
CA VAL F 352 50.69 12.55 52.35
C VAL F 352 51.90 12.44 53.31
N LEU F 353 53.06 12.07 52.77
CA LEU F 353 54.26 11.94 53.56
C LEU F 353 54.96 13.27 53.85
N SER F 354 54.40 14.38 53.35
CA SER F 354 54.99 15.70 53.55
C SER F 354 53.99 16.82 53.82
N SER F 355 52.73 16.45 54.07
CA SER F 355 51.69 17.43 54.39
C SER F 355 51.42 17.53 55.88
N GLY F 356 52.04 16.64 56.66
CA GLY F 356 51.90 16.63 58.11
C GLY F 356 50.48 16.37 58.58
N ASP F 357 49.93 17.36 59.29
CA ASP F 357 48.61 17.28 59.91
C ASP F 357 47.47 17.60 58.95
N GLN F 358 47.80 17.99 57.72
CA GLN F 358 46.81 18.41 56.75
C GLN F 358 46.45 17.28 55.77
N ALA F 359 46.95 16.07 56.05
CA ALA F 359 46.72 14.90 55.20
C ALA F 359 45.28 14.39 55.24
N ASN F 360 44.51 14.87 56.22
CA ASN F 360 43.10 14.50 56.39
C ASN F 360 42.18 15.32 55.49
N ASN F 361 42.70 16.45 55.01
CA ASN F 361 41.94 17.34 54.15
C ASN F 361 42.04 16.91 52.69
N SER F 362 40.91 16.50 52.12
CA SER F 362 40.89 15.92 50.76
C SER F 362 41.28 16.91 49.67
N GLU F 363 41.10 18.19 49.96
CA GLU F 363 41.36 19.28 49.02
C GLU F 363 42.79 19.25 48.46
N ILE F 364 43.75 18.91 49.32
CA ILE F 364 45.18 18.99 49.00
C ILE F 364 45.65 17.96 47.97
N TYR F 365 44.83 16.92 47.76
CA TYR F 365 45.17 15.85 46.83
C TYR F 365 44.73 16.15 45.40
N GLY F 366 43.97 17.23 45.23
CA GLY F 366 43.55 17.67 43.90
C GLY F 366 42.07 17.43 43.61
N SER F 367 41.56 18.17 42.63
CA SER F 367 40.15 18.08 42.27
C SER F 367 39.93 17.14 41.08
N ASN F 368 40.96 16.98 40.25
CA ASN F 368 40.84 16.21 39.02
C ASN F 368 41.59 14.87 39.14
N THR F 369 41.71 14.41 40.37
CA THR F 369 42.47 13.21 40.66
C THR F 369 41.56 12.12 41.24
N HIS F 370 40.32 12.53 41.56
CA HIS F 370 39.27 11.70 42.20
C HIS F 370 39.75 10.95 43.42
N THR F 371 40.19 11.70 44.42
CA THR F 371 40.75 11.14 45.64
C THR F 371 39.70 11.10 46.74
N PHE F 372 39.61 9.96 47.41
CA PHE F 372 38.79 9.82 48.61
C PHE F 372 39.67 9.47 49.81
N ILE F 373 39.30 9.97 50.98
CA ILE F 373 40.02 9.63 52.21
C ILE F 373 39.22 8.67 53.06
N LEU F 374 39.85 7.56 53.43
CA LEU F 374 39.20 6.53 54.24
C LEU F 374 39.69 6.60 55.68
N GLU F 375 38.77 6.41 56.62
CA GLU F 375 39.06 6.54 58.06
C GLU F 375 39.62 5.27 58.69
N LYS F 376 40.30 5.46 59.82
CA LYS F 376 41.11 4.44 60.50
C LYS F 376 40.74 2.97 60.29
N ASP F 377 39.52 2.57 60.66
CA ASP F 377 39.11 1.18 60.46
C ASP F 377 37.74 1.04 59.82
N GLU F 378 37.27 2.10 59.17
CA GLU F 378 35.89 2.14 58.70
C GLU F 378 35.57 1.11 57.61
N ILE F 379 34.30 0.71 57.56
CA ILE F 379 33.80 -0.17 56.53
C ILE F 379 33.42 0.67 55.32
N VAL F 380 34.07 0.41 54.20
CA VAL F 380 33.87 1.17 52.97
C VAL F 380 33.08 0.36 51.93
N GLU F 381 32.12 1.03 51.29
CA GLU F 381 31.30 0.42 50.26
C GLU F 381 31.46 1.21 48.96
N ILE F 382 31.84 0.51 47.90
CA ILE F 382 31.88 1.11 46.56
C ILE F 382 30.67 0.65 45.76
N VAL F 383 29.88 1.62 45.32
CA VAL F 383 28.72 1.40 44.48
C VAL F 383 29.09 1.86 43.08
N LEU F 384 29.10 0.92 42.14
CA LEU F 384 29.46 1.24 40.79
C LEU F 384 28.27 1.02 39.85
N ASN F 385 27.90 2.09 39.15
CA ASN F 385 26.80 2.06 38.20
C ASN F 385 27.28 2.23 36.76
N ASN F 386 27.28 1.13 36.00
CA ASN F 386 27.68 1.15 34.60
C ASN F 386 26.63 1.83 33.71
N GLN F 387 26.99 3.00 33.17
CA GLN F 387 26.15 3.75 32.26
C GLN F 387 26.54 3.43 30.81
N ASP F 388 27.62 2.66 30.67
CA ASP F 388 28.16 2.25 29.37
C ASP F 388 27.65 0.86 29.01
N THR F 389 27.60 0.57 27.71
CA THR F 389 27.03 -0.71 27.25
C THR F 389 28.05 -1.87 27.21
N GLY F 390 29.23 -1.67 27.81
CA GLY F 390 30.26 -2.70 27.81
C GLY F 390 30.52 -3.36 29.15
N THR F 391 31.33 -4.42 29.14
CA THR F 391 31.75 -5.12 30.35
C THR F 391 33.09 -4.55 30.77
N HIS F 392 33.23 -4.29 32.08
CA HIS F 392 34.46 -3.74 32.62
C HIS F 392 34.93 -4.52 33.84
N PRO F 393 36.20 -4.97 33.83
CA PRO F 393 36.79 -5.58 35.00
C PRO F 393 37.45 -4.51 35.89
N PHE F 394 36.82 -4.20 37.01
CA PHE F 394 37.40 -3.25 37.94
C PHE F 394 38.27 -3.93 38.96
N HIS F 395 39.39 -3.30 39.26
CA HIS F 395 40.37 -3.84 40.17
C HIS F 395 40.68 -2.85 41.29
N LEU F 396 40.87 -3.37 42.51
CA LEU F 396 41.19 -2.55 43.67
C LEU F 396 42.54 -2.95 44.27
N HIS F 397 43.45 -1.99 44.33
CA HIS F 397 44.77 -2.20 44.96
C HIS F 397 44.62 -2.34 46.47
N GLY F 398 45.53 -3.08 47.09
CA GLY F 398 45.63 -3.16 48.55
C GLY F 398 44.61 -4.01 49.31
N HIS F 399 43.60 -4.51 48.61
CA HIS F 399 42.53 -5.28 49.26
C HIS F 399 41.98 -6.39 48.39
N ALA F 400 41.44 -7.41 49.04
CA ALA F 400 40.49 -8.31 48.42
C ALA F 400 39.13 -7.93 48.99
N PHE F 401 38.21 -7.49 48.14
CA PHE F 401 36.91 -7.00 48.60
C PHE F 401 35.84 -8.08 48.63
N GLN F 402 34.75 -7.80 49.35
CA GLN F 402 33.59 -8.67 49.36
C GLN F 402 32.64 -8.21 48.27
N THR F 403 32.23 -9.14 47.44
CA THR F 403 31.26 -8.86 46.37
C THR F 403 29.86 -9.20 46.88
N ILE F 404 29.07 -8.17 47.17
CA ILE F 404 27.75 -8.37 47.77
C ILE F 404 26.58 -8.23 46.79
N GLN F 405 26.79 -7.48 45.71
CA GLN F 405 25.87 -7.49 44.57
C GLN F 405 26.60 -7.26 43.24
N ARG F 406 26.23 -8.03 42.23
CA ARG F 406 26.63 -7.76 40.85
C ARG F 406 25.47 -8.12 39.94
N ASP F 407 24.72 -7.10 39.57
CA ASP F 407 23.47 -7.27 38.84
C ASP F 407 23.66 -7.88 37.44
N ARG F 408 22.57 -8.40 36.87
CA ARG F 408 22.56 -9.06 35.56
C ARG F 408 22.84 -8.11 34.40
N THR F 409 23.01 -8.69 33.21
CA THR F 409 23.19 -7.92 31.98
C THR F 409 21.92 -7.17 31.62
N TYR F 410 22.07 -5.88 31.31
CA TYR F 410 21.00 -5.08 30.75
C TYR F 410 21.32 -4.79 29.28
N ASP F 411 20.77 -5.63 28.40
CA ASP F 411 21.10 -5.69 26.98
C ASP F 411 20.45 -4.55 26.21
N ASP F 412 21.23 -3.61 25.71
CA ASP F 412 20.66 -2.46 24.99
C ASP F 412 20.16 -2.82 23.57
N ALA F 413 20.67 -3.93 23.05
CA ALA F 413 20.20 -4.51 21.80
C ALA F 413 18.75 -5.01 21.93
N LEU F 414 18.37 -5.40 23.14
CA LEU F 414 16.99 -5.75 23.46
C LEU F 414 16.19 -4.54 23.89
N GLY F 415 16.85 -3.38 23.93
CA GLY F 415 16.19 -2.10 24.24
C GLY F 415 16.23 -1.69 25.68
N GLU F 416 17.03 -2.39 26.48
CA GLU F 416 17.10 -2.15 27.92
C GLU F 416 18.04 -1.00 28.26
N VAL F 417 17.68 -0.23 29.27
CA VAL F 417 18.45 0.93 29.71
C VAL F 417 19.29 0.59 30.96
N PRO F 418 20.22 1.50 31.35
CA PRO F 418 21.07 1.27 32.53
C PRO F 418 20.27 1.29 33.83
N HIS F 419 20.67 0.46 34.80
CA HIS F 419 20.02 0.44 36.09
C HIS F 419 21.02 0.53 37.22
N SER F 420 20.82 1.52 38.08
CA SER F 420 21.72 1.75 39.20
C SER F 420 21.36 0.84 40.37
N PHE F 421 22.31 0.69 41.29
CA PHE F 421 22.02 0.06 42.57
C PHE F 421 21.11 0.97 43.34
N ASP F 422 20.06 0.40 43.93
CA ASP F 422 19.15 1.14 44.78
C ASP F 422 19.23 0.59 46.19
N PRO F 423 19.75 1.39 47.14
CA PRO F 423 19.86 0.94 48.54
C PRO F 423 18.49 0.61 49.15
N ASP F 424 17.43 1.15 48.56
CA ASP F 424 16.06 0.89 48.99
C ASP F 424 15.46 -0.36 48.36
N ASN F 425 16.00 -0.78 47.22
CA ASN F 425 15.42 -1.87 46.44
C ASN F 425 16.49 -2.73 45.78
N HIS F 426 16.77 -3.88 46.39
CA HIS F 426 17.81 -4.79 45.93
C HIS F 426 17.54 -6.19 46.49
N PRO F 427 17.96 -7.25 45.76
CA PRO F 427 17.93 -8.59 46.37
C PRO F 427 18.74 -8.63 47.68
N ALA F 428 18.42 -9.59 48.56
CA ALA F 428 19.17 -9.78 49.80
C ALA F 428 20.61 -10.15 49.47
N PHE F 429 21.55 -9.46 50.12
CA PHE F 429 22.99 -9.74 49.94
C PHE F 429 23.33 -11.11 50.54
N PRO F 430 24.43 -11.75 50.05
CA PRO F 430 24.86 -13.02 50.65
C PRO F 430 25.32 -12.85 52.10
N GLU F 431 25.16 -13.90 52.90
CA GLU F 431 25.63 -13.89 54.28
C GLU F 431 27.16 -13.99 54.36
N TYR F 432 27.74 -14.77 53.45
CA TYR F 432 29.17 -14.98 53.40
C TYR F 432 29.69 -14.72 51.97
N PRO F 433 29.90 -13.42 51.63
CA PRO F 433 30.14 -13.04 50.24
C PRO F 433 31.45 -13.57 49.71
N MET F 434 31.51 -13.71 48.39
CA MET F 434 32.74 -14.02 47.68
C MET F 434 33.74 -12.87 47.86
N ARG F 435 35.03 -13.19 47.75
CA ARG F 435 36.10 -12.20 47.88
C ARG F 435 37.09 -12.34 46.73
N ARG F 436 37.52 -11.21 46.17
CA ARG F 436 38.53 -11.17 45.09
C ARG F 436 39.11 -9.76 44.88
N ASP F 437 40.09 -9.61 43.97
CA ASP F 437 40.66 -8.27 43.66
C ASP F 437 40.10 -7.64 42.42
N THR F 438 39.49 -8.44 41.56
CA THR F 438 39.08 -7.96 40.26
C THR F 438 37.72 -8.55 39.95
N LEU F 439 36.80 -7.66 39.56
CA LEU F 439 35.40 -8.01 39.38
C LEU F 439 34.85 -7.23 38.21
N TYR F 440 34.08 -7.89 37.34
CA TYR F 440 33.42 -7.19 36.23
C TYR F 440 32.00 -6.72 36.54
N VAL F 441 31.64 -5.55 36.01
CA VAL F 441 30.23 -5.13 35.88
C VAL F 441 29.72 -5.63 34.55
N ARG F 442 28.45 -6.02 34.52
CA ARG F 442 27.78 -6.44 33.30
C ARG F 442 27.42 -5.17 32.51
N PRO F 443 27.20 -5.31 31.18
CA PRO F 443 26.74 -4.18 30.38
C PRO F 443 25.57 -3.45 31.03
N GLN F 444 25.70 -2.13 31.18
CA GLN F 444 24.63 -1.25 31.70
C GLN F 444 24.09 -1.68 33.06
N SER F 445 24.93 -2.38 33.83
CA SER F 445 24.50 -2.93 35.10
C SER F 445 25.18 -2.23 36.29
N ASN F 446 25.27 -2.94 37.42
CA ASN F 446 25.85 -2.39 38.64
C ASN F 446 26.51 -3.46 39.50
N PHE F 447 27.40 -3.02 40.38
CA PHE F 447 27.87 -3.88 41.45
C PHE F 447 28.14 -3.12 42.74
N VAL F 448 28.18 -3.85 43.85
CA VAL F 448 28.47 -3.28 45.15
C VAL F 448 29.49 -4.17 45.84
N ILE F 449 30.57 -3.55 46.27
CA ILE F 449 31.65 -4.23 46.99
C ILE F 449 31.87 -3.56 48.33
N ARG F 450 32.30 -4.34 49.32
CA ARG F 450 32.61 -3.82 50.66
C ARG F 450 33.96 -4.35 51.14
N PHE F 451 34.67 -3.51 51.89
CA PHE F 451 35.95 -3.91 52.50
C PHE F 451 36.23 -3.00 53.68
N LYS F 452 37.08 -3.47 54.59
CA LYS F 452 37.47 -2.69 55.76
C LYS F 452 38.76 -1.93 55.47
N ALA F 453 38.79 -0.65 55.84
CA ALA F 453 40.01 0.15 55.69
C ALA F 453 40.98 -0.19 56.82
N ASP F 454 41.66 -1.33 56.68
CA ASP F 454 42.59 -1.82 57.69
C ASP F 454 44.00 -1.91 57.13
N ASN F 455 44.21 -1.25 55.99
CA ASN F 455 45.50 -1.30 55.31
C ASN F 455 45.95 0.08 54.87
N PRO F 456 46.53 0.87 55.80
CA PRO F 456 46.97 2.22 55.48
C PRO F 456 47.78 2.24 54.19
N GLY F 457 47.39 3.09 53.25
CA GLY F 457 48.06 3.21 51.97
C GLY F 457 47.33 4.08 50.96
N VAL F 458 47.87 4.11 49.74
CA VAL F 458 47.27 4.85 48.64
C VAL F 458 46.94 3.83 47.57
N TRP F 459 45.66 3.62 47.31
CA TRP F 459 45.24 2.53 46.46
C TRP F 459 44.41 2.97 45.25
N PHE F 460 44.81 2.48 44.08
CA PHE F 460 44.14 2.76 42.83
C PHE F 460 42.91 1.87 42.67
N PHE F 461 41.77 2.48 42.32
CA PHE F 461 40.57 1.72 41.93
C PHE F 461 40.23 2.08 40.49
N HIS F 462 40.36 1.11 39.58
CA HIS F 462 40.27 1.39 38.15
C HIS F 462 39.84 0.18 37.34
N CYS F 463 39.40 0.44 36.10
CA CYS F 463 39.21 -0.63 35.14
C CYS F 463 40.57 -1.12 34.65
N HIS F 464 40.68 -2.44 34.56
CA HIS F 464 41.94 -3.07 34.19
C HIS F 464 42.10 -3.24 32.67
N ILE F 465 41.12 -2.77 31.91
CA ILE F 465 41.27 -2.68 30.46
C ILE F 465 42.20 -1.51 30.19
N GLU F 466 43.40 -1.81 29.70
CA GLU F 466 44.42 -0.79 29.52
C GLU F 466 43.96 0.43 28.75
N TRP F 467 43.14 0.20 27.72
CA TRP F 467 42.57 1.28 26.92
C TRP F 467 41.71 2.21 27.77
N HIS F 468 40.91 1.63 28.67
CA HIS F 468 40.03 2.41 29.53
C HIS F 468 40.79 3.16 30.61
N LEU F 469 41.87 2.56 31.11
CA LEU F 469 42.74 3.23 32.07
C LEU F 469 43.43 4.41 31.41
N LEU F 470 43.79 4.25 30.13
CA LEU F 470 44.32 5.34 29.32
C LEU F 470 43.29 6.47 29.15
N GLN F 471 42.02 6.08 29.04
CA GLN F 471 40.90 7.02 28.95
C GLN F 471 40.61 7.68 30.31
N GLY F 472 41.29 7.21 31.35
CA GLY F 472 41.18 7.78 32.69
C GLY F 472 40.12 7.20 33.62
N LEU F 473 39.76 5.93 33.43
CA LEU F 473 38.75 5.29 34.28
C LEU F 473 39.38 4.81 35.59
N GLY F 474 39.66 5.76 36.49
CA GLY F 474 40.31 5.44 37.75
C GLY F 474 40.09 6.48 38.83
N LEU F 475 40.15 6.03 40.09
CA LEU F 475 40.04 6.91 41.26
C LEU F 475 41.02 6.47 42.35
N VAL F 476 41.36 7.40 43.24
CA VAL F 476 42.41 7.16 44.23
C VAL F 476 41.83 7.10 45.65
N LEU F 477 42.16 6.04 46.38
CA LEU F 477 41.76 5.91 47.78
C LEU F 477 42.96 6.09 48.69
N VAL F 478 42.85 7.04 49.62
CA VAL F 478 43.87 7.25 50.65
C VAL F 478 43.36 6.70 51.97
N GLU F 479 43.90 5.57 52.39
CA GLU F 479 43.51 4.93 53.65
C GLU F 479 44.28 5.50 54.84
N ASP F 480 43.53 5.89 55.87
CA ASP F 480 44.03 6.76 56.96
C ASP F 480 45.47 7.26 56.77
N PRO F 481 45.62 8.42 56.12
CA PRO F 481 46.92 9.04 55.84
C PRO F 481 47.77 9.19 57.11
N PHE F 482 47.13 9.30 58.27
CA PHE F 482 47.88 9.39 59.52
C PHE F 482 48.48 8.04 59.91
N GLY F 483 47.77 6.95 59.61
CA GLY F 483 48.33 5.60 59.77
C GLY F 483 49.54 5.39 58.90
N ILE F 484 49.49 5.94 57.69
CA ILE F 484 50.61 5.91 56.74
C ILE F 484 51.83 6.63 57.32
N GLN F 485 51.62 7.86 57.82
CA GLN F 485 52.69 8.68 58.37
C GLN F 485 53.33 8.06 59.61
N ASP F 486 52.50 7.45 60.45
CA ASP F 486 52.95 6.92 61.76
C ASP F 486 53.83 5.66 61.64
N ALA F 487 53.58 4.85 60.62
CA ALA F 487 54.39 3.65 60.38
C ALA F 487 55.75 4.00 59.77
N HIS F 488 56.79 3.49 60.41
CA HIS F 488 58.18 3.73 59.99
C HIS F 488 58.47 3.08 58.64
N SER F 489 58.04 1.82 58.49
CA SER F 489 58.28 1.04 57.27
C SER F 489 57.72 1.72 56.01
N GLN F 490 56.94 2.78 56.22
CA GLN F 490 56.26 3.47 55.13
C GLN F 490 57.08 4.62 54.54
N GLN F 491 58.07 5.09 55.30
CA GLN F 491 58.94 6.19 54.86
C GLN F 491 59.69 5.82 53.58
N LEU F 492 59.82 6.80 52.68
CA LEU F 492 60.45 6.60 51.39
C LEU F 492 61.95 6.38 51.51
N SER F 493 62.45 5.38 50.79
CA SER F 493 63.86 5.04 50.79
C SER F 493 64.69 6.01 49.95
N GLU F 494 66.01 5.98 50.15
CA GLU F 494 66.95 6.78 49.37
C GLU F 494 66.76 6.51 47.87
N ASN F 495 66.72 5.22 47.52
CA ASN F 495 66.54 4.77 46.15
C ASN F 495 65.33 5.41 45.45
N HIS F 496 64.19 5.44 46.14
CA HIS F 496 62.97 6.02 45.58
C HIS F 496 63.08 7.54 45.34
N LEU F 497 63.61 8.27 46.32
CA LEU F 497 63.91 9.69 46.15
C LEU F 497 64.85 9.90 44.97
N GLU F 498 65.82 9.00 44.84
CA GLU F 498 66.79 9.00 43.75
C GLU F 498 66.12 8.88 42.39
N VAL F 499 65.12 8.02 42.29
CA VAL F 499 64.35 7.84 41.05
C VAL F 499 63.60 9.13 40.70
N CYS F 500 63.00 9.76 41.71
CA CYS F 500 62.26 11.01 41.52
C CYS F 500 63.12 12.17 41.01
N GLN F 501 64.25 12.40 41.67
CA GLN F 501 65.19 13.44 41.25
C GLN F 501 65.69 13.20 39.84
N SER F 502 65.98 11.95 39.52
CA SER F 502 66.49 11.58 38.20
C SER F 502 65.40 11.71 37.14
N CYS F 503 64.14 11.74 37.59
CA CYS F 503 63.00 11.90 36.70
C CYS F 503 62.51 13.35 36.67
N SER F 504 63.16 14.20 37.48
CA SER F 504 62.72 15.58 37.76
C SER F 504 61.21 15.72 38.08
N VAL F 505 60.77 14.90 39.03
CA VAL F 505 59.42 14.95 39.59
C VAL F 505 59.55 15.24 41.09
N ALA F 506 58.83 16.24 41.56
CA ALA F 506 58.93 16.70 42.94
C ALA F 506 58.37 15.73 43.98
N THR F 507 58.81 15.90 45.23
CA THR F 507 58.20 15.27 46.40
C THR F 507 57.75 16.38 47.37
N GLU F 508 56.71 17.11 46.96
CA GLU F 508 56.21 18.27 47.71
C GLU F 508 54.81 18.07 48.30
N GLY F 509 53.82 18.82 47.84
CA GLY F 509 52.46 18.72 48.34
C GLY F 509 51.42 19.08 47.30
N ASN F 510 51.43 18.32 46.20
CA ASN F 510 50.66 18.61 44.98
C ASN F 510 50.85 20.03 44.45
N ALA F 511 51.58 20.12 43.34
CA ALA F 511 52.04 21.37 42.77
C ALA F 511 52.82 22.19 43.80
N ALA F 512 52.14 23.09 44.51
CA ALA F 512 52.76 24.13 45.37
C ALA F 512 53.82 23.63 46.35
N ALA F 513 54.83 24.47 46.56
CA ALA F 513 56.05 24.13 47.30
C ALA F 513 55.86 24.12 48.82
N ASN F 514 55.09 23.14 49.31
CA ASN F 514 54.77 23.01 50.74
C ASN F 514 54.50 24.36 51.41
N THR F 515 53.79 25.23 50.70
CA THR F 515 53.73 26.65 51.06
C THR F 515 52.35 27.10 51.56
N LEU F 516 51.30 26.80 50.79
CA LEU F 516 49.93 27.13 51.18
C LEU F 516 49.05 25.88 51.13
N ASP F 517 49.56 24.85 50.45
CA ASP F 517 48.88 23.56 50.25
C ASP F 517 47.48 23.64 49.62
N LEU F 518 47.06 24.87 49.27
CA LEU F 518 45.84 25.11 48.51
C LEU F 518 46.24 25.42 47.05
N THR F 519 45.75 24.61 46.12
CA THR F 519 46.37 24.38 44.80
C THR F 519 46.11 25.39 43.66
N ASP F 520 46.75 25.11 42.51
CA ASP F 520 46.51 25.76 41.21
C ASP F 520 46.90 24.71 40.15
N LEU F 521 46.09 23.66 40.07
CA LEU F 521 46.49 22.30 39.64
C LEU F 521 46.76 21.98 38.15
N THR F 522 46.36 20.76 37.77
CA THR F 522 46.45 20.24 36.40
C THR F 522 45.15 19.48 36.10
N GLY F 523 44.28 20.12 35.31
CA GLY F 523 42.92 19.64 35.10
C GLY F 523 42.66 18.86 33.82
N GLU F 524 41.44 18.32 33.72
CA GLU F 524 40.97 17.67 32.50
C GLU F 524 40.41 18.72 31.53
N ASN F 525 40.37 18.38 30.24
CA ASN F 525 39.75 19.23 29.22
C ASN F 525 38.32 19.56 29.61
N VAL F 526 37.87 20.78 29.32
CA VAL F 526 36.53 21.22 29.73
C VAL F 526 35.40 20.45 29.05
N GLN F 527 34.20 20.56 29.62
CA GLN F 527 33.06 19.75 29.19
C GLN F 527 32.44 20.27 27.89
N HIS F 528 31.49 19.50 27.36
CA HIS F 528 31.04 19.67 25.98
C HIS F 528 29.87 20.63 25.73
N ALA F 529 29.34 21.27 26.77
CA ALA F 529 28.19 22.19 26.63
C ALA F 529 28.59 23.52 26.01
#